data_6A4K
#
_entry.id   6A4K
#
_cell.length_a   181.743
_cell.length_b   181.743
_cell.length_c   248.091
_cell.angle_alpha   90.00
_cell.angle_beta   90.00
_cell.angle_gamma   120.00
#
_symmetry.space_group_name_H-M   'P 31 1 2'
#
loop_
_entity.id
_entity.type
_entity.pdbx_description
1 polymer Hemagglutinin
2 polymer 'immunoglobulin Fab heavy chain'
3 polymer 'immunoglobulin Fab light chain'
4 non-polymer 2-acetamido-2-deoxy-beta-D-glucopyranose
5 non-polymer 'CALCIUM ION'
6 non-polymer 'ACETATE ION'
7 water water
#
loop_
_entity_poly.entity_id
_entity_poly.type
_entity_poly.pdbx_seq_one_letter_code
_entity_poly.pdbx_strand_id
1 'polypeptide(L)'
;GVAPLHLGKCNIAGWILGNPECESLSTASSWSYIVETPSSDNGTCYPGDFIDYEELREQLSSVSSFERFEIFPKTSSWPN
HDSNKGVTAACPHAGAKSFYKNLIWLVKKGNSYPKLSKSYINDKGKEVLVLWGIHHPSTSADQQSLYQNADAYVFVGSSR
YSKKFKPEIAIRPKVRDQEGRMNYYWTLVEPGDKITFEATGNLVVPRYAFAMERNAGSGIIISDTPVHHHHHHHH
;
A,B,C,D
2 'polypeptide(L)'
;QVQLQESGPGLVKPSETLSLTCTVSGGSVNTGSYYWSWIRQPPGKGLEWIAYSSVSGTSNYNPSLKSRVTLTVDTSKNQF
SLSVRSVTAADTAVYFCARLNYDILTGYYFFDFWGQGTLVIVSSASTKGPSVFPLAPSSKSASGGTAALGCLVKDYFPEP
VTVSWNSGALTSGVHTFPAVLQSSGLYSLSSVVTVPSSSSGTQTYICNVNHKPSNTKVDKRVEPKSCDKTHHHHHHHH
;
H,I,J,K
3 'polypeptide(L)'
;QVELTQSPSASASLGTSVKLTCTLSSGHSTYAIAWHQQRPGKGPRYLMNLSSGGRHTRGDGIPDRFSGSSSGADRYLIIS
SLQSEDEADYYCQTWDAGMVFGGGTKLTVLGQSKAAPSVTLFPPSSEELQANKATLVCLISDFYPGAVTVAWKADSSPVK
AGVETTTPSKQSNNKYAASSYLSLTPEQWKSHRSYSCQVTHEGSTVEKTVAPTECS
;
L,M,N,O
#
loop_
_chem_comp.id
_chem_comp.type
_chem_comp.name
_chem_comp.formula
ACT non-polymer 'ACETATE ION' 'C2 H3 O2 -1'
CA non-polymer 'CALCIUM ION' 'Ca 2'
NAG D-saccharide, beta linking 2-acetamido-2-deoxy-beta-D-glucopyranose 'C8 H15 N O6'
#
# COMPACT_ATOMS: atom_id res chain seq x y z
N VAL A 2 -24.37 1.22 52.17
CA VAL A 2 -25.00 -0.13 52.08
C VAL A 2 -25.85 -0.18 50.82
N ALA A 3 -25.35 -0.86 49.79
CA ALA A 3 -26.04 -0.96 48.51
C ALA A 3 -25.30 -1.95 47.64
N PRO A 4 -25.85 -3.14 47.44
CA PRO A 4 -25.09 -4.20 46.78
C PRO A 4 -24.78 -4.00 45.30
N LEU A 5 -23.83 -4.77 44.80
CA LEU A 5 -23.46 -4.80 43.38
C LEU A 5 -24.18 -5.97 42.72
N HIS A 6 -25.10 -5.65 41.80
CA HIS A 6 -25.88 -6.64 41.07
C HIS A 6 -25.23 -6.95 39.73
N LEU A 7 -24.88 -8.23 39.52
CA LEU A 7 -24.22 -8.66 38.30
C LEU A 7 -25.12 -9.37 37.28
N GLY A 8 -26.41 -9.56 37.58
CA GLY A 8 -27.35 -10.15 36.61
C GLY A 8 -26.90 -11.54 36.20
N LYS A 9 -26.88 -11.81 34.89
CA LYS A 9 -26.46 -13.13 34.35
C LYS A 9 -24.93 -13.40 34.38
N CYS A 10 -24.12 -12.39 34.72
CA CYS A 10 -22.67 -12.57 34.86
C CYS A 10 -22.24 -12.93 36.29
N ASN A 11 -21.05 -13.52 36.39
CA ASN A 11 -20.37 -13.73 37.68
C ASN A 11 -19.21 -12.74 37.79
N ILE A 12 -18.47 -12.76 38.90
CA ILE A 12 -17.38 -11.79 39.12
C ILE A 12 -16.42 -11.81 37.93
N ALA A 13 -16.00 -13.00 37.53
CA ALA A 13 -15.04 -13.16 36.43
C ALA A 13 -15.49 -12.39 35.19
N GLY A 14 -16.74 -12.61 34.79
CA GLY A 14 -17.32 -11.92 33.63
C GLY A 14 -17.31 -10.41 33.76
N TRP A 15 -17.73 -9.93 34.92
CA TRP A 15 -17.82 -8.51 35.19
C TRP A 15 -16.43 -7.82 35.18
N ILE A 16 -15.48 -8.40 35.90
CA ILE A 16 -14.17 -7.78 36.13
C ILE A 16 -13.24 -7.90 34.93
N LEU A 17 -13.41 -8.94 34.13
CA LEU A 17 -12.72 -9.00 32.84
C LEU A 17 -13.38 -8.07 31.82
N GLY A 18 -14.71 -8.02 31.83
CA GLY A 18 -15.50 -7.33 30.83
C GLY A 18 -15.87 -8.26 29.68
N ASN A 19 -16.41 -9.43 30.00
CA ASN A 19 -17.10 -10.24 29.02
C ASN A 19 -18.12 -9.31 28.33
N PRO A 20 -18.36 -9.46 27.02
CA PRO A 20 -19.17 -8.43 26.37
C PRO A 20 -20.67 -8.47 26.68
N GLU A 21 -21.14 -9.55 27.33
CA GLU A 21 -22.50 -9.58 27.81
C GLU A 21 -22.67 -8.86 29.16
N CYS A 22 -21.58 -8.38 29.78
CA CYS A 22 -21.66 -7.77 31.13
C CYS A 22 -21.47 -6.27 31.13
N GLU A 23 -21.82 -5.64 30.02
CA GLU A 23 -21.55 -4.22 29.82
C GLU A 23 -22.60 -3.33 30.50
N SER A 24 -23.84 -3.83 30.62
CA SER A 24 -25.00 -3.04 31.09
C SER A 24 -24.77 -2.41 32.47
N LEU A 25 -24.75 -3.26 33.50
CA LEU A 25 -24.39 -2.84 34.84
C LEU A 25 -22.89 -3.17 34.97
N SER A 26 -22.05 -2.13 35.03
CA SER A 26 -20.58 -2.25 34.93
C SER A 26 -19.85 -1.68 36.16
N THR A 27 -20.02 -0.37 36.39
CA THR A 27 -19.36 0.30 37.49
C THR A 27 -20.39 1.07 38.32
N ALA A 28 -20.82 0.44 39.42
CA ALA A 28 -21.37 1.16 40.58
C ALA A 28 -20.18 1.58 41.45
N SER A 29 -20.29 2.73 42.11
CA SER A 29 -19.12 3.40 42.72
C SER A 29 -18.64 2.77 44.04
N SER A 30 -19.57 2.10 44.72
CA SER A 30 -19.37 1.60 46.08
C SER A 30 -20.39 0.51 46.44
N TRP A 31 -19.96 -0.50 47.20
CA TRP A 31 -20.90 -1.56 47.63
C TRP A 31 -20.41 -2.30 48.87
N SER A 32 -21.37 -2.95 49.54
CA SER A 32 -21.16 -3.68 50.82
C SER A 32 -21.16 -5.21 50.63
N TYR A 33 -21.87 -5.68 49.61
CA TYR A 33 -21.84 -7.10 49.22
C TYR A 33 -22.20 -7.24 47.74
N ILE A 34 -21.96 -8.42 47.17
CA ILE A 34 -22.22 -8.68 45.75
C ILE A 34 -23.30 -9.76 45.58
N VAL A 35 -24.17 -9.56 44.60
CA VAL A 35 -25.09 -10.61 44.14
C VAL A 35 -24.75 -10.95 42.71
N GLU A 36 -24.62 -12.24 42.41
CA GLU A 36 -24.26 -12.70 41.05
C GLU A 36 -25.03 -13.96 40.69
N THR A 37 -24.77 -14.50 39.49
CA THR A 37 -25.28 -15.80 39.08
C THR A 37 -24.14 -16.80 39.20
N PRO A 38 -24.34 -17.89 39.98
CA PRO A 38 -23.19 -18.60 40.59
C PRO A 38 -22.16 -19.08 39.57
N SER A 39 -22.55 -20.04 38.74
CA SER A 39 -21.66 -20.68 37.79
C SER A 39 -22.18 -20.42 36.38
N SER A 40 -22.37 -19.14 36.08
CA SER A 40 -22.83 -18.72 34.74
C SER A 40 -21.69 -18.93 33.76
N ASP A 41 -22.05 -19.20 32.51
CA ASP A 41 -21.06 -19.36 31.45
C ASP A 41 -20.67 -18.02 30.81
N ASN A 42 -21.31 -16.91 31.22
CA ASN A 42 -20.78 -15.55 31.00
C ASN A 42 -19.80 -15.14 32.13
N GLY A 43 -18.83 -16.01 32.37
CA GLY A 43 -17.55 -15.63 32.92
C GLY A 43 -16.60 -15.60 31.74
N THR A 44 -15.69 -16.57 31.70
CA THR A 44 -14.57 -16.54 30.78
C THR A 44 -15.00 -17.10 29.45
N CYS A 45 -15.14 -16.24 28.46
CA CYS A 45 -15.64 -16.68 27.17
C CYS A 45 -14.58 -17.44 26.38
N TYR A 46 -13.31 -17.02 26.45
CA TYR A 46 -12.22 -17.85 25.91
C TYR A 46 -11.80 -18.82 26.99
N PRO A 47 -11.85 -20.12 26.72
CA PRO A 47 -11.60 -21.08 27.77
C PRO A 47 -10.23 -20.98 28.42
N GLY A 48 -10.19 -21.35 29.70
CA GLY A 48 -8.97 -21.33 30.49
C GLY A 48 -9.26 -21.30 31.98
N ASP A 49 -8.23 -20.99 32.77
CA ASP A 49 -8.32 -21.01 34.21
C ASP A 49 -8.05 -19.62 34.80
N PHE A 50 -8.92 -19.18 35.71
CA PHE A 50 -8.77 -17.90 36.38
C PHE A 50 -7.95 -18.16 37.65
N ILE A 51 -6.69 -17.76 37.64
CA ILE A 51 -5.82 -18.00 38.78
C ILE A 51 -6.18 -17.04 39.94
N ASP A 52 -6.02 -17.53 41.18
CA ASP A 52 -6.36 -16.83 42.43
C ASP A 52 -7.75 -16.22 42.32
N TYR A 53 -8.71 -17.03 41.84
CA TYR A 53 -10.06 -16.52 41.63
C TYR A 53 -10.74 -16.28 42.96
N GLU A 54 -10.73 -17.29 43.83
CA GLU A 54 -11.44 -17.20 45.12
C GLU A 54 -10.88 -16.07 46.00
N GLU A 55 -9.57 -15.82 45.93
CA GLU A 55 -8.94 -14.72 46.65
C GLU A 55 -9.49 -13.41 46.13
N LEU A 56 -9.68 -13.31 44.83
CA LEU A 56 -10.17 -12.08 44.19
C LEU A 56 -11.60 -11.77 44.58
N ARG A 57 -12.39 -12.82 44.80
CA ARG A 57 -13.79 -12.65 45.09
C ARG A 57 -13.91 -12.01 46.46
N GLU A 58 -13.20 -12.58 47.44
CA GLU A 58 -13.15 -12.00 48.78
C GLU A 58 -12.60 -10.60 48.75
N GLN A 59 -11.64 -10.35 47.86
CA GLN A 59 -11.14 -9.01 47.62
C GLN A 59 -12.22 -8.01 47.13
N LEU A 60 -13.00 -8.41 46.13
CA LEU A 60 -13.98 -7.51 45.50
C LEU A 60 -15.31 -7.43 46.22
N SER A 61 -15.54 -8.31 47.20
CA SER A 61 -16.87 -8.49 47.83
C SER A 61 -17.45 -7.23 48.50
N SER A 62 -16.62 -6.47 49.20
CA SER A 62 -17.02 -5.19 49.76
C SER A 62 -15.93 -4.16 49.50
N VAL A 63 -16.33 -3.02 48.92
CA VAL A 63 -15.40 -1.94 48.57
C VAL A 63 -15.98 -0.56 48.92
N SER A 64 -15.10 0.28 49.46
CA SER A 64 -15.42 1.61 49.95
C SER A 64 -15.38 2.66 48.83
N SER A 65 -14.53 2.41 47.84
CA SER A 65 -14.58 3.12 46.56
C SER A 65 -13.85 2.29 45.52
N PHE A 66 -14.13 2.56 44.26
CA PHE A 66 -13.77 1.65 43.19
C PHE A 66 -13.92 2.42 41.90
N GLU A 67 -12.79 2.83 41.33
CA GLU A 67 -12.76 3.67 40.14
C GLU A 67 -12.02 2.94 39.00
N ARG A 68 -12.69 2.72 37.87
CA ARG A 68 -12.07 2.10 36.68
C ARG A 68 -11.27 3.13 35.89
N PHE A 69 -10.08 2.77 35.43
CA PHE A 69 -9.28 3.68 34.62
C PHE A 69 -8.50 2.98 33.51
N GLU A 70 -8.16 3.74 32.47
CA GLU A 70 -7.49 3.16 31.32
C GLU A 70 -5.98 3.20 31.57
N ILE A 71 -5.52 2.19 32.29
CA ILE A 71 -4.12 2.05 32.67
C ILE A 71 -3.16 2.09 31.46
N PHE A 72 -3.52 1.39 30.38
CA PHE A 72 -2.71 1.38 29.16
C PHE A 72 -3.68 1.71 28.05
N PRO A 73 -3.76 3.01 27.65
CA PRO A 73 -4.79 3.38 26.68
C PRO A 73 -4.59 2.71 25.34
N LYS A 74 -5.68 2.24 24.75
CA LYS A 74 -5.62 1.36 23.60
C LYS A 74 -4.86 1.90 22.39
N THR A 75 -4.98 3.21 22.13
CA THR A 75 -4.51 3.80 20.86
C THR A 75 -3.29 4.67 21.09
N SER A 76 -2.29 4.12 21.76
CA SER A 76 -1.18 4.90 22.31
C SER A 76 -0.07 4.03 22.84
N SER A 77 -0.44 2.97 23.56
CA SER A 77 0.52 2.18 24.31
C SER A 77 1.15 1.05 23.48
N TRP A 78 0.50 0.66 22.38
CA TRP A 78 0.99 -0.49 21.59
C TRP A 78 1.22 -0.19 20.09
N PRO A 79 2.14 0.76 19.79
CA PRO A 79 2.48 1.12 18.42
C PRO A 79 3.17 0.07 17.57
N ASN A 80 3.71 -0.99 18.15
CA ASN A 80 4.40 -2.03 17.36
C ASN A 80 3.72 -3.39 17.43
N HIS A 81 2.45 -3.39 17.81
CA HIS A 81 1.71 -4.60 18.02
C HIS A 81 0.29 -4.34 17.56
N ASP A 82 -0.32 -5.34 16.95
CA ASP A 82 -1.69 -5.19 16.49
C ASP A 82 -2.62 -5.29 17.69
N SER A 83 -3.36 -4.23 17.95
CA SER A 83 -4.28 -4.16 19.08
C SER A 83 -5.71 -4.21 18.62
N ASN A 84 -6.00 -5.05 17.62
CA ASN A 84 -7.26 -4.99 16.87
C ASN A 84 -7.71 -6.35 16.43
N LYS A 85 -6.81 -7.12 15.84
CA LYS A 85 -7.06 -8.53 15.51
C LYS A 85 -7.35 -9.45 16.71
N GLY A 86 -6.96 -9.02 17.90
CA GLY A 86 -7.19 -9.82 19.08
C GLY A 86 -8.65 -10.03 19.45
N VAL A 87 -9.37 -10.77 18.61
CA VAL A 87 -10.78 -11.07 18.84
C VAL A 87 -11.10 -12.53 18.50
N THR A 88 -12.25 -13.02 18.92
CA THR A 88 -12.55 -14.43 18.76
C THR A 88 -14.05 -14.73 18.84
N ALA A 89 -14.47 -15.76 18.10
CA ALA A 89 -15.85 -16.20 18.04
C ALA A 89 -16.28 -16.85 19.34
N ALA A 90 -15.29 -17.19 20.18
CA ALA A 90 -15.52 -17.61 21.56
C ALA A 90 -16.13 -16.48 22.36
N CYS A 91 -15.73 -15.24 22.07
CA CYS A 91 -16.27 -14.07 22.75
C CYS A 91 -17.06 -13.23 21.77
N PRO A 92 -18.27 -13.69 21.39
CA PRO A 92 -19.09 -12.97 20.43
C PRO A 92 -19.85 -11.80 21.06
N HIS A 93 -19.81 -10.65 20.39
CA HIS A 93 -20.68 -9.53 20.79
C HIS A 93 -21.50 -9.09 19.62
N ALA A 94 -22.75 -9.53 19.60
CA ALA A 94 -23.78 -8.99 18.71
C ALA A 94 -23.30 -8.89 17.26
N GLY A 95 -23.18 -10.06 16.62
CA GLY A 95 -22.82 -10.18 15.21
C GLY A 95 -21.39 -10.56 14.97
N ALA A 96 -20.47 -9.72 15.44
CA ALA A 96 -19.04 -9.91 15.18
C ALA A 96 -18.32 -10.74 16.24
N LYS A 97 -17.07 -11.09 15.89
CA LYS A 97 -16.11 -11.68 16.82
C LYS A 97 -15.65 -10.53 17.71
N SER A 98 -15.37 -10.81 18.97
CA SER A 98 -15.02 -9.75 19.95
C SER A 98 -14.07 -10.30 21.02
N PHE A 99 -14.01 -9.63 22.18
CA PHE A 99 -13.09 -9.98 23.26
C PHE A 99 -13.49 -9.25 24.55
N TYR A 100 -12.77 -9.48 25.65
CA TYR A 100 -13.05 -8.85 26.93
C TYR A 100 -12.75 -7.37 26.81
N LYS A 101 -13.47 -6.54 27.55
CA LYS A 101 -13.34 -5.10 27.41
C LYS A 101 -12.15 -4.52 28.17
N ASN A 102 -11.73 -5.19 29.25
CA ASN A 102 -10.66 -4.63 30.09
C ASN A 102 -9.28 -5.17 29.76
N LEU A 103 -9.20 -6.15 28.87
CA LEU A 103 -7.93 -6.62 28.31
C LEU A 103 -7.85 -6.43 26.80
N ILE A 104 -6.64 -6.46 26.27
CA ILE A 104 -6.42 -6.52 24.82
C ILE A 104 -5.56 -7.72 24.50
N TRP A 105 -5.97 -8.48 23.50
CA TRP A 105 -5.16 -9.57 22.99
C TRP A 105 -4.21 -9.05 21.91
N LEU A 106 -2.98 -8.69 22.30
CA LEU A 106 -2.00 -8.25 21.31
C LEU A 106 -1.55 -9.41 20.44
N VAL A 107 -1.42 -9.14 19.14
CA VAL A 107 -0.84 -10.08 18.18
C VAL A 107 0.17 -9.36 17.30
N LYS A 108 0.86 -10.16 16.47
CA LYS A 108 1.99 -9.65 15.71
C LYS A 108 1.53 -8.68 14.67
N LYS A 109 2.44 -7.76 14.36
CA LYS A 109 2.24 -6.82 13.31
C LYS A 109 3.07 -7.32 12.11
N GLY A 110 2.35 -7.78 11.10
CA GLY A 110 2.94 -8.38 9.94
C GLY A 110 3.68 -9.63 10.35
N ASN A 111 4.96 -9.43 10.60
CA ASN A 111 5.98 -10.45 10.46
C ASN A 111 6.81 -10.69 11.73
N SER A 112 6.71 -9.74 12.67
CA SER A 112 7.73 -9.48 13.64
C SER A 112 7.01 -8.96 14.87
N TYR A 113 7.37 -9.54 16.02
CA TYR A 113 6.79 -9.22 17.32
C TYR A 113 7.99 -8.83 18.16
N PRO A 114 8.23 -7.51 18.29
CA PRO A 114 9.37 -7.02 19.07
C PRO A 114 9.07 -7.14 20.56
N LYS A 115 10.10 -7.24 21.40
CA LYS A 115 9.86 -7.29 22.84
C LYS A 115 9.07 -6.06 23.21
N LEU A 116 7.92 -6.27 23.83
CA LEU A 116 7.19 -5.16 24.41
C LEU A 116 7.61 -5.06 25.84
N SER A 117 7.54 -3.84 26.35
CA SER A 117 7.68 -3.66 27.77
C SER A 117 6.94 -2.37 28.16
N LYS A 118 6.22 -2.43 29.27
CA LYS A 118 5.32 -1.38 29.67
C LYS A 118 5.17 -1.40 31.18
N SER A 119 5.17 -0.21 31.76
CA SER A 119 5.16 -0.05 33.19
C SER A 119 4.02 0.82 33.53
N TYR A 120 3.53 0.68 34.76
CA TYR A 120 2.60 1.64 35.33
C TYR A 120 2.95 1.83 36.78
N ILE A 121 3.05 3.08 37.17
CA ILE A 121 3.27 3.47 38.55
C ILE A 121 1.93 3.90 39.11
N ASN A 122 1.62 3.39 40.30
CA ASN A 122 0.35 3.65 40.94
C ASN A 122 0.42 5.02 41.60
N ASP A 123 0.00 6.03 40.83
CA ASP A 123 -0.12 7.40 41.31
C ASP A 123 -1.46 7.61 42.02
N LYS A 124 -2.42 6.69 41.86
CA LYS A 124 -3.83 6.95 42.21
C LYS A 124 -4.19 7.06 43.70
N GLY A 125 -3.23 6.81 44.61
CA GLY A 125 -3.47 6.93 46.04
C GLY A 125 -4.15 5.75 46.73
N LYS A 126 -5.07 5.05 46.06
CA LYS A 126 -5.64 3.79 46.56
C LYS A 126 -4.75 2.65 46.04
N GLU A 127 -5.11 1.40 46.34
CA GLU A 127 -4.51 0.27 45.64
C GLU A 127 -5.02 0.23 44.22
N VAL A 128 -4.26 -0.39 43.32
CA VAL A 128 -4.74 -0.67 41.96
C VAL A 128 -4.82 -2.20 41.68
N LEU A 129 -5.98 -2.64 41.20
CA LEU A 129 -6.19 -3.99 40.69
C LEU A 129 -5.89 -4.01 39.19
N VAL A 130 -4.83 -4.71 38.81
CA VAL A 130 -4.49 -4.94 37.42
C VAL A 130 -4.81 -6.41 37.13
N LEU A 131 -5.44 -6.71 36.00
CA LEU A 131 -5.60 -8.09 35.55
C LEU A 131 -5.00 -8.20 34.18
N TRP A 132 -4.49 -9.38 33.87
CA TRP A 132 -3.97 -9.67 32.55
C TRP A 132 -4.18 -11.14 32.17
N GLY A 133 -3.83 -11.49 30.95
CA GLY A 133 -4.09 -12.85 30.46
C GLY A 133 -2.86 -13.41 29.83
N ILE A 134 -2.79 -14.73 29.78
CA ILE A 134 -1.67 -15.45 29.16
C ILE A 134 -2.23 -16.52 28.22
N HIS A 135 -1.90 -16.41 26.93
CA HIS A 135 -2.50 -17.27 25.90
C HIS A 135 -1.61 -18.46 25.59
N HIS A 136 -2.24 -19.62 25.50
CA HIS A 136 -1.56 -20.88 25.25
C HIS A 136 -2.11 -21.42 23.95
N PRO A 137 -1.38 -21.19 22.85
CA PRO A 137 -1.85 -21.69 21.58
C PRO A 137 -1.84 -23.20 21.54
N SER A 138 -2.61 -23.78 20.64
CA SER A 138 -2.76 -25.23 20.51
C SER A 138 -1.60 -25.88 19.75
N THR A 139 -1.01 -25.15 18.81
CA THR A 139 0.01 -25.73 17.94
C THR A 139 1.13 -24.75 17.64
N SER A 140 2.27 -25.26 17.19
CA SER A 140 3.40 -24.39 16.87
C SER A 140 3.02 -23.38 15.81
N ALA A 141 2.20 -23.81 14.86
CA ALA A 141 1.71 -22.93 13.80
C ALA A 141 0.91 -21.77 14.38
N ASP A 142 -0.04 -22.10 15.26
CA ASP A 142 -0.87 -21.11 15.95
C ASP A 142 0.00 -20.08 16.66
N GLN A 143 1.09 -20.52 17.29
CA GLN A 143 2.01 -19.60 17.97
C GLN A 143 2.66 -18.68 16.94
N GLN A 144 3.22 -19.25 15.87
CA GLN A 144 3.88 -18.41 14.86
C GLN A 144 2.88 -17.50 14.12
N SER A 145 1.64 -17.95 13.94
CA SER A 145 0.60 -17.08 13.35
C SER A 145 0.38 -15.83 14.13
N LEU A 146 0.25 -16.00 15.44
CA LEU A 146 -0.18 -14.94 16.33
C LEU A 146 0.98 -14.04 16.73
N TYR A 147 2.11 -14.66 17.10
CA TYR A 147 3.21 -13.96 17.76
C TYR A 147 4.55 -14.09 17.05
N GLN A 148 4.63 -14.94 16.04
CA GLN A 148 5.88 -15.26 15.31
C GLN A 148 6.91 -16.03 16.10
N ASN A 149 7.12 -15.63 17.36
CA ASN A 149 8.24 -16.12 18.16
C ASN A 149 7.92 -17.44 18.82
N ALA A 150 8.46 -18.49 18.21
CA ALA A 150 8.30 -19.84 18.71
C ALA A 150 8.75 -19.93 20.14
N ASP A 151 9.83 -19.21 20.45
CA ASP A 151 10.42 -19.18 21.78
C ASP A 151 10.09 -17.85 22.41
N ALA A 152 8.90 -17.76 22.99
CA ALA A 152 8.43 -16.49 23.56
C ALA A 152 8.25 -16.66 25.05
N TYR A 153 8.27 -15.54 25.77
CA TYR A 153 8.00 -15.47 27.21
C TYR A 153 7.12 -14.29 27.58
N VAL A 154 6.56 -14.33 28.77
CA VAL A 154 6.01 -13.12 29.38
C VAL A 154 6.61 -12.90 30.76
N PHE A 155 6.69 -11.65 31.16
CA PHE A 155 7.08 -11.30 32.51
C PHE A 155 6.17 -10.23 33.06
N VAL A 156 5.63 -10.48 34.26
CA VAL A 156 4.92 -9.47 35.00
C VAL A 156 5.64 -9.30 36.33
N GLY A 157 5.80 -8.06 36.78
CA GLY A 157 6.48 -7.80 38.05
C GLY A 157 6.07 -6.51 38.74
N SER A 158 5.83 -6.63 40.05
CA SER A 158 5.71 -5.47 40.94
C SER A 158 6.76 -5.72 42.02
N SER A 159 6.81 -4.91 43.07
CA SER A 159 7.81 -5.14 44.13
C SER A 159 7.47 -6.39 44.94
N ARG A 160 6.16 -6.65 45.11
CA ARG A 160 5.62 -7.85 45.80
C ARG A 160 5.54 -9.09 44.90
N TYR A 161 5.23 -8.90 43.61
CA TYR A 161 4.96 -9.97 42.66
C TYR A 161 6.09 -10.11 41.65
N SER A 162 6.33 -11.33 41.20
CA SER A 162 7.26 -11.56 40.10
C SER A 162 7.05 -12.95 39.50
N LYS A 163 6.68 -13.02 38.23
CA LYS A 163 6.49 -14.30 37.54
C LYS A 163 6.91 -14.23 36.10
N LYS A 164 7.47 -15.34 35.61
CA LYS A 164 7.81 -15.53 34.21
C LYS A 164 6.94 -16.67 33.72
N PHE A 165 6.14 -16.40 32.68
CA PHE A 165 5.28 -17.40 32.04
C PHE A 165 5.89 -17.81 30.70
N LYS A 166 5.70 -19.06 30.35
CA LYS A 166 5.97 -19.49 28.99
C LYS A 166 4.78 -20.32 28.55
N PRO A 167 4.41 -20.23 27.27
CA PRO A 167 3.22 -20.92 26.83
C PRO A 167 3.45 -22.44 26.71
N GLU A 168 2.56 -23.21 27.32
CA GLU A 168 2.43 -24.65 27.11
C GLU A 168 1.60 -24.81 25.85
N ILE A 169 2.25 -25.15 24.74
CA ILE A 169 1.58 -25.31 23.43
C ILE A 169 1.03 -26.71 23.33
N ALA A 170 -0.28 -26.85 23.08
CA ALA A 170 -0.93 -28.17 23.16
C ALA A 170 -2.41 -28.21 22.80
N ILE A 171 -2.83 -29.27 22.12
CA ILE A 171 -4.21 -29.36 21.64
C ILE A 171 -5.10 -29.88 22.79
N ARG A 172 -6.02 -29.04 23.23
CA ARG A 172 -6.83 -29.36 24.38
C ARG A 172 -8.23 -29.52 23.90
N PRO A 173 -9.08 -30.19 24.66
CA PRO A 173 -10.45 -30.40 24.19
C PRO A 173 -11.08 -29.12 23.62
N LYS A 174 -11.77 -29.20 22.48
CA LYS A 174 -12.48 -28.02 21.98
C LYS A 174 -13.50 -27.54 23.01
N VAL A 175 -13.42 -26.27 23.39
CA VAL A 175 -14.46 -25.60 24.17
C VAL A 175 -14.72 -24.29 23.48
N ARG A 176 -15.96 -24.04 23.08
CA ARG A 176 -16.32 -22.81 22.36
C ARG A 176 -15.43 -22.62 21.14
N ASP A 177 -15.23 -23.74 20.45
CA ASP A 177 -14.39 -23.88 19.26
C ASP A 177 -12.90 -23.56 19.47
N GLN A 178 -12.43 -23.52 20.71
CA GLN A 178 -11.03 -23.19 21.02
C GLN A 178 -10.34 -24.40 21.56
N GLU A 179 -9.22 -24.75 20.93
CA GLU A 179 -8.34 -25.81 21.41
C GLU A 179 -7.15 -25.26 22.22
N GLY A 180 -6.86 -23.97 22.08
CA GLY A 180 -5.89 -23.29 22.93
C GLY A 180 -6.58 -22.85 24.20
N ARG A 181 -5.80 -22.39 25.16
CA ARG A 181 -6.34 -21.90 26.42
C ARG A 181 -5.71 -20.58 26.82
N MET A 182 -6.42 -19.84 27.66
CA MET A 182 -5.94 -18.54 28.09
C MET A 182 -6.21 -18.43 29.58
N ASN A 183 -5.14 -18.27 30.39
CA ASN A 183 -5.28 -18.10 31.85
C ASN A 183 -5.33 -16.64 32.24
N TYR A 184 -6.01 -16.37 33.35
CA TYR A 184 -6.21 -15.00 33.81
C TYR A 184 -5.60 -14.82 35.19
N TYR A 185 -4.89 -13.73 35.35
CA TYR A 185 -4.12 -13.44 36.53
C TYR A 185 -4.43 -12.01 36.94
N TRP A 186 -3.98 -11.66 38.13
CA TRP A 186 -4.19 -10.33 38.68
C TRP A 186 -3.25 -10.07 39.83
N THR A 187 -2.97 -8.79 40.06
CA THR A 187 -2.31 -8.39 41.29
C THR A 187 -2.80 -7.01 41.73
N LEU A 188 -2.77 -6.76 43.03
CA LEU A 188 -3.02 -5.44 43.59
C LEU A 188 -1.69 -4.70 43.67
N VAL A 189 -1.66 -3.49 43.12
CA VAL A 189 -0.44 -2.69 43.07
C VAL A 189 -0.52 -1.68 44.18
N GLU A 190 0.41 -1.81 45.14
CA GLU A 190 0.58 -0.85 46.23
C GLU A 190 0.66 0.57 45.65
N PRO A 191 0.21 1.59 46.41
CA PRO A 191 0.43 2.97 45.98
C PRO A 191 1.91 3.35 45.95
N GLY A 192 2.31 3.99 44.85
CA GLY A 192 3.71 4.33 44.58
C GLY A 192 4.59 3.19 44.08
N ASP A 193 4.03 1.99 43.92
CA ASP A 193 4.75 0.86 43.35
C ASP A 193 4.52 0.86 41.85
N LYS A 194 5.40 0.15 41.15
CA LYS A 194 5.40 0.03 39.69
C LYS A 194 5.08 -1.41 39.25
N ILE A 195 4.05 -1.59 38.43
CA ILE A 195 3.88 -2.86 37.71
C ILE A 195 4.62 -2.81 36.36
N THR A 196 5.22 -3.93 35.97
CA THR A 196 5.97 -4.03 34.73
C THR A 196 5.60 -5.28 33.95
N PHE A 197 5.10 -5.05 32.74
CA PHE A 197 4.93 -6.09 31.75
C PHE A 197 6.11 -6.11 30.78
N GLU A 198 6.46 -7.30 30.35
CA GLU A 198 7.45 -7.46 29.32
C GLU A 198 7.12 -8.78 28.64
N ALA A 199 6.98 -8.75 27.32
CA ALA A 199 6.67 -9.98 26.60
C ALA A 199 7.22 -10.00 25.17
N THR A 200 7.44 -11.21 24.66
CA THR A 200 7.72 -11.45 23.28
C THR A 200 6.61 -12.28 22.65
N GLY A 201 5.39 -12.19 23.20
CA GLY A 201 4.26 -13.01 22.76
C GLY A 201 3.39 -13.54 23.89
N ASN A 202 2.19 -13.98 23.54
CA ASN A 202 1.31 -14.71 24.45
C ASN A 202 0.71 -13.91 25.60
N LEU A 203 0.91 -12.60 25.60
CA LEU A 203 0.43 -11.74 26.67
C LEU A 203 -0.80 -11.02 26.19
N VAL A 204 -1.88 -11.24 26.90
CA VAL A 204 -3.08 -10.44 26.79
C VAL A 204 -2.94 -9.29 27.80
N VAL A 205 -2.59 -8.11 27.31
CA VAL A 205 -2.31 -6.94 28.16
C VAL A 205 -3.54 -6.31 28.83
N PRO A 206 -3.35 -5.71 30.02
CA PRO A 206 -4.43 -4.95 30.60
C PRO A 206 -4.68 -3.70 29.80
N ARG A 207 -5.95 -3.39 29.60
CA ARG A 207 -6.37 -2.09 29.11
C ARG A 207 -6.97 -1.23 30.21
N TYR A 208 -7.95 -1.78 30.92
CA TYR A 208 -8.50 -1.16 32.10
C TYR A 208 -8.04 -1.86 33.39
N ALA A 209 -7.88 -1.03 34.41
CA ALA A 209 -7.52 -1.44 35.76
C ALA A 209 -8.50 -0.80 36.71
N PHE A 210 -8.41 -1.13 37.98
CA PHE A 210 -9.31 -0.56 38.98
C PHE A 210 -8.55 -0.09 40.19
N ALA A 211 -8.78 1.16 40.55
CA ALA A 211 -8.23 1.73 41.77
C ALA A 211 -9.32 1.57 42.78
N MET A 212 -9.02 0.92 43.89
CA MET A 212 -10.06 0.57 44.84
C MET A 212 -9.57 0.69 46.28
N GLU A 213 -10.56 0.86 47.15
CA GLU A 213 -10.37 1.00 48.58
C GLU A 213 -11.22 -0.10 49.17
N ARG A 214 -10.59 -1.21 49.49
CA ARG A 214 -11.28 -2.40 49.97
C ARG A 214 -11.74 -2.18 51.40
N ASN A 215 -12.82 -2.85 51.79
CA ASN A 215 -13.44 -2.68 53.12
C ASN A 215 -12.93 -3.63 54.17
N ALA A 216 -13.24 -3.25 55.42
CA ALA A 216 -12.83 -4.01 56.58
C ALA A 216 -13.52 -5.38 56.61
N GLY A 217 -12.73 -6.39 56.99
CA GLY A 217 -13.21 -7.76 57.12
C GLY A 217 -13.79 -8.24 55.81
N SER A 218 -14.98 -8.81 55.91
CA SER A 218 -15.60 -9.57 54.84
C SER A 218 -16.67 -8.71 54.15
N GLY A 219 -16.83 -8.95 52.86
CA GLY A 219 -18.11 -8.81 52.19
C GLY A 219 -18.66 -10.22 52.02
N ILE A 220 -19.78 -10.32 51.34
CA ILE A 220 -20.44 -11.59 51.15
C ILE A 220 -20.92 -11.64 49.72
N ILE A 221 -20.77 -12.80 49.09
CA ILE A 221 -21.15 -12.99 47.71
C ILE A 221 -22.26 -14.03 47.67
N ILE A 222 -23.38 -13.67 47.06
CA ILE A 222 -24.62 -14.41 47.19
C ILE A 222 -25.21 -14.62 45.79
N SER A 223 -25.57 -15.87 45.47
CA SER A 223 -25.91 -16.27 44.11
C SER A 223 -27.41 -16.50 43.90
N ASP A 224 -27.84 -16.47 42.63
CA ASP A 224 -29.27 -16.62 42.25
C ASP A 224 -29.61 -18.08 41.91
N GLN B 1 35.93 -10.97 14.33
CA GLN B 1 35.56 -11.75 15.54
C GLN B 1 34.78 -13.05 15.17
N VAL B 2 33.48 -12.92 14.86
CA VAL B 2 32.57 -14.09 14.66
C VAL B 2 32.78 -14.78 13.30
N GLN B 3 33.18 -16.04 13.30
CA GLN B 3 33.39 -16.76 12.05
C GLN B 3 32.77 -18.15 12.12
N LEU B 4 32.20 -18.56 11.00
CA LEU B 4 31.67 -19.88 10.87
C LEU B 4 32.48 -20.56 9.78
N GLN B 5 32.63 -21.88 9.90
CA GLN B 5 33.27 -22.65 8.87
C GLN B 5 32.81 -24.07 8.80
N GLU B 6 32.54 -24.49 7.57
CA GLU B 6 31.93 -25.76 7.27
C GLU B 6 33.01 -26.78 7.11
N SER B 7 32.62 -28.04 7.27
CA SER B 7 33.53 -29.15 6.98
C SER B 7 32.78 -30.44 6.75
N GLY B 8 33.28 -31.21 5.80
CA GLY B 8 32.75 -32.54 5.50
C GLY B 8 33.25 -33.00 4.14
N PRO B 9 32.89 -34.22 3.75
CA PRO B 9 33.36 -34.71 2.48
C PRO B 9 32.81 -33.88 1.33
N GLY B 10 33.65 -33.72 0.30
CA GLY B 10 33.27 -33.09 -0.95
C GLY B 10 32.36 -33.96 -1.82
N LEU B 11 32.31 -35.27 -1.54
CA LEU B 11 31.61 -36.23 -2.41
C LEU B 11 30.82 -37.27 -1.60
N VAL B 12 29.60 -37.58 -2.05
CA VAL B 12 28.74 -38.60 -1.42
C VAL B 12 27.96 -39.41 -2.47
N LYS B 13 27.93 -40.73 -2.33
CA LYS B 13 27.26 -41.60 -3.31
C LYS B 13 25.76 -41.58 -3.01
N PRO B 14 24.91 -41.74 -4.04
CA PRO B 14 23.44 -41.75 -3.86
C PRO B 14 22.92 -42.64 -2.73
N SER B 15 21.79 -42.26 -2.19
CA SER B 15 21.17 -42.86 -0.98
C SER B 15 22.07 -43.06 0.28
N GLU B 16 23.36 -42.71 0.23
CA GLU B 16 24.13 -42.58 1.47
C GLU B 16 23.66 -41.32 2.23
N THR B 17 24.37 -40.95 3.29
CA THR B 17 23.94 -39.85 4.15
C THR B 17 25.01 -38.74 4.24
N LEU B 18 24.65 -37.57 3.71
CA LEU B 18 25.49 -36.36 3.76
C LEU B 18 25.54 -35.82 5.18
N SER B 19 26.74 -35.45 5.62
CA SER B 19 26.98 -35.03 7.00
C SER B 19 28.06 -33.94 7.14
N LEU B 20 27.62 -32.70 7.33
CA LEU B 20 28.53 -31.57 7.54
C LEU B 20 28.57 -31.12 9.00
N THR B 21 29.57 -30.30 9.30
CA THR B 21 29.79 -29.78 10.63
C THR B 21 30.34 -28.33 10.57
N CYS B 22 29.59 -27.40 11.16
CA CYS B 22 30.03 -26.02 11.27
C CYS B 22 30.82 -25.86 12.54
N THR B 23 31.77 -24.95 12.54
CA THR B 23 32.63 -24.67 13.69
C THR B 23 32.73 -23.18 13.90
N VAL B 24 32.29 -22.74 15.07
CA VAL B 24 32.08 -21.33 15.34
C VAL B 24 33.22 -20.80 16.19
N SER B 25 33.91 -19.75 15.72
CA SER B 25 34.83 -18.98 16.56
C SER B 25 34.25 -17.59 16.82
N GLY B 26 34.95 -16.80 17.61
CA GLY B 26 34.49 -15.44 17.94
C GLY B 26 33.16 -15.32 18.66
N GLY B 27 32.63 -16.43 19.18
CA GLY B 27 31.32 -16.45 19.83
C GLY B 27 30.96 -17.88 20.21
N SER B 28 29.93 -18.04 21.05
CA SER B 28 29.54 -19.34 21.54
C SER B 28 28.13 -19.76 21.12
N VAL B 29 28.01 -21.02 20.74
CA VAL B 29 26.70 -21.56 20.40
C VAL B 29 25.70 -21.76 21.57
N ASN B 30 26.11 -21.43 22.81
CA ASN B 30 25.20 -21.37 24.02
C ASN B 30 24.64 -19.99 24.33
N THR B 31 25.51 -18.99 24.24
CA THR B 31 25.13 -17.61 24.44
C THR B 31 24.23 -17.11 23.31
N GLY B 32 23.53 -16.03 23.63
CA GLY B 32 22.88 -15.20 22.67
C GLY B 32 21.51 -15.66 22.24
N SER B 33 20.77 -14.70 21.68
CA SER B 33 19.51 -14.95 21.01
C SER B 33 19.83 -15.29 19.57
N TYR B 34 20.26 -16.53 19.36
CA TYR B 34 20.67 -16.99 18.03
C TYR B 34 20.20 -18.40 17.75
N TYR B 35 20.10 -18.71 16.45
CA TYR B 35 19.85 -20.06 15.96
C TYR B 35 20.99 -20.39 15.02
N TRP B 36 21.26 -21.68 14.89
CA TRP B 36 22.40 -22.15 14.11
C TRP B 36 21.85 -22.90 12.94
N SER B 37 22.15 -22.37 11.74
CA SER B 37 21.38 -22.70 10.55
C SER B 37 22.19 -23.21 9.39
N TRP B 38 21.46 -23.88 8.49
CA TRP B 38 22.00 -24.41 7.27
C TRP B 38 21.20 -23.95 6.02
N ILE B 39 21.96 -23.58 4.99
CA ILE B 39 21.46 -23.04 3.73
C ILE B 39 22.28 -23.67 2.62
N ARG B 40 21.64 -24.08 1.54
CA ARG B 40 22.37 -24.62 0.41
C ARG B 40 22.03 -23.89 -0.88
N GLN B 41 23.01 -23.86 -1.78
CA GLN B 41 22.87 -23.28 -3.09
C GLN B 41 23.32 -24.27 -4.18
N PRO B 42 22.38 -25.01 -4.78
CA PRO B 42 22.78 -25.92 -5.85
C PRO B 42 23.41 -25.14 -6.99
N PRO B 43 24.31 -25.77 -7.77
CA PRO B 43 25.16 -24.96 -8.62
C PRO B 43 24.36 -24.14 -9.64
N GLY B 44 24.76 -22.89 -9.81
CA GLY B 44 24.06 -21.96 -10.68
C GLY B 44 22.74 -21.37 -10.21
N LYS B 45 22.26 -21.74 -9.03
CA LYS B 45 20.91 -21.38 -8.60
C LYS B 45 20.87 -20.59 -7.27
N GLY B 46 19.68 -20.44 -6.67
CA GLY B 46 19.49 -19.58 -5.51
C GLY B 46 19.67 -20.29 -4.19
N LEU B 47 19.66 -19.50 -3.12
CA LEU B 47 19.84 -20.00 -1.76
C LEU B 47 18.55 -20.65 -1.28
N GLU B 48 18.69 -21.86 -0.73
CA GLU B 48 17.60 -22.57 -0.10
C GLU B 48 17.95 -22.79 1.35
N TRP B 49 16.99 -22.54 2.24
CA TRP B 49 17.16 -22.73 3.67
C TRP B 49 16.79 -24.15 3.99
N ILE B 50 17.57 -24.78 4.87
CA ILE B 50 17.37 -26.18 5.17
C ILE B 50 16.70 -26.31 6.52
N ALA B 51 17.33 -25.74 7.54
CA ALA B 51 16.84 -25.80 8.92
C ALA B 51 17.77 -25.07 9.87
N TYR B 52 17.24 -24.77 11.05
CA TYR B 52 18.07 -24.33 12.19
C TYR B 52 17.63 -24.99 13.49
N SER B 53 18.58 -25.11 14.43
CA SER B 53 18.31 -25.47 15.83
C SER B 53 19.11 -24.55 16.72
N SER B 54 18.62 -24.37 17.95
CA SER B 54 19.42 -23.72 19.01
C SER B 54 19.58 -24.71 20.12
N VAL B 55 20.60 -24.44 20.94
CA VAL B 55 20.90 -25.26 22.11
C VAL B 55 19.60 -25.51 22.89
N SER B 56 18.98 -24.44 23.38
CA SER B 56 17.82 -24.55 24.25
C SER B 56 16.63 -24.80 23.39
N GLY B 57 16.16 -23.70 22.78
CA GLY B 57 14.88 -23.62 22.14
C GLY B 57 14.61 -24.38 20.85
N THR B 58 13.52 -23.98 20.23
CA THR B 58 12.84 -24.79 19.25
C THR B 58 13.64 -24.84 17.96
N SER B 59 13.69 -26.01 17.34
CA SER B 59 14.25 -26.15 16.02
C SER B 59 13.15 -25.95 15.00
N ASN B 60 13.55 -25.62 13.77
CA ASN B 60 12.64 -25.32 12.66
C ASN B 60 13.24 -25.83 11.35
N TYR B 61 12.39 -26.44 10.52
CA TYR B 61 12.86 -27.12 9.33
C TYR B 61 12.04 -26.70 8.13
N ASN B 62 12.69 -26.77 6.98
CA ASN B 62 12.08 -26.55 5.69
C ASN B 62 11.25 -27.80 5.39
N PRO B 63 9.91 -27.70 5.30
CA PRO B 63 9.02 -28.90 5.24
C PRO B 63 9.36 -29.98 4.20
N SER B 64 9.79 -29.60 3.01
CA SER B 64 10.18 -30.60 2.01
C SER B 64 11.50 -31.34 2.30
N LEU B 65 12.25 -30.92 3.33
CA LEU B 65 13.45 -31.63 3.77
C LEU B 65 13.41 -32.08 5.24
N LYS B 66 12.30 -31.87 5.94
CA LYS B 66 12.29 -32.14 7.37
C LYS B 66 12.53 -33.62 7.67
N SER B 67 11.84 -34.47 6.92
CA SER B 67 11.94 -35.91 7.08
C SER B 67 13.36 -36.41 6.92
N ARG B 68 14.17 -35.80 6.05
CA ARG B 68 15.55 -36.27 5.84
C ARG B 68 16.66 -35.53 6.59
N VAL B 69 16.38 -34.55 7.43
CA VAL B 69 17.49 -33.85 8.12
C VAL B 69 17.49 -34.05 9.64
N THR B 70 18.69 -33.99 10.20
CA THR B 70 18.86 -34.07 11.65
C THR B 70 19.91 -33.06 12.01
N LEU B 71 19.60 -32.23 13.00
CA LEU B 71 20.53 -31.21 13.47
C LEU B 71 20.99 -31.53 14.89
N THR B 72 22.26 -31.23 15.18
CA THR B 72 22.83 -31.48 16.50
C THR B 72 23.74 -30.31 16.86
N VAL B 73 23.85 -30.00 18.15
CA VAL B 73 24.80 -28.99 18.64
C VAL B 73 25.73 -29.63 19.67
N ASP B 74 27.03 -29.40 19.49
CA ASP B 74 28.05 -29.87 20.42
C ASP B 74 28.58 -28.62 21.13
N THR B 75 27.92 -28.33 22.25
CA THR B 75 28.25 -27.21 23.14
C THR B 75 29.74 -27.02 23.40
N SER B 76 30.40 -28.13 23.76
CA SER B 76 31.79 -28.16 24.22
C SER B 76 32.81 -27.80 23.13
N LYS B 77 32.65 -28.40 21.95
CA LYS B 77 33.52 -28.13 20.78
C LYS B 77 33.14 -26.86 20.01
N ASN B 78 31.99 -26.26 20.33
CA ASN B 78 31.47 -25.05 19.69
C ASN B 78 31.20 -25.33 18.21
N GLN B 79 30.41 -26.37 18.01
CA GLN B 79 30.09 -26.92 16.71
C GLN B 79 28.62 -27.22 16.63
N PHE B 80 28.09 -27.21 15.41
CA PHE B 80 26.77 -27.75 15.14
C PHE B 80 26.83 -28.49 13.82
N SER B 81 25.86 -29.36 13.57
CA SER B 81 26.02 -30.31 12.49
C SER B 81 24.72 -30.70 11.84
N LEU B 82 24.81 -30.84 10.52
CA LEU B 82 23.68 -31.18 9.68
C LEU B 82 23.90 -32.59 9.21
N SER B 83 22.81 -33.32 9.09
CA SER B 83 22.85 -34.67 8.61
C SER B 83 21.65 -34.85 7.72
N VAL B 84 21.89 -35.14 6.43
CA VAL B 84 20.81 -35.32 5.46
C VAL B 84 20.86 -36.75 4.97
N ARG B 85 19.75 -37.46 5.08
CA ARG B 85 19.66 -38.86 4.68
C ARG B 85 19.28 -38.99 3.22
N SER B 86 19.66 -40.13 2.63
CA SER B 86 19.13 -40.58 1.33
C SER B 86 19.32 -39.59 0.20
N VAL B 87 20.55 -39.09 0.07
CA VAL B 87 20.86 -38.05 -0.91
C VAL B 87 20.69 -38.55 -2.35
N THR B 88 20.40 -37.61 -3.25
CA THR B 88 20.35 -37.84 -4.69
C THR B 88 21.15 -36.73 -5.34
N ALA B 89 21.25 -36.77 -6.67
CA ALA B 89 21.92 -35.70 -7.41
C ALA B 89 21.31 -34.34 -7.12
N ALA B 90 20.02 -34.29 -6.82
CA ALA B 90 19.37 -33.02 -6.51
C ALA B 90 19.80 -32.40 -5.18
N ASP B 91 20.54 -33.15 -4.35
CA ASP B 91 21.21 -32.58 -3.17
C ASP B 91 22.60 -32.04 -3.46
N THR B 92 23.08 -32.16 -4.70
CA THR B 92 24.36 -31.55 -5.09
C THR B 92 24.21 -30.05 -4.91
N ALA B 93 25.11 -29.44 -4.13
CA ALA B 93 25.04 -28.02 -3.82
C ALA B 93 26.24 -27.53 -3.04
N VAL B 94 26.35 -26.21 -2.90
CA VAL B 94 27.25 -25.66 -1.91
C VAL B 94 26.40 -25.45 -0.68
N TYR B 95 26.85 -26.03 0.43
CA TYR B 95 26.18 -25.90 1.72
C TYR B 95 26.88 -24.82 2.51
N PHE B 96 26.09 -23.87 3.01
CA PHE B 96 26.56 -22.81 3.89
C PHE B 96 26.01 -23.00 5.29
N CYS B 97 26.85 -22.86 6.33
CA CYS B 97 26.34 -22.71 7.70
C CYS B 97 26.20 -21.21 7.98
N ALA B 98 25.28 -20.86 8.88
CA ALA B 98 25.08 -19.45 9.23
C ALA B 98 24.39 -19.20 10.58
N ARG B 99 24.67 -18.04 11.15
CA ARG B 99 24.01 -17.61 12.37
C ARG B 99 22.72 -16.85 12.05
N LEU B 100 21.61 -17.36 12.54
CA LEU B 100 20.34 -16.68 12.38
C LEU B 100 20.10 -15.89 13.65
N ASN B 101 20.05 -14.57 13.53
CA ASN B 101 19.89 -13.65 14.65
C ASN B 101 18.43 -13.35 14.94
N TYR B 102 17.85 -13.97 15.97
CA TYR B 102 16.56 -13.50 16.53
C TYR B 102 16.86 -12.25 17.37
N ASP B 103 16.60 -11.11 16.76
CA ASP B 103 16.94 -9.83 17.35
C ASP B 103 15.68 -9.44 18.11
N ILE B 104 15.74 -9.65 19.43
CA ILE B 104 14.58 -9.71 20.32
C ILE B 104 13.79 -8.41 20.23
N LEU B 105 14.56 -7.32 20.14
CA LEU B 105 14.07 -5.97 20.20
C LEU B 105 13.23 -5.54 19.01
N THR B 106 13.50 -6.11 17.83
CA THR B 106 12.65 -5.88 16.66
C THR B 106 11.73 -7.05 16.31
N GLY B 107 12.14 -8.25 16.67
CA GLY B 107 11.41 -9.45 16.28
C GLY B 107 11.84 -9.95 14.92
N TYR B 108 12.92 -9.40 14.38
CA TYR B 108 13.46 -9.83 13.08
C TYR B 108 14.28 -11.11 13.22
N TYR B 109 14.38 -11.86 12.12
CA TYR B 109 15.13 -13.11 12.05
C TYR B 109 16.03 -13.02 10.81
N PHE B 110 17.27 -12.61 11.01
CA PHE B 110 18.12 -12.39 9.86
C PHE B 110 19.50 -13.01 9.97
N PHE B 111 19.91 -13.76 8.95
CA PHE B 111 21.23 -14.37 8.92
C PHE B 111 22.28 -13.27 8.87
N ASP B 112 23.02 -13.04 9.96
CA ASP B 112 24.05 -11.97 9.95
C ASP B 112 25.48 -12.44 9.77
N PHE B 113 25.73 -13.74 9.97
CA PHE B 113 27.05 -14.32 9.68
C PHE B 113 26.91 -15.62 8.94
N TRP B 114 27.62 -15.69 7.81
CA TRP B 114 27.60 -16.81 6.90
C TRP B 114 28.96 -17.47 6.87
N GLY B 115 29.00 -18.79 6.71
CA GLY B 115 30.27 -19.49 6.46
C GLY B 115 30.78 -19.24 5.05
N GLN B 116 31.96 -19.75 4.72
CA GLN B 116 32.47 -19.62 3.34
C GLN B 116 31.76 -20.57 2.38
N GLY B 117 31.16 -21.61 2.93
CA GLY B 117 30.42 -22.60 2.16
C GLY B 117 31.29 -23.74 1.70
N THR B 118 30.71 -24.94 1.65
CA THR B 118 31.42 -26.13 1.21
C THR B 118 30.59 -26.90 0.19
N LEU B 119 31.24 -27.29 -0.90
CA LEU B 119 30.60 -28.01 -2.00
C LEU B 119 30.46 -29.47 -1.64
N VAL B 120 29.33 -30.05 -2.04
CA VAL B 120 29.05 -31.47 -1.86
C VAL B 120 28.48 -31.96 -3.17
N ILE B 121 29.19 -32.89 -3.82
CA ILE B 121 28.67 -33.51 -5.05
C ILE B 121 28.00 -34.82 -4.72
N VAL B 122 26.84 -35.10 -5.31
CA VAL B 122 26.19 -36.39 -5.13
C VAL B 122 26.28 -37.17 -6.43
N SER B 123 27.27 -38.07 -6.48
CA SER B 123 27.56 -38.86 -7.66
C SER B 123 27.93 -40.29 -7.29
N SER B 124 27.50 -41.24 -8.11
CA SER B 124 27.96 -42.62 -7.99
C SER B 124 29.43 -42.73 -8.45
N ALA B 125 29.83 -41.87 -9.38
CA ALA B 125 31.22 -41.80 -9.89
C ALA B 125 32.25 -41.62 -8.78
N SER B 126 33.37 -42.34 -8.88
CA SER B 126 34.38 -42.33 -7.82
C SER B 126 35.45 -41.28 -8.11
N THR B 127 36.13 -40.90 -7.04
CA THR B 127 37.08 -39.78 -7.06
C THR B 127 38.31 -40.09 -7.92
N LYS B 128 38.90 -39.04 -8.47
CA LYS B 128 40.12 -39.12 -9.27
C LYS B 128 41.06 -37.97 -8.89
N GLY B 129 42.16 -38.29 -8.22
CA GLY B 129 43.17 -37.29 -7.84
C GLY B 129 43.93 -36.82 -9.08
N PRO B 130 44.26 -35.53 -9.15
CA PRO B 130 44.95 -35.00 -10.34
C PRO B 130 46.39 -35.46 -10.50
N SER B 131 46.92 -35.19 -11.69
CA SER B 131 48.35 -35.16 -11.94
C SER B 131 48.72 -33.70 -12.09
N VAL B 132 49.90 -33.35 -11.60
CA VAL B 132 50.34 -31.97 -11.56
C VAL B 132 51.60 -31.90 -12.36
N PHE B 133 51.68 -30.91 -13.24
CA PHE B 133 52.79 -30.75 -14.16
C PHE B 133 53.23 -29.29 -14.11
N PRO B 134 54.52 -29.04 -14.29
CA PRO B 134 55.06 -27.69 -14.21
C PRO B 134 55.13 -26.99 -15.55
N LEU B 135 54.69 -25.75 -15.59
CA LEU B 135 54.68 -24.94 -16.80
C LEU B 135 55.82 -23.95 -16.69
N ALA B 136 56.97 -24.30 -17.26
CA ALA B 136 58.18 -23.52 -17.15
C ALA B 136 58.11 -22.26 -18.01
N PRO B 137 58.74 -21.16 -17.56
CA PRO B 137 58.70 -19.89 -18.28
C PRO B 137 59.65 -19.88 -19.48
N SER B 138 59.19 -19.36 -20.62
CA SER B 138 59.99 -19.41 -21.86
C SER B 138 61.07 -18.31 -21.88
N SER B 139 61.62 -18.00 -23.07
CA SER B 139 62.51 -16.85 -23.27
C SER B 139 61.85 -15.64 -24.00
N LYS B 140 60.66 -15.84 -24.59
CA LYS B 140 59.83 -14.73 -25.10
C LYS B 140 59.28 -13.85 -23.95
N SER B 141 59.19 -14.42 -22.75
CA SER B 141 58.78 -13.68 -21.56
C SER B 141 59.94 -12.92 -20.87
N ALA B 142 61.13 -13.53 -20.77
CA ALA B 142 62.30 -12.94 -20.07
C ALA B 142 63.24 -12.13 -21.00
N SER B 143 63.11 -10.78 -20.98
CA SER B 143 63.96 -9.87 -21.78
C SER B 143 63.97 -8.40 -21.25
N GLY B 144 62.84 -7.71 -21.39
CA GLY B 144 62.68 -6.30 -20.99
C GLY B 144 61.73 -6.04 -19.82
N GLY B 145 60.58 -6.74 -19.80
CA GLY B 145 59.54 -6.60 -18.75
C GLY B 145 59.41 -7.79 -17.82
N THR B 146 58.43 -8.67 -18.09
CA THR B 146 57.92 -9.66 -17.10
C THR B 146 57.71 -11.08 -17.68
N ALA B 147 57.93 -12.11 -16.85
CA ALA B 147 57.75 -13.56 -17.23
C ALA B 147 56.61 -14.28 -16.51
N ALA B 148 56.17 -15.41 -17.06
CA ALA B 148 55.08 -16.23 -16.48
C ALA B 148 55.49 -17.70 -16.38
N LEU B 149 55.13 -18.33 -15.27
CA LEU B 149 55.37 -19.75 -15.04
C LEU B 149 54.22 -20.27 -14.21
N GLY B 150 54.06 -21.59 -14.11
CA GLY B 150 52.84 -22.08 -13.49
C GLY B 150 52.72 -23.56 -13.26
N CYS B 151 51.51 -23.96 -12.89
CA CYS B 151 51.16 -25.36 -12.69
C CYS B 151 49.92 -25.72 -13.47
N LEU B 152 49.92 -26.93 -14.02
CA LEU B 152 48.76 -27.49 -14.67
C LEU B 152 48.31 -28.63 -13.81
N VAL B 153 47.07 -28.58 -13.38
CA VAL B 153 46.51 -29.63 -12.54
C VAL B 153 45.43 -30.28 -13.39
N LYS B 154 45.79 -31.44 -13.95
CA LYS B 154 45.10 -32.11 -15.07
C LYS B 154 44.33 -33.32 -14.58
N ASP B 155 43.09 -33.47 -15.05
CA ASP B 155 42.25 -34.67 -14.90
C ASP B 155 41.96 -35.08 -13.46
N TYR B 156 41.06 -34.34 -12.81
CA TYR B 156 40.55 -34.69 -11.48
C TYR B 156 39.01 -34.72 -11.39
N PHE B 157 38.50 -35.27 -10.30
CA PHE B 157 37.05 -35.27 -10.01
C PHE B 157 36.82 -35.60 -8.53
N PRO B 158 35.90 -34.91 -7.84
CA PRO B 158 35.13 -33.80 -8.36
C PRO B 158 35.88 -32.54 -8.09
N GLU B 159 35.27 -31.40 -8.40
CA GLU B 159 35.81 -30.13 -7.93
C GLU B 159 35.56 -29.98 -6.41
N PRO B 160 36.39 -29.20 -5.71
CA PRO B 160 37.47 -28.39 -6.27
C PRO B 160 38.87 -28.91 -5.95
N VAL B 161 39.84 -28.20 -6.51
CA VAL B 161 41.21 -28.22 -6.02
C VAL B 161 41.50 -26.82 -5.53
N THR B 162 42.48 -26.74 -4.62
CA THR B 162 42.97 -25.50 -4.02
C THR B 162 44.46 -25.44 -4.36
N VAL B 163 44.93 -24.27 -4.80
CA VAL B 163 46.32 -24.10 -5.23
C VAL B 163 46.93 -22.89 -4.54
N SER B 164 48.04 -23.11 -3.84
CA SER B 164 48.84 -22.05 -3.25
C SER B 164 50.24 -22.06 -3.87
N TRP B 165 51.03 -21.06 -3.48
CA TRP B 165 52.40 -20.91 -3.97
C TRP B 165 53.36 -20.55 -2.83
N ASN B 166 54.43 -21.34 -2.70
CA ASN B 166 55.40 -21.22 -1.61
C ASN B 166 54.68 -21.38 -0.28
N SER B 167 53.99 -22.50 -0.16
CA SER B 167 53.23 -22.89 1.04
C SER B 167 52.28 -21.83 1.63
N GLY B 168 51.89 -20.82 0.86
CA GLY B 168 51.08 -19.70 1.35
C GLY B 168 51.74 -18.33 1.24
N ALA B 169 53.08 -18.29 1.11
CA ALA B 169 53.81 -17.02 1.06
C ALA B 169 53.31 -16.16 -0.10
N LEU B 170 53.43 -16.66 -1.32
CA LEU B 170 53.22 -15.84 -2.54
C LEU B 170 51.74 -15.63 -2.91
N THR B 171 51.30 -14.37 -3.01
CA THR B 171 49.92 -14.05 -3.42
C THR B 171 49.76 -12.95 -4.50
N SER B 172 50.63 -11.95 -4.55
CA SER B 172 50.54 -10.95 -5.63
C SER B 172 51.22 -11.56 -6.87
N GLY B 173 50.58 -11.42 -8.02
CA GLY B 173 51.03 -12.07 -9.26
C GLY B 173 50.41 -13.44 -9.53
N VAL B 174 49.99 -14.14 -8.48
CA VAL B 174 49.27 -15.41 -8.61
C VAL B 174 47.88 -15.17 -9.19
N HIS B 175 47.44 -16.12 -9.98
CA HIS B 175 46.17 -16.06 -10.70
C HIS B 175 45.86 -17.53 -11.04
N THR B 176 44.94 -18.13 -10.29
CA THR B 176 44.49 -19.51 -10.47
C THR B 176 43.17 -19.46 -11.22
N PHE B 177 43.12 -20.10 -12.40
CA PHE B 177 41.98 -19.95 -13.31
C PHE B 177 40.87 -20.92 -12.93
N PRO B 178 39.62 -20.60 -13.34
CA PRO B 178 38.59 -21.61 -13.30
C PRO B 178 38.95 -22.83 -14.16
N ALA B 179 38.45 -23.97 -13.73
CA ALA B 179 38.69 -25.22 -14.42
C ALA B 179 37.84 -25.31 -15.68
N VAL B 180 38.28 -26.22 -16.54
CA VAL B 180 37.51 -26.68 -17.70
C VAL B 180 37.00 -28.08 -17.35
N LEU B 181 35.81 -28.40 -17.84
CA LEU B 181 35.29 -29.75 -17.75
C LEU B 181 35.41 -30.36 -19.13
N GLN B 182 36.06 -31.51 -19.21
CA GLN B 182 36.34 -32.15 -20.50
C GLN B 182 35.27 -33.20 -20.82
N SER B 183 35.25 -33.67 -22.07
CA SER B 183 34.39 -34.79 -22.51
C SER B 183 34.41 -35.93 -21.50
N SER B 184 35.63 -36.30 -21.09
CA SER B 184 35.91 -37.29 -20.02
C SER B 184 35.12 -37.17 -18.72
N GLY B 185 34.61 -35.98 -18.40
CA GLY B 185 33.93 -35.75 -17.15
C GLY B 185 34.91 -35.52 -16.02
N LEU B 186 36.15 -35.17 -16.39
CA LEU B 186 37.19 -34.81 -15.45
C LEU B 186 37.61 -33.38 -15.71
N TYR B 187 38.10 -32.76 -14.64
CA TYR B 187 38.37 -31.33 -14.58
C TYR B 187 39.86 -31.10 -14.73
N SER B 188 40.22 -29.96 -15.29
CA SER B 188 41.63 -29.59 -15.39
C SER B 188 41.75 -28.08 -15.20
N LEU B 189 42.72 -27.64 -14.40
CA LEU B 189 42.95 -26.21 -14.21
C LEU B 189 44.42 -25.84 -14.18
N SER B 190 44.68 -24.53 -14.28
CA SER B 190 46.03 -24.00 -14.27
C SER B 190 46.15 -22.78 -13.36
N SER B 191 47.20 -22.75 -12.54
CA SER B 191 47.58 -21.57 -11.79
C SER B 191 48.85 -20.96 -12.40
N VAL B 192 48.84 -19.66 -12.63
CA VAL B 192 49.98 -18.97 -13.22
C VAL B 192 50.50 -17.91 -12.26
N VAL B 193 51.82 -17.72 -12.23
CA VAL B 193 52.45 -16.64 -11.50
C VAL B 193 53.19 -15.78 -12.51
N THR B 194 52.81 -14.51 -12.64
CA THR B 194 53.63 -13.55 -13.39
C THR B 194 54.71 -13.06 -12.40
N VAL B 195 55.90 -12.80 -12.92
CA VAL B 195 57.12 -12.75 -12.08
C VAL B 195 58.18 -11.73 -12.58
N PRO B 196 59.07 -11.26 -11.68
CA PRO B 196 60.28 -10.63 -12.17
C PRO B 196 61.14 -11.64 -12.93
N SER B 197 61.22 -11.49 -14.25
CA SER B 197 62.11 -12.30 -15.07
C SER B 197 63.56 -12.00 -14.68
N SER B 198 64.00 -12.63 -13.60
CA SER B 198 65.37 -12.51 -13.08
C SER B 198 66.27 -13.49 -13.83
N SER B 199 65.76 -14.04 -14.94
CA SER B 199 66.02 -15.41 -15.42
C SER B 199 65.35 -16.52 -14.52
N SER B 200 64.77 -16.13 -13.37
CA SER B 200 64.12 -17.04 -12.38
C SER B 200 64.91 -18.30 -11.95
N GLY B 201 66.25 -18.22 -11.96
CA GLY B 201 67.16 -19.35 -11.74
C GLY B 201 67.05 -20.00 -10.38
N THR B 202 67.51 -19.27 -9.34
CA THR B 202 67.38 -19.71 -7.92
C THR B 202 66.16 -19.11 -7.17
N GLN B 203 65.36 -18.27 -7.84
CA GLN B 203 64.17 -17.62 -7.23
C GLN B 203 63.07 -18.67 -7.15
N THR B 204 62.88 -19.29 -5.98
CA THR B 204 62.15 -20.56 -5.88
C THR B 204 60.60 -20.44 -5.90
N TYR B 205 59.99 -21.16 -6.83
CA TYR B 205 58.53 -21.25 -6.96
C TYR B 205 58.10 -22.70 -6.85
N ILE B 206 57.30 -23.02 -5.85
CA ILE B 206 56.67 -24.32 -5.70
C ILE B 206 55.16 -24.09 -5.54
N CYS B 207 54.37 -24.62 -6.49
CA CYS B 207 52.92 -24.65 -6.31
C CYS B 207 52.52 -25.85 -5.44
N ASN B 208 51.47 -25.66 -4.65
CA ASN B 208 50.99 -26.63 -3.68
C ASN B 208 49.52 -26.89 -4.00
N VAL B 209 49.24 -28.09 -4.50
CA VAL B 209 47.91 -28.44 -5.00
C VAL B 209 47.24 -29.35 -3.97
N ASN B 210 46.01 -29.03 -3.57
CA ASN B 210 45.25 -29.90 -2.70
C ASN B 210 43.86 -30.24 -3.24
N HIS B 211 43.59 -31.55 -3.42
CA HIS B 211 42.28 -32.07 -3.81
C HIS B 211 41.80 -32.96 -2.66
N LYS B 212 40.97 -32.40 -1.78
CA LYS B 212 40.55 -33.11 -0.56
C LYS B 212 39.87 -34.47 -0.84
N PRO B 213 38.95 -34.55 -1.84
CA PRO B 213 38.21 -35.82 -2.00
C PRO B 213 39.03 -37.07 -2.37
N SER B 214 40.28 -36.89 -2.80
CA SER B 214 41.21 -37.99 -3.07
C SER B 214 42.45 -38.00 -2.16
N ASN B 215 42.41 -37.24 -1.06
CA ASN B 215 43.57 -37.05 -0.18
C ASN B 215 44.87 -36.78 -0.92
N THR B 216 44.77 -36.01 -2.00
CA THR B 216 45.92 -35.66 -2.81
C THR B 216 46.41 -34.27 -2.39
N LYS B 217 47.61 -34.22 -1.81
CA LYS B 217 48.38 -32.98 -1.71
C LYS B 217 49.70 -33.24 -2.45
N VAL B 218 50.17 -32.21 -3.17
CA VAL B 218 51.28 -32.34 -4.11
C VAL B 218 52.03 -31.02 -4.21
N ASP B 219 53.34 -31.07 -4.03
CA ASP B 219 54.21 -29.90 -4.16
C ASP B 219 55.13 -30.11 -5.33
N LYS B 220 54.75 -29.58 -6.49
CA LYS B 220 55.63 -29.61 -7.65
C LYS B 220 56.40 -28.33 -7.65
N ARG B 221 57.72 -28.46 -7.64
CA ARG B 221 58.58 -27.31 -7.83
C ARG B 221 58.55 -27.04 -9.32
N VAL B 222 58.17 -25.83 -9.70
CA VAL B 222 58.24 -25.40 -11.09
C VAL B 222 59.70 -25.10 -11.34
N GLU B 223 60.45 -26.14 -11.68
CA GLU B 223 61.87 -26.01 -12.02
C GLU B 223 61.90 -25.18 -13.31
N PRO B 224 62.26 -23.89 -13.18
CA PRO B 224 62.08 -22.98 -14.30
C PRO B 224 63.08 -23.18 -15.43
N LYS B 225 64.00 -24.14 -15.30
CA LYS B 225 64.78 -24.66 -16.42
C LYS B 225 63.83 -24.99 -17.55
N SER B 226 63.58 -24.01 -18.41
CA SER B 226 62.62 -24.16 -19.51
C SER B 226 63.03 -25.35 -20.38
N CYS B 227 62.39 -26.50 -20.13
CA CYS B 227 62.73 -27.84 -20.69
C CYS B 227 64.20 -28.34 -20.67
N ASP B 228 65.19 -27.47 -20.43
CA ASP B 228 66.61 -27.81 -20.57
C ASP B 228 67.08 -28.47 -19.27
N LYS B 229 66.87 -29.78 -19.18
CA LYS B 229 67.06 -30.55 -17.94
C LYS B 229 68.41 -31.26 -17.87
N THR B 230 68.66 -32.16 -18.82
CA THR B 230 69.87 -32.98 -18.86
C THR B 230 70.28 -33.29 -20.31
N GLN C 1 2.73 -19.78 3.93
CA GLN C 1 3.69 -18.73 4.26
C GLN C 1 4.26 -17.97 3.01
N VAL C 2 4.82 -16.80 3.29
CA VAL C 2 5.26 -15.81 2.33
C VAL C 2 6.23 -16.35 1.26
N GLU C 3 6.21 -15.65 0.10
CA GLU C 3 7.16 -15.81 -0.99
C GLU C 3 7.78 -14.47 -1.39
N LEU C 4 9.01 -14.48 -1.87
CA LEU C 4 9.70 -13.26 -2.33
C LEU C 4 9.99 -13.36 -3.79
N THR C 5 9.78 -12.29 -4.55
CA THR C 5 10.00 -12.30 -5.99
C THR C 5 10.95 -11.20 -6.41
N GLN C 6 12.13 -11.60 -6.88
CA GLN C 6 13.06 -10.67 -7.47
C GLN C 6 13.31 -10.99 -8.96
N SER C 7 13.14 -10.02 -9.85
CA SER C 7 13.53 -10.25 -11.21
C SER C 7 15.04 -10.64 -11.16
N PRO C 8 15.51 -11.54 -12.06
CA PRO C 8 16.88 -12.10 -12.01
C PRO C 8 18.06 -11.21 -12.28
N SER C 9 17.85 -10.11 -13.00
CA SER C 9 18.96 -9.27 -13.45
C SER C 9 18.65 -7.77 -13.46
N ALA C 10 19.69 -7.00 -13.20
CA ALA C 10 19.70 -5.56 -13.28
C ALA C 10 21.06 -5.07 -13.83
N SER C 11 21.04 -3.90 -14.46
CA SER C 11 22.29 -3.21 -14.85
C SER C 11 22.21 -1.69 -14.67
N ALA C 12 23.39 -1.10 -14.42
CA ALA C 12 23.52 0.34 -14.15
C ALA C 12 24.96 0.76 -14.29
N SER C 13 25.16 2.05 -14.49
CA SER C 13 26.49 2.59 -14.74
C SER C 13 27.21 2.99 -13.46
N LEU C 14 28.53 2.83 -13.45
CA LEU C 14 29.37 3.29 -12.34
C LEU C 14 29.01 4.71 -11.95
N GLY C 15 29.00 4.99 -10.66
CA GLY C 15 28.62 6.30 -10.17
C GLY C 15 27.14 6.54 -9.91
N THR C 16 26.25 5.76 -10.53
CA THR C 16 24.81 6.03 -10.41
C THR C 16 24.24 5.44 -9.12
N SER C 17 22.97 5.73 -8.86
CA SER C 17 22.24 4.96 -7.89
C SER C 17 21.60 3.83 -8.65
N VAL C 18 21.44 2.70 -7.99
CA VAL C 18 20.68 1.56 -8.49
C VAL C 18 19.67 1.28 -7.44
N LYS C 19 18.53 0.78 -7.86
CA LYS C 19 17.46 0.45 -6.96
C LYS C 19 17.00 -0.95 -7.30
N LEU C 20 17.54 -1.93 -6.57
CA LEU C 20 17.06 -3.29 -6.65
C LEU C 20 15.69 -3.48 -5.92
N THR C 21 14.83 -4.35 -6.47
CA THR C 21 13.48 -4.61 -5.94
C THR C 21 13.24 -6.07 -5.46
N CYS C 22 12.62 -6.21 -4.29
CA CYS C 22 12.11 -7.48 -3.77
C CYS C 22 10.62 -7.28 -3.60
N THR C 23 9.82 -8.25 -4.06
CA THR C 23 8.37 -8.11 -3.99
C THR C 23 7.77 -9.21 -3.11
N LEU C 24 7.18 -8.79 -1.99
CA LEU C 24 6.46 -9.68 -1.11
C LEU C 24 5.20 -10.16 -1.78
N SER C 25 4.93 -11.46 -1.65
CA SER C 25 3.65 -12.04 -2.08
C SER C 25 2.42 -11.31 -1.52
N SER C 26 1.32 -11.48 -2.25
CA SER C 26 0.05 -10.83 -1.96
C SER C 26 -0.41 -11.27 -0.57
N GLY C 27 -0.79 -10.31 0.27
CA GLY C 27 -1.18 -10.59 1.65
C GLY C 27 -0.03 -10.63 2.65
N HIS C 28 1.12 -10.06 2.30
CA HIS C 28 2.25 -9.96 3.24
C HIS C 28 2.96 -8.63 3.11
N SER C 29 2.21 -7.59 2.83
CA SER C 29 2.80 -6.30 2.50
C SER C 29 3.33 -5.58 3.72
N THR C 30 2.93 -6.02 4.91
CA THR C 30 3.46 -5.50 6.18
C THR C 30 4.73 -6.21 6.75
N TYR C 31 5.31 -7.13 5.98
CA TYR C 31 6.43 -7.92 6.42
C TYR C 31 7.71 -7.12 6.37
N ALA C 32 8.71 -7.53 7.14
CA ALA C 32 10.04 -6.91 7.10
C ALA C 32 10.97 -7.91 6.48
N ILE C 33 12.14 -7.46 6.06
CA ILE C 33 13.07 -8.33 5.36
C ILE C 33 14.49 -7.93 5.65
N ALA C 34 15.39 -8.79 5.18
CA ALA C 34 16.80 -8.53 5.18
C ALA C 34 17.26 -8.60 3.77
N TRP C 35 18.47 -8.08 3.53
CA TRP C 35 19.13 -8.12 2.23
C TRP C 35 20.51 -8.71 2.43
N HIS C 36 20.96 -9.50 1.46
CA HIS C 36 22.30 -10.11 1.48
C HIS C 36 22.96 -9.97 0.11
N GLN C 37 24.28 -9.94 0.11
CA GLN C 37 25.06 -9.82 -1.11
C GLN C 37 25.95 -11.04 -1.24
N GLN C 38 25.96 -11.67 -2.41
CA GLN C 38 26.88 -12.75 -2.69
C GLN C 38 27.74 -12.34 -3.87
N ARG C 39 29.00 -11.97 -3.63
CA ARG C 39 29.94 -11.70 -4.75
C ARG C 39 30.26 -13.07 -5.35
N PRO C 40 30.82 -13.10 -6.57
CA PRO C 40 30.84 -14.39 -7.27
C PRO C 40 31.76 -15.41 -6.63
N GLY C 41 31.22 -16.60 -6.42
CA GLY C 41 31.94 -17.71 -5.81
C GLY C 41 32.23 -17.63 -4.32
N LYS C 42 31.73 -16.61 -3.65
CA LYS C 42 31.95 -16.42 -2.22
C LYS C 42 30.67 -16.76 -1.46
N GLY C 43 30.71 -16.63 -0.13
CA GLY C 43 29.52 -16.72 0.71
C GLY C 43 28.74 -15.42 0.69
N PRO C 44 27.44 -15.48 1.02
CA PRO C 44 26.74 -14.22 1.16
C PRO C 44 27.25 -13.40 2.35
N ARG C 45 26.89 -12.12 2.36
CA ARG C 45 27.25 -11.15 3.38
C ARG C 45 25.95 -10.40 3.69
N TYR C 46 25.49 -10.43 4.95
CA TYR C 46 24.31 -9.66 5.37
C TYR C 46 24.58 -8.19 5.18
N LEU C 47 23.63 -7.48 4.57
CA LEU C 47 23.76 -6.04 4.32
C LEU C 47 22.93 -5.16 5.28
N MET C 48 21.66 -5.51 5.48
CA MET C 48 20.75 -4.73 6.34
C MET C 48 19.45 -5.48 6.50
N ASN C 49 18.70 -5.09 7.53
CA ASN C 49 17.31 -5.50 7.60
C ASN C 49 16.50 -4.28 7.25
N LEU C 50 15.19 -4.48 7.03
CA LEU C 50 14.33 -3.44 6.48
C LEU C 50 12.89 -3.63 6.90
N SER C 51 12.33 -2.61 7.55
CA SER C 51 10.96 -2.61 8.00
C SER C 51 9.95 -2.38 6.90
N SER C 52 8.69 -2.66 7.19
CA SER C 52 7.66 -2.44 6.20
C SER C 52 7.52 -0.98 5.85
N GLY C 53 7.85 -0.09 6.76
CA GLY C 53 7.73 1.33 6.49
C GLY C 53 9.02 2.02 6.14
N GLY C 54 10.02 1.26 5.67
CA GLY C 54 11.26 1.80 5.06
C GLY C 54 12.51 1.99 5.96
N ARG C 55 12.40 1.68 7.25
CA ARG C 55 13.57 1.82 8.10
C ARG C 55 14.60 0.72 7.87
N HIS C 56 15.79 1.12 7.45
CA HIS C 56 16.85 0.20 7.12
C HIS C 56 17.89 0.30 8.22
N THR C 57 18.49 -0.83 8.58
CA THR C 57 19.49 -0.86 9.65
C THR C 57 20.62 -1.74 9.16
N ARG C 58 21.74 -1.10 8.81
CA ARG C 58 22.82 -1.85 8.19
C ARG C 58 23.47 -2.82 9.13
N GLY C 59 24.10 -3.81 8.55
CA GLY C 59 24.97 -4.69 9.31
C GLY C 59 26.27 -3.97 9.62
N ASP C 60 27.14 -4.66 10.36
CA ASP C 60 28.43 -4.10 10.70
C ASP C 60 29.28 -4.01 9.45
N GLY C 61 29.97 -2.88 9.33
CA GLY C 61 30.95 -2.67 8.28
C GLY C 61 30.43 -2.63 6.87
N ILE C 62 29.14 -2.37 6.70
CA ILE C 62 28.53 -2.26 5.39
C ILE C 62 28.48 -0.75 5.15
N PRO C 63 29.03 -0.26 4.02
CA PRO C 63 29.09 1.20 3.80
C PRO C 63 27.77 1.98 3.79
N ASP C 64 27.85 3.30 3.99
CA ASP C 64 26.71 4.24 4.07
C ASP C 64 25.87 4.19 2.81
N ARG C 65 26.51 4.00 1.67
CA ARG C 65 25.84 4.04 0.39
C ARG C 65 24.86 2.90 0.13
N PHE C 66 24.90 1.85 0.94
CA PHE C 66 23.80 0.86 0.93
C PHE C 66 22.67 1.39 1.78
N SER C 67 21.44 1.25 1.31
CA SER C 67 20.29 1.70 2.09
C SER C 67 19.07 0.99 1.61
N GLY C 68 17.90 1.32 2.16
CA GLY C 68 16.68 0.68 1.71
C GLY C 68 15.41 1.43 2.04
N SER C 69 14.36 1.07 1.32
CA SER C 69 13.04 1.67 1.50
C SER C 69 11.96 0.73 1.07
N SER C 70 10.71 1.13 1.29
CA SER C 70 9.57 0.27 1.02
C SER C 70 8.47 1.06 0.36
N SER C 71 7.71 0.38 -0.49
CA SER C 71 6.47 0.89 -1.07
C SER C 71 5.53 -0.32 -1.18
N GLY C 72 4.44 -0.30 -0.45
CA GLY C 72 3.51 -1.41 -0.44
C GLY C 72 4.21 -2.72 -0.19
N ALA C 73 4.00 -3.68 -1.08
CA ALA C 73 4.67 -4.98 -1.04
C ALA C 73 6.11 -4.99 -1.55
N ASP C 74 6.56 -3.91 -2.18
CA ASP C 74 7.94 -3.87 -2.63
C ASP C 74 8.92 -3.39 -1.54
N ARG C 75 10.10 -3.99 -1.54
CA ARG C 75 11.21 -3.65 -0.66
C ARG C 75 12.39 -3.34 -1.55
N TYR C 76 13.01 -2.19 -1.36
CA TYR C 76 14.09 -1.73 -2.22
C TYR C 76 15.42 -1.76 -1.50
N LEU C 77 16.48 -1.98 -2.26
CA LEU C 77 17.83 -1.84 -1.78
C LEU C 77 18.45 -0.79 -2.69
N ILE C 78 18.69 0.42 -2.17
CA ILE C 78 19.41 1.44 -2.93
C ILE C 78 20.91 1.31 -2.70
N ILE C 79 21.67 1.17 -3.79
CA ILE C 79 23.12 1.30 -3.78
C ILE C 79 23.45 2.60 -4.49
N SER C 80 23.93 3.60 -3.77
CA SER C 80 24.30 4.87 -4.39
C SER C 80 25.80 4.90 -4.68
N SER C 81 26.21 5.84 -5.51
CA SER C 81 27.58 5.90 -6.00
C SER C 81 28.16 4.51 -6.29
N LEU C 82 27.51 3.84 -7.23
CA LEU C 82 27.76 2.44 -7.55
C LEU C 82 29.17 2.19 -8.01
N GLN C 83 29.80 1.17 -7.44
CA GLN C 83 31.22 0.86 -7.70
C GLN C 83 31.39 -0.53 -8.25
N SER C 84 32.50 -0.77 -8.94
CA SER C 84 32.60 -2.00 -9.71
C SER C 84 32.69 -3.25 -8.84
N GLU C 85 33.06 -3.09 -7.58
CA GLU C 85 32.95 -4.18 -6.60
C GLU C 85 31.52 -4.42 -6.03
N ASP C 86 30.50 -3.82 -6.65
CA ASP C 86 29.11 -4.09 -6.27
C ASP C 86 28.47 -5.06 -7.23
N GLU C 87 29.20 -5.44 -8.26
CA GLU C 87 28.74 -6.48 -9.19
C GLU C 87 28.57 -7.79 -8.38
N ALA C 88 27.32 -8.22 -8.19
CA ALA C 88 27.01 -9.37 -7.34
C ALA C 88 25.54 -9.80 -7.41
N ASP C 89 25.24 -10.99 -6.92
CA ASP C 89 23.86 -11.41 -6.70
C ASP C 89 23.38 -10.88 -5.36
N TYR C 90 22.22 -10.22 -5.35
CA TYR C 90 21.64 -9.70 -4.13
C TYR C 90 20.38 -10.49 -3.85
N TYR C 91 20.37 -11.20 -2.73
CA TYR C 91 19.18 -11.90 -2.27
C TYR C 91 18.47 -11.14 -1.18
N CYS C 92 17.16 -10.99 -1.30
CA CYS C 92 16.34 -10.60 -0.16
C CYS C 92 15.99 -11.86 0.63
N GLN C 93 15.77 -11.72 1.94
CA GLN C 93 15.14 -12.80 2.74
C GLN C 93 14.24 -12.24 3.79
N THR C 94 13.23 -13.05 4.11
CA THR C 94 12.32 -12.77 5.20
C THR C 94 12.09 -14.05 5.99
N TRP C 95 11.00 -14.05 6.75
CA TRP C 95 10.69 -15.11 7.70
C TRP C 95 9.19 -15.14 7.88
N ASP C 96 8.66 -16.33 8.07
CA ASP C 96 7.25 -16.50 8.35
C ASP C 96 7.20 -17.81 9.15
N ALA C 97 6.55 -18.87 8.68
CA ALA C 97 6.72 -20.18 9.31
C ALA C 97 8.16 -20.67 9.23
N GLY C 98 8.84 -20.32 8.14
CA GLY C 98 10.20 -20.73 7.87
C GLY C 98 11.03 -19.51 7.58
N MET C 99 12.30 -19.70 7.27
CA MET C 99 13.12 -18.65 6.68
C MET C 99 12.98 -18.79 5.17
N VAL C 100 12.69 -17.69 4.48
CA VAL C 100 12.58 -17.72 3.01
C VAL C 100 13.46 -16.67 2.32
N PHE C 101 13.97 -17.05 1.15
CA PHE C 101 14.80 -16.21 0.30
C PHE C 101 14.11 -15.87 -1.00
N GLY C 102 14.46 -14.71 -1.53
CA GLY C 102 14.27 -14.41 -2.94
C GLY C 102 15.23 -15.22 -3.83
N GLY C 103 14.94 -15.21 -5.13
CA GLY C 103 15.74 -15.91 -6.13
C GLY C 103 17.02 -15.24 -6.51
N GLY C 104 17.19 -14.01 -6.08
CA GLY C 104 18.40 -13.28 -6.34
C GLY C 104 18.29 -12.45 -7.59
N THR C 105 19.08 -11.39 -7.62
CA THR C 105 19.13 -10.44 -8.71
C THR C 105 20.60 -10.21 -8.96
N LYS C 106 21.07 -10.66 -10.12
CA LYS C 106 22.45 -10.48 -10.47
C LYS C 106 22.60 -9.09 -11.02
N LEU C 107 23.36 -8.25 -10.32
CA LEU C 107 23.65 -6.88 -10.76
C LEU C 107 24.92 -6.86 -11.56
N THR C 108 24.88 -6.21 -12.71
CA THR C 108 26.05 -6.00 -13.55
C THR C 108 26.33 -4.52 -13.54
N VAL C 109 27.60 -4.17 -13.39
CA VAL C 109 27.99 -2.76 -13.28
C VAL C 109 28.74 -2.37 -14.56
N LEU C 110 28.18 -1.39 -15.23
CA LEU C 110 28.62 -1.02 -16.55
C LEU C 110 29.37 0.28 -16.46
N GLY C 111 30.22 0.53 -17.44
CA GLY C 111 31.00 1.75 -17.51
C GLY C 111 32.50 1.56 -17.47
N GLN C 112 32.98 0.42 -16.96
CA GLN C 112 34.42 0.11 -17.01
C GLN C 112 34.95 0.10 -18.43
N SER C 113 36.23 0.40 -18.56
CA SER C 113 36.84 0.72 -19.86
C SER C 113 37.26 -0.56 -20.59
N LYS C 114 37.08 -0.57 -21.92
CA LYS C 114 37.41 -1.72 -22.77
C LYS C 114 38.90 -2.06 -22.54
N ALA C 115 39.20 -3.34 -22.34
CA ALA C 115 40.58 -3.81 -22.14
C ALA C 115 40.78 -5.05 -22.99
N ALA C 116 41.93 -5.11 -23.69
CA ALA C 116 42.20 -6.23 -24.58
C ALA C 116 42.81 -7.37 -23.77
N PRO C 117 42.67 -8.61 -24.29
CA PRO C 117 43.05 -9.76 -23.48
C PRO C 117 44.54 -9.93 -23.39
N SER C 118 44.96 -10.73 -22.43
CA SER C 118 46.36 -10.90 -22.13
C SER C 118 46.70 -12.40 -22.13
N VAL C 119 47.02 -12.90 -23.32
CA VAL C 119 47.21 -14.34 -23.52
C VAL C 119 48.64 -14.71 -23.19
N THR C 120 48.84 -15.87 -22.56
CA THR C 120 50.18 -16.42 -22.35
C THR C 120 50.06 -17.92 -22.59
N LEU C 121 50.88 -18.46 -23.48
CA LEU C 121 50.73 -19.82 -24.01
C LEU C 121 51.86 -20.73 -23.58
N PHE C 122 51.54 -21.83 -22.92
CA PHE C 122 52.54 -22.81 -22.53
C PHE C 122 52.50 -23.99 -23.50
N PRO C 123 53.67 -24.59 -23.78
CA PRO C 123 53.75 -25.88 -24.47
C PRO C 123 53.63 -27.01 -23.47
N PRO C 124 53.74 -28.27 -23.93
CA PRO C 124 53.69 -29.40 -22.99
C PRO C 124 54.95 -29.47 -22.16
N SER C 125 54.80 -29.86 -20.90
CA SER C 125 55.92 -30.01 -19.98
C SER C 125 56.67 -31.27 -20.36
N SER C 126 57.98 -31.27 -20.16
CA SER C 126 58.78 -32.48 -20.36
C SER C 126 58.21 -33.66 -19.58
N GLU C 127 57.74 -33.39 -18.36
CA GLU C 127 57.12 -34.42 -17.53
C GLU C 127 55.95 -35.06 -18.23
N GLU C 128 55.05 -34.23 -18.78
CA GLU C 128 53.83 -34.74 -19.42
C GLU C 128 54.12 -35.60 -20.64
N LEU C 129 54.96 -35.07 -21.54
CA LEU C 129 55.45 -35.80 -22.72
C LEU C 129 56.03 -37.17 -22.36
N GLN C 130 56.76 -37.23 -21.25
CA GLN C 130 57.33 -38.49 -20.78
C GLN C 130 56.26 -39.45 -20.30
N ALA C 131 55.12 -38.89 -19.86
CA ALA C 131 53.92 -39.69 -19.55
C ALA C 131 53.04 -40.05 -20.79
N ASN C 132 53.59 -39.88 -21.99
CA ASN C 132 52.90 -40.12 -23.26
C ASN C 132 51.58 -39.34 -23.37
N LYS C 133 51.61 -38.08 -22.92
CA LYS C 133 50.51 -37.12 -23.12
C LYS C 133 51.12 -35.79 -23.49
N ALA C 134 50.30 -34.88 -23.95
CA ALA C 134 50.75 -33.55 -24.29
C ALA C 134 49.56 -32.59 -24.30
N THR C 135 49.68 -31.49 -23.57
CA THR C 135 48.65 -30.49 -23.46
C THR C 135 49.27 -29.13 -23.64
N LEU C 136 48.68 -28.31 -24.50
CA LEU C 136 49.04 -26.92 -24.60
C LEU C 136 47.97 -26.17 -23.86
N VAL C 137 48.36 -25.14 -23.09
CA VAL C 137 47.39 -24.32 -22.33
C VAL C 137 47.54 -22.84 -22.71
N CYS C 138 46.46 -22.26 -23.22
CA CYS C 138 46.41 -20.89 -23.68
C CYS C 138 45.54 -20.17 -22.63
N LEU C 139 46.19 -19.34 -21.79
CA LEU C 139 45.55 -18.66 -20.65
C LEU C 139 45.32 -17.19 -20.90
N ILE C 140 44.05 -16.80 -20.93
CA ILE C 140 43.59 -15.48 -21.35
C ILE C 140 43.04 -14.77 -20.13
N SER C 141 43.45 -13.52 -19.93
CA SER C 141 43.07 -12.74 -18.75
C SER C 141 42.96 -11.25 -19.08
N ASP C 142 42.29 -10.50 -18.21
CA ASP C 142 42.26 -9.02 -18.25
C ASP C 142 41.56 -8.40 -19.47
N PHE C 143 40.40 -8.93 -19.83
CA PHE C 143 39.62 -8.32 -20.91
C PHE C 143 38.26 -7.84 -20.43
N TYR C 144 37.77 -6.78 -21.07
CA TYR C 144 36.38 -6.32 -20.96
C TYR C 144 35.99 -5.77 -22.34
N PRO C 145 34.81 -6.11 -22.87
CA PRO C 145 33.86 -7.06 -22.29
C PRO C 145 34.33 -8.53 -22.42
N GLY C 146 33.50 -9.47 -21.96
CA GLY C 146 33.86 -10.90 -21.90
C GLY C 146 33.57 -11.75 -23.13
N ALA C 147 33.28 -11.14 -24.28
CA ALA C 147 33.12 -11.88 -25.53
C ALA C 147 34.49 -12.16 -26.11
N VAL C 148 34.86 -13.44 -26.16
CA VAL C 148 36.18 -13.86 -26.63
C VAL C 148 36.03 -15.13 -27.47
N THR C 149 36.55 -15.13 -28.69
CA THR C 149 36.54 -16.33 -29.52
C THR C 149 37.99 -16.79 -29.69
N VAL C 150 38.27 -18.06 -29.36
CA VAL C 150 39.63 -18.65 -29.42
C VAL C 150 39.81 -19.62 -30.59
N ALA C 151 40.97 -19.50 -31.26
CA ALA C 151 41.25 -20.27 -32.47
C ALA C 151 42.67 -20.86 -32.42
N TRP C 152 42.79 -22.19 -32.48
CA TRP C 152 44.10 -22.83 -32.52
C TRP C 152 44.57 -23.12 -33.94
N LYS C 153 45.88 -22.99 -34.12
CA LYS C 153 46.53 -23.22 -35.40
C LYS C 153 47.64 -24.24 -35.18
N ALA C 154 47.70 -25.22 -36.08
CA ALA C 154 48.82 -26.14 -36.18
C ALA C 154 49.60 -25.67 -37.41
N ASP C 155 50.84 -25.24 -37.18
CA ASP C 155 51.62 -24.50 -38.17
C ASP C 155 50.82 -23.27 -38.60
N SER C 156 50.13 -23.34 -39.72
CA SER C 156 49.35 -22.20 -40.18
C SER C 156 47.87 -22.51 -40.47
N SER C 157 47.46 -23.78 -40.32
CA SER C 157 46.11 -24.21 -40.69
C SER C 157 45.31 -24.65 -39.45
N PRO C 158 43.96 -24.54 -39.50
CA PRO C 158 43.15 -24.66 -38.26
C PRO C 158 43.09 -26.07 -37.65
N VAL C 159 43.00 -26.13 -36.32
CA VAL C 159 42.87 -27.39 -35.61
C VAL C 159 41.40 -27.56 -35.22
N LYS C 160 40.86 -28.76 -35.45
CA LYS C 160 39.46 -29.03 -35.17
C LYS C 160 39.34 -29.90 -33.93
N ALA C 161 39.87 -31.12 -33.98
CA ALA C 161 39.94 -31.95 -32.76
C ALA C 161 40.87 -31.38 -31.68
N GLY C 162 40.58 -31.75 -30.42
CA GLY C 162 41.48 -31.52 -29.28
C GLY C 162 41.11 -30.43 -28.27
N VAL C 163 40.44 -29.39 -28.74
CA VAL C 163 40.27 -28.15 -27.96
C VAL C 163 39.08 -28.15 -26.96
N GLU C 164 39.30 -27.55 -25.79
CA GLU C 164 38.30 -27.33 -24.73
C GLU C 164 38.54 -25.95 -24.15
N THR C 165 37.55 -25.06 -24.20
CA THR C 165 37.70 -23.66 -23.79
C THR C 165 36.64 -23.27 -22.75
N THR C 166 37.07 -22.69 -21.62
CA THR C 166 36.16 -22.32 -20.53
C THR C 166 35.39 -21.07 -20.92
N THR C 167 34.13 -20.97 -20.47
CA THR C 167 33.38 -19.75 -20.66
C THR C 167 33.95 -18.68 -19.72
N PRO C 168 33.91 -17.40 -20.13
CA PRO C 168 34.66 -16.41 -19.37
C PRO C 168 33.97 -15.98 -18.07
N SER C 169 34.77 -15.64 -17.07
CA SER C 169 34.29 -15.34 -15.72
C SER C 169 34.95 -14.07 -15.16
N LYS C 170 34.18 -13.22 -14.47
CA LYS C 170 34.72 -12.05 -13.78
C LYS C 170 35.80 -12.49 -12.80
N GLN C 171 36.67 -11.57 -12.38
CA GLN C 171 37.77 -11.90 -11.44
C GLN C 171 38.13 -10.79 -10.44
N SER C 172 38.98 -11.15 -9.48
CA SER C 172 39.46 -10.23 -8.43
C SER C 172 39.87 -8.87 -8.97
N ASN C 173 40.46 -8.83 -10.17
CA ASN C 173 40.75 -7.56 -10.86
C ASN C 173 39.52 -6.86 -11.54
N ASN C 174 38.30 -7.36 -11.32
CA ASN C 174 37.09 -6.98 -12.07
C ASN C 174 37.23 -6.91 -13.61
N LYS C 175 38.02 -7.85 -14.15
CA LYS C 175 38.14 -8.11 -15.59
C LYS C 175 38.05 -9.63 -15.87
N TYR C 176 37.58 -9.98 -17.08
CA TYR C 176 37.28 -11.37 -17.44
C TYR C 176 38.52 -12.22 -17.73
N ALA C 177 38.31 -13.54 -17.77
CA ALA C 177 39.36 -14.53 -17.98
C ALA C 177 38.84 -15.81 -18.66
N ALA C 178 39.74 -16.57 -19.27
CA ALA C 178 39.41 -17.92 -19.76
C ALA C 178 40.66 -18.79 -19.97
N SER C 179 40.47 -20.09 -19.82
CA SER C 179 41.48 -21.08 -20.13
C SER C 179 41.05 -21.73 -21.46
N SER C 180 42.02 -22.11 -22.30
CA SER C 180 41.78 -23.05 -23.40
C SER C 180 42.85 -24.16 -23.44
N TYR C 181 42.42 -25.41 -23.34
CA TYR C 181 43.32 -26.54 -23.34
C TYR C 181 43.21 -27.32 -24.65
N LEU C 182 44.33 -27.42 -25.39
CA LEU C 182 44.44 -28.34 -26.55
C LEU C 182 45.15 -29.64 -26.16
N SER C 183 44.49 -30.78 -26.33
CA SER C 183 45.09 -32.06 -25.96
C SER C 183 45.47 -32.89 -27.18
N LEU C 184 46.76 -33.25 -27.22
CA LEU C 184 47.40 -33.97 -28.32
C LEU C 184 48.10 -35.19 -27.79
N THR C 185 48.56 -36.04 -28.71
CA THR C 185 49.60 -37.01 -28.39
C THR C 185 50.94 -36.36 -28.72
N PRO C 186 52.01 -36.79 -28.02
CA PRO C 186 53.34 -36.25 -28.29
C PRO C 186 53.71 -36.26 -29.77
N GLU C 187 53.27 -37.31 -30.46
CA GLU C 187 53.63 -37.54 -31.86
C GLU C 187 53.00 -36.47 -32.75
N GLN C 188 51.74 -36.12 -32.43
CA GLN C 188 51.03 -35.04 -33.12
C GLN C 188 51.68 -33.71 -32.84
N TRP C 189 52.00 -33.45 -31.57
CA TRP C 189 52.72 -32.24 -31.13
C TRP C 189 54.02 -32.03 -31.93
N LYS C 190 54.79 -33.11 -32.09
CA LYS C 190 56.04 -33.09 -32.84
C LYS C 190 55.88 -33.05 -34.37
N SER C 191 54.71 -33.41 -34.88
CA SER C 191 54.39 -33.35 -36.32
C SER C 191 54.22 -31.94 -36.93
N HIS C 192 54.31 -30.88 -36.13
CA HIS C 192 54.27 -29.52 -36.65
C HIS C 192 55.41 -28.66 -36.06
N ARG C 193 55.74 -27.61 -36.79
CA ARG C 193 56.81 -26.68 -36.41
C ARG C 193 56.42 -25.69 -35.30
N SER C 194 55.13 -25.41 -35.17
CA SER C 194 54.62 -24.49 -34.16
C SER C 194 53.10 -24.48 -34.10
N TYR C 195 52.54 -24.55 -32.90
CA TYR C 195 51.11 -24.24 -32.69
C TYR C 195 50.91 -22.81 -32.21
N SER C 196 49.76 -22.26 -32.55
CA SER C 196 49.38 -20.95 -32.03
C SER C 196 47.98 -21.03 -31.48
N CYS C 197 47.71 -20.27 -30.41
CA CYS C 197 46.34 -20.00 -30.02
C CYS C 197 46.13 -18.53 -30.34
N GLN C 198 44.94 -18.22 -30.87
CA GLN C 198 44.60 -16.90 -31.39
C GLN C 198 43.30 -16.40 -30.75
N VAL C 199 43.44 -15.50 -29.81
CA VAL C 199 42.32 -14.91 -29.13
C VAL C 199 41.93 -13.65 -29.87
N THR C 200 40.71 -13.63 -30.40
CA THR C 200 40.16 -12.43 -31.02
C THR C 200 39.02 -11.92 -30.15
N HIS C 201 39.08 -10.63 -29.83
CA HIS C 201 38.21 -9.99 -28.83
C HIS C 201 37.97 -8.55 -29.24
N GLU C 202 36.70 -8.19 -29.41
CA GLU C 202 36.31 -6.90 -30.01
C GLU C 202 37.02 -6.73 -31.35
N GLY C 203 36.75 -7.67 -32.26
CA GLY C 203 37.32 -7.69 -33.62
C GLY C 203 38.80 -7.36 -33.73
N SER C 204 39.60 -7.90 -32.82
CA SER C 204 41.03 -7.60 -32.75
C SER C 204 41.73 -8.79 -32.12
N THR C 205 42.65 -9.41 -32.88
CA THR C 205 43.28 -10.68 -32.51
C THR C 205 44.63 -10.54 -31.84
N VAL C 206 44.79 -11.23 -30.71
CA VAL C 206 46.05 -11.38 -30.03
C VAL C 206 46.49 -12.82 -30.26
N GLU C 207 47.76 -13.01 -30.61
CA GLU C 207 48.33 -14.33 -30.92
C GLU C 207 49.53 -14.62 -30.00
N LYS C 208 49.67 -15.87 -29.59
CA LYS C 208 50.95 -16.38 -29.10
C LYS C 208 51.25 -17.68 -29.82
N THR C 209 52.50 -18.10 -29.77
CA THR C 209 53.01 -19.23 -30.55
C THR C 209 54.10 -19.98 -29.80
N VAL C 210 54.05 -21.32 -29.84
CA VAL C 210 55.10 -22.15 -29.25
C VAL C 210 55.58 -23.21 -30.24
N ALA C 211 56.79 -23.71 -30.00
CA ALA C 211 57.42 -24.71 -30.86
C ALA C 211 57.82 -25.88 -29.99
N PRO C 212 58.34 -26.98 -30.58
CA PRO C 212 58.85 -28.06 -29.75
C PRO C 212 60.39 -28.23 -29.68
N THR C 213 60.93 -29.28 -30.32
CA THR C 213 62.04 -30.12 -29.77
C THR C 213 63.50 -29.56 -29.75
N GLU C 214 63.66 -28.26 -29.48
CA GLU C 214 65.00 -27.66 -29.37
C GLU C 214 65.73 -28.03 -28.08
N CYS C 215 65.00 -28.13 -26.96
CA CYS C 215 65.56 -28.41 -25.61
C CYS C 215 66.26 -29.80 -25.55
N SER C 216 66.96 -30.09 -24.45
CA SER C 216 67.58 -31.40 -24.24
C SER C 216 67.96 -31.63 -22.78
N ALA D 3 -17.51 -56.61 16.75
CA ALA D 3 -18.19 -56.26 18.04
C ALA D 3 -17.95 -54.80 18.46
N PRO D 4 -18.88 -54.20 19.22
CA PRO D 4 -18.58 -52.93 19.92
C PRO D 4 -17.79 -53.15 21.22
N LEU D 5 -17.41 -52.05 21.86
CA LEU D 5 -16.81 -52.06 23.20
C LEU D 5 -17.67 -51.25 24.16
N HIS D 6 -18.18 -51.91 25.20
CA HIS D 6 -19.09 -51.29 26.17
C HIS D 6 -18.35 -50.79 27.41
N LEU D 7 -18.31 -49.46 27.56
CA LEU D 7 -17.62 -48.83 28.68
C LEU D 7 -18.56 -48.52 29.85
N GLY D 8 -19.85 -48.33 29.59
CA GLY D 8 -20.81 -48.12 30.67
C GLY D 8 -20.73 -46.69 31.15
N LYS D 9 -20.51 -46.49 32.46
CA LYS D 9 -20.43 -45.14 33.06
C LYS D 9 -19.16 -44.37 32.63
N CYS D 10 -18.05 -45.08 32.42
CA CYS D 10 -16.78 -44.45 32.04
C CYS D 10 -16.72 -44.00 30.59
N ASN D 11 -15.92 -42.95 30.35
CA ASN D 11 -15.53 -42.50 29.01
C ASN D 11 -14.14 -43.05 28.67
N ILE D 12 -13.71 -42.79 27.45
CA ILE D 12 -12.42 -43.28 26.98
C ILE D 12 -11.28 -42.77 27.87
N ALA D 13 -11.38 -41.53 28.31
CA ALA D 13 -10.39 -40.95 29.19
C ALA D 13 -10.25 -41.78 30.45
N GLY D 14 -11.34 -41.88 31.21
CA GLY D 14 -11.34 -42.65 32.45
C GLY D 14 -10.94 -44.10 32.25
N TRP D 15 -11.49 -44.71 31.20
CA TRP D 15 -11.18 -46.10 30.91
C TRP D 15 -9.69 -46.27 30.67
N ILE D 16 -9.12 -45.57 29.70
CA ILE D 16 -7.72 -45.82 29.33
C ILE D 16 -6.70 -45.42 30.39
N LEU D 17 -6.97 -44.34 31.13
CA LEU D 17 -6.10 -43.94 32.24
C LEU D 17 -6.15 -44.97 33.39
N GLY D 18 -7.33 -45.56 33.60
CA GLY D 18 -7.56 -46.53 34.65
C GLY D 18 -8.12 -45.86 35.89
N ASN D 19 -9.16 -45.05 35.71
CA ASN D 19 -9.87 -44.43 36.82
C ASN D 19 -10.31 -45.55 37.76
N PRO D 20 -10.37 -45.29 39.09
CA PRO D 20 -10.78 -46.37 40.00
C PRO D 20 -12.24 -46.86 39.95
N GLU D 21 -13.07 -46.36 39.03
CA GLU D 21 -14.41 -46.91 38.81
C GLU D 21 -14.60 -47.45 37.39
N CYS D 22 -13.50 -47.76 36.68
CA CYS D 22 -13.57 -48.27 35.29
C CYS D 22 -12.97 -49.68 35.11
N GLU D 23 -12.60 -50.33 36.21
CA GLU D 23 -11.86 -51.61 36.12
C GLU D 23 -12.73 -52.85 35.87
N SER D 24 -14.06 -52.68 35.77
CA SER D 24 -15.04 -53.78 35.59
C SER D 24 -14.85 -54.57 34.27
N LEU D 25 -15.64 -54.30 33.22
CA LEU D 25 -15.44 -54.94 31.90
C LEU D 25 -14.30 -54.19 31.21
N SER D 26 -13.06 -54.49 31.62
CA SER D 26 -11.88 -53.90 31.00
C SER D 26 -11.46 -54.81 29.85
N THR D 27 -10.38 -55.58 30.02
CA THR D 27 -9.65 -56.18 28.90
C THR D 27 -10.51 -57.07 27.98
N ALA D 28 -11.14 -56.44 26.97
CA ALA D 28 -11.79 -57.14 25.85
C ALA D 28 -10.83 -57.09 24.66
N SER D 29 -10.52 -58.25 24.09
CA SER D 29 -9.34 -58.42 23.20
C SER D 29 -9.35 -57.60 21.90
N SER D 30 -10.54 -57.27 21.41
CA SER D 30 -10.68 -56.52 20.16
C SER D 30 -12.08 -55.94 19.97
N TRP D 31 -12.20 -54.94 19.08
CA TRP D 31 -13.48 -54.26 18.80
C TRP D 31 -13.44 -53.39 17.54
N SER D 32 -14.63 -52.99 17.07
CA SER D 32 -14.84 -52.19 15.84
C SER D 32 -15.28 -50.73 16.08
N TYR D 33 -15.96 -50.46 17.20
CA TYR D 33 -16.29 -49.09 17.61
C TYR D 33 -16.60 -49.07 19.11
N ILE D 34 -16.30 -47.94 19.78
CA ILE D 34 -16.50 -47.78 21.24
C ILE D 34 -17.89 -47.20 21.53
N VAL D 35 -18.45 -47.52 22.70
CA VAL D 35 -19.65 -46.82 23.19
C VAL D 35 -19.43 -46.41 24.64
N GLU D 36 -19.82 -45.17 24.96
CA GLU D 36 -19.46 -44.51 26.23
C GLU D 36 -20.59 -43.60 26.78
N THR D 37 -20.37 -43.01 27.96
CA THR D 37 -21.19 -41.90 28.48
C THR D 37 -20.48 -40.59 28.08
N PRO D 38 -21.23 -39.58 27.55
CA PRO D 38 -20.53 -38.49 26.83
C PRO D 38 -19.48 -37.75 27.65
N SER D 39 -19.88 -37.21 28.80
CA SER D 39 -18.96 -36.51 29.71
C SER D 39 -19.26 -36.86 31.16
N SER D 40 -18.94 -38.10 31.54
CA SER D 40 -19.02 -38.55 32.93
C SER D 40 -17.82 -38.01 33.74
N ASP D 41 -18.07 -37.51 34.95
CA ASP D 41 -16.99 -37.00 35.83
C ASP D 41 -16.04 -38.12 36.30
N ASN D 42 -16.53 -39.37 36.23
CA ASN D 42 -15.69 -40.58 36.24
C ASN D 42 -14.91 -40.71 34.92
N GLY D 43 -14.08 -39.70 34.67
CA GLY D 43 -13.24 -39.58 33.49
C GLY D 43 -11.88 -39.26 34.04
N THR D 44 -11.53 -37.98 34.08
CA THR D 44 -10.29 -37.57 34.74
C THR D 44 -10.62 -37.10 36.13
N CYS D 45 -10.47 -38.01 37.11
CA CYS D 45 -10.79 -37.72 38.50
C CYS D 45 -9.93 -36.57 39.04
N TYR D 46 -8.61 -36.57 38.78
CA TYR D 46 -7.77 -35.40 39.07
C TYR D 46 -7.90 -34.44 37.91
N PRO D 47 -8.25 -33.17 38.19
CA PRO D 47 -8.56 -32.21 37.12
C PRO D 47 -7.38 -31.77 36.22
N GLY D 48 -7.74 -31.38 35.00
CA GLY D 48 -6.79 -31.07 33.99
C GLY D 48 -7.31 -31.41 32.61
N ASP D 49 -6.43 -31.19 31.64
CA ASP D 49 -6.78 -31.22 30.25
C ASP D 49 -6.12 -32.46 29.70
N PHE D 50 -6.92 -33.31 29.06
CA PHE D 50 -6.40 -34.47 28.35
C PHE D 50 -5.91 -33.98 26.98
N ILE D 51 -4.61 -34.01 26.76
CA ILE D 51 -4.05 -33.44 25.52
C ILE D 51 -4.17 -34.42 24.35
N ASP D 52 -4.39 -33.89 23.14
CA ASP D 52 -4.55 -34.72 21.93
C ASP D 52 -5.69 -35.73 22.12
N TYR D 53 -6.82 -35.28 22.67
CA TYR D 53 -7.85 -36.22 23.13
C TYR D 53 -8.70 -36.81 22.01
N GLU D 54 -9.23 -35.97 21.13
CA GLU D 54 -9.97 -36.50 19.97
C GLU D 54 -9.07 -37.35 19.04
N GLU D 55 -7.79 -37.00 18.86
CA GLU D 55 -6.86 -37.85 18.10
C GLU D 55 -6.77 -39.26 18.72
N LEU D 56 -6.89 -39.37 20.05
CA LEU D 56 -6.86 -40.67 20.75
C LEU D 56 -8.17 -41.42 20.60
N ARG D 57 -9.29 -40.70 20.60
CA ARG D 57 -10.58 -41.33 20.38
C ARG D 57 -10.69 -41.97 18.99
N GLU D 58 -10.22 -41.26 17.95
CA GLU D 58 -10.07 -41.80 16.60
C GLU D 58 -9.13 -43.00 16.63
N GLN D 59 -7.99 -42.87 17.31
CA GLN D 59 -6.98 -43.93 17.40
C GLN D 59 -7.43 -45.22 18.09
N LEU D 60 -8.47 -45.17 18.92
CA LEU D 60 -8.96 -46.36 19.60
C LEU D 60 -10.34 -46.81 19.10
N SER D 61 -10.87 -46.22 18.04
CA SER D 61 -12.22 -46.56 17.57
C SER D 61 -12.35 -48.03 17.10
N SER D 62 -11.49 -48.45 16.15
CA SER D 62 -11.46 -49.86 15.70
C SER D 62 -10.02 -50.37 15.73
N VAL D 63 -9.81 -51.49 16.43
CA VAL D 63 -8.46 -52.05 16.60
C VAL D 63 -8.46 -53.58 16.55
N SER D 64 -7.43 -54.14 15.90
CA SER D 64 -7.30 -55.59 15.75
C SER D 64 -7.00 -56.25 17.11
N SER D 65 -5.79 -56.12 17.61
CA SER D 65 -5.45 -56.64 18.94
C SER D 65 -5.31 -55.48 19.90
N PHE D 66 -5.29 -55.80 21.19
CA PHE D 66 -5.20 -54.79 22.24
C PHE D 66 -4.76 -55.46 23.55
N GLU D 67 -3.46 -55.66 23.68
CA GLU D 67 -2.87 -56.34 24.84
C GLU D 67 -2.27 -55.29 25.80
N ARG D 68 -2.80 -55.22 27.02
CA ARG D 68 -2.27 -54.34 28.09
C ARG D 68 -1.06 -54.99 28.80
N PHE D 69 -0.10 -54.18 29.28
CA PHE D 69 1.10 -54.75 29.93
C PHE D 69 1.90 -53.74 30.76
N GLU D 70 2.61 -54.24 31.77
CA GLU D 70 3.26 -53.39 32.77
C GLU D 70 4.63 -52.91 32.25
N ILE D 71 4.57 -51.87 31.40
CA ILE D 71 5.76 -51.23 30.81
C ILE D 71 6.85 -50.85 31.82
N PHE D 72 6.41 -50.32 32.96
CA PHE D 72 7.30 -49.99 34.08
C PHE D 72 6.72 -50.59 35.34
N PRO D 73 7.27 -51.74 35.76
CA PRO D 73 6.61 -52.46 36.84
C PRO D 73 6.79 -51.77 38.20
N LYS D 74 5.69 -51.62 38.94
CA LYS D 74 5.68 -50.77 40.12
C LYS D 74 6.81 -51.00 41.13
N THR D 75 7.21 -52.27 41.34
CA THR D 75 8.10 -52.60 42.45
C THR D 75 9.49 -53.01 41.98
N SER D 76 10.01 -52.26 41.01
CA SER D 76 11.35 -52.52 40.42
C SER D 76 11.93 -51.29 39.76
N SER D 77 11.10 -50.67 38.94
CA SER D 77 11.51 -49.59 38.06
C SER D 77 11.86 -48.28 38.77
N TRP D 78 11.26 -48.04 39.95
CA TRP D 78 11.42 -46.75 40.70
C TRP D 78 12.12 -46.84 42.09
N PRO D 79 13.41 -47.25 42.11
CA PRO D 79 14.10 -47.42 43.38
C PRO D 79 14.33 -46.15 44.21
N ASN D 80 14.55 -44.99 43.58
CA ASN D 80 14.93 -43.75 44.31
C ASN D 80 13.83 -42.71 44.40
N HIS D 81 12.59 -43.14 44.24
CA HIS D 81 11.44 -42.25 44.24
C HIS D 81 10.28 -43.02 44.84
N ASP D 82 9.49 -42.38 45.68
CA ASP D 82 8.40 -43.06 46.36
C ASP D 82 7.24 -43.31 45.39
N SER D 83 6.95 -44.59 45.12
CA SER D 83 5.83 -44.95 44.24
C SER D 83 4.50 -45.19 44.98
N ASN D 84 4.43 -44.83 46.26
CA ASN D 84 3.32 -45.23 47.14
C ASN D 84 2.53 -44.09 47.78
N LYS D 85 2.98 -42.85 47.66
CA LYS D 85 2.22 -41.73 48.19
C LYS D 85 1.37 -41.08 47.10
N GLY D 86 1.61 -41.45 45.84
CA GLY D 86 0.88 -40.90 44.69
C GLY D 86 -0.63 -41.15 44.66
N VAL D 87 -1.35 -40.51 45.56
CA VAL D 87 -2.71 -40.93 45.84
C VAL D 87 -3.58 -39.73 46.34
N THR D 88 -4.86 -39.72 46.02
CA THR D 88 -5.64 -38.49 46.18
C THR D 88 -7.14 -38.68 46.43
N ALA D 89 -7.66 -37.77 47.24
CA ALA D 89 -9.09 -37.74 47.55
C ALA D 89 -9.99 -37.45 46.35
N ALA D 90 -9.41 -36.91 45.28
CA ALA D 90 -10.16 -36.70 44.05
C ALA D 90 -10.40 -37.99 43.26
N CYS D 91 -9.57 -39.01 43.53
CA CYS D 91 -9.73 -40.34 42.96
C CYS D 91 -9.94 -41.38 44.05
N PRO D 92 -11.14 -41.41 44.67
CA PRO D 92 -11.40 -42.44 45.67
C PRO D 92 -11.59 -43.83 45.03
N HIS D 93 -11.06 -44.85 45.72
CA HIS D 93 -11.40 -46.26 45.45
C HIS D 93 -11.82 -46.89 46.75
N ALA D 94 -13.11 -47.20 46.86
CA ALA D 94 -13.67 -47.81 48.06
C ALA D 94 -13.40 -46.96 49.32
N GLY D 95 -13.82 -45.69 49.28
CA GLY D 95 -13.68 -44.79 50.43
C GLY D 95 -12.33 -44.09 50.56
N ALA D 96 -11.27 -44.89 50.63
CA ALA D 96 -9.90 -44.36 50.78
C ALA D 96 -9.41 -43.70 49.50
N LYS D 97 -8.29 -43.00 49.63
CA LYS D 97 -7.64 -42.32 48.51
C LYS D 97 -7.02 -43.35 47.58
N SER D 98 -7.19 -43.14 46.28
CA SER D 98 -6.55 -43.96 45.24
C SER D 98 -6.00 -43.08 44.10
N PHE D 99 -5.82 -43.67 42.93
CA PHE D 99 -5.32 -42.97 41.76
C PHE D 99 -5.64 -43.83 40.54
N TYR D 100 -5.29 -43.33 39.36
CA TYR D 100 -5.30 -44.11 38.14
C TYR D 100 -4.47 -45.40 38.27
N LYS D 101 -4.97 -46.47 37.67
CA LYS D 101 -4.30 -47.77 37.72
C LYS D 101 -3.11 -47.83 36.76
N ASN D 102 -3.21 -47.16 35.61
CA ASN D 102 -2.14 -47.25 34.58
C ASN D 102 -1.01 -46.23 34.73
N LEU D 103 -1.10 -45.38 35.75
CA LEU D 103 -0.05 -44.39 36.03
C LEU D 103 0.26 -44.39 37.51
N ILE D 104 1.53 -44.15 37.83
CA ILE D 104 1.95 -43.92 39.20
C ILE D 104 2.33 -42.45 39.30
N TRP D 105 1.80 -41.79 40.33
CA TRP D 105 2.19 -40.43 40.64
C TRP D 105 3.43 -40.48 41.57
N LEU D 106 4.61 -40.50 40.97
CA LEU D 106 5.85 -40.50 41.73
C LEU D 106 6.04 -39.23 42.58
N VAL D 107 6.47 -39.43 43.81
CA VAL D 107 6.72 -38.38 44.78
C VAL D 107 8.15 -38.56 45.32
N LYS D 108 8.68 -37.57 46.03
CA LYS D 108 10.04 -37.65 46.59
C LYS D 108 10.19 -38.70 47.67
N LYS D 109 11.37 -39.34 47.69
CA LYS D 109 11.78 -40.19 48.79
C LYS D 109 12.69 -39.42 49.75
N GLY D 110 12.09 -38.99 50.85
CA GLY D 110 12.76 -38.29 51.91
C GLY D 110 12.83 -36.81 51.62
N ASN D 111 13.97 -36.43 51.07
CA ASN D 111 14.44 -35.07 51.14
C ASN D 111 14.85 -34.56 49.77
N SER D 112 14.78 -35.42 48.76
CA SER D 112 15.58 -35.28 47.56
C SER D 112 14.94 -36.07 46.40
N TYR D 113 14.85 -35.42 45.23
CA TYR D 113 14.30 -36.05 44.02
C TYR D 113 15.44 -36.09 43.01
N PRO D 114 16.16 -37.23 42.96
CA PRO D 114 17.23 -37.33 42.01
C PRO D 114 16.60 -37.45 40.64
N LYS D 115 17.30 -36.92 39.63
CA LYS D 115 16.85 -37.00 38.24
C LYS D 115 16.48 -38.44 37.94
N LEU D 116 15.27 -38.68 37.44
CA LEU D 116 14.92 -40.04 37.01
C LEU D 116 15.14 -40.12 35.51
N SER D 117 15.51 -41.31 35.06
CA SER D 117 15.72 -41.55 33.63
C SER D 117 15.41 -43.01 33.37
N LYS D 118 14.39 -43.25 32.55
CA LYS D 118 13.91 -44.59 32.27
C LYS D 118 13.56 -44.67 30.79
N SER D 119 13.93 -45.76 30.14
CA SER D 119 13.53 -46.02 28.76
C SER D 119 12.72 -47.31 28.64
N TYR D 120 12.12 -47.48 27.46
CA TYR D 120 11.47 -48.74 27.06
C TYR D 120 11.65 -48.93 25.58
N ILE D 121 12.19 -50.08 25.17
CA ILE D 121 12.32 -50.45 23.78
C ILE D 121 11.10 -51.29 23.41
N ASN D 122 10.51 -51.01 22.24
CA ASN D 122 9.30 -51.69 21.74
C ASN D 122 9.65 -52.95 20.95
N ASP D 123 9.95 -54.01 21.71
CA ASP D 123 10.11 -55.37 21.17
C ASP D 123 8.75 -56.01 20.79
N LYS D 124 7.65 -55.55 21.38
CA LYS D 124 6.30 -56.12 21.14
C LYS D 124 5.92 -56.39 19.67
N GLY D 125 6.56 -55.74 18.71
CA GLY D 125 6.32 -56.01 17.29
C GLY D 125 5.13 -55.27 16.67
N LYS D 126 4.10 -54.96 17.48
CA LYS D 126 3.06 -53.97 17.13
C LYS D 126 3.45 -52.59 17.67
N GLU D 127 2.66 -51.57 17.33
CA GLU D 127 2.82 -50.26 17.96
C GLU D 127 2.29 -50.33 19.39
N VAL D 128 2.86 -49.52 20.28
CA VAL D 128 2.46 -49.51 21.70
C VAL D 128 2.13 -48.10 22.23
N LEU D 129 0.98 -48.00 22.88
CA LEU D 129 0.38 -46.75 23.35
C LEU D 129 0.79 -46.44 24.76
N VAL D 130 1.76 -45.53 24.94
CA VAL D 130 2.14 -45.06 26.28
C VAL D 130 1.36 -43.80 26.64
N LEU D 131 0.88 -43.74 27.88
CA LEU D 131 0.26 -42.52 28.38
C LEU D 131 1.01 -42.07 29.60
N TRP D 132 1.05 -40.76 29.82
CA TRP D 132 1.62 -40.18 31.03
C TRP D 132 0.91 -38.88 31.41
N GLY D 133 1.27 -38.35 32.59
CA GLY D 133 0.71 -37.11 33.15
C GLY D 133 1.77 -36.14 33.60
N ILE D 134 1.40 -34.86 33.66
CA ILE D 134 2.31 -33.81 34.14
C ILE D 134 1.56 -33.06 35.21
N HIS D 135 2.20 -32.91 36.36
CA HIS D 135 1.53 -32.33 37.50
C HIS D 135 1.91 -30.87 37.63
N HIS D 136 0.87 -30.07 37.84
CA HIS D 136 0.96 -28.64 38.00
C HIS D 136 0.46 -28.31 39.41
N PRO D 137 1.40 -28.16 40.37
CA PRO D 137 0.98 -27.86 41.75
C PRO D 137 0.31 -26.52 41.96
N SER D 138 -0.47 -26.39 43.03
CA SER D 138 -1.15 -25.13 43.34
C SER D 138 -0.18 -24.02 43.80
N THR D 139 0.86 -24.41 44.53
CA THR D 139 1.72 -23.44 45.23
C THR D 139 3.16 -23.89 45.28
N SER D 140 4.04 -22.95 45.65
CA SER D 140 5.46 -23.26 45.78
C SER D 140 5.70 -24.30 46.86
N ALA D 141 4.93 -24.19 47.94
CA ALA D 141 4.94 -25.20 48.97
C ALA D 141 4.53 -26.58 48.43
N ASP D 142 3.41 -26.64 47.71
CA ASP D 142 2.90 -27.89 47.15
C ASP D 142 3.96 -28.59 46.30
N GLN D 143 4.73 -27.81 45.51
CA GLN D 143 5.82 -28.33 44.67
C GLN D 143 6.93 -28.94 45.53
N GLN D 144 7.45 -28.11 46.44
CA GLN D 144 8.53 -28.50 47.35
C GLN D 144 8.21 -29.72 48.19
N SER D 145 6.97 -29.81 48.64
CA SER D 145 6.50 -30.98 49.38
C SER D 145 6.53 -32.27 48.54
N LEU D 146 6.11 -32.17 47.29
CA LEU D 146 5.98 -33.35 46.44
C LEU D 146 7.31 -33.72 45.80
N TYR D 147 8.00 -32.74 45.22
CA TYR D 147 9.15 -33.01 44.36
C TYR D 147 10.46 -32.38 44.82
N GLN D 148 10.41 -31.63 45.93
CA GLN D 148 11.55 -30.84 46.44
C GLN D 148 12.03 -29.72 45.49
N ASN D 149 12.35 -30.08 44.26
CA ASN D 149 13.00 -29.18 43.31
C ASN D 149 12.06 -28.11 42.72
N ALA D 150 12.31 -26.86 43.14
CA ALA D 150 11.58 -25.69 42.66
C ALA D 150 11.63 -25.58 41.15
N ASP D 151 12.82 -25.74 40.58
CA ASP D 151 12.99 -25.62 39.14
C ASP D 151 13.07 -27.02 38.60
N ALA D 152 11.93 -27.57 38.25
CA ALA D 152 11.87 -28.96 37.87
C ALA D 152 11.50 -29.01 36.41
N TYR D 153 11.99 -30.01 35.70
CA TYR D 153 11.57 -30.27 34.31
C TYR D 153 11.11 -31.71 34.12
N VAL D 154 10.40 -31.94 33.03
CA VAL D 154 10.18 -33.27 32.46
C VAL D 154 10.50 -33.23 30.98
N PHE D 155 11.13 -34.29 30.50
CA PHE D 155 11.31 -34.51 29.08
C PHE D 155 10.74 -35.87 28.76
N VAL D 156 9.94 -35.95 27.70
CA VAL D 156 9.55 -37.23 27.09
C VAL D 156 9.99 -37.24 25.62
N GLY D 157 10.55 -38.36 25.17
CA GLY D 157 11.10 -38.44 23.82
C GLY D 157 11.10 -39.82 23.21
N SER D 158 10.44 -39.97 22.07
CA SER D 158 10.58 -41.14 21.21
C SER D 158 11.33 -40.66 19.96
N SER D 159 11.30 -41.43 18.87
CA SER D 159 11.95 -41.03 17.61
C SER D 159 11.15 -40.01 16.83
N ARG D 160 9.83 -40.18 16.85
CA ARG D 160 8.88 -39.25 16.25
C ARG D 160 8.45 -38.12 17.18
N TYR D 161 8.67 -38.27 18.49
CA TYR D 161 8.10 -37.38 19.50
C TYR D 161 9.18 -36.81 20.38
N SER D 162 9.04 -35.53 20.76
CA SER D 162 10.03 -34.88 21.61
C SER D 162 9.44 -33.61 22.23
N LYS D 163 9.15 -33.66 23.54
CA LYS D 163 8.63 -32.50 24.30
C LYS D 163 9.38 -32.31 25.61
N LYS D 164 9.43 -31.05 26.03
CA LYS D 164 9.87 -30.65 27.37
C LYS D 164 8.69 -29.97 28.05
N PHE D 165 8.55 -30.21 29.34
CA PHE D 165 7.43 -29.67 30.12
C PHE D 165 8.02 -29.02 31.33
N LYS D 166 7.48 -27.86 31.70
CA LYS D 166 7.75 -27.30 33.02
C LYS D 166 6.43 -27.04 33.72
N PRO D 167 6.40 -27.29 35.03
CA PRO D 167 5.18 -27.07 35.75
C PRO D 167 4.94 -25.58 35.86
N GLU D 168 3.73 -25.14 35.53
CA GLU D 168 3.27 -23.86 35.98
C GLU D 168 2.58 -24.09 37.30
N ILE D 169 3.10 -23.49 38.39
CA ILE D 169 2.47 -23.65 39.71
C ILE D 169 1.58 -22.44 39.93
N ALA D 170 0.31 -22.65 40.25
CA ALA D 170 -0.65 -21.56 40.41
C ALA D 170 -2.00 -22.06 40.99
N ILE D 171 -2.74 -21.19 41.66
CA ILE D 171 -4.00 -21.62 42.27
C ILE D 171 -5.20 -21.53 41.33
N ARG D 172 -5.68 -22.69 40.91
CA ARG D 172 -6.81 -22.79 40.01
C ARG D 172 -8.00 -23.11 40.86
N PRO D 173 -9.23 -22.82 40.37
CA PRO D 173 -10.46 -23.13 41.08
C PRO D 173 -10.49 -24.55 41.65
N LYS D 174 -10.84 -24.68 42.93
CA LYS D 174 -10.98 -26.01 43.55
C LYS D 174 -11.96 -26.84 42.72
N VAL D 175 -11.55 -28.03 42.27
CA VAL D 175 -12.52 -29.03 41.81
C VAL D 175 -12.07 -30.38 42.36
N ARG D 176 -13.00 -31.15 42.91
CA ARG D 176 -12.65 -32.33 43.72
C ARG D 176 -11.58 -31.95 44.77
N ASP D 177 -11.82 -30.83 45.44
CA ASP D 177 -10.95 -30.30 46.47
C ASP D 177 -9.48 -30.18 46.01
N GLN D 178 -9.28 -29.87 44.73
CA GLN D 178 -7.94 -29.79 44.12
C GLN D 178 -7.77 -28.47 43.41
N GLU D 179 -6.67 -27.78 43.71
CA GLU D 179 -6.34 -26.50 43.12
C GLU D 179 -5.16 -26.57 42.17
N GLY D 180 -4.34 -27.61 42.30
CA GLY D 180 -3.36 -27.92 41.26
C GLY D 180 -4.10 -28.57 40.12
N ARG D 181 -3.39 -28.86 39.04
CA ARG D 181 -3.94 -29.57 37.89
C ARG D 181 -2.97 -30.60 37.32
N MET D 182 -3.51 -31.45 36.46
CA MET D 182 -2.75 -32.53 35.89
C MET D 182 -3.17 -32.69 34.43
N ASN D 183 -2.25 -32.47 33.49
CA ASN D 183 -2.49 -32.71 32.06
C ASN D 183 -2.03 -34.11 31.69
N TYR D 184 -2.80 -34.78 30.83
CA TYR D 184 -2.51 -36.14 30.41
C TYR D 184 -2.11 -36.13 28.93
N TYR D 185 -0.99 -36.76 28.63
CA TYR D 185 -0.39 -36.76 27.30
C TYR D 185 -0.19 -38.21 26.88
N TRP D 186 0.14 -38.42 25.60
CA TRP D 186 0.37 -39.76 25.05
C TRP D 186 1.04 -39.78 23.70
N THR D 187 1.67 -40.92 23.41
CA THR D 187 2.22 -41.14 22.10
C THR D 187 2.20 -42.65 21.79
N LEU D 188 2.12 -42.99 20.50
CA LEU D 188 2.30 -44.37 20.03
C LEU D 188 3.77 -44.52 19.67
N VAL D 189 4.38 -45.65 20.03
CA VAL D 189 5.80 -45.83 19.76
C VAL D 189 6.00 -46.96 18.72
N GLU D 190 6.78 -46.65 17.67
CA GLU D 190 7.14 -47.56 16.57
C GLU D 190 7.66 -48.87 17.11
N PRO D 191 7.35 -49.99 16.43
CA PRO D 191 8.06 -51.22 16.81
C PRO D 191 9.57 -51.03 16.66
N GLY D 192 10.31 -51.47 17.67
CA GLY D 192 11.78 -51.33 17.74
C GLY D 192 12.34 -50.00 18.22
N ASP D 193 11.44 -49.08 18.60
CA ASP D 193 11.77 -47.69 18.94
C ASP D 193 11.73 -47.50 20.46
N LYS D 194 12.48 -46.52 20.96
CA LYS D 194 12.68 -46.28 22.39
C LYS D 194 11.96 -44.99 22.84
N ILE D 195 11.01 -45.10 23.76
CA ILE D 195 10.46 -43.92 24.47
C ILE D 195 11.29 -43.72 25.73
N THR D 196 11.82 -42.51 25.90
CA THR D 196 12.65 -42.17 27.05
C THR D 196 11.92 -41.16 27.93
N PHE D 197 11.87 -41.45 29.22
CA PHE D 197 11.41 -40.51 30.22
C PHE D 197 12.61 -39.97 31.04
N GLU D 198 12.45 -38.75 31.52
CA GLU D 198 13.50 -38.01 32.21
C GLU D 198 12.77 -36.91 32.97
N ALA D 199 13.09 -36.72 34.25
CA ALA D 199 12.34 -35.76 35.10
C ALA D 199 13.02 -35.47 36.45
N THR D 200 12.85 -34.24 36.94
CA THR D 200 13.29 -33.86 38.30
C THR D 200 12.09 -33.45 39.16
N GLY D 201 10.90 -33.85 38.71
CA GLY D 201 9.66 -33.56 39.42
C GLY D 201 8.50 -33.57 38.45
N ASN D 202 7.30 -33.64 39.00
CA ASN D 202 6.06 -33.39 38.28
C ASN D 202 5.67 -34.43 37.24
N LEU D 203 6.49 -35.48 37.08
CA LEU D 203 6.17 -36.56 36.15
C LEU D 203 5.33 -37.59 36.85
N VAL D 204 4.09 -37.74 36.38
CA VAL D 204 3.23 -38.90 36.62
C VAL D 204 3.58 -39.96 35.59
N VAL D 205 4.50 -40.86 35.97
CA VAL D 205 4.98 -41.95 35.12
C VAL D 205 3.91 -42.95 34.67
N PRO D 206 4.15 -43.66 33.54
CA PRO D 206 3.26 -44.76 33.18
C PRO D 206 3.54 -46.03 33.97
N ARG D 207 2.49 -46.82 34.20
CA ARG D 207 2.64 -48.17 34.76
C ARG D 207 2.29 -49.20 33.69
N TYR D 208 1.07 -49.09 33.16
CA TYR D 208 0.59 -49.90 32.06
C TYR D 208 0.54 -49.10 30.77
N ALA D 209 1.11 -49.68 29.71
CA ALA D 209 0.91 -49.24 28.32
C ALA D 209 -0.13 -50.16 27.64
N PHE D 210 -0.23 -50.10 26.31
CA PHE D 210 -1.14 -50.98 25.57
C PHE D 210 -0.57 -51.24 24.18
N ALA D 211 -0.13 -52.47 23.93
CA ALA D 211 0.28 -52.92 22.60
C ALA D 211 -1.00 -53.16 21.78
N MET D 212 -1.09 -52.50 20.64
CA MET D 212 -2.25 -52.59 19.78
C MET D 212 -1.85 -52.59 18.32
N GLU D 213 -2.65 -53.28 17.51
CA GLU D 213 -2.63 -53.07 16.08
C GLU D 213 -3.92 -52.36 15.73
N ARG D 214 -3.80 -51.50 14.74
CA ARG D 214 -4.79 -50.54 14.36
C ARG D 214 -5.45 -51.09 13.08
N ASN D 215 -6.78 -50.99 12.99
CA ASN D 215 -7.53 -51.46 11.80
C ASN D 215 -7.35 -50.54 10.57
N ALA D 216 -8.20 -50.68 9.55
CA ALA D 216 -8.36 -49.63 8.53
C ALA D 216 -9.49 -48.68 8.97
N GLY D 217 -9.45 -47.45 8.46
CA GLY D 217 -10.57 -46.50 8.62
C GLY D 217 -10.71 -45.79 9.96
N SER D 218 -11.94 -45.67 10.44
CA SER D 218 -12.28 -44.90 11.66
C SER D 218 -13.73 -45.18 12.11
N GLY D 219 -13.89 -45.93 13.21
CA GLY D 219 -15.23 -46.34 13.69
C GLY D 219 -16.04 -45.23 14.35
N ILE D 220 -17.34 -45.16 14.04
CA ILE D 220 -18.26 -44.15 14.62
C ILE D 220 -18.52 -44.49 16.10
N ILE D 221 -17.96 -43.67 17.00
CA ILE D 221 -18.22 -43.76 18.44
C ILE D 221 -19.60 -43.12 18.72
N ILE D 222 -20.30 -43.65 19.72
CA ILE D 222 -21.66 -43.19 20.07
C ILE D 222 -21.84 -43.13 21.60
N SER D 223 -22.43 -42.03 22.08
CA SER D 223 -22.65 -41.79 23.51
C SER D 223 -24.09 -42.10 23.90
N GLN E 1 39.70 -23.58 40.42
CA GLN E 1 39.36 -23.12 41.81
C GLN E 1 38.32 -22.00 41.76
N VAL E 2 37.08 -22.37 42.06
CA VAL E 2 35.97 -21.42 42.14
C VAL E 2 36.12 -20.58 43.42
N GLN E 3 36.30 -19.27 43.29
CA GLN E 3 36.46 -18.38 44.48
C GLN E 3 35.32 -17.38 44.61
N LEU E 4 35.06 -16.96 45.84
CA LEU E 4 33.97 -16.03 46.18
C LEU E 4 34.49 -15.01 47.18
N GLN E 5 34.06 -13.76 47.02
CA GLN E 5 34.52 -12.75 47.94
C GLN E 5 33.47 -11.68 48.16
N GLU E 6 33.24 -11.42 49.44
CA GLU E 6 32.27 -10.46 49.90
C GLU E 6 32.92 -9.10 49.83
N SER E 7 32.11 -8.05 49.87
CA SER E 7 32.62 -6.68 49.97
C SER E 7 31.46 -5.77 50.30
N GLY E 8 31.66 -4.92 51.30
CA GLY E 8 30.69 -3.90 51.60
C GLY E 8 30.97 -3.16 52.91
N PRO E 9 30.13 -2.14 53.20
CA PRO E 9 30.19 -1.40 54.45
C PRO E 9 30.23 -2.30 55.67
N GLY E 10 31.30 -2.15 56.46
CA GLY E 10 31.47 -2.87 57.72
C GLY E 10 30.69 -2.27 58.87
N LEU E 11 30.14 -1.07 58.66
CA LEU E 11 29.32 -0.40 59.65
C LEU E 11 28.08 0.11 58.94
N VAL E 12 26.90 -0.17 59.48
CA VAL E 12 25.61 0.37 58.97
C VAL E 12 24.75 0.91 60.14
N LYS E 13 24.14 2.08 59.97
CA LYS E 13 23.38 2.72 61.05
C LYS E 13 22.04 2.02 61.24
N PRO E 14 21.47 2.09 62.46
CA PRO E 14 20.17 1.46 62.72
C PRO E 14 19.06 1.90 61.77
N SER E 15 18.25 0.95 61.31
CA SER E 15 17.15 1.18 60.36
C SER E 15 17.58 1.48 58.94
N GLU E 16 18.89 1.58 58.70
CA GLU E 16 19.40 1.79 57.34
C GLU E 16 19.53 0.41 56.71
N THR E 17 19.98 0.35 55.46
CA THR E 17 20.03 -0.95 54.78
C THR E 17 21.48 -1.45 54.69
N LEU E 18 21.63 -2.75 54.93
CA LEU E 18 22.92 -3.46 54.76
C LEU E 18 22.99 -3.90 53.31
N SER E 19 24.11 -3.65 52.64
CA SER E 19 24.29 -4.10 51.26
C SER E 19 25.66 -4.64 51.04
N LEU E 20 25.72 -5.91 50.59
CA LEU E 20 26.98 -6.61 50.31
C LEU E 20 26.97 -7.19 48.90
N THR E 21 28.17 -7.43 48.37
CA THR E 21 28.34 -7.97 47.03
C THR E 21 29.43 -9.05 46.94
N CYS E 22 29.03 -10.25 46.52
CA CYS E 22 29.95 -11.34 46.29
C CYS E 22 30.50 -11.22 44.88
N THR E 23 31.80 -11.47 44.72
CA THR E 23 32.47 -11.44 43.42
C THR E 23 33.07 -12.81 43.13
N VAL E 24 32.59 -13.44 42.07
CA VAL E 24 32.92 -14.83 41.80
C VAL E 24 34.08 -14.95 40.83
N SER E 25 35.06 -15.79 41.17
CA SER E 25 36.20 -16.13 40.29
C SER E 25 36.11 -17.57 39.86
N GLY E 26 36.88 -17.90 38.84
CA GLY E 26 36.96 -19.26 38.27
C GLY E 26 35.65 -19.96 38.01
N GLY E 27 34.61 -19.17 37.73
CA GLY E 27 33.26 -19.68 37.60
C GLY E 27 32.32 -18.59 37.13
N SER E 28 31.32 -18.96 36.33
CA SER E 28 30.34 -18.01 35.85
C SER E 28 29.06 -18.17 36.64
N VAL E 29 28.52 -17.04 37.08
CA VAL E 29 27.23 -17.01 37.77
C VAL E 29 26.04 -17.24 36.84
N ASN E 30 26.26 -17.18 35.53
CA ASN E 30 25.21 -17.47 34.56
C ASN E 30 25.15 -18.95 34.16
N THR E 31 26.27 -19.66 34.20
CA THR E 31 26.27 -21.11 33.90
C THR E 31 26.04 -21.94 35.15
N GLY E 32 25.88 -23.24 34.93
CA GLY E 32 25.88 -24.23 35.98
C GLY E 32 24.53 -24.42 36.63
N SER E 33 24.41 -25.49 37.43
CA SER E 33 23.20 -25.79 38.20
C SER E 33 23.41 -25.36 39.63
N TYR E 34 23.50 -24.04 39.81
CA TYR E 34 23.80 -23.42 41.09
C TYR E 34 22.76 -22.41 41.50
N TYR E 35 22.88 -21.97 42.74
CA TYR E 35 22.18 -20.81 43.28
C TYR E 35 23.19 -20.03 44.07
N TRP E 36 22.99 -18.72 44.13
CA TRP E 36 23.95 -17.84 44.79
C TRP E 36 23.32 -17.31 46.05
N SER E 37 23.97 -17.68 47.16
CA SER E 37 23.37 -17.68 48.48
C SER E 37 24.15 -16.84 49.49
N TRP E 38 23.42 -16.42 50.53
CA TRP E 38 23.97 -15.65 51.64
C TRP E 38 23.57 -16.29 52.94
N ILE E 39 24.53 -16.28 53.86
CA ILE E 39 24.49 -16.94 55.16
C ILE E 39 25.21 -16.00 56.13
N ARG E 40 24.72 -15.90 57.35
CA ARG E 40 25.38 -15.06 58.33
C ARG E 40 25.56 -15.79 59.64
N GLN E 41 26.40 -15.20 60.49
CA GLN E 41 26.83 -15.78 61.75
C GLN E 41 27.04 -14.72 62.81
N PRO E 42 25.99 -14.48 63.63
CA PRO E 42 26.16 -13.57 64.76
C PRO E 42 27.36 -13.99 65.57
N PRO E 43 28.17 -13.03 66.03
CA PRO E 43 29.49 -13.40 66.53
C PRO E 43 29.38 -14.36 67.71
N GLY E 44 30.16 -15.45 67.66
CA GLY E 44 30.08 -16.53 68.64
C GLY E 44 28.75 -17.27 68.65
N LYS E 45 28.14 -17.42 67.47
CA LYS E 45 26.93 -18.21 67.31
C LYS E 45 27.04 -18.95 65.99
N GLY E 46 25.98 -19.64 65.57
CA GLY E 46 26.01 -20.49 64.38
C GLY E 46 25.55 -19.88 63.07
N LEU E 47 25.69 -20.66 62.01
CA LEU E 47 25.33 -20.22 60.68
C LEU E 47 23.82 -20.15 60.55
N GLU E 48 23.31 -19.02 60.08
CA GLU E 48 21.89 -18.83 59.73
C GLU E 48 21.83 -18.57 58.24
N TRP E 49 21.01 -19.33 57.53
CA TRP E 49 20.81 -19.08 56.10
C TRP E 49 19.85 -17.92 55.89
N ILE E 50 20.20 -17.03 54.94
CA ILE E 50 19.43 -15.81 54.64
C ILE E 50 18.55 -16.00 53.42
N ALA E 51 19.16 -16.16 52.26
CA ALA E 51 18.41 -16.37 51.02
C ALA E 51 19.34 -16.71 49.85
N TYR E 52 18.76 -17.20 48.75
CA TYR E 52 19.53 -17.48 47.51
C TYR E 52 18.70 -17.16 46.26
N SER E 53 19.38 -16.80 45.16
CA SER E 53 18.76 -16.62 43.83
C SER E 53 19.66 -17.23 42.76
N SER E 54 19.09 -17.56 41.63
CA SER E 54 19.88 -17.90 40.44
C SER E 54 19.49 -16.93 39.34
N VAL E 55 20.29 -16.85 38.29
CA VAL E 55 20.03 -15.89 37.21
C VAL E 55 18.66 -16.20 36.61
N SER E 56 18.52 -17.41 36.07
CA SER E 56 17.23 -17.94 35.62
C SER E 56 16.44 -18.31 36.88
N GLY E 57 16.09 -19.59 37.06
CA GLY E 57 15.63 -20.22 38.34
C GLY E 57 14.93 -19.47 39.48
N THR E 58 14.62 -20.16 40.56
CA THR E 58 13.70 -19.61 41.55
C THR E 58 14.43 -19.20 42.83
N SER E 59 14.29 -17.93 43.20
CA SER E 59 14.88 -17.46 44.43
C SER E 59 14.04 -17.94 45.64
N ASN E 60 14.64 -17.93 46.83
CA ASN E 60 14.11 -18.54 48.07
C ASN E 60 14.69 -17.83 49.33
N TYR E 61 13.88 -17.70 50.37
CA TYR E 61 14.24 -16.85 51.51
C TYR E 61 13.94 -17.54 52.83
N ASN E 62 14.72 -17.18 53.83
CA ASN E 62 14.45 -17.55 55.20
C ASN E 62 13.21 -16.76 55.59
N PRO E 63 12.09 -17.44 55.85
CA PRO E 63 10.82 -16.75 56.11
C PRO E 63 10.88 -15.59 57.09
N SER E 64 11.71 -15.69 58.13
CA SER E 64 11.84 -14.62 59.13
C SER E 64 12.58 -13.37 58.64
N LEU E 65 13.32 -13.46 57.54
CA LEU E 65 13.98 -12.29 56.94
C LEU E 65 13.38 -11.82 55.62
N LYS E 66 12.45 -12.57 55.03
CA LYS E 66 12.11 -12.35 53.61
C LYS E 66 11.67 -10.92 53.28
N SER E 67 10.83 -10.35 54.15
CA SER E 67 10.30 -8.99 54.00
C SER E 67 11.36 -7.92 53.81
N ARG E 68 12.57 -8.17 54.30
CA ARG E 68 13.66 -7.19 54.28
C ARG E 68 14.79 -7.54 53.33
N VAL E 69 14.75 -8.73 52.73
CA VAL E 69 15.85 -9.19 51.90
C VAL E 69 15.47 -8.91 50.46
N THR E 70 16.38 -8.29 49.71
CA THR E 70 16.30 -8.35 48.24
C THR E 70 17.66 -8.74 47.68
N LEU E 71 17.61 -9.57 46.63
CA LEU E 71 18.76 -10.28 46.09
C LEU E 71 18.89 -10.04 44.62
N THR E 72 20.09 -9.72 44.14
CA THR E 72 20.28 -9.42 42.72
C THR E 72 21.55 -10.08 42.18
N VAL E 73 21.48 -10.50 40.91
CA VAL E 73 22.64 -11.06 40.17
C VAL E 73 23.05 -10.16 38.99
N ASP E 74 24.34 -9.82 38.91
CA ASP E 74 24.88 -8.99 37.82
C ASP E 74 25.73 -9.86 36.92
N THR E 75 25.11 -10.35 35.86
CA THR E 75 25.76 -11.26 34.95
C THR E 75 27.05 -10.71 34.38
N SER E 76 27.03 -9.45 33.93
CA SER E 76 28.19 -8.82 33.27
C SER E 76 29.43 -8.75 34.16
N LYS E 77 29.27 -8.23 35.38
CA LYS E 77 30.38 -8.12 36.36
C LYS E 77 30.67 -9.41 37.17
N ASN E 78 29.86 -10.46 36.94
CA ASN E 78 29.97 -11.78 37.58
C ASN E 78 29.85 -11.68 39.09
N GLN E 79 28.91 -10.86 39.54
CA GLN E 79 28.73 -10.60 40.93
C GLN E 79 27.33 -10.96 41.31
N PHE E 80 27.09 -11.03 42.60
CA PHE E 80 25.73 -11.07 43.09
C PHE E 80 25.67 -10.34 44.40
N SER E 81 24.46 -9.92 44.76
CA SER E 81 24.30 -8.92 45.80
C SER E 81 23.08 -9.16 46.68
N LEU E 82 23.31 -8.90 47.97
CA LEU E 82 22.32 -9.02 49.04
C LEU E 82 22.06 -7.62 49.54
N SER E 83 20.83 -7.42 49.98
CA SER E 83 20.40 -6.16 50.56
C SER E 83 19.46 -6.50 51.70
N VAL E 84 19.82 -6.08 52.92
CA VAL E 84 18.97 -6.30 54.10
C VAL E 84 18.47 -4.95 54.63
N ARG E 85 17.18 -4.71 54.41
CA ARG E 85 16.56 -3.46 54.86
C ARG E 85 16.44 -3.46 56.35
N SER E 86 16.34 -2.25 56.90
CA SER E 86 15.67 -2.04 58.18
C SER E 86 16.43 -2.69 59.36
N VAL E 87 17.78 -2.58 59.37
CA VAL E 87 18.62 -3.40 60.26
C VAL E 87 18.62 -2.97 61.74
N THR E 88 18.65 -3.97 62.61
CA THR E 88 18.65 -3.83 64.06
C THR E 88 20.05 -4.11 64.51
N ALA E 89 20.29 -4.02 65.82
CA ALA E 89 21.52 -4.59 66.40
C ALA E 89 21.60 -6.11 66.18
N ALA E 90 20.43 -6.75 66.21
CA ALA E 90 20.27 -8.17 65.86
C ALA E 90 20.70 -8.63 64.46
N ASP E 91 21.06 -7.70 63.58
CA ASP E 91 21.63 -8.01 62.27
C ASP E 91 23.14 -7.87 62.23
N THR E 92 23.76 -7.52 63.37
CA THR E 92 25.20 -7.51 63.45
C THR E 92 25.66 -8.95 63.37
N ALA E 93 26.58 -9.24 62.45
CA ALA E 93 27.03 -10.59 62.16
C ALA E 93 28.13 -10.59 61.12
N VAL E 94 28.72 -11.77 60.92
CA VAL E 94 29.55 -12.00 59.77
C VAL E 94 28.68 -12.59 58.65
N TYR E 95 28.78 -12.00 57.46
CA TYR E 95 27.99 -12.40 56.31
C TYR E 95 28.90 -13.16 55.34
N PHE E 96 28.46 -14.34 54.92
CA PHE E 96 29.19 -15.16 53.97
C PHE E 96 28.35 -15.28 52.72
N CYS E 97 28.94 -15.05 51.56
CA CYS E 97 28.33 -15.50 50.32
C CYS E 97 28.81 -16.92 50.07
N ALA E 98 28.07 -17.65 49.25
CA ALA E 98 28.29 -19.08 49.14
C ALA E 98 27.65 -19.62 47.89
N ARG E 99 28.24 -20.68 47.34
CA ARG E 99 27.68 -21.31 46.16
C ARG E 99 26.84 -22.50 46.55
N LEU E 100 25.53 -22.44 46.27
CA LEU E 100 24.61 -23.55 46.54
C LEU E 100 24.53 -24.49 45.33
N ASN E 101 24.96 -25.73 45.53
CA ASN E 101 24.99 -26.74 44.48
C ASN E 101 23.69 -27.52 44.49
N TYR E 102 22.86 -27.33 43.46
CA TYR E 102 21.75 -28.24 43.22
C TYR E 102 22.32 -29.34 42.34
N ASP E 103 22.77 -30.40 42.98
CA ASP E 103 23.25 -31.57 42.27
C ASP E 103 22.01 -32.29 41.76
N ILE E 104 21.80 -32.19 40.45
CA ILE E 104 20.56 -32.63 39.78
C ILE E 104 20.39 -34.12 39.88
N LEU E 105 21.51 -34.83 39.66
CA LEU E 105 21.62 -36.28 39.66
C LEU E 105 21.16 -36.89 40.96
N THR E 106 21.65 -36.32 42.05
CA THR E 106 21.29 -36.77 43.40
C THR E 106 20.10 -36.04 44.06
N GLY E 107 19.79 -34.84 43.62
CA GLY E 107 18.67 -34.08 44.20
C GLY E 107 18.99 -33.36 45.50
N TYR E 108 20.29 -33.31 45.86
CA TYR E 108 20.75 -32.64 47.07
C TYR E 108 21.00 -31.16 46.81
N TYR E 109 21.08 -30.42 47.91
CA TYR E 109 21.34 -28.98 47.90
C TYR E 109 22.41 -28.74 48.97
N PHE E 110 23.63 -28.49 48.51
CA PHE E 110 24.70 -28.19 49.45
C PHE E 110 25.60 -27.04 49.04
N PHE E 111 26.12 -26.34 50.03
CA PHE E 111 26.98 -25.20 49.79
C PHE E 111 28.38 -25.72 49.57
N ASP E 112 28.83 -25.89 48.32
CA ASP E 112 30.19 -26.43 48.08
C ASP E 112 31.35 -25.41 48.17
N PHE E 113 31.08 -24.12 47.97
CA PHE E 113 32.10 -23.08 48.17
C PHE E 113 31.59 -21.88 48.93
N TRP E 114 32.47 -21.31 49.74
CA TRP E 114 32.13 -20.24 50.69
C TRP E 114 33.05 -19.03 50.56
N GLY E 115 32.49 -17.84 50.66
CA GLY E 115 33.33 -16.67 50.85
C GLY E 115 34.01 -16.76 52.19
N GLN E 116 35.05 -15.96 52.38
CA GLN E 116 35.73 -15.92 53.67
C GLN E 116 34.92 -15.11 54.70
N GLY E 117 33.99 -14.30 54.22
CA GLY E 117 33.02 -13.64 55.07
C GLY E 117 33.49 -12.27 55.46
N THR E 118 32.53 -11.44 55.88
CA THR E 118 32.77 -10.04 56.17
C THR E 118 31.93 -9.58 57.34
N LEU E 119 32.57 -8.86 58.27
CA LEU E 119 31.91 -8.45 59.50
C LEU E 119 31.17 -7.15 59.26
N VAL E 120 29.90 -7.13 59.61
CA VAL E 120 29.08 -5.93 59.53
C VAL E 120 28.48 -5.71 60.92
N ILE E 121 28.72 -4.53 61.51
CA ILE E 121 28.12 -4.18 62.81
C ILE E 121 27.10 -3.08 62.61
N VAL E 122 26.08 -3.08 63.45
CA VAL E 122 25.01 -2.13 63.37
C VAL E 122 25.10 -1.30 64.61
N SER E 123 25.71 -0.13 64.49
CA SER E 123 25.67 0.88 65.57
C SER E 123 25.40 2.27 65.01
N SER E 124 24.84 3.10 65.88
CA SER E 124 24.69 4.53 65.61
C SER E 124 26.03 5.24 65.85
N ALA E 125 26.84 4.66 66.72
CA ALA E 125 28.19 5.15 66.99
C ALA E 125 28.91 5.63 65.75
N SER E 126 29.56 6.79 65.87
CA SER E 126 30.45 7.33 64.83
C SER E 126 31.68 6.44 64.59
N THR E 127 32.51 6.84 63.64
CA THR E 127 33.78 6.16 63.35
C THR E 127 34.90 6.88 64.10
N LYS E 128 35.99 6.17 64.38
CA LYS E 128 37.19 6.78 64.97
C LYS E 128 38.47 6.23 64.32
N GLY E 129 39.44 7.13 64.12
CA GLY E 129 40.70 6.80 63.47
C GLY E 129 41.75 6.33 64.46
N PRO E 130 42.76 5.57 63.98
CA PRO E 130 43.85 5.06 64.82
C PRO E 130 45.06 6.01 64.99
N SER E 131 45.57 6.10 66.23
CA SER E 131 46.88 6.70 66.50
C SER E 131 47.95 5.64 66.28
N VAL E 132 49.15 6.05 65.86
CA VAL E 132 50.25 5.10 65.57
C VAL E 132 51.52 5.44 66.39
N PHE E 133 51.56 4.99 67.65
CA PHE E 133 52.69 5.26 68.57
C PHE E 133 53.84 4.23 68.40
N PRO E 134 55.05 4.54 68.91
CA PRO E 134 56.19 3.60 68.94
C PRO E 134 56.46 2.90 70.28
N LEU E 135 57.23 1.80 70.22
CA LEU E 135 57.65 1.01 71.38
C LEU E 135 59.18 1.15 71.55
N ALA E 136 59.75 0.45 72.53
CA ALA E 136 61.20 0.43 72.76
C ALA E 136 61.69 -0.95 73.26
N PRO E 137 62.82 -1.46 72.72
CA PRO E 137 63.35 -2.79 73.13
C PRO E 137 64.03 -2.77 74.52
N SER E 138 63.97 -3.90 75.24
CA SER E 138 64.38 -3.98 76.66
C SER E 138 65.86 -4.40 76.87
N SER E 139 66.29 -4.45 78.14
CA SER E 139 67.68 -4.77 78.51
C SER E 139 68.10 -6.22 78.24
N LYS E 140 67.19 -7.18 78.50
CA LYS E 140 67.48 -8.61 78.30
C LYS E 140 67.47 -9.09 76.83
N SER E 141 66.96 -8.25 75.91
CA SER E 141 66.76 -8.62 74.49
C SER E 141 67.71 -7.89 73.51
N ALA E 142 67.53 -6.57 73.34
CA ALA E 142 68.41 -5.78 72.45
C ALA E 142 69.77 -5.57 73.10
N SER E 143 70.58 -6.64 73.11
CA SER E 143 71.79 -6.74 73.92
C SER E 143 72.61 -8.01 73.62
N GLY E 144 71.98 -9.18 73.72
CA GLY E 144 72.65 -10.49 73.67
C GLY E 144 72.45 -11.38 72.44
N GLY E 145 71.23 -11.40 71.89
CA GLY E 145 70.88 -12.32 70.79
C GLY E 145 69.79 -11.82 69.85
N THR E 146 68.58 -11.62 70.39
CA THR E 146 67.40 -11.20 69.61
C THR E 146 66.49 -10.24 70.41
N ALA E 147 65.86 -9.30 69.69
CA ALA E 147 65.03 -8.25 70.29
C ALA E 147 63.57 -8.29 69.83
N ALA E 148 62.76 -7.36 70.34
CA ALA E 148 61.38 -7.20 69.90
C ALA E 148 60.90 -5.75 70.06
N LEU E 149 60.14 -5.26 69.06
CA LEU E 149 59.35 -4.00 69.11
C LEU E 149 58.31 -3.97 67.97
N GLY E 150 57.42 -2.97 67.97
CA GLY E 150 56.38 -2.86 66.94
C GLY E 150 55.67 -1.51 66.88
N CYS E 151 54.40 -1.53 66.45
CA CYS E 151 53.55 -0.32 66.34
C CYS E 151 52.27 -0.48 67.19
N LEU E 152 52.20 0.26 68.30
CA LEU E 152 51.05 0.25 69.22
C LEU E 152 49.96 1.17 68.69
N VAL E 153 48.74 0.63 68.51
CA VAL E 153 47.60 1.38 67.96
C VAL E 153 46.47 1.52 69.00
N LYS E 154 46.33 2.74 69.51
CA LYS E 154 45.37 3.07 70.58
C LYS E 154 44.08 3.62 69.97
N ASP E 155 42.96 3.09 70.46
CA ASP E 155 41.62 3.72 70.28
C ASP E 155 41.08 3.91 68.84
N TYR E 156 40.54 2.82 68.27
CA TYR E 156 40.02 2.80 66.89
C TYR E 156 38.70 2.02 66.75
N PHE E 157 37.90 2.39 65.75
CA PHE E 157 36.56 1.81 65.51
C PHE E 157 36.01 2.27 64.16
N PRO E 158 35.42 1.39 63.34
CA PRO E 158 35.23 -0.04 63.61
C PRO E 158 36.44 -0.87 63.18
N GLU E 159 36.29 -2.19 63.20
CA GLU E 159 37.30 -3.11 62.66
C GLU E 159 37.29 -3.08 61.11
N PRO E 160 38.30 -3.67 60.43
CA PRO E 160 39.56 -4.09 61.00
C PRO E 160 40.67 -3.13 60.60
N VAL E 161 41.87 -3.39 61.10
CA VAL E 161 43.09 -2.77 60.59
C VAL E 161 44.05 -3.90 60.19
N THR E 162 44.81 -3.67 59.13
CA THR E 162 45.89 -4.56 58.72
C THR E 162 47.20 -3.81 58.97
N VAL E 163 48.12 -4.46 59.68
CA VAL E 163 49.41 -3.87 60.06
C VAL E 163 50.52 -4.63 59.31
N SER E 164 50.90 -4.10 58.14
CA SER E 164 51.90 -4.73 57.24
C SER E 164 53.17 -3.86 57.11
N TRP E 165 54.34 -4.50 57.22
CA TRP E 165 55.63 -3.80 57.32
C TRP E 165 56.39 -3.66 55.98
N ASN E 166 57.01 -2.49 55.79
CA ASN E 166 57.82 -2.15 54.61
C ASN E 166 57.07 -2.21 53.26
N SER E 167 55.75 -2.02 53.32
CA SER E 167 54.90 -1.95 52.14
C SER E 167 54.92 -3.25 51.28
N GLY E 168 54.86 -4.41 51.93
CA GLY E 168 54.81 -5.72 51.25
C GLY E 168 56.09 -6.57 51.23
N ALA E 169 57.25 -5.91 51.29
CA ALA E 169 58.56 -6.58 51.18
C ALA E 169 58.88 -7.45 52.40
N LEU E 170 58.65 -6.92 53.60
CA LEU E 170 58.98 -7.61 54.86
C LEU E 170 57.80 -8.46 55.36
N THR E 171 57.58 -9.62 54.74
CA THR E 171 56.65 -10.64 55.28
C THR E 171 57.30 -11.39 56.47
N SER E 172 58.62 -11.53 56.46
CA SER E 172 59.35 -12.24 57.53
C SER E 172 59.56 -11.37 58.77
N GLY E 173 59.53 -12.01 59.95
CA GLY E 173 59.77 -11.33 61.23
C GLY E 173 58.54 -10.82 61.97
N VAL E 174 57.42 -10.62 61.26
CA VAL E 174 56.23 -9.92 61.78
C VAL E 174 55.31 -10.88 62.57
N HIS E 175 54.56 -10.35 63.53
CA HIS E 175 53.58 -11.13 64.31
C HIS E 175 52.48 -10.19 64.86
N THR E 176 51.46 -9.93 64.05
CA THR E 176 50.33 -9.06 64.42
C THR E 176 49.36 -9.79 65.39
N PHE E 177 48.78 -9.03 66.33
CA PHE E 177 47.96 -9.58 67.44
C PHE E 177 46.45 -9.36 67.25
N PRO E 178 45.61 -9.92 68.16
CA PRO E 178 44.21 -9.52 68.20
C PRO E 178 43.98 -8.24 69.02
N ALA E 179 42.96 -7.48 68.62
CA ALA E 179 42.57 -6.21 69.28
C ALA E 179 41.86 -6.46 70.63
N VAL E 180 41.34 -5.38 71.24
CA VAL E 180 40.41 -5.48 72.37
C VAL E 180 39.34 -4.42 72.27
N LEU E 181 38.12 -4.76 72.70
CA LEU E 181 37.05 -3.79 72.88
C LEU E 181 37.10 -3.34 74.34
N GLN E 182 37.17 -2.03 74.58
CA GLN E 182 37.23 -1.47 75.94
C GLN E 182 35.85 -0.95 76.37
N SER E 183 35.79 -0.26 77.52
CA SER E 183 34.53 0.28 78.08
C SER E 183 33.75 1.21 77.14
N SER E 184 34.49 2.03 76.39
CA SER E 184 33.90 2.92 75.37
C SER E 184 33.22 2.20 74.19
N GLY E 185 33.56 0.93 73.96
CA GLY E 185 33.08 0.20 72.79
C GLY E 185 33.92 0.68 71.62
N LEU E 186 35.23 0.54 71.78
CA LEU E 186 36.20 1.23 70.97
C LEU E 186 37.51 0.43 71.02
N TYR E 187 37.95 -0.09 69.89
CA TYR E 187 39.01 -1.11 69.85
C TYR E 187 40.43 -0.53 69.99
N SER E 188 41.34 -1.31 70.57
CA SER E 188 42.76 -0.95 70.70
C SER E 188 43.62 -2.20 70.47
N LEU E 189 44.61 -2.11 69.58
CA LEU E 189 45.38 -3.28 69.10
C LEU E 189 46.89 -3.16 69.37
N SER E 190 47.64 -4.24 69.18
CA SER E 190 49.13 -4.22 69.22
C SER E 190 49.77 -4.98 68.04
N SER E 191 51.09 -4.87 67.91
CA SER E 191 51.89 -5.55 66.86
C SER E 191 53.36 -5.76 67.30
N VAL E 192 54.10 -6.62 66.59
CA VAL E 192 55.54 -6.89 66.91
C VAL E 192 56.34 -7.51 65.74
N VAL E 193 57.58 -7.03 65.53
CA VAL E 193 58.57 -7.65 64.61
C VAL E 193 59.75 -8.17 65.44
N THR E 194 60.26 -9.35 65.09
CA THR E 194 61.44 -9.95 65.74
C THR E 194 62.64 -9.94 64.77
N VAL E 195 63.84 -9.66 65.33
CA VAL E 195 65.07 -9.38 64.57
C VAL E 195 66.32 -9.82 65.40
N PRO E 196 67.45 -10.21 64.74
CA PRO E 196 68.74 -10.32 65.48
C PRO E 196 69.31 -8.93 65.86
N SER E 197 69.55 -8.70 67.14
CA SER E 197 69.62 -7.33 67.72
C SER E 197 70.76 -6.40 67.25
N SER E 198 70.49 -5.68 66.16
CA SER E 198 71.26 -4.49 65.76
C SER E 198 70.61 -3.19 66.30
N SER E 199 69.31 -3.23 66.61
CA SER E 199 68.52 -2.07 67.08
C SER E 199 68.44 -0.97 65.99
N SER E 200 67.75 -1.29 64.89
CA SER E 200 67.66 -0.46 63.66
C SER E 200 69.01 -0.26 62.95
N GLY E 201 69.41 -1.27 62.18
CA GLY E 201 70.63 -1.24 61.38
C GLY E 201 70.39 -0.60 60.03
N THR E 202 71.18 -1.03 59.04
CA THR E 202 71.16 -0.42 57.69
C THR E 202 69.90 -0.73 56.83
N GLN E 203 69.05 -1.68 57.26
CA GLN E 203 67.71 -1.90 56.67
C GLN E 203 66.64 -1.90 57.79
N THR E 204 65.93 -0.78 57.94
CA THR E 204 65.04 -0.55 59.11
C THR E 204 63.56 -0.97 58.86
N TYR E 205 62.58 -0.36 59.55
CA TYR E 205 61.24 -0.95 59.68
C TYR E 205 60.14 0.12 59.82
N ILE E 206 59.62 0.57 58.66
CA ILE E 206 58.39 1.38 58.60
C ILE E 206 57.15 0.47 58.57
N CYS E 207 56.14 0.83 59.36
CA CYS E 207 54.86 0.07 59.42
C CYS E 207 53.68 0.87 58.83
N ASN E 208 52.75 0.17 58.19
CA ASN E 208 51.63 0.77 57.46
C ASN E 208 50.27 0.38 58.06
N VAL E 209 49.80 1.18 59.02
CA VAL E 209 48.47 1.01 59.64
C VAL E 209 47.44 1.79 58.81
N ASN E 210 46.62 1.05 58.05
CA ASN E 210 45.56 1.63 57.22
C ASN E 210 44.19 1.29 57.84
N HIS E 211 43.33 2.30 58.01
CA HIS E 211 41.96 2.13 58.51
C HIS E 211 41.01 2.87 57.56
N LYS E 212 40.50 2.15 56.56
CA LYS E 212 39.77 2.77 55.46
C LYS E 212 38.37 3.30 55.84
N PRO E 213 37.62 2.58 56.72
CA PRO E 213 36.37 3.19 57.23
C PRO E 213 36.53 4.53 57.97
N SER E 214 37.70 4.79 58.58
CA SER E 214 37.99 6.08 59.26
C SER E 214 38.80 7.07 58.41
N ASN E 215 38.99 6.78 57.12
CA ASN E 215 39.81 7.60 56.20
C ASN E 215 41.23 7.90 56.74
N THR E 216 41.89 6.86 57.28
CA THR E 216 43.21 6.99 57.91
C THR E 216 44.27 6.07 57.27
N LYS E 217 45.44 6.63 56.97
CA LYS E 217 46.63 5.87 56.52
C LYS E 217 47.89 6.60 56.99
N VAL E 218 48.69 5.93 57.82
CA VAL E 218 49.77 6.57 58.60
C VAL E 218 51.10 5.76 58.45
N ASP E 219 51.99 6.21 57.54
CA ASP E 219 53.24 5.48 57.14
C ASP E 219 54.43 5.60 58.12
N LYS E 220 54.25 5.26 59.39
CA LYS E 220 55.27 5.57 60.42
C LYS E 220 56.46 4.61 60.47
N ARG E 221 57.67 5.17 60.53
CA ARG E 221 58.84 4.46 61.03
C ARG E 221 58.81 4.56 62.55
N VAL E 222 59.05 3.44 63.22
CA VAL E 222 59.05 3.41 64.69
C VAL E 222 60.38 3.96 65.22
N GLU E 223 60.30 4.67 66.34
CA GLU E 223 61.44 5.11 67.17
C GLU E 223 62.71 4.26 66.95
N PRO E 224 63.73 4.85 66.28
CA PRO E 224 64.87 4.07 65.78
C PRO E 224 65.93 3.65 66.83
N LYS E 225 65.71 3.99 68.09
CA LYS E 225 66.60 3.62 69.18
C LYS E 225 65.74 2.95 70.26
N SER E 226 65.92 3.33 71.53
CA SER E 226 64.93 3.08 72.58
C SER E 226 64.65 4.39 73.34
N CYS E 227 64.53 5.49 72.60
CA CYS E 227 64.37 6.89 73.09
C CYS E 227 65.66 7.71 73.33
N ASP E 228 66.85 7.07 73.25
CA ASP E 228 68.12 7.69 73.70
C ASP E 228 68.51 8.94 72.90
N LYS E 229 68.94 10.00 73.60
CA LYS E 229 69.32 11.26 72.94
C LYS E 229 70.72 11.15 72.29
N THR E 230 71.80 11.23 73.07
CA THR E 230 73.17 10.93 72.57
C THR E 230 73.89 9.99 73.54
N GLN F 1 9.07 -28.46 58.57
CA GLN F 1 10.43 -27.86 58.46
C GLN F 1 11.40 -28.33 59.52
N VAL F 2 12.24 -29.25 59.04
CA VAL F 2 13.24 -29.94 59.80
C VAL F 2 14.15 -29.01 60.59
N GLU F 3 14.59 -29.53 61.73
CA GLU F 3 15.68 -28.96 62.51
C GLU F 3 16.77 -30.02 62.58
N LEU F 4 18.00 -29.56 62.80
CA LEU F 4 19.15 -30.44 63.06
C LEU F 4 19.68 -30.09 64.42
N THR F 5 19.74 -31.03 65.37
CA THR F 5 20.36 -30.70 66.67
C THR F 5 21.71 -31.39 66.83
N GLN F 6 22.75 -30.58 67.05
CA GLN F 6 24.08 -31.08 67.36
C GLN F 6 24.47 -30.72 68.80
N SER F 7 25.14 -31.64 69.51
CA SER F 7 25.76 -31.25 70.78
C SER F 7 26.91 -30.22 70.52
N PRO F 8 27.06 -29.25 71.42
CA PRO F 8 27.93 -28.10 71.19
C PRO F 8 29.42 -28.32 71.24
N SER F 9 29.88 -29.42 71.81
CA SER F 9 31.30 -29.56 72.10
C SER F 9 31.68 -31.02 72.02
N ALA F 10 32.95 -31.29 71.77
CA ALA F 10 33.44 -32.64 71.68
C ALA F 10 34.96 -32.66 71.80
N SER F 11 35.52 -33.73 72.38
CA SER F 11 36.96 -33.84 72.63
C SER F 11 37.48 -35.17 72.13
N ALA F 12 38.77 -35.17 71.78
CA ALA F 12 39.45 -36.38 71.37
C ALA F 12 40.93 -36.13 71.33
N SER F 13 41.69 -37.22 71.37
CA SER F 13 43.14 -37.11 71.37
C SER F 13 43.54 -37.10 69.92
N LEU F 14 44.73 -36.55 69.66
CA LEU F 14 45.40 -36.73 68.35
C LEU F 14 45.48 -38.19 67.99
N GLY F 15 45.64 -38.49 66.72
CA GLY F 15 45.73 -39.87 66.30
C GLY F 15 44.44 -40.67 66.34
N THR F 16 43.50 -40.35 67.24
CA THR F 16 42.31 -41.19 67.38
C THR F 16 41.33 -40.93 66.24
N SER F 17 40.33 -41.78 66.15
CA SER F 17 39.19 -41.49 65.31
C SER F 17 38.12 -40.79 66.17
N VAL F 18 37.42 -39.81 65.57
CA VAL F 18 36.23 -39.12 66.19
C VAL F 18 34.95 -39.33 65.37
N LYS F 19 33.82 -39.40 66.08
CA LYS F 19 32.53 -39.57 65.47
C LYS F 19 31.66 -38.47 66.04
N LEU F 20 31.21 -37.60 65.15
CA LEU F 20 30.34 -36.51 65.53
C LEU F 20 28.96 -36.86 65.06
N THR F 21 27.95 -36.34 65.76
CA THR F 21 26.56 -36.69 65.52
C THR F 21 25.75 -35.44 65.17
N CYS F 22 24.84 -35.63 64.22
CA CYS F 22 23.82 -34.65 63.84
C CYS F 22 22.50 -35.39 63.88
N THR F 23 21.51 -34.84 64.56
CA THR F 23 20.26 -35.57 64.80
C THR F 23 19.10 -34.85 64.11
N LEU F 24 18.55 -35.52 63.10
CA LEU F 24 17.38 -35.04 62.37
C LEU F 24 16.17 -35.02 63.29
N SER F 25 15.39 -33.95 63.21
CA SER F 25 14.17 -33.84 64.01
C SER F 25 13.19 -34.97 63.71
N SER F 26 12.24 -35.15 64.62
CA SER F 26 11.27 -36.24 64.54
C SER F 26 10.58 -36.19 63.18
N GLY F 27 10.46 -37.36 62.57
CA GLY F 27 9.80 -37.53 61.29
C GLY F 27 10.60 -37.09 60.07
N HIS F 28 11.92 -37.03 60.16
CA HIS F 28 12.76 -36.68 59.00
C HIS F 28 13.95 -37.60 58.86
N SER F 29 13.69 -38.88 59.11
CA SER F 29 14.73 -39.89 59.23
C SER F 29 15.32 -40.31 57.88
N THR F 30 14.64 -40.00 56.77
CA THR F 30 15.10 -40.35 55.42
C THR F 30 15.84 -39.24 54.68
N TYR F 31 16.25 -38.21 55.42
CA TYR F 31 16.82 -36.99 54.83
C TYR F 31 18.29 -37.12 54.60
N ALA F 32 18.80 -36.51 53.54
CA ALA F 32 20.25 -36.40 53.33
C ALA F 32 20.76 -35.12 54.00
N ILE F 33 22.05 -35.03 54.25
CA ILE F 33 22.63 -33.81 54.82
C ILE F 33 23.94 -33.49 54.15
N ALA F 34 24.57 -32.43 54.62
CA ALA F 34 25.95 -32.16 54.29
C ALA F 34 26.70 -31.77 55.54
N TRP F 35 28.03 -31.87 55.50
CA TRP F 35 28.90 -31.57 56.63
C TRP F 35 29.86 -30.45 56.23
N HIS F 36 29.99 -29.47 57.11
CA HIS F 36 30.87 -28.34 56.87
C HIS F 36 31.78 -28.14 58.08
N GLN F 37 33.07 -27.88 57.80
CA GLN F 37 34.08 -27.55 58.81
C GLN F 37 34.23 -26.04 58.80
N GLN F 38 34.28 -25.39 59.96
CA GLN F 38 34.70 -23.98 60.06
C GLN F 38 35.82 -23.84 61.08
N ARG F 39 37.05 -23.66 60.62
CA ARG F 39 38.18 -23.45 61.54
C ARG F 39 38.06 -22.07 62.18
N PRO F 40 38.58 -21.90 63.41
CA PRO F 40 38.36 -20.62 64.12
C PRO F 40 38.78 -19.40 63.30
N GLY F 41 37.85 -18.46 63.11
CA GLY F 41 38.13 -17.23 62.37
C GLY F 41 38.24 -17.32 60.85
N LYS F 42 38.01 -18.50 60.27
CA LYS F 42 37.94 -18.67 58.81
C LYS F 42 36.49 -18.82 58.41
N GLY F 43 36.25 -18.85 57.10
CA GLY F 43 34.93 -19.15 56.53
C GLY F 43 34.73 -20.66 56.46
N PRO F 44 33.49 -21.13 56.34
CA PRO F 44 33.33 -22.57 56.33
C PRO F 44 33.94 -23.24 55.10
N ARG F 45 34.06 -24.57 55.17
CA ARG F 45 34.53 -25.44 54.10
C ARG F 45 33.56 -26.62 53.96
N TYR F 46 33.16 -26.92 52.72
CA TYR F 46 32.36 -28.13 52.42
C TYR F 46 33.22 -29.37 52.59
N LEU F 47 32.79 -30.25 53.50
CA LEU F 47 33.47 -31.54 53.67
C LEU F 47 32.84 -32.58 52.74
N MET F 48 31.53 -32.80 52.87
CA MET F 48 30.88 -33.93 52.19
C MET F 48 29.38 -33.83 52.30
N ASN F 49 28.69 -34.68 51.55
CA ASN F 49 27.27 -34.86 51.72
C ASN F 49 27.03 -36.29 52.12
N LEU F 50 25.80 -36.62 52.54
CA LEU F 50 25.54 -37.89 53.21
C LEU F 50 24.10 -38.34 53.05
N SER F 51 23.90 -39.55 52.51
CA SER F 51 22.56 -40.08 52.25
C SER F 51 21.92 -40.61 53.53
N SER F 52 20.61 -40.84 53.52
CA SER F 52 19.89 -41.32 54.73
C SER F 52 20.35 -42.69 55.26
N GLY F 53 20.92 -43.52 54.40
CA GLY F 53 21.55 -44.75 54.79
C GLY F 53 23.02 -44.70 54.42
N GLY F 54 23.72 -43.68 54.89
CA GLY F 54 25.20 -43.74 55.05
C GLY F 54 26.14 -43.53 53.86
N ARG F 55 25.66 -43.45 52.61
CA ARG F 55 26.57 -43.20 51.50
C ARG F 55 27.02 -41.75 51.56
N HIS F 56 28.33 -41.53 51.50
CA HIS F 56 28.94 -40.22 51.67
C HIS F 56 29.82 -39.88 50.48
N THR F 57 29.85 -38.62 50.08
CA THR F 57 30.55 -38.18 48.88
C THR F 57 31.36 -36.94 49.23
N ARG F 58 32.64 -37.13 49.48
CA ARG F 58 33.49 -36.04 49.98
C ARG F 58 33.72 -35.03 48.87
N GLY F 59 33.90 -33.78 49.25
CA GLY F 59 34.06 -32.68 48.29
C GLY F 59 35.46 -32.63 47.74
N ASP F 60 35.69 -31.76 46.76
CA ASP F 60 37.01 -31.65 46.12
C ASP F 60 38.11 -31.29 47.13
N GLY F 61 39.26 -31.95 47.03
CA GLY F 61 40.41 -31.73 47.93
C GLY F 61 40.23 -32.11 49.39
N ILE F 62 39.29 -33.02 49.67
CA ILE F 62 38.97 -33.43 51.03
C ILE F 62 39.60 -34.81 51.25
N PRO F 63 40.38 -34.99 52.35
CA PRO F 63 41.12 -36.24 52.58
C PRO F 63 40.27 -37.48 52.90
N ASP F 64 40.81 -38.67 52.63
CA ASP F 64 40.17 -39.97 52.95
C ASP F 64 39.68 -40.12 54.39
N ARG F 65 40.48 -39.63 55.33
CA ARG F 65 40.12 -39.64 56.76
C ARG F 65 38.80 -38.94 57.19
N PHE F 66 38.21 -38.12 56.31
CA PHE F 66 36.81 -37.68 56.48
C PHE F 66 35.82 -38.65 55.79
N SER F 67 34.81 -39.06 56.55
CA SER F 67 33.80 -40.00 56.07
C SER F 67 32.50 -39.80 56.85
N GLY F 68 31.46 -40.53 56.45
CA GLY F 68 30.18 -40.44 57.11
C GLY F 68 29.39 -41.73 57.08
N SER F 69 28.43 -41.81 58.00
CA SER F 69 27.48 -42.91 58.08
C SER F 69 26.20 -42.42 58.71
N SER F 70 25.20 -43.30 58.77
CA SER F 70 23.88 -42.96 59.30
C SER F 70 23.30 -44.10 60.11
N SER F 71 22.48 -43.73 61.07
CA SER F 71 21.77 -44.68 61.92
C SER F 71 20.48 -44.00 62.34
N GLY F 72 19.36 -44.40 61.74
CA GLY F 72 18.05 -43.84 62.07
C GLY F 72 18.03 -42.37 61.72
N ALA F 73 17.71 -41.55 62.71
CA ALA F 73 17.76 -40.08 62.58
C ALA F 73 19.17 -39.51 62.68
N ASP F 74 20.15 -40.32 63.09
CA ASP F 74 21.47 -39.78 63.27
C ASP F 74 22.32 -39.87 62.00
N ARG F 75 23.20 -38.89 61.89
CA ARG F 75 24.07 -38.73 60.76
C ARG F 75 25.43 -38.42 61.36
N TYR F 76 26.45 -39.16 60.93
CA TYR F 76 27.73 -39.12 61.62
C TYR F 76 28.76 -38.57 60.66
N LEU F 77 29.58 -37.65 61.15
CA LEU F 77 30.83 -37.31 60.48
C LEU F 77 31.90 -38.00 61.28
N ILE F 78 32.63 -38.89 60.62
CA ILE F 78 33.76 -39.61 61.20
C ILE F 78 35.08 -39.03 60.69
N ILE F 79 35.82 -38.38 61.58
CA ILE F 79 37.18 -37.93 61.29
C ILE F 79 38.12 -38.99 61.85
N SER F 80 38.59 -39.88 60.99
CA SER F 80 39.63 -40.83 61.42
C SER F 80 40.97 -40.09 61.50
N SER F 81 41.94 -40.75 62.11
CA SER F 81 43.35 -40.35 62.03
C SER F 81 43.55 -38.85 62.32
N LEU F 82 43.09 -38.43 63.48
CA LEU F 82 42.85 -37.03 63.76
C LEU F 82 44.11 -36.15 63.90
N GLN F 83 44.27 -35.19 62.98
CA GLN F 83 45.40 -34.21 63.00
C GLN F 83 45.05 -32.99 63.86
N SER F 84 46.03 -32.08 64.03
CA SER F 84 45.88 -30.87 64.85
C SER F 84 44.99 -29.77 64.25
N GLU F 85 45.14 -29.54 62.95
CA GLU F 85 44.27 -28.62 62.19
C GLU F 85 42.76 -28.96 62.22
N ASP F 86 42.40 -30.19 62.54
CA ASP F 86 40.99 -30.59 62.65
C ASP F 86 40.19 -29.85 63.73
N GLU F 87 40.87 -29.14 64.63
CA GLU F 87 40.23 -28.41 65.73
C GLU F 87 39.38 -27.25 65.19
N ALA F 88 38.06 -27.38 65.30
CA ALA F 88 37.15 -26.59 64.50
C ALA F 88 35.70 -26.79 64.92
N ASP F 89 34.82 -25.91 64.43
CA ASP F 89 33.36 -26.10 64.49
C ASP F 89 32.89 -26.89 63.27
N TYR F 90 32.03 -27.88 63.51
CA TYR F 90 31.46 -28.70 62.44
C TYR F 90 29.94 -28.51 62.38
N TYR F 91 29.45 -28.04 61.22
CA TYR F 91 28.02 -27.84 61.00
C TYR F 91 27.52 -28.89 60.03
N CYS F 92 26.31 -29.36 60.31
CA CYS F 92 25.66 -30.28 59.43
C CYS F 92 24.59 -29.37 58.86
N GLN F 93 24.30 -29.50 57.58
CA GLN F 93 23.15 -28.81 57.01
C GLN F 93 22.42 -29.76 56.15
N THR F 94 21.11 -29.55 56.12
CA THR F 94 20.23 -30.20 55.20
C THR F 94 19.43 -29.11 54.45
N TRP F 95 18.33 -29.55 53.85
CA TRP F 95 17.46 -28.70 53.04
C TRP F 95 16.07 -29.26 53.11
N ASP F 96 15.07 -28.39 53.23
CA ASP F 96 13.69 -28.85 53.15
C ASP F 96 12.94 -27.78 52.34
N ALA F 97 12.25 -26.83 52.98
CA ALA F 97 11.63 -25.70 52.28
C ALA F 97 12.64 -24.61 52.12
N GLY F 98 13.48 -24.46 53.14
CA GLY F 98 14.71 -23.65 53.03
C GLY F 98 15.94 -24.49 53.25
N MET F 99 17.09 -23.83 53.37
CA MET F 99 18.33 -24.45 53.80
C MET F 99 18.49 -24.31 55.32
N VAL F 100 18.71 -25.44 56.00
CA VAL F 100 18.87 -25.47 57.45
C VAL F 100 20.26 -25.88 57.90
N PHE F 101 20.76 -25.25 58.96
CA PHE F 101 22.02 -25.66 59.57
C PHE F 101 21.77 -26.28 60.94
N GLY F 102 22.78 -27.01 61.40
CA GLY F 102 22.87 -27.45 62.77
C GLY F 102 23.43 -26.30 63.57
N GLY F 103 23.55 -26.53 64.87
CA GLY F 103 24.05 -25.52 65.78
C GLY F 103 25.55 -25.40 65.85
N GLY F 104 26.26 -26.38 65.32
CA GLY F 104 27.73 -26.41 65.47
C GLY F 104 28.15 -27.28 66.63
N THR F 105 29.19 -28.08 66.40
CA THR F 105 29.87 -28.82 67.44
C THR F 105 31.31 -28.37 67.34
N LYS F 106 31.84 -27.80 68.42
CA LYS F 106 33.24 -27.40 68.44
C LYS F 106 34.09 -28.58 68.87
N LEU F 107 34.92 -29.06 67.94
CA LEU F 107 35.88 -30.11 68.23
C LEU F 107 37.13 -29.50 68.81
N THR F 108 37.52 -30.02 69.98
CA THR F 108 38.77 -29.69 70.66
C THR F 108 39.64 -30.93 70.55
N VAL F 109 40.88 -30.77 70.11
CA VAL F 109 41.79 -31.90 69.91
C VAL F 109 42.93 -31.82 70.94
N LEU F 110 43.09 -32.93 71.65
CA LEU F 110 43.81 -32.96 72.90
C LEU F 110 45.09 -33.71 72.77
N GLY F 111 45.97 -33.47 73.74
CA GLY F 111 47.24 -34.16 73.85
C GLY F 111 48.32 -33.54 72.98
N GLN F 112 48.12 -32.29 72.63
CA GLN F 112 49.10 -31.55 71.87
C GLN F 112 50.16 -31.08 72.83
N SER F 113 51.31 -30.75 72.26
CA SER F 113 52.55 -30.49 72.99
C SER F 113 52.43 -29.25 73.91
N LYS F 114 52.79 -29.43 75.19
CA LYS F 114 52.63 -28.38 76.21
C LYS F 114 53.72 -27.33 76.04
N ALA F 115 53.35 -26.15 75.56
CA ALA F 115 54.26 -25.00 75.48
C ALA F 115 53.77 -23.92 76.44
N ALA F 116 54.65 -23.47 77.34
CA ALA F 116 54.29 -22.49 78.39
C ALA F 116 54.18 -21.07 77.82
N PRO F 117 53.45 -20.16 78.52
CA PRO F 117 53.28 -18.77 78.02
C PRO F 117 54.58 -17.94 77.89
N SER F 118 54.80 -17.37 76.69
CA SER F 118 56.06 -16.66 76.34
C SER F 118 55.84 -15.13 76.20
N VAL F 119 56.14 -14.39 77.28
CA VAL F 119 55.77 -12.94 77.42
C VAL F 119 56.93 -11.96 77.13
N THR F 120 56.61 -10.83 76.48
CA THR F 120 57.47 -9.63 76.47
C THR F 120 56.57 -8.38 76.71
N LEU F 121 57.01 -7.46 77.58
CA LEU F 121 56.21 -6.29 78.06
C LEU F 121 56.82 -4.92 77.69
N PHE F 122 56.07 -4.13 76.90
CA PHE F 122 56.59 -2.88 76.26
C PHE F 122 56.20 -1.58 77.02
N PRO F 123 56.93 -0.45 76.74
CA PRO F 123 56.68 0.79 77.47
C PRO F 123 55.66 1.72 76.79
N PRO F 124 54.93 2.55 77.56
CA PRO F 124 54.20 3.71 77.05
C PRO F 124 55.13 4.65 76.27
N SER F 125 54.65 5.15 75.13
CA SER F 125 55.51 5.77 74.13
C SER F 125 55.99 7.19 74.49
N SER F 126 56.82 7.75 73.60
CA SER F 126 57.22 9.16 73.68
C SER F 126 56.04 10.06 73.33
N GLU F 127 55.36 9.73 72.24
CA GLU F 127 54.22 10.52 71.72
C GLU F 127 52.88 10.22 72.43
N GLU F 128 52.85 9.22 73.31
CA GLU F 128 51.64 8.81 74.07
C GLU F 128 51.46 9.60 75.37
N LEU F 129 52.58 9.97 76.00
CA LEU F 129 52.59 10.94 77.10
C LEU F 129 52.22 12.37 76.64
N GLN F 130 52.38 12.65 75.34
CA GLN F 130 52.07 13.96 74.74
C GLN F 130 50.57 14.34 74.66
N ALA F 131 49.67 13.38 74.85
CA ALA F 131 48.21 13.64 74.94
C ALA F 131 47.65 13.39 76.35
N ASN F 132 48.51 13.46 77.37
CA ASN F 132 48.17 13.18 78.79
C ASN F 132 47.65 11.75 79.02
N LYS F 133 48.40 10.75 78.52
CA LYS F 133 48.00 9.34 78.63
C LYS F 133 49.22 8.42 78.84
N ALA F 134 48.97 7.24 79.38
CA ALA F 134 50.02 6.24 79.65
C ALA F 134 49.42 4.84 79.71
N THR F 135 49.78 4.00 78.73
CA THR F 135 49.15 2.69 78.53
C THR F 135 50.18 1.57 78.48
N LEU F 136 50.13 0.66 79.46
CA LEU F 136 50.97 -0.55 79.47
C LEU F 136 50.37 -1.63 78.57
N VAL F 137 51.24 -2.38 77.90
CA VAL F 137 50.85 -3.31 76.81
C VAL F 137 51.48 -4.69 77.00
N CYS F 138 50.80 -5.58 77.73
CA CYS F 138 51.30 -6.95 77.90
C CYS F 138 50.76 -7.84 76.79
N LEU F 139 51.69 -8.44 76.03
CA LEU F 139 51.38 -9.30 74.88
C LEU F 139 51.91 -10.70 75.17
N ILE F 140 51.01 -11.67 75.37
CA ILE F 140 51.42 -13.07 75.58
C ILE F 140 51.37 -13.79 74.22
N SER F 141 52.34 -14.67 73.97
CA SER F 141 52.45 -15.43 72.71
C SER F 141 52.83 -16.91 72.97
N ASP F 142 52.24 -17.81 72.18
CA ASP F 142 52.54 -19.25 72.19
C ASP F 142 52.29 -19.97 73.52
N PHE F 143 51.02 -20.32 73.75
CA PHE F 143 50.63 -21.13 74.93
C PHE F 143 49.59 -22.21 74.56
N TYR F 144 49.40 -23.16 75.48
CA TYR F 144 48.45 -24.28 75.33
C TYR F 144 48.43 -25.08 76.64
N PRO F 145 47.31 -25.17 77.38
CA PRO F 145 45.98 -24.64 77.01
C PRO F 145 45.86 -23.11 76.89
N GLY F 146 44.70 -22.68 76.41
CA GLY F 146 44.37 -21.26 76.26
C GLY F 146 44.17 -20.51 77.57
N ALA F 147 43.92 -21.23 78.67
CA ALA F 147 43.77 -20.60 79.99
C ALA F 147 44.96 -19.71 80.32
N VAL F 148 44.68 -18.48 80.72
CA VAL F 148 45.69 -17.53 81.20
C VAL F 148 45.06 -16.59 82.23
N THR F 149 45.70 -16.43 83.38
CA THR F 149 45.28 -15.46 84.40
C THR F 149 46.19 -14.24 84.31
N VAL F 150 45.60 -13.06 84.56
CA VAL F 150 46.32 -11.80 84.50
C VAL F 150 45.87 -10.85 85.63
N ALA F 151 46.85 -10.29 86.33
CA ALA F 151 46.63 -9.24 87.33
C ALA F 151 47.93 -8.45 87.48
N TRP F 152 47.86 -7.12 87.36
CA TRP F 152 49.04 -6.27 87.27
C TRP F 152 49.73 -5.94 88.62
N LYS F 153 51.04 -6.20 88.68
CA LYS F 153 51.90 -5.73 89.78
C LYS F 153 52.21 -4.25 89.56
N ALA F 154 51.28 -3.40 89.99
CA ALA F 154 51.55 -1.98 90.15
C ALA F 154 52.27 -1.86 91.50
N ASP F 155 53.60 -2.04 91.46
CA ASP F 155 54.45 -2.14 92.66
C ASP F 155 54.04 -3.26 93.63
N SER F 156 53.00 -3.05 94.43
CA SER F 156 52.56 -4.00 95.45
C SER F 156 51.07 -3.82 95.77
N SER F 157 50.22 -3.83 94.75
CA SER F 157 48.77 -3.66 94.91
C SER F 157 47.95 -4.47 93.88
N PRO F 158 46.74 -4.99 94.29
CA PRO F 158 45.87 -5.68 93.32
C PRO F 158 45.31 -4.76 92.22
N VAL F 159 44.37 -5.28 91.42
CA VAL F 159 43.69 -4.52 90.36
C VAL F 159 42.22 -4.91 90.26
N LYS F 160 41.39 -4.00 89.76
CA LYS F 160 39.94 -4.23 89.59
C LYS F 160 39.34 -3.52 88.35
N ALA F 161 39.47 -2.19 88.32
CA ALA F 161 39.19 -1.40 87.12
C ALA F 161 40.51 -0.91 86.52
N GLY F 162 40.44 -0.27 85.35
CA GLY F 162 41.63 0.17 84.62
C GLY F 162 42.27 -0.88 83.71
N VAL F 163 41.88 -2.15 83.84
CA VAL F 163 42.44 -3.27 83.07
C VAL F 163 41.51 -3.64 81.91
N GLU F 164 42.08 -4.12 80.79
CA GLU F 164 41.32 -4.65 79.65
C GLU F 164 41.82 -6.06 79.25
N THR F 165 40.90 -6.89 78.74
CA THR F 165 41.08 -8.35 78.68
C THR F 165 40.54 -9.00 77.38
N THR F 166 41.44 -9.46 76.51
CA THR F 166 41.07 -10.21 75.28
C THR F 166 41.05 -11.71 75.58
N THR F 167 39.91 -12.37 75.42
CA THR F 167 39.86 -13.83 75.57
C THR F 167 40.72 -14.46 74.45
N PRO F 168 41.55 -15.47 74.78
CA PRO F 168 42.72 -15.87 73.94
C PRO F 168 42.40 -16.41 72.52
N SER F 169 43.40 -16.43 71.63
CA SER F 169 43.23 -16.87 70.21
C SER F 169 44.39 -17.76 69.71
N LYS F 170 44.06 -18.91 69.13
CA LYS F 170 44.99 -19.67 68.28
C LYS F 170 45.49 -18.82 67.10
N GLN F 171 46.80 -18.58 67.04
CA GLN F 171 47.44 -17.97 65.87
C GLN F 171 47.85 -19.12 64.93
N SER F 172 47.94 -18.84 63.63
CA SER F 172 48.21 -19.89 62.60
C SER F 172 49.59 -20.57 62.65
N ASN F 173 50.43 -20.19 63.62
CA ASN F 173 51.53 -21.06 64.10
C ASN F 173 51.06 -22.16 65.09
N ASN F 174 49.76 -22.43 65.15
CA ASN F 174 49.19 -23.53 65.96
C ASN F 174 49.01 -23.24 67.48
N LYS F 175 49.65 -22.19 68.01
CA LYS F 175 49.57 -21.88 69.44
C LYS F 175 48.93 -20.53 69.70
N TYR F 176 48.54 -20.31 70.96
CA TYR F 176 47.73 -19.13 71.35
C TYR F 176 48.49 -17.78 71.27
N ALA F 177 47.74 -16.68 71.35
CA ALA F 177 48.31 -15.32 71.31
C ALA F 177 47.29 -14.27 71.81
N ALA F 178 47.49 -13.73 73.02
CA ALA F 178 46.52 -12.82 73.69
C ALA F 178 47.12 -11.49 74.22
N SER F 179 46.29 -10.44 74.21
CA SER F 179 46.66 -9.07 74.65
C SER F 179 45.84 -8.68 75.89
N SER F 180 46.44 -7.84 76.76
CA SER F 180 45.73 -7.27 77.92
C SER F 180 46.42 -5.98 78.42
N TYR F 181 45.61 -4.96 78.76
CA TYR F 181 46.05 -3.55 78.93
C TYR F 181 45.67 -2.91 80.29
N LEU F 182 46.51 -1.99 80.80
CA LEU F 182 46.15 -1.07 81.91
C LEU F 182 46.48 0.40 81.56
N SER F 183 45.52 1.31 81.85
CA SER F 183 45.61 2.75 81.54
C SER F 183 45.49 3.65 82.77
N LEU F 184 46.27 4.74 82.75
CA LEU F 184 46.29 5.75 83.81
C LEU F 184 46.52 7.12 83.16
N THR F 185 46.61 8.16 83.99
CA THR F 185 47.12 9.48 83.56
C THR F 185 48.65 9.53 83.86
N PRO F 186 49.45 10.28 83.06
CA PRO F 186 50.95 10.24 83.06
C PRO F 186 51.72 10.36 84.39
N GLU F 187 51.13 10.96 85.42
CA GLU F 187 51.78 11.10 86.76
C GLU F 187 51.70 9.83 87.65
N GLN F 188 50.72 8.95 87.40
CA GLN F 188 50.69 7.60 88.01
C GLN F 188 51.64 6.61 87.31
N TRP F 189 52.02 6.92 86.07
CA TRP F 189 53.07 6.22 85.33
C TRP F 189 54.47 6.64 85.82
N LYS F 190 54.69 7.93 86.03
CA LYS F 190 55.98 8.47 86.52
C LYS F 190 56.23 8.21 88.03
N SER F 191 55.20 8.37 88.87
CA SER F 191 55.32 8.24 90.35
C SER F 191 55.53 6.81 90.87
N HIS F 192 55.38 5.80 90.00
CA HIS F 192 55.85 4.45 90.27
C HIS F 192 56.75 4.07 89.08
N ARG F 193 58.08 4.11 89.28
CA ARG F 193 59.04 3.93 88.18
C ARG F 193 59.39 2.48 87.81
N SER F 194 58.55 1.53 88.24
CA SER F 194 58.68 0.12 87.87
C SER F 194 57.31 -0.55 87.86
N TYR F 195 57.02 -1.32 86.82
CA TYR F 195 55.81 -2.14 86.74
C TYR F 195 56.16 -3.56 86.31
N SER F 196 55.24 -4.49 86.60
CA SER F 196 55.45 -5.93 86.35
C SER F 196 54.18 -6.65 85.88
N CYS F 197 54.35 -7.56 84.91
CA CYS F 197 53.27 -8.36 84.33
C CYS F 197 53.46 -9.82 84.76
N GLN F 198 52.60 -10.32 85.66
CA GLN F 198 52.69 -11.71 86.19
C GLN F 198 51.54 -12.60 85.68
N VAL F 199 51.76 -13.29 84.57
CA VAL F 199 50.74 -14.16 83.96
C VAL F 199 50.86 -15.60 84.48
N THR F 200 50.05 -15.95 85.47
CA THR F 200 50.10 -17.30 86.05
C THR F 200 49.20 -18.24 85.23
N HIS F 201 49.74 -19.42 84.88
CA HIS F 201 49.00 -20.44 84.11
C HIS F 201 49.39 -21.88 84.50
N GLU F 202 48.40 -22.65 84.99
CA GLU F 202 48.57 -24.04 85.47
C GLU F 202 49.68 -24.21 86.54
N GLY F 203 49.87 -23.18 87.37
CA GLY F 203 50.91 -23.15 88.43
C GLY F 203 52.01 -22.14 88.15
N SER F 204 52.55 -22.17 86.93
CA SER F 204 53.73 -21.36 86.54
C SER F 204 53.37 -19.90 86.27
N THR F 205 54.40 -19.04 86.26
CA THR F 205 54.28 -17.60 85.97
C THR F 205 55.43 -17.10 85.09
N VAL F 206 55.16 -16.15 84.20
CA VAL F 206 56.20 -15.52 83.35
C VAL F 206 56.03 -14.00 83.34
N GLU F 207 57.16 -13.29 83.33
CA GLU F 207 57.19 -11.86 83.64
C GLU F 207 58.42 -11.14 83.05
N LYS F 208 58.22 -9.87 82.69
CA LYS F 208 59.29 -8.92 82.39
C LYS F 208 58.90 -7.53 82.95
N THR F 209 59.81 -6.55 82.85
CA THR F 209 59.63 -5.23 83.50
C THR F 209 59.90 -4.02 82.58
N VAL F 210 59.51 -2.83 83.05
CA VAL F 210 59.77 -1.53 82.36
C VAL F 210 60.04 -0.41 83.39
N ALA F 211 60.46 0.77 82.90
CA ALA F 211 60.71 1.94 83.76
C ALA F 211 60.55 3.28 82.99
N PRO F 212 59.81 4.26 83.55
CA PRO F 212 59.42 5.49 82.84
C PRO F 212 60.54 6.51 82.61
N THR F 213 61.07 7.15 83.66
CA THR F 213 62.12 8.16 83.51
C THR F 213 63.52 7.53 83.30
N GLU F 214 63.61 6.63 82.31
CA GLU F 214 64.88 6.15 81.76
C GLU F 214 65.29 6.97 80.52
N CYS F 215 64.39 7.84 80.05
CA CYS F 215 64.71 8.90 79.08
C CYS F 215 64.90 10.22 79.84
N SER F 216 66.02 10.91 79.59
CA SER F 216 66.32 12.21 80.21
C SER F 216 66.26 13.31 79.15
N VAL G 2 -54.12 37.58 16.35
CA VAL G 2 -54.46 36.94 15.03
C VAL G 2 -54.66 35.44 15.25
N ALA G 3 -55.58 34.85 14.48
CA ALA G 3 -55.86 33.41 14.57
C ALA G 3 -54.73 32.58 13.95
N PRO G 4 -54.51 31.36 14.47
CA PRO G 4 -53.64 30.42 13.77
C PRO G 4 -54.35 29.76 12.59
N LEU G 5 -53.60 29.44 11.54
CA LEU G 5 -54.11 28.60 10.45
C LEU G 5 -54.12 27.16 10.95
N HIS G 6 -55.32 26.60 11.09
CA HIS G 6 -55.47 25.17 11.43
C HIS G 6 -55.46 24.39 10.13
N LEU G 7 -55.07 23.13 10.19
CA LEU G 7 -55.02 22.23 9.03
C LEU G 7 -55.52 20.81 9.31
N GLY G 8 -55.83 20.45 10.56
CA GLY G 8 -56.38 19.12 10.83
C GLY G 8 -55.41 18.03 10.48
N LYS G 9 -55.88 17.00 9.77
CA LYS G 9 -55.02 15.87 9.38
C LYS G 9 -54.03 16.22 8.25
N CYS G 10 -54.28 17.29 7.49
CA CYS G 10 -53.28 17.77 6.50
C CYS G 10 -52.05 18.49 7.09
N ASN G 11 -50.95 18.43 6.35
CA ASN G 11 -49.72 19.17 6.69
C ASN G 11 -49.51 20.28 5.66
N ILE G 12 -48.43 21.06 5.79
CA ILE G 12 -48.19 22.21 4.87
C ILE G 12 -48.19 21.74 3.40
N ALA G 13 -47.46 20.66 3.14
CA ALA G 13 -47.31 20.14 1.79
C ALA G 13 -48.67 19.85 1.17
N GLY G 14 -49.46 19.00 1.84
CA GLY G 14 -50.82 18.67 1.38
C GLY G 14 -51.65 19.91 1.12
N TRP G 15 -51.71 20.80 2.11
CA TRP G 15 -52.51 22.01 2.01
C TRP G 15 -52.10 22.93 0.83
N ILE G 16 -50.80 23.24 0.70
CA ILE G 16 -50.32 24.20 -0.31
C ILE G 16 -50.37 23.64 -1.74
N LEU G 17 -50.21 22.32 -1.86
CA LEU G 17 -50.37 21.64 -3.14
C LEU G 17 -51.85 21.51 -3.48
N GLY G 18 -52.67 21.28 -2.45
CA GLY G 18 -54.09 21.02 -2.64
C GLY G 18 -54.37 19.54 -2.84
N ASN G 19 -53.80 18.69 -1.98
CA ASN G 19 -54.17 17.29 -1.88
C ASN G 19 -55.70 17.27 -1.77
N PRO G 20 -56.37 16.33 -2.48
CA PRO G 20 -57.83 16.33 -2.45
C PRO G 20 -58.49 16.31 -1.06
N GLU G 21 -57.83 15.70 -0.07
CA GLU G 21 -58.36 15.66 1.30
C GLU G 21 -58.28 16.99 2.08
N CYS G 22 -57.52 17.97 1.61
CA CYS G 22 -57.30 19.22 2.36
C CYS G 22 -58.18 20.40 1.91
N GLU G 23 -59.26 20.15 1.17
CA GLU G 23 -60.16 21.22 0.71
C GLU G 23 -60.87 21.97 1.86
N SER G 24 -61.22 21.23 2.93
CA SER G 24 -62.13 21.67 4.02
C SER G 24 -61.94 23.10 4.56
N LEU G 25 -60.71 23.45 4.93
CA LEU G 25 -60.37 24.79 5.43
C LEU G 25 -59.04 25.16 4.78
N SER G 26 -59.05 26.16 3.90
CA SER G 26 -57.86 26.56 3.11
C SER G 26 -57.61 28.07 3.12
N THR G 27 -58.48 28.81 2.42
CA THR G 27 -58.31 30.26 2.28
C THR G 27 -58.95 31.03 3.46
N ALA G 28 -58.28 30.99 4.62
CA ALA G 28 -58.31 32.10 5.56
C ALA G 28 -57.24 33.09 5.09
N SER G 29 -57.40 34.36 5.45
CA SER G 29 -56.72 35.47 4.76
C SER G 29 -55.34 35.88 5.34
N SER G 30 -55.06 35.44 6.57
CA SER G 30 -54.03 36.05 7.41
C SER G 30 -53.79 35.17 8.64
N TRP G 31 -52.53 34.89 8.97
CA TRP G 31 -52.24 34.12 10.19
C TRP G 31 -50.83 34.36 10.75
N SER G 32 -50.71 34.10 12.05
CA SER G 32 -49.51 34.40 12.84
C SER G 32 -48.67 33.16 13.08
N TYR G 33 -49.32 32.01 13.17
CA TYR G 33 -48.64 30.72 13.17
C TYR G 33 -49.51 29.62 12.55
N ILE G 34 -48.96 28.43 12.41
CA ILE G 34 -49.69 27.32 11.82
C ILE G 34 -49.74 26.15 12.80
N VAL G 35 -50.89 25.50 12.86
CA VAL G 35 -51.02 24.17 13.49
C VAL G 35 -51.25 23.21 12.34
N GLU G 36 -50.51 22.10 12.32
CA GLU G 36 -50.71 21.01 11.34
C GLU G 36 -50.73 19.66 12.07
N THR G 37 -50.83 18.57 11.31
CA THR G 37 -50.46 17.24 11.80
C THR G 37 -49.09 16.98 11.19
N PRO G 38 -48.07 16.77 12.06
CA PRO G 38 -46.67 16.81 11.62
C PRO G 38 -46.38 15.83 10.46
N SER G 39 -46.85 14.59 10.59
CA SER G 39 -46.76 13.58 9.55
C SER G 39 -48.14 13.04 9.27
N SER G 40 -48.60 13.18 8.03
CA SER G 40 -49.85 12.59 7.60
C SER G 40 -49.66 11.92 6.26
N ASP G 41 -50.56 11.00 5.93
CA ASP G 41 -50.59 10.38 4.61
C ASP G 41 -51.07 11.40 3.56
N ASN G 42 -51.94 12.33 4.00
CA ASN G 42 -52.54 13.34 3.11
C ASN G 42 -51.64 14.60 3.06
N GLY G 43 -50.50 14.39 2.39
CA GLY G 43 -49.54 15.40 2.07
C GLY G 43 -49.34 15.31 0.58
N THR G 44 -48.36 14.51 0.15
CA THR G 44 -48.12 14.30 -1.27
C THR G 44 -48.67 12.93 -1.66
N CYS G 45 -49.84 12.92 -2.30
CA CYS G 45 -50.47 11.67 -2.65
C CYS G 45 -49.62 10.91 -3.69
N TYR G 46 -49.23 11.58 -4.77
CA TYR G 46 -48.31 10.95 -5.70
C TYR G 46 -46.93 11.09 -5.04
N PRO G 47 -46.24 9.97 -4.81
CA PRO G 47 -44.99 10.01 -4.06
C PRO G 47 -43.85 10.69 -4.82
N GLY G 48 -42.84 11.11 -4.06
CA GLY G 48 -41.73 11.95 -4.54
C GLY G 48 -41.24 12.88 -3.45
N ASP G 49 -40.27 13.73 -3.78
CA ASP G 49 -39.55 14.56 -2.79
C ASP G 49 -39.96 16.05 -2.94
N PHE G 50 -40.44 16.64 -1.84
CA PHE G 50 -40.76 18.07 -1.80
C PHE G 50 -39.43 18.83 -1.63
N ILE G 51 -39.05 19.61 -2.62
CA ILE G 51 -37.76 20.33 -2.61
C ILE G 51 -37.84 21.69 -1.92
N ASP G 52 -36.80 22.04 -1.16
CA ASP G 52 -36.77 23.26 -0.35
C ASP G 52 -37.99 23.29 0.58
N TYR G 53 -38.38 22.14 1.14
CA TYR G 53 -39.65 22.05 1.88
C TYR G 53 -39.57 22.86 3.17
N GLU G 54 -38.56 22.56 3.99
CA GLU G 54 -38.33 23.30 5.23
C GLU G 54 -38.31 24.83 5.04
N GLU G 55 -37.69 25.27 3.96
CA GLU G 55 -37.60 26.69 3.64
C GLU G 55 -39.00 27.24 3.45
N LEU G 56 -39.88 26.47 2.78
CA LEU G 56 -41.29 26.88 2.48
C LEU G 56 -42.11 26.98 3.73
N ARG G 57 -41.92 26.05 4.64
CA ARG G 57 -42.68 26.03 5.89
C ARG G 57 -42.42 27.32 6.65
N GLU G 58 -41.14 27.66 6.85
CA GLU G 58 -40.77 28.93 7.51
C GLU G 58 -41.27 30.15 6.73
N GLN G 59 -41.42 30.01 5.42
CA GLN G 59 -42.00 31.07 4.61
C GLN G 59 -43.49 31.28 4.85
N LEU G 60 -44.22 30.19 4.97
CA LEU G 60 -45.67 30.26 5.11
C LEU G 60 -46.09 30.36 6.56
N SER G 61 -45.15 30.28 7.49
CA SER G 61 -45.47 30.14 8.93
C SER G 61 -46.25 31.32 9.47
N SER G 62 -45.90 32.52 9.03
CA SER G 62 -46.71 33.72 9.32
C SER G 62 -46.77 34.65 8.13
N VAL G 63 -47.99 35.14 7.86
CA VAL G 63 -48.31 35.90 6.66
C VAL G 63 -49.32 36.99 7.02
N SER G 64 -49.11 38.20 6.48
CA SER G 64 -50.03 39.32 6.71
C SER G 64 -51.28 39.11 5.87
N SER G 65 -51.07 38.97 4.56
CA SER G 65 -52.17 38.74 3.62
C SER G 65 -51.77 37.62 2.67
N PHE G 66 -52.71 36.74 2.38
CA PHE G 66 -52.45 35.54 1.59
C PHE G 66 -53.70 35.21 0.79
N GLU G 67 -53.58 35.29 -0.53
CA GLU G 67 -54.69 35.25 -1.48
C GLU G 67 -54.38 34.27 -2.64
N ARG G 68 -55.24 33.26 -2.81
CA ARG G 68 -55.09 32.31 -3.92
C ARG G 68 -55.60 32.91 -5.25
N PHE G 69 -55.04 32.49 -6.38
CA PHE G 69 -55.52 32.94 -7.69
C PHE G 69 -55.04 32.05 -8.83
N GLU G 70 -55.90 31.88 -9.84
CA GLU G 70 -55.63 30.95 -10.94
C GLU G 70 -54.61 31.57 -11.87
N ILE G 71 -53.34 31.35 -11.57
CA ILE G 71 -52.24 31.88 -12.37
C ILE G 71 -52.34 31.44 -13.84
N PHE G 72 -52.62 30.17 -14.07
CA PHE G 72 -52.78 29.63 -15.43
C PHE G 72 -54.08 28.86 -15.48
N PRO G 73 -55.14 29.47 -16.07
CA PRO G 73 -56.45 28.82 -15.96
C PRO G 73 -56.60 27.55 -16.82
N LYS G 74 -57.29 26.57 -16.26
CA LYS G 74 -57.31 25.22 -16.82
C LYS G 74 -57.75 25.11 -18.26
N THR G 75 -58.66 26.00 -18.66
CA THR G 75 -59.34 25.89 -19.93
C THR G 75 -58.79 26.82 -21.00
N SER G 76 -58.09 27.89 -20.63
CA SER G 76 -57.53 28.86 -21.59
C SER G 76 -56.12 28.54 -22.06
N SER G 77 -55.27 28.15 -21.11
CA SER G 77 -53.81 28.29 -21.25
C SER G 77 -53.04 27.06 -21.75
N TRP G 78 -53.69 25.89 -21.81
CA TRP G 78 -53.02 24.67 -22.32
C TRP G 78 -53.70 24.01 -23.55
N PRO G 79 -53.90 24.78 -24.63
CA PRO G 79 -54.68 24.31 -25.76
C PRO G 79 -54.01 23.24 -26.65
N ASN G 80 -52.70 23.04 -26.56
CA ASN G 80 -52.04 21.97 -27.31
C ASN G 80 -51.59 20.80 -26.44
N HIS G 81 -52.20 20.68 -25.26
CA HIS G 81 -51.82 19.67 -24.27
C HIS G 81 -53.06 19.16 -23.54
N ASP G 82 -53.02 17.94 -23.04
CA ASP G 82 -54.22 17.35 -22.46
C ASP G 82 -54.27 17.74 -21.01
N SER G 83 -55.17 18.68 -20.69
CA SER G 83 -55.29 19.18 -19.31
C SER G 83 -56.26 18.35 -18.44
N ASN G 84 -56.56 17.11 -18.86
CA ASN G 84 -57.70 16.34 -18.29
C ASN G 84 -57.37 14.91 -17.93
N LYS G 85 -56.55 14.27 -18.76
CA LYS G 85 -56.03 12.94 -18.44
C LYS G 85 -55.09 12.91 -17.20
N GLY G 86 -54.57 14.08 -16.78
CA GLY G 86 -53.65 14.18 -15.64
C GLY G 86 -54.16 13.81 -14.25
N VAL G 87 -54.43 12.53 -14.03
CA VAL G 87 -55.17 12.07 -12.86
C VAL G 87 -54.69 10.67 -12.42
N THR G 88 -54.71 10.36 -11.11
CA THR G 88 -54.15 9.07 -10.62
C THR G 88 -54.90 8.35 -9.50
N ALA G 89 -54.75 7.04 -9.51
CA ALA G 89 -55.14 6.16 -8.41
C ALA G 89 -54.62 6.63 -7.06
N ALA G 90 -53.42 7.21 -7.07
CA ALA G 90 -52.76 7.64 -5.84
C ALA G 90 -53.38 8.87 -5.16
N CYS G 91 -54.06 9.72 -5.93
CA CYS G 91 -54.73 10.91 -5.39
C CYS G 91 -56.23 10.74 -5.54
N PRO G 92 -56.83 9.82 -4.77
CA PRO G 92 -58.27 9.60 -4.89
C PRO G 92 -59.10 10.73 -4.31
N HIS G 93 -60.28 10.98 -4.89
CA HIS G 93 -61.27 11.88 -4.28
C HIS G 93 -62.67 11.28 -4.28
N ALA G 94 -63.03 10.68 -3.14
CA ALA G 94 -64.31 9.99 -2.96
C ALA G 94 -64.52 9.00 -4.09
N GLY G 95 -63.71 7.95 -4.07
CA GLY G 95 -63.85 6.83 -5.01
C GLY G 95 -63.35 7.02 -6.43
N ALA G 96 -62.97 8.25 -6.79
CA ALA G 96 -62.49 8.54 -8.15
C ALA G 96 -61.00 8.85 -8.10
N LYS G 97 -60.33 8.62 -9.23
CA LYS G 97 -58.97 9.07 -9.42
C LYS G 97 -59.01 10.56 -9.58
N SER G 98 -58.07 11.27 -8.95
CA SER G 98 -57.97 12.73 -9.08
C SER G 98 -56.50 13.17 -9.05
N PHE G 99 -56.26 14.42 -8.64
CA PHE G 99 -54.93 15.01 -8.52
C PHE G 99 -54.94 16.20 -7.54
N TYR G 100 -53.77 16.78 -7.28
CA TYR G 100 -53.68 18.08 -6.57
C TYR G 100 -54.55 19.14 -7.28
N LYS G 101 -55.18 19.99 -6.48
CA LYS G 101 -56.06 21.03 -6.99
C LYS G 101 -55.32 22.19 -7.66
N ASN G 102 -54.14 22.51 -7.14
CA ASN G 102 -53.39 23.74 -7.53
C ASN G 102 -52.40 23.49 -8.67
N LEU G 103 -52.21 22.22 -9.04
CA LEU G 103 -51.38 21.83 -10.17
C LEU G 103 -52.15 21.00 -11.18
N ILE G 104 -51.76 21.10 -12.45
CA ILE G 104 -52.28 20.21 -13.49
C ILE G 104 -51.14 19.40 -14.10
N TRP G 105 -51.35 18.09 -14.17
CA TRP G 105 -50.45 17.17 -14.82
C TRP G 105 -50.75 17.08 -16.34
N LEU G 106 -50.12 17.96 -17.12
CA LEU G 106 -50.23 17.91 -18.58
C LEU G 106 -49.67 16.61 -19.16
N VAL G 107 -50.33 16.13 -20.19
CA VAL G 107 -50.03 14.85 -20.86
C VAL G 107 -50.25 15.17 -22.32
N LYS G 108 -49.62 14.39 -23.21
CA LYS G 108 -49.69 14.66 -24.65
C LYS G 108 -51.12 14.68 -25.21
N LYS G 109 -51.27 15.41 -26.32
CA LYS G 109 -52.49 15.34 -27.11
C LYS G 109 -52.23 14.42 -28.34
N GLY G 110 -52.86 13.25 -28.32
CA GLY G 110 -52.69 12.28 -29.35
C GLY G 110 -51.29 11.74 -29.41
N ASN G 111 -50.51 12.33 -30.29
CA ASN G 111 -49.32 11.72 -30.89
C ASN G 111 -48.04 12.47 -30.55
N SER G 112 -48.20 13.68 -30.02
CA SER G 112 -47.21 14.73 -30.18
C SER G 112 -47.28 15.69 -28.98
N TYR G 113 -46.12 15.99 -28.40
CA TYR G 113 -46.04 16.92 -27.26
C TYR G 113 -45.24 18.12 -27.74
N PRO G 114 -45.95 19.14 -28.23
CA PRO G 114 -45.27 20.31 -28.72
C PRO G 114 -44.68 21.05 -27.54
N LYS G 115 -43.53 21.67 -27.75
CA LYS G 115 -42.90 22.51 -26.74
C LYS G 115 -43.87 23.57 -26.26
N LEU G 116 -44.25 23.46 -25.00
CA LEU G 116 -45.05 24.49 -24.37
C LEU G 116 -44.09 25.51 -23.80
N SER G 117 -44.48 26.77 -23.87
CA SER G 117 -43.71 27.85 -23.27
C SER G 117 -44.67 28.93 -22.80
N LYS G 118 -44.95 28.96 -21.50
CA LYS G 118 -45.90 29.90 -20.92
C LYS G 118 -45.25 30.73 -19.84
N SER G 119 -45.64 32.01 -19.74
CA SER G 119 -45.12 32.97 -18.73
C SER G 119 -46.22 33.60 -17.88
N TYR G 120 -45.78 34.20 -16.77
CA TYR G 120 -46.63 35.06 -15.93
C TYR G 120 -45.80 36.19 -15.37
N ILE G 121 -46.37 37.41 -15.41
CA ILE G 121 -45.76 38.61 -14.81
C ILE G 121 -46.53 39.02 -13.54
N ASN G 122 -45.78 39.34 -12.48
CA ASN G 122 -46.37 39.60 -11.16
C ASN G 122 -46.83 41.07 -11.04
N ASP G 123 -48.02 41.30 -11.56
CA ASP G 123 -48.71 42.58 -11.46
C ASP G 123 -49.47 42.76 -10.12
N LYS G 124 -49.29 41.84 -9.16
CA LYS G 124 -50.09 41.87 -7.92
C LYS G 124 -49.47 42.68 -6.77
N GLY G 125 -48.31 43.30 -6.97
CA GLY G 125 -47.72 44.18 -5.95
C GLY G 125 -47.09 43.48 -4.74
N LYS G 126 -47.68 42.35 -4.32
CA LYS G 126 -47.09 41.43 -3.36
C LYS G 126 -46.13 40.42 -4.04
N GLU G 127 -45.54 39.53 -3.24
CA GLU G 127 -44.80 38.38 -3.75
C GLU G 127 -45.81 37.32 -4.14
N VAL G 128 -45.49 36.54 -5.17
CA VAL G 128 -46.32 35.41 -5.56
C VAL G 128 -45.57 34.10 -5.40
N LEU G 129 -46.15 33.20 -4.62
CA LEU G 129 -45.65 31.84 -4.45
C LEU G 129 -46.20 30.98 -5.58
N VAL G 130 -45.32 30.54 -6.49
CA VAL G 130 -45.65 29.61 -7.56
C VAL G 130 -45.14 28.21 -7.20
N LEU G 131 -45.97 27.16 -7.26
CA LEU G 131 -45.45 25.78 -7.15
C LEU G 131 -45.68 25.01 -8.43
N TRP G 132 -44.77 24.09 -8.73
CA TRP G 132 -44.90 23.16 -9.85
C TRP G 132 -44.36 21.79 -9.48
N GLY G 133 -44.34 20.87 -10.44
CA GLY G 133 -43.89 19.51 -10.18
C GLY G 133 -43.21 18.95 -11.39
N ILE G 134 -42.39 17.92 -11.17
CA ILE G 134 -41.68 17.24 -12.22
C ILE G 134 -41.91 15.75 -12.06
N HIS G 135 -42.41 15.13 -13.13
CA HIS G 135 -42.76 13.72 -13.11
C HIS G 135 -41.63 12.88 -13.71
N HIS G 136 -41.28 11.83 -12.97
CA HIS G 136 -40.21 10.92 -13.32
C HIS G 136 -40.94 9.62 -13.56
N PRO G 137 -41.15 9.26 -14.83
CA PRO G 137 -41.79 8.00 -15.14
C PRO G 137 -40.91 6.82 -14.79
N SER G 138 -41.52 5.65 -14.60
CA SER G 138 -40.79 4.45 -14.18
C SER G 138 -40.07 3.73 -15.31
N THR G 139 -40.57 3.88 -16.54
CA THR G 139 -40.01 3.19 -17.70
C THR G 139 -39.99 4.05 -18.94
N SER G 140 -39.25 3.58 -19.97
CA SER G 140 -39.19 4.27 -21.27
C SER G 140 -40.55 4.33 -21.89
N ALA G 141 -41.28 3.22 -21.78
CA ALA G 141 -42.66 3.12 -22.25
C ALA G 141 -43.55 4.21 -21.66
N ASP G 142 -43.62 4.25 -20.34
CA ASP G 142 -44.29 5.32 -19.59
C ASP G 142 -43.96 6.70 -20.16
N GLN G 143 -42.66 7.00 -20.34
CA GLN G 143 -42.24 8.34 -20.80
C GLN G 143 -42.91 8.60 -22.15
N GLN G 144 -42.74 7.63 -23.03
CA GLN G 144 -43.20 7.74 -24.40
C GLN G 144 -44.71 7.88 -24.45
N SER G 145 -45.40 6.98 -23.75
CA SER G 145 -46.85 7.03 -23.54
C SER G 145 -47.42 8.37 -23.02
N LEU G 146 -46.79 8.94 -22.01
CA LEU G 146 -47.29 10.16 -21.39
C LEU G 146 -46.93 11.42 -22.17
N TYR G 147 -45.70 11.49 -22.66
CA TYR G 147 -45.16 12.75 -23.23
C TYR G 147 -44.48 12.62 -24.60
N GLN G 148 -44.42 11.40 -25.16
CA GLN G 148 -43.83 11.13 -26.49
C GLN G 148 -42.33 11.29 -26.62
N ASN G 149 -41.83 12.44 -26.18
CA ASN G 149 -40.47 12.84 -26.49
C ASN G 149 -39.57 12.19 -25.46
N ALA G 150 -38.70 11.32 -25.95
CA ALA G 150 -37.81 10.55 -25.06
C ALA G 150 -36.85 11.50 -24.41
N ASP G 151 -36.33 12.45 -25.21
CA ASP G 151 -35.44 13.50 -24.72
C ASP G 151 -36.26 14.73 -24.40
N ALA G 152 -37.16 14.61 -23.44
CA ALA G 152 -37.91 15.80 -22.96
C ALA G 152 -37.00 16.55 -22.00
N TYR G 153 -37.21 17.88 -21.96
CA TYR G 153 -36.70 18.74 -20.90
C TYR G 153 -37.80 19.64 -20.36
N VAL G 154 -37.62 20.13 -19.13
CA VAL G 154 -38.40 21.28 -18.62
C VAL G 154 -37.41 22.30 -18.11
N PHE G 155 -37.81 23.57 -18.18
CA PHE G 155 -37.03 24.71 -17.66
C PHE G 155 -37.93 25.76 -16.99
N VAL G 156 -37.63 26.10 -15.74
CA VAL G 156 -38.31 27.19 -15.03
C VAL G 156 -37.34 28.35 -14.80
N GLY G 157 -37.83 29.59 -14.94
CA GLY G 157 -36.98 30.76 -14.84
C GLY G 157 -37.68 32.02 -14.37
N SER G 158 -37.08 32.68 -13.38
CA SER G 158 -37.37 34.08 -13.02
C SER G 158 -36.02 34.80 -12.94
N SER G 159 -36.00 36.03 -12.43
CA SER G 159 -34.73 36.75 -12.25
C SER G 159 -33.81 36.07 -11.24
N ARG G 160 -34.39 35.76 -10.09
CA ARG G 160 -33.69 35.08 -9.01
C ARG G 160 -33.43 33.59 -9.31
N TYR G 161 -34.35 32.92 -10.01
CA TYR G 161 -34.36 31.44 -10.18
C TYR G 161 -34.06 31.03 -11.60
N SER G 162 -33.44 29.87 -11.74
CA SER G 162 -33.16 29.28 -13.05
C SER G 162 -32.72 27.84 -12.87
N LYS G 163 -33.56 26.90 -13.32
CA LYS G 163 -33.27 25.46 -13.27
C LYS G 163 -33.75 24.81 -14.55
N LYS G 164 -33.05 23.74 -14.92
CA LYS G 164 -33.48 22.86 -16.00
C LYS G 164 -33.54 21.46 -15.40
N PHE G 165 -34.61 20.74 -15.74
CA PHE G 165 -34.89 19.41 -15.18
C PHE G 165 -35.03 18.45 -16.33
N LYS G 166 -34.54 17.24 -16.10
CA LYS G 166 -34.71 16.14 -17.01
C LYS G 166 -35.23 14.95 -16.19
N PRO G 167 -36.08 14.12 -16.79
CA PRO G 167 -36.60 13.00 -16.00
C PRO G 167 -35.56 11.90 -15.87
N GLU G 168 -35.31 11.42 -14.64
CA GLU G 168 -34.52 10.21 -14.43
C GLU G 168 -35.54 9.11 -14.43
N ILE G 169 -35.44 8.20 -15.39
CA ILE G 169 -36.43 7.16 -15.64
C ILE G 169 -36.08 5.86 -14.90
N ALA G 170 -36.91 5.41 -13.95
CA ALA G 170 -36.57 4.22 -13.15
C ALA G 170 -37.66 3.60 -12.25
N ILE G 171 -37.66 2.27 -12.17
CA ILE G 171 -38.69 1.58 -11.40
C ILE G 171 -38.34 1.71 -9.92
N ARG G 172 -38.98 2.66 -9.26
CA ARG G 172 -38.76 2.87 -7.84
C ARG G 172 -39.76 2.02 -7.08
N PRO G 173 -39.52 1.78 -5.79
CA PRO G 173 -40.41 0.93 -5.03
C PRO G 173 -41.84 1.40 -5.08
N LYS G 174 -42.78 0.49 -5.36
CA LYS G 174 -44.18 0.86 -5.53
C LYS G 174 -44.69 1.47 -4.22
N VAL G 175 -45.31 2.64 -4.29
CA VAL G 175 -46.06 3.25 -3.15
C VAL G 175 -47.28 3.99 -3.70
N ARG G 176 -48.44 3.74 -3.08
CA ARG G 176 -49.73 4.06 -3.67
C ARG G 176 -49.81 3.61 -5.13
N ASP G 177 -49.41 2.36 -5.36
CA ASP G 177 -49.40 1.72 -6.67
C ASP G 177 -48.56 2.48 -7.76
N GLN G 178 -47.56 3.27 -7.34
CA GLN G 178 -46.75 4.10 -8.26
C GLN G 178 -45.28 3.79 -8.10
N GLU G 179 -44.64 3.45 -9.23
CA GLU G 179 -43.21 3.18 -9.30
C GLU G 179 -42.42 4.35 -9.91
N GLY G 180 -43.11 5.21 -10.66
CA GLY G 180 -42.60 6.54 -11.01
C GLY G 180 -42.65 7.46 -9.80
N ARG G 181 -42.13 8.68 -9.97
CA ARG G 181 -42.10 9.66 -8.89
C ARG G 181 -42.31 11.08 -9.37
N MET G 182 -42.56 11.97 -8.41
CA MET G 182 -42.92 13.34 -8.74
C MET G 182 -42.37 14.31 -7.69
N ASN G 183 -41.27 14.97 -8.02
CA ASN G 183 -40.72 16.00 -7.15
C ASN G 183 -41.51 17.30 -7.33
N TYR G 184 -41.74 18.00 -6.22
CA TYR G 184 -42.42 19.30 -6.19
C TYR G 184 -41.38 20.37 -5.88
N TYR G 185 -41.46 21.48 -6.61
CA TYR G 185 -40.54 22.60 -6.51
C TYR G 185 -41.38 23.88 -6.31
N TRP G 186 -40.72 24.99 -6.07
CA TRP G 186 -41.40 26.26 -5.88
C TRP G 186 -40.48 27.42 -5.90
N THR G 187 -41.02 28.58 -6.19
CA THR G 187 -40.28 29.80 -6.03
C THR G 187 -41.20 30.96 -5.67
N LEU G 188 -40.57 32.09 -5.32
CA LEU G 188 -41.28 33.32 -5.03
C LEU G 188 -40.95 34.33 -6.12
N VAL G 189 -41.98 34.84 -6.78
CA VAL G 189 -41.78 35.74 -7.90
C VAL G 189 -41.89 37.16 -7.35
N GLU G 190 -40.84 37.95 -7.56
CA GLU G 190 -40.83 39.35 -7.08
C GLU G 190 -41.93 40.12 -7.82
N PRO G 191 -42.51 41.16 -7.18
CA PRO G 191 -43.41 42.07 -7.92
C PRO G 191 -42.75 42.57 -9.21
N GLY G 192 -43.48 42.50 -10.33
CA GLY G 192 -42.98 42.93 -11.64
C GLY G 192 -42.07 41.95 -12.38
N ASP G 193 -41.64 40.89 -11.69
CA ASP G 193 -40.79 39.84 -12.27
C ASP G 193 -41.67 38.87 -13.03
N LYS G 194 -41.08 38.24 -14.04
CA LYS G 194 -41.76 37.22 -14.85
C LYS G 194 -41.25 35.83 -14.49
N ILE G 195 -42.17 34.91 -14.23
CA ILE G 195 -41.80 33.49 -14.16
C ILE G 195 -42.13 32.87 -15.51
N THR G 196 -41.22 32.05 -16.03
CA THR G 196 -41.41 31.41 -17.31
C THR G 196 -41.18 29.92 -17.19
N PHE G 197 -42.24 29.17 -17.49
CA PHE G 197 -42.17 27.72 -17.69
C PHE G 197 -41.99 27.44 -19.16
N GLU G 198 -41.22 26.40 -19.44
CA GLU G 198 -41.06 25.92 -20.81
C GLU G 198 -40.66 24.43 -20.73
N ALA G 199 -41.45 23.59 -21.39
CA ALA G 199 -41.27 22.15 -21.24
C ALA G 199 -41.57 21.42 -22.53
N THR G 200 -40.99 20.23 -22.66
CA THR G 200 -41.35 19.28 -23.72
C THR G 200 -41.75 17.91 -23.14
N GLY G 201 -42.15 17.92 -21.86
CA GLY G 201 -42.53 16.71 -21.16
C GLY G 201 -42.27 16.81 -19.68
N ASN G 202 -42.89 15.92 -18.93
CA ASN G 202 -42.60 15.70 -17.52
C ASN G 202 -43.03 16.83 -16.56
N LEU G 203 -43.49 17.96 -17.09
CA LEU G 203 -43.82 19.12 -16.28
C LEU G 203 -45.24 19.03 -15.77
N VAL G 204 -45.39 18.89 -14.46
CA VAL G 204 -46.67 19.12 -13.79
C VAL G 204 -46.83 20.62 -13.52
N VAL G 205 -47.67 21.23 -14.31
CA VAL G 205 -47.78 22.67 -14.43
C VAL G 205 -48.54 23.30 -13.23
N PRO G 206 -48.30 24.59 -12.94
CA PRO G 206 -49.13 25.26 -11.93
C PRO G 206 -50.50 25.62 -12.44
N ARG G 207 -51.47 25.59 -11.54
CA ARG G 207 -52.77 26.17 -11.79
C ARG G 207 -53.08 27.34 -10.86
N TYR G 208 -53.00 27.09 -9.55
CA TYR G 208 -53.14 28.13 -8.55
C TYR G 208 -51.76 28.48 -7.95
N ALA G 209 -51.55 29.79 -7.84
CA ALA G 209 -50.41 30.38 -7.16
C ALA G 209 -50.93 31.12 -5.93
N PHE G 210 -50.10 31.92 -5.29
CA PHE G 210 -50.51 32.61 -4.06
C PHE G 210 -49.76 33.91 -3.91
N ALA G 211 -50.51 35.01 -3.80
CA ALA G 211 -49.94 36.33 -3.53
C ALA G 211 -49.87 36.54 -2.03
N MET G 212 -48.65 36.70 -1.49
CA MET G 212 -48.41 36.84 -0.04
C MET G 212 -47.67 38.10 0.31
N GLU G 213 -48.02 38.64 1.48
CA GLU G 213 -47.16 39.57 2.20
C GLU G 213 -46.74 38.77 3.41
N ARG G 214 -45.45 38.45 3.49
CA ARG G 214 -44.95 37.60 4.55
C ARG G 214 -44.66 38.43 5.80
N ASN G 215 -44.83 37.82 6.96
CA ASN G 215 -44.59 38.53 8.22
C ASN G 215 -43.11 38.63 8.56
N ALA G 216 -42.80 39.67 9.33
CA ALA G 216 -41.44 39.94 9.79
C ALA G 216 -40.92 38.75 10.59
N GLY G 217 -39.72 38.30 10.25
CA GLY G 217 -39.01 37.29 11.02
C GLY G 217 -39.68 35.93 10.92
N SER G 218 -39.77 35.25 12.07
CA SER G 218 -40.27 33.88 12.16
C SER G 218 -41.76 33.88 12.56
N GLY G 219 -42.45 32.83 12.15
CA GLY G 219 -43.62 32.34 12.83
C GLY G 219 -43.27 30.94 13.33
N ILE G 220 -44.24 30.32 13.97
CA ILE G 220 -44.04 29.03 14.57
C ILE G 220 -44.98 28.04 13.87
N ILE G 221 -44.60 26.76 13.85
CA ILE G 221 -45.43 25.68 13.28
C ILE G 221 -45.48 24.56 14.31
N ILE G 222 -46.67 24.11 14.67
CA ILE G 222 -46.78 23.12 15.74
C ILE G 222 -47.64 21.92 15.36
N SER G 223 -47.24 20.74 15.82
CA SER G 223 -48.06 19.53 15.80
C SER G 223 -49.27 19.73 16.75
N ASP G 224 -50.17 18.74 16.86
CA ASP G 224 -51.44 18.92 17.59
C ASP G 224 -51.29 18.97 19.12
N GLN H 1 -27.31 22.48 -50.08
CA GLN H 1 -28.37 22.01 -49.13
C GLN H 1 -28.00 20.66 -48.44
N VAL H 2 -28.75 20.33 -47.39
CA VAL H 2 -28.71 19.01 -46.72
C VAL H 2 -28.85 17.85 -47.70
N GLN H 3 -27.91 16.91 -47.65
CA GLN H 3 -27.90 15.72 -48.50
C GLN H 3 -27.33 14.54 -47.75
N LEU H 4 -27.80 13.35 -48.11
CA LEU H 4 -27.35 12.11 -47.49
C LEU H 4 -27.02 11.09 -48.57
N GLN H 5 -25.95 10.34 -48.37
CA GLN H 5 -25.50 9.36 -49.37
C GLN H 5 -24.96 8.09 -48.72
N GLU H 6 -25.56 6.97 -49.13
CA GLU H 6 -25.24 5.67 -48.58
C GLU H 6 -24.03 5.14 -49.31
N SER H 7 -23.39 4.17 -48.67
CA SER H 7 -22.19 3.56 -49.19
C SER H 7 -21.99 2.26 -48.43
N GLY H 8 -21.42 1.27 -49.11
CA GLY H 8 -21.13 -0.02 -48.50
C GLY H 8 -21.11 -1.10 -49.53
N PRO H 9 -20.88 -2.35 -49.09
CA PRO H 9 -20.89 -3.44 -50.04
C PRO H 9 -22.32 -3.70 -50.53
N GLY H 10 -22.46 -3.94 -51.83
CA GLY H 10 -23.75 -4.31 -52.44
C GLY H 10 -24.11 -5.78 -52.30
N LEU H 11 -23.15 -6.58 -51.81
CA LEU H 11 -23.31 -8.00 -51.52
C LEU H 11 -22.76 -8.27 -50.12
N VAL H 12 -23.42 -9.14 -49.35
CA VAL H 12 -22.87 -9.65 -48.07
C VAL H 12 -23.24 -11.12 -47.94
N LYS H 13 -22.32 -11.96 -47.48
CA LYS H 13 -22.64 -13.39 -47.38
C LYS H 13 -23.66 -13.59 -46.25
N PRO H 14 -24.46 -14.69 -46.30
CA PRO H 14 -25.39 -15.06 -45.21
C PRO H 14 -24.67 -15.41 -43.91
N SER H 15 -25.32 -15.12 -42.77
CA SER H 15 -24.75 -15.28 -41.42
C SER H 15 -23.57 -14.34 -41.09
N GLU H 16 -23.16 -13.51 -42.05
CA GLU H 16 -22.17 -12.46 -41.80
C GLU H 16 -22.92 -11.18 -41.47
N THR H 17 -22.21 -10.07 -41.29
CA THR H 17 -22.88 -8.84 -40.89
C THR H 17 -22.74 -7.71 -41.90
N LEU H 18 -23.91 -7.24 -42.36
CA LEU H 18 -24.05 -6.05 -43.18
C LEU H 18 -23.63 -4.79 -42.42
N SER H 19 -22.83 -3.94 -43.07
CA SER H 19 -22.52 -2.61 -42.56
C SER H 19 -22.63 -1.59 -43.68
N LEU H 20 -23.29 -0.47 -43.37
CA LEU H 20 -23.37 0.68 -44.28
C LEU H 20 -22.99 1.91 -43.50
N THR H 21 -22.81 3.00 -44.23
CA THR H 21 -22.43 4.29 -43.66
C THR H 21 -23.00 5.43 -44.50
N CYS H 22 -23.84 6.23 -43.86
CA CYS H 22 -24.39 7.44 -44.45
C CYS H 22 -23.42 8.54 -44.17
N THR H 23 -23.32 9.48 -45.10
CA THR H 23 -22.40 10.59 -44.95
C THR H 23 -23.11 11.85 -45.44
N VAL H 24 -23.24 12.83 -44.55
CA VAL H 24 -24.18 13.94 -44.74
C VAL H 24 -23.42 15.21 -45.01
N SER H 25 -23.75 15.85 -46.14
CA SER H 25 -23.29 17.22 -46.42
C SER H 25 -24.41 18.21 -46.21
N GLY H 26 -24.08 19.48 -46.10
CA GLY H 26 -25.06 20.56 -45.93
C GLY H 26 -25.61 20.76 -44.52
N GLY H 27 -25.07 20.03 -43.54
CA GLY H 27 -25.53 20.12 -42.15
C GLY H 27 -24.73 19.19 -41.25
N SER H 28 -24.77 19.45 -39.95
CA SER H 28 -23.93 18.72 -38.99
C SER H 28 -24.71 17.68 -38.16
N VAL H 29 -24.09 16.53 -37.92
CA VAL H 29 -24.65 15.54 -37.00
C VAL H 29 -24.53 15.91 -35.50
N ASN H 30 -23.74 16.95 -35.18
CA ASN H 30 -23.68 17.53 -33.81
C ASN H 30 -24.74 18.58 -33.62
N THR H 31 -24.97 19.40 -34.65
CA THR H 31 -25.99 20.44 -34.61
C THR H 31 -27.39 19.86 -34.85
N GLY H 32 -28.39 20.67 -34.49
CA GLY H 32 -29.80 20.43 -34.80
C GLY H 32 -30.55 19.56 -33.81
N SER H 33 -31.88 19.65 -33.89
CA SER H 33 -32.83 18.75 -33.21
C SER H 33 -33.27 17.69 -34.21
N TYR H 34 -32.40 16.71 -34.40
CA TYR H 34 -32.57 15.64 -35.39
C TYR H 34 -32.19 14.29 -34.81
N TYR H 35 -32.49 13.22 -35.55
CA TYR H 35 -31.90 11.90 -35.32
C TYR H 35 -31.56 11.34 -36.69
N TRP H 36 -30.58 10.45 -36.69
CA TRP H 36 -30.07 9.90 -37.94
C TRP H 36 -30.55 8.45 -38.00
N SER H 37 -31.47 8.21 -38.93
CA SER H 37 -32.18 6.95 -39.04
C SER H 37 -31.85 6.11 -40.28
N TRP H 38 -32.31 4.87 -40.21
CA TRP H 38 -32.17 3.92 -41.29
C TRP H 38 -33.54 3.32 -41.59
N ILE H 39 -33.88 3.29 -42.87
CA ILE H 39 -35.10 2.67 -43.37
C ILE H 39 -34.66 1.76 -44.50
N ARG H 40 -35.30 0.60 -44.63
CA ARG H 40 -35.03 -0.31 -45.76
C ARG H 40 -36.31 -0.77 -46.46
N GLN H 41 -36.14 -1.34 -47.64
CA GLN H 41 -37.25 -1.73 -48.51
C GLN H 41 -36.89 -2.98 -49.33
N PRO H 42 -37.33 -4.18 -48.89
CA PRO H 42 -37.01 -5.36 -49.71
C PRO H 42 -37.68 -5.21 -51.05
N PRO H 43 -37.12 -5.84 -52.08
CA PRO H 43 -37.44 -5.35 -53.42
C PRO H 43 -38.93 -5.49 -53.74
N GLY H 44 -39.48 -4.43 -54.32
CA GLY H 44 -40.89 -4.36 -54.66
C GLY H 44 -41.86 -4.49 -53.51
N LYS H 45 -41.47 -3.99 -52.33
CA LYS H 45 -42.32 -3.98 -51.14
C LYS H 45 -42.26 -2.60 -50.46
N GLY H 46 -42.86 -2.49 -49.27
CA GLY H 46 -42.97 -1.18 -48.59
C GLY H 46 -41.72 -0.79 -47.84
N LEU H 47 -41.74 0.42 -47.27
CA LEU H 47 -40.64 0.94 -46.44
C LEU H 47 -40.75 0.39 -45.02
N GLU H 48 -39.63 -0.11 -44.49
CA GLU H 48 -39.50 -0.58 -43.12
C GLU H 48 -38.45 0.25 -42.38
N TRP H 49 -38.85 0.88 -41.29
CA TRP H 49 -37.93 1.60 -40.40
C TRP H 49 -37.07 0.60 -39.62
N ILE H 50 -35.78 0.90 -39.54
CA ILE H 50 -34.78 0.05 -38.87
C ILE H 50 -34.57 0.52 -37.44
N ALA H 51 -34.17 1.79 -37.29
CA ALA H 51 -33.70 2.35 -36.03
C ALA H 51 -33.06 3.71 -36.28
N TYR H 52 -32.99 4.56 -35.26
CA TYR H 52 -32.30 5.87 -35.35
C TYR H 52 -31.55 6.18 -34.08
N SER H 53 -30.52 7.01 -34.20
CA SER H 53 -29.70 7.44 -33.06
C SER H 53 -29.26 8.86 -33.28
N SER H 54 -29.22 9.65 -32.21
CA SER H 54 -28.60 10.98 -32.23
C SER H 54 -27.26 10.87 -31.54
N VAL H 55 -26.43 11.90 -31.71
CA VAL H 55 -25.16 11.97 -30.99
C VAL H 55 -25.36 12.24 -29.50
N SER H 56 -26.28 13.15 -29.17
CA SER H 56 -26.51 13.60 -27.79
C SER H 56 -27.56 12.76 -27.09
N GLY H 57 -28.81 12.83 -27.57
CA GLY H 57 -29.94 12.11 -26.98
C GLY H 57 -30.06 10.58 -27.21
N THR H 58 -31.29 10.11 -27.17
CA THR H 58 -31.57 8.70 -27.01
C THR H 58 -31.73 8.06 -28.37
N SER H 59 -31.14 6.88 -28.57
CA SER H 59 -31.39 6.09 -29.81
C SER H 59 -32.61 5.16 -29.65
N ASN H 60 -33.15 4.73 -30.80
CA ASN H 60 -34.44 3.97 -30.89
C ASN H 60 -34.42 2.87 -31.96
N TYR H 61 -35.07 1.75 -31.64
CA TYR H 61 -34.97 0.52 -32.42
C TYR H 61 -36.33 -0.13 -32.68
N ASN H 62 -36.50 -0.66 -33.91
CA ASN H 62 -37.65 -1.51 -34.28
C ASN H 62 -37.53 -2.87 -33.54
N PRO H 63 -38.54 -3.27 -32.76
CA PRO H 63 -38.42 -4.46 -31.91
C PRO H 63 -37.87 -5.72 -32.56
N SER H 64 -38.28 -5.99 -33.80
CA SER H 64 -37.82 -7.18 -34.54
C SER H 64 -36.32 -7.17 -34.87
N LEU H 65 -35.77 -5.98 -35.11
CA LEU H 65 -34.37 -5.85 -35.52
C LEU H 65 -33.38 -5.47 -34.39
N LYS H 66 -33.86 -4.89 -33.27
CA LYS H 66 -32.99 -4.28 -32.26
C LYS H 66 -31.80 -5.17 -31.87
N SER H 67 -32.10 -6.42 -31.53
CA SER H 67 -31.10 -7.35 -31.05
C SER H 67 -29.96 -7.67 -32.03
N ARG H 68 -30.14 -7.36 -33.32
CA ARG H 68 -29.11 -7.58 -34.32
C ARG H 68 -28.64 -6.27 -34.97
N VAL H 69 -28.92 -5.13 -34.33
CA VAL H 69 -28.53 -3.83 -34.87
C VAL H 69 -27.56 -3.14 -33.90
N THR H 70 -26.69 -2.29 -34.44
CA THR H 70 -25.93 -1.31 -33.65
C THR H 70 -25.56 -0.09 -34.49
N LEU H 71 -25.75 1.07 -33.87
CA LEU H 71 -25.63 2.34 -34.56
C LEU H 71 -24.42 3.14 -34.05
N THR H 72 -23.80 3.89 -34.96
CA THR H 72 -22.65 4.74 -34.65
C THR H 72 -22.97 6.13 -35.19
N VAL H 73 -22.42 7.16 -34.55
CA VAL H 73 -22.32 8.49 -35.17
C VAL H 73 -20.88 8.94 -35.05
N ASP H 74 -20.17 9.05 -36.18
CA ASP H 74 -18.82 9.64 -36.18
C ASP H 74 -18.96 11.15 -36.31
N THR H 75 -18.80 11.86 -35.21
CA THR H 75 -19.09 13.29 -35.15
C THR H 75 -18.11 14.03 -36.08
N SER H 76 -16.81 13.70 -35.93
CA SER H 76 -15.70 14.31 -36.67
C SER H 76 -15.83 14.20 -38.20
N LYS H 77 -15.99 12.98 -38.70
CA LYS H 77 -16.12 12.72 -40.15
C LYS H 77 -17.48 13.10 -40.75
N ASN H 78 -18.47 13.36 -39.87
CA ASN H 78 -19.86 13.74 -40.21
C ASN H 78 -20.68 12.62 -40.86
N GLN H 79 -20.57 11.44 -40.29
CA GLN H 79 -21.16 10.23 -40.81
C GLN H 79 -21.90 9.51 -39.68
N PHE H 80 -22.73 8.55 -40.04
CA PHE H 80 -23.27 7.58 -39.09
C PHE H 80 -23.41 6.24 -39.77
N SER H 81 -23.50 5.17 -39.00
CA SER H 81 -23.37 3.83 -39.57
C SER H 81 -24.34 2.82 -39.00
N LEU H 82 -24.69 1.85 -39.85
CA LEU H 82 -25.59 0.77 -39.51
C LEU H 82 -24.79 -0.49 -39.54
N SER H 83 -25.23 -1.47 -38.74
CA SER H 83 -24.53 -2.70 -38.56
C SER H 83 -25.54 -3.76 -38.20
N VAL H 84 -25.74 -4.75 -39.08
CA VAL H 84 -26.76 -5.78 -38.86
C VAL H 84 -26.13 -7.16 -38.77
N ARG H 85 -26.15 -7.76 -37.57
CA ARG H 85 -25.54 -9.07 -37.33
C ARG H 85 -26.35 -10.20 -37.96
N SER H 86 -25.64 -11.25 -38.39
CA SER H 86 -26.24 -12.55 -38.70
C SER H 86 -27.35 -12.48 -39.76
N VAL H 87 -27.02 -11.82 -40.88
CA VAL H 87 -28.03 -11.54 -41.92
C VAL H 87 -28.56 -12.82 -42.58
N THR H 88 -29.68 -12.65 -43.27
CA THR H 88 -30.40 -13.73 -43.92
C THR H 88 -30.86 -13.19 -45.28
N ALA H 89 -31.37 -14.06 -46.15
CA ALA H 89 -32.00 -13.64 -47.42
C ALA H 89 -33.10 -12.61 -47.15
N ALA H 90 -33.79 -12.81 -46.02
CA ALA H 90 -34.73 -11.86 -45.44
C ALA H 90 -34.23 -10.40 -45.40
N ASP H 91 -32.93 -10.19 -45.23
CA ASP H 91 -32.37 -8.83 -45.12
C ASP H 91 -31.91 -8.22 -46.45
N THR H 92 -32.16 -8.91 -47.56
CA THR H 92 -31.90 -8.33 -48.89
C THR H 92 -32.89 -7.18 -49.14
N ALA H 93 -32.36 -5.98 -49.30
CA ALA H 93 -33.19 -4.81 -49.55
C ALA H 93 -32.35 -3.69 -50.07
N VAL H 94 -33.00 -2.61 -50.48
CA VAL H 94 -32.30 -1.35 -50.70
C VAL H 94 -32.37 -0.67 -49.36
N TYR H 95 -31.23 -0.19 -48.87
CA TYR H 95 -31.13 0.50 -47.57
C TYR H 95 -31.02 2.00 -47.77
N PHE H 96 -31.92 2.73 -47.11
CA PHE H 96 -31.90 4.18 -47.08
C PHE H 96 -31.43 4.64 -45.71
N CYS H 97 -30.59 5.67 -45.72
CA CYS H 97 -30.33 6.49 -44.56
C CYS H 97 -31.20 7.74 -44.72
N ALA H 98 -31.60 8.34 -43.60
CA ALA H 98 -32.42 9.54 -43.61
C ALA H 98 -32.36 10.33 -42.32
N ARG H 99 -32.63 11.63 -42.46
CA ARG H 99 -32.67 12.53 -41.33
C ARG H 99 -34.07 12.59 -40.77
N LEU H 100 -34.21 12.10 -39.54
CA LEU H 100 -35.47 12.14 -38.80
C LEU H 100 -35.52 13.46 -38.05
N ASN H 101 -36.53 14.27 -38.33
CA ASN H 101 -36.66 15.63 -37.79
C ASN H 101 -37.60 15.67 -36.62
N TYR H 102 -37.05 15.76 -35.40
CA TYR H 102 -37.86 16.07 -34.22
C TYR H 102 -38.06 17.57 -34.18
N ASP H 103 -39.16 18.02 -34.77
CA ASP H 103 -39.55 19.40 -34.71
C ASP H 103 -40.14 19.61 -33.32
N ILE H 104 -39.36 20.26 -32.45
CA ILE H 104 -39.76 20.47 -31.06
C ILE H 104 -41.06 21.27 -30.94
N LEU H 105 -41.27 22.20 -31.87
CA LEU H 105 -42.42 23.10 -31.80
C LEU H 105 -43.77 22.39 -31.92
N THR H 106 -43.83 21.45 -32.87
CA THR H 106 -45.04 20.69 -33.20
C THR H 106 -45.20 19.42 -32.38
N GLY H 107 -44.09 18.79 -32.03
CA GLY H 107 -44.09 17.48 -31.40
C GLY H 107 -43.83 16.37 -32.39
N TYR H 108 -43.71 16.73 -33.68
CA TYR H 108 -43.72 15.77 -34.79
C TYR H 108 -42.35 15.12 -35.07
N TYR H 109 -42.35 13.84 -35.41
CA TYR H 109 -41.15 13.11 -35.83
C TYR H 109 -41.30 12.62 -37.28
N PHE H 110 -40.64 13.30 -38.23
CA PHE H 110 -40.76 12.96 -39.66
C PHE H 110 -39.43 13.03 -40.40
N PHE H 111 -39.20 12.06 -41.27
CA PHE H 111 -37.97 11.97 -42.05
C PHE H 111 -38.09 13.05 -43.12
N ASP H 112 -37.29 14.11 -43.07
CA ASP H 112 -37.46 15.21 -44.04
C ASP H 112 -36.42 15.24 -45.15
N PHE H 113 -35.32 14.51 -44.99
CA PHE H 113 -34.40 14.29 -46.07
C PHE H 113 -34.06 12.83 -46.05
N TRP H 114 -34.16 12.20 -47.22
CA TRP H 114 -33.75 10.83 -47.38
C TRP H 114 -32.51 10.75 -48.27
N GLY H 115 -31.78 9.65 -48.14
CA GLY H 115 -30.73 9.33 -49.10
C GLY H 115 -31.31 8.74 -50.38
N GLN H 116 -30.46 8.60 -51.37
CA GLN H 116 -30.86 7.97 -52.64
C GLN H 116 -31.00 6.44 -52.54
N GLY H 117 -30.40 5.84 -51.52
CA GLY H 117 -30.50 4.40 -51.27
C GLY H 117 -29.45 3.61 -52.02
N THR H 118 -29.05 2.46 -51.46
CA THR H 118 -28.18 1.52 -52.17
C THR H 118 -28.57 0.09 -51.85
N LEU H 119 -28.48 -0.74 -52.88
CA LEU H 119 -28.93 -2.13 -52.84
C LEU H 119 -27.93 -3.00 -52.06
N VAL H 120 -28.45 -4.01 -51.35
CA VAL H 120 -27.64 -4.95 -50.60
C VAL H 120 -28.28 -6.33 -50.69
N ILE H 121 -27.57 -7.27 -51.31
CA ILE H 121 -28.07 -8.63 -51.55
C ILE H 121 -27.34 -9.55 -50.57
N VAL H 122 -27.95 -10.70 -50.26
CA VAL H 122 -27.48 -11.64 -49.25
C VAL H 122 -27.47 -13.00 -49.96
N SER H 123 -26.27 -13.50 -50.31
CA SER H 123 -26.15 -14.78 -51.01
C SER H 123 -24.76 -15.42 -50.88
N SER H 124 -24.77 -16.76 -50.91
CA SER H 124 -23.57 -17.60 -51.02
C SER H 124 -22.79 -17.22 -52.26
N ALA H 125 -23.50 -16.79 -53.29
CA ALA H 125 -22.91 -16.28 -54.53
C ALA H 125 -21.80 -15.27 -54.29
N SER H 126 -20.77 -15.36 -55.13
CA SER H 126 -19.58 -14.52 -55.05
C SER H 126 -19.56 -13.56 -56.23
N THR H 127 -18.57 -12.67 -56.26
CA THR H 127 -18.43 -11.69 -57.33
C THR H 127 -18.07 -12.37 -58.65
N LYS H 128 -18.48 -11.74 -59.75
CA LYS H 128 -18.12 -12.18 -61.08
C LYS H 128 -18.07 -10.93 -61.96
N GLY H 129 -16.91 -10.67 -62.57
CA GLY H 129 -16.75 -9.57 -63.52
C GLY H 129 -17.33 -9.93 -64.88
N PRO H 130 -17.91 -8.94 -65.60
CA PRO H 130 -18.58 -9.24 -66.87
C PRO H 130 -17.65 -9.55 -68.03
N SER H 131 -18.26 -9.93 -69.15
CA SER H 131 -17.61 -9.87 -70.45
C SER H 131 -18.32 -8.79 -71.23
N VAL H 132 -17.54 -7.87 -71.81
CA VAL H 132 -18.08 -6.87 -72.72
C VAL H 132 -17.90 -7.38 -74.14
N PHE H 133 -18.98 -7.45 -74.92
CA PHE H 133 -18.93 -7.73 -76.35
C PHE H 133 -19.58 -6.59 -77.14
N PRO H 134 -19.21 -6.39 -78.43
CA PRO H 134 -19.74 -5.29 -79.22
C PRO H 134 -20.80 -5.71 -80.26
N LEU H 135 -21.77 -4.84 -80.52
CA LEU H 135 -22.83 -5.11 -81.49
C LEU H 135 -22.92 -3.96 -82.48
N ALA H 136 -22.18 -4.09 -83.59
CA ALA H 136 -22.05 -3.02 -84.58
C ALA H 136 -23.25 -3.00 -85.55
N PRO H 137 -23.34 -1.99 -86.44
CA PRO H 137 -24.44 -1.87 -87.42
C PRO H 137 -24.04 -2.15 -88.89
N SER H 138 -24.73 -3.10 -89.55
CA SER H 138 -24.45 -3.52 -90.95
C SER H 138 -25.38 -2.90 -92.02
N SER H 139 -26.62 -3.41 -92.13
CA SER H 139 -27.67 -2.84 -93.01
C SER H 139 -28.99 -2.43 -92.32
N LYS H 140 -29.25 -2.95 -91.10
CA LYS H 140 -30.41 -2.56 -90.27
C LYS H 140 -30.32 -1.12 -89.74
N SER H 141 -29.11 -0.56 -89.65
CA SER H 141 -28.89 0.73 -89.00
C SER H 141 -27.96 1.74 -89.74
N ALA H 142 -26.70 1.37 -90.03
CA ALA H 142 -25.69 2.33 -90.60
C ALA H 142 -25.52 2.20 -92.13
N SER H 143 -26.53 2.68 -92.86
CA SER H 143 -26.67 2.43 -94.31
C SER H 143 -27.43 3.54 -95.07
N GLY H 144 -28.63 3.90 -94.59
CA GLY H 144 -29.48 4.95 -95.18
C GLY H 144 -29.95 6.04 -94.22
N GLY H 145 -30.92 5.68 -93.36
CA GLY H 145 -31.54 6.64 -92.43
C GLY H 145 -30.69 6.99 -91.21
N THR H 146 -30.95 6.32 -90.08
CA THR H 146 -30.30 6.63 -88.78
C THR H 146 -29.71 5.37 -88.11
N ALA H 147 -28.54 5.53 -87.47
CA ALA H 147 -27.71 4.39 -87.00
C ALA H 147 -27.96 3.93 -85.55
N ALA H 148 -27.44 2.74 -85.21
CA ALA H 148 -27.71 2.07 -83.92
C ALA H 148 -26.73 0.91 -83.65
N LEU H 149 -25.88 1.07 -82.63
CA LEU H 149 -24.89 0.06 -82.19
C LEU H 149 -24.71 0.07 -80.66
N GLY H 150 -24.07 -0.96 -80.10
CA GLY H 150 -23.99 -1.10 -78.64
C GLY H 150 -22.82 -1.86 -78.04
N CYS H 151 -22.78 -1.84 -76.71
CA CYS H 151 -21.82 -2.55 -75.86
C CYS H 151 -22.57 -3.37 -74.80
N LEU H 152 -22.76 -4.67 -75.04
CA LEU H 152 -23.47 -5.54 -74.09
C LEU H 152 -22.53 -6.06 -73.01
N VAL H 153 -22.97 -5.93 -71.76
CA VAL H 153 -22.24 -6.37 -70.58
C VAL H 153 -22.92 -7.66 -70.11
N LYS H 154 -22.31 -8.79 -70.42
CA LYS H 154 -22.91 -10.11 -70.14
C LYS H 154 -22.43 -10.62 -68.79
N ASP H 155 -23.30 -11.36 -68.09
CA ASP H 155 -22.99 -12.14 -66.87
C ASP H 155 -22.07 -11.48 -65.81
N TYR H 156 -22.67 -10.64 -64.95
CA TYR H 156 -21.95 -10.03 -63.81
C TYR H 156 -22.79 -10.01 -62.54
N PHE H 157 -22.09 -10.03 -61.41
CA PHE H 157 -22.73 -10.00 -60.08
C PHE H 157 -21.80 -9.39 -59.01
N PRO H 158 -22.29 -8.50 -58.16
CA PRO H 158 -23.66 -7.98 -58.12
C PRO H 158 -23.74 -6.64 -58.86
N GLU H 159 -24.89 -5.97 -58.78
CA GLU H 159 -25.03 -4.59 -59.27
C GLU H 159 -24.06 -3.64 -58.52
N PRO H 160 -23.83 -2.42 -59.00
CA PRO H 160 -24.24 -1.92 -60.31
C PRO H 160 -23.07 -1.87 -61.28
N VAL H 161 -23.32 -1.32 -62.47
CA VAL H 161 -22.26 -0.90 -63.38
C VAL H 161 -22.67 0.46 -63.98
N THR H 162 -21.70 1.37 -64.14
CA THR H 162 -21.87 2.58 -64.93
C THR H 162 -21.12 2.40 -66.25
N VAL H 163 -21.72 2.87 -67.34
CA VAL H 163 -21.16 2.77 -68.69
C VAL H 163 -21.06 4.18 -69.26
N SER H 164 -19.91 4.52 -69.82
CA SER H 164 -19.65 5.83 -70.44
C SER H 164 -19.08 5.60 -71.84
N TRP H 165 -19.41 6.49 -72.78
CA TRP H 165 -19.05 6.32 -74.20
C TRP H 165 -18.01 7.33 -74.68
N ASN H 166 -16.89 6.81 -75.19
CA ASN H 166 -15.69 7.59 -75.57
C ASN H 166 -15.12 8.41 -74.37
N SER H 167 -15.03 7.74 -73.21
CA SER H 167 -14.49 8.28 -71.96
C SER H 167 -15.29 9.44 -71.30
N GLY H 168 -16.59 9.50 -71.56
CA GLY H 168 -17.43 10.63 -71.13
C GLY H 168 -17.86 11.57 -72.25
N ALA H 169 -17.14 11.54 -73.37
CA ALA H 169 -17.33 12.49 -74.50
C ALA H 169 -18.71 12.39 -75.14
N LEU H 170 -19.09 11.17 -75.48
CA LEU H 170 -20.37 10.90 -76.16
C LEU H 170 -21.48 10.81 -75.11
N THR H 171 -22.43 11.76 -75.16
CA THR H 171 -23.58 11.82 -74.24
C THR H 171 -24.95 11.87 -74.97
N SER H 172 -24.99 12.58 -76.11
CA SER H 172 -26.15 12.59 -77.02
C SER H 172 -26.48 11.19 -77.54
N GLY H 173 -27.77 10.85 -77.55
CA GLY H 173 -28.24 9.58 -78.10
C GLY H 173 -27.79 8.32 -77.39
N VAL H 174 -27.35 8.43 -76.13
CA VAL H 174 -26.97 7.28 -75.31
C VAL H 174 -28.16 6.94 -74.42
N HIS H 175 -28.43 5.64 -74.28
CA HIS H 175 -29.62 5.17 -73.57
C HIS H 175 -29.31 3.81 -72.94
N THR H 176 -28.58 3.82 -71.84
CA THR H 176 -28.28 2.59 -71.10
C THR H 176 -29.58 2.10 -70.47
N PHE H 177 -29.88 0.82 -70.69
CA PHE H 177 -31.12 0.22 -70.21
C PHE H 177 -30.94 -0.26 -68.76
N PRO H 178 -32.03 -0.71 -68.13
CA PRO H 178 -31.87 -1.51 -66.92
C PRO H 178 -31.28 -2.86 -67.25
N ALA H 179 -30.68 -3.49 -66.26
CA ALA H 179 -30.10 -4.82 -66.40
C ALA H 179 -31.19 -5.89 -66.53
N VAL H 180 -30.79 -7.15 -66.45
CA VAL H 180 -31.75 -8.24 -66.27
C VAL H 180 -31.12 -9.38 -65.47
N LEU H 181 -31.76 -9.77 -64.37
CA LEU H 181 -31.39 -10.99 -63.65
C LEU H 181 -31.89 -12.17 -64.45
N GLN H 182 -31.03 -13.19 -64.60
CA GLN H 182 -31.38 -14.41 -65.32
C GLN H 182 -31.34 -15.60 -64.35
N SER H 183 -31.71 -16.78 -64.83
CA SER H 183 -31.80 -18.00 -63.99
C SER H 183 -30.48 -18.39 -63.32
N SER H 184 -29.38 -18.16 -64.03
CA SER H 184 -28.03 -18.35 -63.48
C SER H 184 -27.80 -17.55 -62.19
N GLY H 185 -28.38 -16.35 -62.16
CA GLY H 185 -28.33 -15.47 -61.00
C GLY H 185 -27.37 -14.32 -61.15
N LEU H 186 -26.97 -13.99 -62.39
CA LEU H 186 -26.07 -12.86 -62.64
C LEU H 186 -26.68 -11.90 -63.65
N TYR H 187 -26.50 -10.61 -63.39
CA TYR H 187 -27.13 -9.55 -64.16
C TYR H 187 -26.40 -9.40 -65.48
N SER H 188 -27.15 -9.09 -66.54
CA SER H 188 -26.59 -8.76 -67.85
C SER H 188 -27.27 -7.48 -68.33
N LEU H 189 -26.51 -6.61 -68.96
CA LEU H 189 -27.00 -5.29 -69.35
C LEU H 189 -26.39 -4.89 -70.68
N SER H 190 -27.21 -4.44 -71.63
CA SER H 190 -26.72 -3.82 -72.88
C SER H 190 -26.99 -2.31 -72.90
N SER H 191 -26.01 -1.54 -73.39
CA SER H 191 -26.15 -0.09 -73.60
C SER H 191 -26.05 0.22 -75.09
N VAL H 192 -26.95 1.06 -75.58
CA VAL H 192 -27.05 1.44 -77.00
C VAL H 192 -26.70 2.92 -77.16
N VAL H 193 -26.07 3.25 -78.28
CA VAL H 193 -25.89 4.65 -78.69
C VAL H 193 -26.16 4.81 -80.18
N THR H 194 -27.10 5.70 -80.51
CA THR H 194 -27.48 5.98 -81.89
C THR H 194 -26.78 7.26 -82.37
N VAL H 195 -26.55 7.35 -83.69
CA VAL H 195 -25.91 8.51 -84.32
C VAL H 195 -26.59 8.81 -85.68
N PRO H 196 -26.72 10.11 -86.05
CA PRO H 196 -27.20 10.41 -87.42
C PRO H 196 -26.18 9.94 -88.47
N SER H 197 -26.54 8.92 -89.25
CA SER H 197 -25.56 8.17 -90.06
C SER H 197 -25.10 8.88 -91.34
N SER H 198 -23.79 9.07 -91.48
CA SER H 198 -23.12 9.29 -92.78
C SER H 198 -22.36 8.00 -93.18
N SER H 199 -22.81 6.85 -92.65
CA SER H 199 -22.05 5.58 -92.58
C SER H 199 -21.23 5.49 -91.27
N SER H 200 -20.45 6.54 -90.95
CA SER H 200 -19.54 6.64 -89.78
C SER H 200 -18.28 5.79 -89.94
N GLY H 201 -17.45 6.15 -90.92
CA GLY H 201 -16.21 5.43 -91.20
C GLY H 201 -15.08 5.74 -90.24
N THR H 202 -14.54 6.95 -90.32
CA THR H 202 -13.39 7.38 -89.50
C THR H 202 -13.71 7.60 -88.01
N GLN H 203 -14.98 7.84 -87.67
CA GLN H 203 -15.42 8.08 -86.28
C GLN H 203 -15.75 6.74 -85.61
N THR H 204 -14.85 6.29 -84.74
CA THR H 204 -15.02 5.04 -84.00
C THR H 204 -15.58 5.32 -82.59
N TYR H 205 -16.17 4.27 -82.00
CA TYR H 205 -16.80 4.35 -80.67
C TYR H 205 -16.30 3.24 -79.73
N ILE H 206 -15.37 3.59 -78.85
CA ILE H 206 -14.97 2.76 -77.71
C ILE H 206 -15.81 3.12 -76.49
N CYS H 207 -16.33 2.11 -75.79
CA CYS H 207 -17.20 2.29 -74.61
C CYS H 207 -16.44 1.97 -73.31
N ASN H 208 -16.54 2.86 -72.32
CA ASN H 208 -16.02 2.60 -70.97
C ASN H 208 -17.07 1.82 -70.16
N VAL H 209 -16.61 0.81 -69.41
CA VAL H 209 -17.46 0.08 -68.48
C VAL H 209 -16.69 -0.13 -67.16
N ASN H 210 -17.41 -0.09 -66.04
CA ASN H 210 -16.82 -0.40 -64.72
C ASN H 210 -17.79 -1.28 -63.91
N HIS H 211 -17.24 -2.33 -63.29
CA HIS H 211 -17.94 -3.16 -62.28
C HIS H 211 -17.09 -3.18 -61.00
N LYS H 212 -17.34 -2.22 -60.12
CA LYS H 212 -16.41 -1.93 -59.02
C LYS H 212 -16.17 -3.09 -58.02
N PRO H 213 -17.19 -3.95 -57.76
CA PRO H 213 -16.93 -5.07 -56.82
C PRO H 213 -15.95 -6.16 -57.29
N SER H 214 -15.61 -6.21 -58.59
CA SER H 214 -14.55 -7.11 -59.08
C SER H 214 -13.32 -6.36 -59.65
N ASN H 215 -13.27 -5.04 -59.44
CA ASN H 215 -12.19 -4.15 -59.94
C ASN H 215 -11.97 -4.18 -61.46
N THR H 216 -13.00 -4.57 -62.22
CA THR H 216 -12.87 -4.82 -63.66
C THR H 216 -13.29 -3.59 -64.49
N LYS H 217 -12.30 -2.93 -65.10
CA LYS H 217 -12.55 -1.95 -66.17
C LYS H 217 -12.15 -2.61 -67.49
N VAL H 218 -12.99 -2.46 -68.52
CA VAL H 218 -12.66 -2.91 -69.88
C VAL H 218 -13.20 -1.87 -70.89
N ASP H 219 -12.27 -1.17 -71.55
CA ASP H 219 -12.59 -0.31 -72.71
C ASP H 219 -12.70 -1.19 -73.96
N LYS H 220 -13.90 -1.25 -74.55
CA LYS H 220 -14.17 -2.07 -75.75
C LYS H 220 -14.61 -1.24 -76.95
N ARG H 221 -13.79 -1.28 -77.99
CA ARG H 221 -14.12 -0.74 -79.31
C ARG H 221 -15.28 -1.52 -79.97
N VAL H 222 -16.28 -0.78 -80.45
CA VAL H 222 -17.32 -1.33 -81.34
C VAL H 222 -16.73 -1.26 -82.75
N GLU H 223 -17.39 -1.88 -83.72
CA GLU H 223 -16.83 -1.98 -85.07
C GLU H 223 -17.18 -0.76 -85.97
N PRO H 224 -16.16 -0.08 -86.56
CA PRO H 224 -16.43 0.97 -87.57
C PRO H 224 -16.88 0.46 -88.95
N LYS H 225 -16.73 -0.85 -89.21
CA LYS H 225 -17.50 -1.57 -90.25
C LYS H 225 -18.57 -2.40 -89.49
N SER H 226 -18.79 -3.67 -89.87
CA SER H 226 -19.78 -4.54 -89.22
C SER H 226 -19.51 -6.02 -89.49
N CYS H 227 -19.60 -6.85 -88.43
CA CYS H 227 -19.28 -8.31 -88.43
C CYS H 227 -18.55 -8.91 -89.67
N ASP H 228 -17.41 -8.31 -90.03
CA ASP H 228 -16.72 -8.56 -91.31
C ASP H 228 -15.74 -9.76 -91.25
N LYS H 229 -15.77 -10.61 -92.30
CA LYS H 229 -14.89 -11.80 -92.40
C LYS H 229 -13.62 -11.53 -93.24
N THR H 230 -13.79 -11.40 -94.56
CA THR H 230 -12.67 -11.11 -95.48
C THR H 230 -13.10 -9.98 -96.44
N GLN I 1 -48.35 0.31 -30.20
CA GLN I 1 -48.08 0.67 -31.60
C GLN I 1 -49.29 0.80 -32.53
N VAL I 2 -49.51 2.04 -32.97
CA VAL I 2 -50.38 2.35 -34.09
C VAL I 2 -49.88 1.68 -35.38
N GLU I 3 -50.86 1.33 -36.24
CA GLU I 3 -50.65 0.81 -37.58
C GLU I 3 -51.27 1.79 -38.59
N LEU I 4 -50.65 1.91 -39.75
CA LEU I 4 -51.21 2.69 -40.84
C LEU I 4 -51.62 1.77 -41.97
N THR I 5 -52.86 1.98 -42.42
CA THR I 5 -53.49 1.20 -43.48
C THR I 5 -53.73 2.09 -44.67
N GLN I 6 -53.09 1.75 -45.80
CA GLN I 6 -53.39 2.38 -47.08
C GLN I 6 -53.78 1.35 -48.15
N SER I 7 -54.80 1.66 -48.94
CA SER I 7 -55.11 0.85 -50.11
C SER I 7 -53.92 0.87 -51.10
N PRO I 8 -53.74 -0.23 -51.85
CA PRO I 8 -52.49 -0.33 -52.61
C PRO I 8 -52.37 0.46 -53.90
N SER I 9 -53.50 0.85 -54.49
CA SER I 9 -53.47 1.47 -55.83
C SER I 9 -54.55 2.51 -55.94
N ALA I 10 -54.23 3.60 -56.64
CA ALA I 10 -55.21 4.60 -57.02
C ALA I 10 -54.94 5.02 -58.46
N SER I 11 -55.89 5.75 -59.02
CA SER I 11 -55.80 6.25 -60.41
C SER I 11 -56.71 7.46 -60.62
N ALA I 12 -56.28 8.32 -61.55
CA ALA I 12 -57.03 9.52 -61.91
C ALA I 12 -56.42 10.19 -63.15
N SER I 13 -57.28 10.89 -63.89
CA SER I 13 -56.94 11.41 -65.19
C SER I 13 -56.16 12.72 -64.98
N LEU I 14 -55.21 13.02 -65.88
CA LEU I 14 -54.48 14.31 -65.83
C LEU I 14 -55.41 15.51 -65.67
N GLY I 15 -54.95 16.48 -64.89
CA GLY I 15 -55.72 17.69 -64.66
C GLY I 15 -56.68 17.61 -63.49
N THR I 16 -56.98 16.41 -63.02
CA THR I 16 -57.95 16.22 -61.94
C THR I 16 -57.25 16.21 -60.58
N SER I 17 -58.05 16.28 -59.51
CA SER I 17 -57.55 16.09 -58.15
C SER I 17 -57.63 14.62 -57.75
N VAL I 18 -56.58 14.11 -57.13
CA VAL I 18 -56.62 12.81 -56.50
C VAL I 18 -56.65 13.13 -55.03
N LYS I 19 -57.25 12.22 -54.27
CA LYS I 19 -57.22 12.29 -52.82
C LYS I 19 -56.85 10.92 -52.28
N LEU I 20 -55.56 10.73 -51.98
CA LEU I 20 -55.11 9.46 -51.36
C LEU I 20 -55.50 9.45 -49.88
N THR I 21 -55.53 8.27 -49.26
CA THR I 21 -56.13 8.10 -47.93
C THR I 21 -55.29 7.19 -47.06
N CYS I 22 -54.95 7.69 -45.88
CA CYS I 22 -54.19 6.93 -44.88
C CYS I 22 -55.06 6.83 -43.63
N THR I 23 -55.26 5.61 -43.15
CA THR I 23 -56.21 5.38 -42.08
C THR I 23 -55.52 4.87 -40.83
N LEU I 24 -55.63 5.66 -39.76
CA LEU I 24 -55.04 5.33 -38.47
C LEU I 24 -55.82 4.22 -37.81
N SER I 25 -55.12 3.19 -37.37
CA SER I 25 -55.72 2.15 -36.54
C SER I 25 -56.52 2.78 -35.41
N SER I 26 -57.59 2.11 -35.00
CA SER I 26 -58.57 2.74 -34.11
C SER I 26 -57.99 3.00 -32.72
N GLY I 27 -58.42 4.13 -32.13
CA GLY I 27 -57.86 4.63 -30.89
C GLY I 27 -56.52 5.31 -31.11
N HIS I 28 -56.28 5.77 -32.32
CA HIS I 28 -55.18 6.66 -32.60
C HIS I 28 -55.70 7.73 -33.53
N SER I 29 -56.94 8.11 -33.29
CA SER I 29 -57.70 9.00 -34.16
C SER I 29 -57.18 10.43 -34.12
N THR I 30 -56.42 10.74 -33.08
CA THR I 30 -55.84 12.05 -32.80
C THR I 30 -54.40 12.20 -33.26
N TYR I 31 -53.81 11.16 -33.83
CA TYR I 31 -52.43 11.20 -34.27
C TYR I 31 -52.21 12.06 -35.49
N ALA I 32 -51.04 12.68 -35.58
CA ALA I 32 -50.61 13.42 -36.76
C ALA I 32 -49.65 12.51 -37.50
N ILE I 33 -49.40 12.84 -38.77
CA ILE I 33 -48.64 11.99 -39.67
C ILE I 33 -47.92 12.85 -40.68
N ALA I 34 -47.18 12.20 -41.56
CA ALA I 34 -46.54 12.84 -42.70
C ALA I 34 -46.62 11.94 -43.94
N TRP I 35 -46.51 12.58 -45.10
CA TRP I 35 -46.63 11.92 -46.41
C TRP I 35 -45.28 11.97 -47.11
N HIS I 36 -44.92 10.91 -47.81
CA HIS I 36 -43.71 10.90 -48.66
C HIS I 36 -44.04 10.33 -50.02
N GLN I 37 -43.23 10.66 -51.03
CA GLN I 37 -43.43 10.24 -52.40
C GLN I 37 -42.19 9.53 -52.88
N GLN I 38 -42.32 8.24 -53.17
CA GLN I 38 -41.25 7.45 -53.80
C GLN I 38 -41.59 7.10 -55.26
N ARG I 39 -41.15 7.95 -56.19
CA ARG I 39 -41.27 7.60 -57.62
C ARG I 39 -40.38 6.41 -57.96
N PRO I 40 -40.72 5.66 -59.03
CA PRO I 40 -40.17 4.30 -59.12
C PRO I 40 -38.65 4.28 -59.31
N GLY I 41 -37.96 3.42 -58.55
CA GLY I 41 -36.50 3.32 -58.63
C GLY I 41 -35.72 4.35 -57.81
N LYS I 42 -36.24 5.58 -57.75
CA LYS I 42 -35.72 6.61 -56.85
C LYS I 42 -35.96 6.28 -55.35
N GLY I 43 -35.39 7.10 -54.48
CA GLY I 43 -35.66 7.08 -53.04
C GLY I 43 -36.83 7.99 -52.70
N PRO I 44 -37.28 7.96 -51.42
CA PRO I 44 -38.45 8.73 -51.05
C PRO I 44 -38.15 10.21 -50.95
N ARG I 45 -39.22 10.99 -50.83
CA ARG I 45 -39.13 12.42 -50.68
C ARG I 45 -40.27 12.91 -49.79
N TYR I 46 -39.91 13.48 -48.65
CA TYR I 46 -40.89 14.13 -47.75
C TYR I 46 -41.69 15.21 -48.49
N LEU I 47 -43.01 15.10 -48.40
CA LEU I 47 -43.93 16.07 -48.99
C LEU I 47 -44.53 17.02 -47.96
N MET I 48 -44.99 16.51 -46.82
CA MET I 48 -45.63 17.34 -45.80
C MET I 48 -45.88 16.56 -44.50
N ASN I 49 -46.25 17.31 -43.46
CA ASN I 49 -46.82 16.74 -42.24
C ASN I 49 -48.26 17.22 -42.10
N LEU I 50 -49.02 16.51 -41.27
CA LEU I 50 -50.45 16.72 -41.23
C LEU I 50 -50.96 16.47 -39.84
N SER I 51 -51.67 17.48 -39.30
CA SER I 51 -52.17 17.45 -37.94
C SER I 51 -53.44 16.66 -37.90
N SER I 52 -53.80 16.15 -36.73
CA SER I 52 -55.09 15.43 -36.63
C SER I 52 -56.29 16.32 -36.97
N GLY I 53 -56.13 17.64 -36.79
CA GLY I 53 -57.14 18.59 -37.22
C GLY I 53 -57.04 19.11 -38.64
N GLY I 54 -56.13 18.56 -39.46
CA GLY I 54 -56.03 18.88 -40.90
C GLY I 54 -55.10 20.03 -41.31
N ARG I 55 -54.39 20.65 -40.36
CA ARG I 55 -53.37 21.64 -40.73
C ARG I 55 -52.23 20.88 -41.39
N HIS I 56 -51.78 21.39 -42.52
CA HIS I 56 -50.71 20.74 -43.25
C HIS I 56 -49.58 21.72 -43.43
N THR I 57 -48.36 21.17 -43.48
CA THR I 57 -47.14 21.96 -43.60
C THR I 57 -46.27 21.27 -44.62
N ARG I 58 -46.23 21.83 -45.82
CA ARG I 58 -45.48 21.21 -46.91
C ARG I 58 -43.99 21.42 -46.66
N GLY I 59 -43.16 20.50 -47.15
CA GLY I 59 -41.72 20.57 -47.01
C GLY I 59 -41.06 21.54 -47.97
N ASP I 60 -39.74 21.61 -47.95
CA ASP I 60 -39.01 22.59 -48.76
C ASP I 60 -39.15 22.21 -50.23
N GLY I 61 -39.40 23.22 -51.06
CA GLY I 61 -39.48 23.06 -52.52
C GLY I 61 -40.60 22.15 -53.03
N ILE I 62 -41.62 21.91 -52.20
CA ILE I 62 -42.77 21.09 -52.57
C ILE I 62 -43.85 22.04 -53.07
N PRO I 63 -44.39 21.80 -54.30
CA PRO I 63 -45.39 22.71 -54.89
C PRO I 63 -46.66 22.88 -54.05
N ASP I 64 -47.44 23.90 -54.35
CA ASP I 64 -48.76 24.11 -53.73
C ASP I 64 -49.85 23.11 -54.14
N ARG I 65 -49.65 22.44 -55.27
CA ARG I 65 -50.57 21.40 -55.78
C ARG I 65 -50.88 20.34 -54.69
N PHE I 66 -49.83 20.00 -53.93
CA PHE I 66 -49.93 19.05 -52.83
C PHE I 66 -50.48 19.70 -51.56
N SER I 67 -51.56 19.16 -51.00
CA SER I 67 -52.12 19.65 -49.74
C SER I 67 -52.53 18.46 -48.89
N GLY I 68 -53.19 18.71 -47.76
CA GLY I 68 -53.61 17.63 -46.88
C GLY I 68 -54.84 18.01 -46.08
N SER I 69 -55.59 16.99 -45.71
CA SER I 69 -56.73 17.16 -44.85
C SER I 69 -56.89 15.97 -43.95
N SER I 70 -57.82 16.08 -43.00
CA SER I 70 -58.07 15.01 -42.04
C SER I 70 -59.54 14.89 -41.77
N SER I 71 -60.00 13.65 -41.61
CA SER I 71 -61.33 13.36 -41.10
C SER I 71 -61.28 12.08 -40.27
N GLY I 72 -61.62 12.22 -38.98
CA GLY I 72 -61.72 11.09 -38.05
C GLY I 72 -60.38 10.42 -38.02
N ALA I 73 -60.36 9.10 -38.24
CA ALA I 73 -59.09 8.40 -38.31
C ALA I 73 -58.43 8.48 -39.69
N ASP I 74 -59.10 9.10 -40.67
CA ASP I 74 -58.53 9.18 -42.02
C ASP I 74 -57.71 10.47 -42.20
N ARG I 75 -56.59 10.33 -42.90
CA ARG I 75 -55.66 11.43 -43.20
C ARG I 75 -55.51 11.44 -44.72
N TYR I 76 -55.95 12.51 -45.35
CA TYR I 76 -55.91 12.60 -46.78
C TYR I 76 -54.66 13.33 -47.28
N LEU I 77 -54.12 12.86 -48.41
CA LEU I 77 -53.19 13.65 -49.22
C LEU I 77 -53.94 14.00 -50.47
N ILE I 78 -53.94 15.28 -50.83
CA ILE I 78 -54.62 15.74 -52.04
C ILE I 78 -53.64 16.36 -53.02
N ILE I 79 -53.54 15.75 -54.20
CA ILE I 79 -52.78 16.31 -55.31
C ILE I 79 -53.78 16.92 -56.29
N SER I 80 -53.84 18.25 -56.33
CA SER I 80 -54.66 18.92 -57.34
C SER I 80 -53.86 19.10 -58.64
N SER I 81 -54.60 19.33 -59.74
CA SER I 81 -54.03 19.70 -61.03
C SER I 81 -52.92 18.75 -61.50
N LEU I 82 -53.30 17.47 -61.56
CA LEU I 82 -52.40 16.32 -61.62
C LEU I 82 -51.63 16.13 -62.93
N GLN I 83 -50.41 15.59 -62.81
CA GLN I 83 -49.42 15.61 -63.90
C GLN I 83 -48.60 14.34 -63.96
N SER I 84 -48.08 14.03 -65.15
CA SER I 84 -47.45 12.73 -65.45
C SER I 84 -46.45 12.23 -64.40
N GLU I 85 -45.61 13.14 -63.98
CA GLU I 85 -44.54 12.85 -63.02
C GLU I 85 -45.06 12.43 -61.62
N ASP I 86 -46.23 12.91 -61.24
CA ASP I 86 -46.88 12.48 -59.98
C ASP I 86 -47.16 10.98 -59.90
N GLU I 87 -47.05 10.26 -61.02
CA GLU I 87 -47.00 8.79 -60.96
C GLU I 87 -45.92 8.34 -59.97
N ALA I 88 -46.35 7.81 -58.83
CA ALA I 88 -45.44 7.44 -57.75
C ALA I 88 -46.11 6.57 -56.68
N ASP I 89 -45.29 5.90 -55.87
CA ASP I 89 -45.76 5.30 -54.62
C ASP I 89 -45.81 6.41 -53.56
N TYR I 90 -46.92 6.48 -52.82
CA TYR I 90 -47.14 7.47 -51.74
C TYR I 90 -47.32 6.77 -50.37
N TYR I 91 -46.29 6.89 -49.55
CA TYR I 91 -46.30 6.36 -48.20
C TYR I 91 -46.71 7.40 -47.17
N CYS I 92 -47.63 7.03 -46.29
CA CYS I 92 -47.87 7.79 -45.10
C CYS I 92 -46.97 7.25 -43.99
N GLN I 93 -46.66 8.14 -43.03
CA GLN I 93 -45.75 7.85 -41.94
C GLN I 93 -46.20 8.58 -40.68
N THR I 94 -46.08 7.91 -39.55
CA THR I 94 -46.39 8.50 -38.26
C THR I 94 -45.34 7.98 -37.28
N TRP I 95 -45.59 8.25 -36.00
CA TRP I 95 -44.64 7.94 -34.92
C TRP I 95 -45.39 7.57 -33.68
N ASP I 96 -44.82 6.67 -32.90
CA ASP I 96 -45.38 6.32 -31.60
C ASP I 96 -44.20 5.88 -30.70
N ALA I 97 -44.18 4.64 -30.22
CA ALA I 97 -42.93 4.02 -29.76
C ALA I 97 -41.90 3.90 -30.88
N GLY I 98 -42.38 3.62 -32.09
CA GLY I 98 -41.49 3.45 -33.23
C GLY I 98 -41.73 4.58 -34.19
N MET I 99 -40.97 4.58 -35.29
CA MET I 99 -41.44 5.20 -36.53
C MET I 99 -42.20 4.14 -37.32
N VAL I 100 -43.27 4.57 -38.00
CA VAL I 100 -44.29 3.66 -38.59
C VAL I 100 -44.72 4.15 -39.97
N PHE I 101 -44.67 3.26 -40.97
CA PHE I 101 -45.13 3.53 -42.33
C PHE I 101 -46.44 2.79 -42.73
N GLY I 102 -47.13 3.35 -43.72
CA GLY I 102 -48.19 2.63 -44.40
C GLY I 102 -47.60 1.71 -45.45
N GLY I 103 -48.46 0.90 -46.06
CA GLY I 103 -48.04 -0.07 -47.09
C GLY I 103 -47.74 0.55 -48.45
N GLY I 104 -48.25 1.75 -48.66
CA GLY I 104 -48.03 2.45 -49.92
C GLY I 104 -49.26 2.43 -50.80
N THR I 105 -49.33 3.45 -51.66
CA THR I 105 -50.39 3.63 -52.62
C THR I 105 -49.69 4.03 -53.91
N LYS I 106 -49.76 3.17 -54.92
CA LYS I 106 -49.20 3.48 -56.21
C LYS I 106 -50.24 4.28 -56.99
N LEU I 107 -49.95 5.55 -57.25
CA LEU I 107 -50.81 6.37 -58.08
C LEU I 107 -50.41 6.19 -59.54
N THR I 108 -51.42 5.92 -60.38
CA THR I 108 -51.26 5.81 -61.83
C THR I 108 -52.01 6.99 -62.42
N VAL I 109 -51.43 7.63 -63.43
CA VAL I 109 -51.98 8.89 -63.97
C VAL I 109 -52.45 8.71 -65.40
N LEU I 110 -53.77 8.65 -65.57
CA LEU I 110 -54.38 8.28 -66.83
C LEU I 110 -54.53 9.52 -67.68
N GLY I 111 -54.49 9.35 -68.99
CA GLY I 111 -54.57 10.46 -69.93
C GLY I 111 -53.50 10.45 -71.02
N GLN I 112 -52.23 10.56 -70.64
CA GLN I 112 -51.15 10.82 -71.60
C GLN I 112 -51.01 9.75 -72.69
N SER I 113 -50.53 10.19 -73.87
CA SER I 113 -50.68 9.46 -75.14
C SER I 113 -50.04 8.07 -75.22
N LYS I 114 -50.52 7.27 -76.17
CA LYS I 114 -49.88 6.01 -76.52
C LYS I 114 -48.61 6.34 -77.31
N ALA I 115 -47.57 5.52 -77.14
CA ALA I 115 -46.35 5.60 -77.94
C ALA I 115 -45.94 4.19 -78.26
N ALA I 116 -45.90 3.85 -79.54
CA ALA I 116 -45.58 2.49 -79.95
C ALA I 116 -44.09 2.23 -79.68
N PRO I 117 -43.67 0.95 -79.66
CA PRO I 117 -42.27 0.61 -79.37
C PRO I 117 -41.30 0.66 -80.59
N SER I 118 -40.16 1.32 -80.37
CA SER I 118 -39.02 1.28 -81.29
C SER I 118 -38.16 0.09 -80.86
N VAL I 119 -38.11 -0.95 -81.71
CA VAL I 119 -37.31 -2.17 -81.43
C VAL I 119 -36.04 -2.19 -82.29
N THR I 120 -34.90 -2.51 -81.66
CA THR I 120 -33.61 -2.68 -82.34
C THR I 120 -33.00 -4.00 -81.90
N LEU I 121 -32.87 -4.95 -82.83
CA LEU I 121 -32.35 -6.28 -82.53
C LEU I 121 -30.94 -6.40 -83.08
N PHE I 122 -30.02 -6.95 -82.26
CA PHE I 122 -28.65 -7.27 -82.69
C PHE I 122 -28.35 -8.78 -82.61
N PRO I 123 -27.52 -9.30 -83.56
CA PRO I 123 -27.09 -10.70 -83.48
C PRO I 123 -25.84 -10.83 -82.60
N PRO I 124 -25.40 -12.07 -82.32
CA PRO I 124 -24.19 -12.23 -81.50
C PRO I 124 -22.93 -11.82 -82.26
N SER I 125 -21.91 -11.39 -81.52
CA SER I 125 -20.68 -10.84 -82.09
C SER I 125 -19.65 -11.92 -82.42
N SER I 126 -18.61 -11.55 -83.18
CA SER I 126 -17.49 -12.46 -83.45
C SER I 126 -16.81 -12.90 -82.17
N GLU I 127 -16.47 -11.95 -81.30
CA GLU I 127 -15.85 -12.24 -79.99
C GLU I 127 -16.71 -13.21 -79.16
N GLU I 128 -18.02 -12.99 -79.20
CA GLU I 128 -18.97 -13.84 -78.49
C GLU I 128 -19.02 -15.24 -79.08
N LEU I 129 -19.23 -15.33 -80.40
CA LEU I 129 -19.25 -16.62 -81.13
C LEU I 129 -17.91 -17.36 -81.01
N GLN I 130 -16.82 -16.63 -81.26
CA GLN I 130 -15.43 -17.11 -81.05
C GLN I 130 -15.26 -17.76 -79.66
N ALA I 131 -15.91 -17.19 -78.65
CA ALA I 131 -15.93 -17.75 -77.29
C ALA I 131 -16.89 -18.95 -77.11
N ASN I 132 -17.49 -19.44 -78.19
CA ASN I 132 -18.43 -20.56 -78.17
C ASN I 132 -19.75 -20.25 -77.43
N LYS I 133 -20.26 -19.04 -77.63
CA LYS I 133 -21.53 -18.58 -77.04
C LYS I 133 -22.28 -17.69 -78.04
N ALA I 134 -23.60 -17.62 -77.91
CA ALA I 134 -24.43 -16.74 -78.75
C ALA I 134 -25.67 -16.25 -78.00
N THR I 135 -25.74 -14.92 -77.79
CA THR I 135 -26.83 -14.26 -77.08
C THR I 135 -27.41 -13.12 -77.94
N LEU I 136 -28.67 -13.26 -78.34
CA LEU I 136 -29.37 -12.29 -79.19
C LEU I 136 -30.02 -11.25 -78.28
N VAL I 137 -29.92 -9.97 -78.66
CA VAL I 137 -30.30 -8.84 -77.78
C VAL I 137 -31.37 -7.96 -78.44
N CYS I 138 -32.60 -8.04 -77.92
CA CYS I 138 -33.76 -7.27 -78.41
C CYS I 138 -34.08 -6.18 -77.40
N LEU I 139 -33.88 -4.93 -77.80
CA LEU I 139 -34.10 -3.78 -76.92
C LEU I 139 -35.29 -2.95 -77.38
N ILE I 140 -36.24 -2.71 -76.47
CA ILE I 140 -37.41 -1.86 -76.73
C ILE I 140 -37.24 -0.59 -75.93
N SER I 141 -37.37 0.57 -76.58
CA SER I 141 -37.33 1.86 -75.87
C SER I 141 -38.56 2.70 -76.20
N ASP I 142 -38.83 3.68 -75.34
CA ASP I 142 -39.83 4.72 -75.60
C ASP I 142 -41.25 4.19 -75.93
N PHE I 143 -41.89 3.56 -74.94
CA PHE I 143 -43.30 3.13 -75.07
C PHE I 143 -44.17 3.46 -73.85
N TYR I 144 -45.44 3.77 -74.12
CA TYR I 144 -46.48 4.11 -73.12
C TYR I 144 -47.79 3.52 -73.66
N PRO I 145 -48.54 2.74 -72.88
CA PRO I 145 -48.23 2.35 -71.48
C PRO I 145 -47.05 1.39 -71.33
N GLY I 146 -46.79 0.93 -70.11
CA GLY I 146 -45.76 -0.09 -69.85
C GLY I 146 -46.21 -1.53 -70.08
N ALA I 147 -47.11 -1.76 -71.04
CA ALA I 147 -47.63 -3.10 -71.33
C ALA I 147 -46.98 -3.62 -72.60
N VAL I 148 -46.02 -4.54 -72.44
CA VAL I 148 -45.43 -5.25 -73.57
C VAL I 148 -45.35 -6.75 -73.35
N THR I 149 -45.29 -7.46 -74.46
CA THR I 149 -45.07 -8.90 -74.48
C THR I 149 -44.13 -9.17 -75.65
N VAL I 150 -43.20 -10.11 -75.47
CA VAL I 150 -42.16 -10.41 -76.46
C VAL I 150 -42.14 -11.91 -76.78
N ALA I 151 -41.93 -12.27 -78.04
CA ALA I 151 -41.95 -13.68 -78.49
C ALA I 151 -40.75 -13.99 -79.40
N TRP I 152 -40.03 -15.07 -79.08
CA TRP I 152 -38.84 -15.50 -79.82
C TRP I 152 -39.13 -16.73 -80.74
N LYS I 153 -38.91 -16.56 -82.05
CA LYS I 153 -39.17 -17.60 -83.06
C LYS I 153 -37.91 -18.11 -83.78
N ALA I 154 -37.67 -19.41 -83.71
CA ALA I 154 -36.65 -20.11 -84.50
C ALA I 154 -37.18 -20.38 -85.92
N ASP I 155 -36.66 -19.65 -86.91
CA ASP I 155 -37.23 -19.56 -88.29
C ASP I 155 -38.63 -18.94 -88.25
N SER I 156 -39.63 -19.74 -87.87
CA SER I 156 -41.02 -19.31 -87.78
C SER I 156 -41.85 -20.17 -86.78
N SER I 157 -41.24 -20.50 -85.63
CA SER I 157 -41.87 -21.37 -84.61
C SER I 157 -41.26 -21.17 -83.19
N PRO I 158 -42.06 -21.43 -82.11
CA PRO I 158 -41.65 -20.99 -80.76
C PRO I 158 -40.34 -21.58 -80.21
N VAL I 159 -39.61 -20.77 -79.44
CA VAL I 159 -38.47 -21.24 -78.62
C VAL I 159 -38.59 -20.63 -77.21
N LYS I 160 -39.12 -21.42 -76.28
CA LYS I 160 -39.34 -20.98 -74.90
C LYS I 160 -38.05 -21.01 -74.07
N ALA I 161 -37.22 -22.03 -74.30
CA ALA I 161 -35.88 -22.11 -73.69
C ALA I 161 -34.97 -21.01 -74.21
N GLY I 162 -34.31 -20.29 -73.29
CA GLY I 162 -33.35 -19.23 -73.61
C GLY I 162 -33.77 -17.81 -73.25
N VAL I 163 -35.08 -17.58 -73.15
CA VAL I 163 -35.63 -16.21 -73.06
C VAL I 163 -35.58 -15.69 -71.62
N GLU I 164 -35.25 -14.40 -71.50
CA GLU I 164 -35.39 -13.63 -70.25
C GLU I 164 -35.59 -12.15 -70.57
N THR I 165 -36.56 -11.53 -69.92
CA THR I 165 -37.06 -10.22 -70.31
C THR I 165 -37.24 -9.35 -69.07
N THR I 166 -36.86 -8.07 -69.18
CA THR I 166 -37.00 -7.12 -68.08
C THR I 166 -38.45 -6.74 -67.91
N THR I 167 -38.80 -6.26 -66.72
CA THR I 167 -40.05 -5.54 -66.54
C THR I 167 -39.83 -4.14 -67.09
N PRO I 168 -40.89 -3.51 -67.62
CA PRO I 168 -40.82 -2.12 -68.06
C PRO I 168 -40.37 -1.18 -66.96
N SER I 169 -39.94 0.01 -67.36
CA SER I 169 -39.45 1.00 -66.42
C SER I 169 -39.38 2.39 -67.07
N LYS I 170 -39.93 3.38 -66.36
CA LYS I 170 -39.89 4.79 -66.76
C LYS I 170 -38.47 5.29 -66.95
N GLN I 171 -38.22 5.94 -68.09
CA GLN I 171 -37.11 6.88 -68.21
C GLN I 171 -37.72 8.26 -67.85
N SER I 172 -36.88 9.18 -67.39
CA SER I 172 -37.28 10.56 -67.10
C SER I 172 -38.04 11.29 -68.23
N ASN I 173 -37.93 10.79 -69.46
CA ASN I 173 -38.79 11.23 -70.59
C ASN I 173 -40.30 10.85 -70.45
N ASN I 174 -40.70 10.25 -69.32
CA ASN I 174 -42.08 9.81 -69.06
C ASN I 174 -42.52 8.74 -70.06
N LYS I 175 -41.62 7.79 -70.33
CA LYS I 175 -41.86 6.69 -71.28
C LYS I 175 -41.03 5.46 -70.94
N TYR I 176 -41.66 4.28 -71.03
CA TYR I 176 -41.07 3.05 -70.51
C TYR I 176 -40.05 2.44 -71.48
N ALA I 177 -39.16 1.63 -70.93
CA ALA I 177 -38.11 0.95 -71.70
C ALA I 177 -37.78 -0.43 -71.10
N ALA I 178 -37.63 -1.43 -71.97
CA ALA I 178 -37.38 -2.81 -71.57
C ALA I 178 -36.36 -3.53 -72.48
N SER I 179 -35.89 -4.68 -72.02
CA SER I 179 -34.90 -5.48 -72.76
C SER I 179 -35.29 -6.96 -72.68
N SER I 180 -34.91 -7.74 -73.71
CA SER I 180 -35.07 -9.19 -73.72
C SER I 180 -33.90 -9.84 -74.45
N TYR I 181 -33.24 -10.80 -73.79
CA TYR I 181 -32.08 -11.50 -74.34
C TYR I 181 -32.38 -13.01 -74.51
N LEU I 182 -31.80 -13.64 -75.54
CA LEU I 182 -32.03 -15.06 -75.86
C LEU I 182 -30.70 -15.86 -75.95
N SER I 183 -30.55 -16.86 -75.08
CA SER I 183 -29.39 -17.77 -75.06
C SER I 183 -29.64 -19.09 -75.81
N LEU I 184 -28.67 -19.48 -76.64
CA LEU I 184 -28.66 -20.77 -77.33
C LEU I 184 -27.26 -20.96 -77.91
N THR I 185 -26.82 -22.22 -78.05
CA THR I 185 -25.46 -22.54 -78.54
C THR I 185 -25.21 -21.97 -79.97
N PRO I 186 -23.93 -21.84 -80.38
CA PRO I 186 -23.69 -21.44 -81.78
C PRO I 186 -24.06 -22.53 -82.82
N GLU I 187 -24.12 -23.80 -82.38
CA GLU I 187 -24.63 -24.91 -83.20
C GLU I 187 -26.10 -24.71 -83.56
N GLN I 188 -26.92 -24.34 -82.58
CA GLN I 188 -28.38 -24.11 -82.74
C GLN I 188 -28.72 -22.82 -83.51
N TRP I 189 -27.90 -21.79 -83.28
CA TRP I 189 -27.98 -20.48 -83.96
C TRP I 189 -27.88 -20.58 -85.49
N LYS I 190 -26.92 -21.39 -85.94
CA LYS I 190 -26.67 -21.62 -87.38
C LYS I 190 -27.80 -22.39 -88.10
N SER I 191 -28.38 -23.38 -87.42
CA SER I 191 -29.40 -24.31 -87.98
C SER I 191 -30.72 -23.69 -88.49
N HIS I 192 -30.90 -22.38 -88.32
CA HIS I 192 -32.09 -21.69 -88.77
C HIS I 192 -31.69 -20.48 -89.62
N ARG I 193 -32.45 -20.23 -90.68
CA ARG I 193 -32.20 -19.12 -91.58
C ARG I 193 -32.36 -17.78 -90.88
N SER I 194 -33.38 -17.69 -90.03
CA SER I 194 -33.63 -16.48 -89.25
C SER I 194 -34.04 -16.78 -87.80
N TYR I 195 -33.85 -15.76 -86.95
CA TYR I 195 -34.29 -15.77 -85.55
C TYR I 195 -35.01 -14.44 -85.28
N SER I 196 -36.18 -14.50 -84.63
CA SER I 196 -37.17 -13.38 -84.59
C SER I 196 -37.60 -12.92 -83.19
N CYS I 197 -37.65 -11.60 -82.96
CA CYS I 197 -38.15 -10.99 -81.70
C CYS I 197 -39.41 -10.15 -81.94
N GLN I 198 -40.57 -10.69 -81.54
CA GLN I 198 -41.87 -10.04 -81.76
C GLN I 198 -42.42 -9.40 -80.49
N VAL I 199 -42.26 -8.08 -80.37
CA VAL I 199 -42.81 -7.33 -79.25
C VAL I 199 -44.20 -6.83 -79.67
N THR I 200 -45.22 -7.14 -78.88
CA THR I 200 -46.58 -6.64 -79.11
C THR I 200 -46.90 -5.63 -78.00
N HIS I 201 -47.59 -4.54 -78.36
CA HIS I 201 -47.88 -3.44 -77.42
C HIS I 201 -49.25 -2.83 -77.74
N GLU I 202 -50.21 -3.09 -76.85
CA GLU I 202 -51.60 -2.65 -77.01
C GLU I 202 -52.23 -3.21 -78.30
N GLY I 203 -52.05 -4.51 -78.52
CA GLY I 203 -52.66 -5.23 -79.66
C GLY I 203 -51.95 -5.22 -81.01
N SER I 204 -50.91 -4.38 -81.15
CA SER I 204 -50.13 -4.23 -82.39
C SER I 204 -48.72 -4.79 -82.19
N THR I 205 -48.32 -5.75 -83.02
CA THR I 205 -46.98 -6.34 -82.98
C THR I 205 -46.01 -5.48 -83.80
N VAL I 206 -44.81 -5.25 -83.25
CA VAL I 206 -43.64 -4.74 -84.01
C VAL I 206 -42.59 -5.86 -84.01
N GLU I 207 -42.00 -6.12 -85.18
CA GLU I 207 -41.13 -7.26 -85.40
C GLU I 207 -39.71 -6.85 -85.83
N LYS I 208 -38.72 -7.63 -85.41
CA LYS I 208 -37.34 -7.60 -85.94
C LYS I 208 -36.81 -9.03 -86.07
N THR I 209 -35.78 -9.21 -86.90
CA THR I 209 -35.21 -10.53 -87.24
C THR I 209 -33.74 -10.41 -87.64
N VAL I 210 -33.00 -11.51 -87.53
CA VAL I 210 -31.59 -11.59 -87.99
C VAL I 210 -31.19 -13.01 -88.41
N ALA I 211 -30.09 -13.12 -89.18
CA ALA I 211 -29.61 -14.38 -89.80
C ALA I 211 -28.08 -14.62 -89.61
N PRO I 212 -27.62 -15.91 -89.52
CA PRO I 212 -26.17 -16.24 -89.41
C PRO I 212 -25.18 -15.74 -90.50
N THR I 213 -25.29 -16.23 -91.76
CA THR I 213 -24.38 -15.78 -92.87
C THR I 213 -24.94 -14.58 -93.69
N GLU I 214 -25.69 -13.70 -93.03
CA GLU I 214 -25.87 -12.30 -93.49
C GLU I 214 -24.82 -11.39 -92.81
N CYS I 215 -24.13 -11.92 -91.79
CA CYS I 215 -22.74 -11.59 -91.53
C CYS I 215 -21.92 -12.61 -92.35
N SER I 216 -21.55 -12.24 -93.59
CA SER I 216 -20.97 -13.18 -94.57
C SER I 216 -19.67 -13.86 -94.09
N ALA J 3 -33.11 -25.20 3.13
CA ALA J 3 -32.94 -24.36 4.35
C ALA J 3 -33.46 -22.91 4.14
N PRO J 4 -33.78 -22.19 5.24
CA PRO J 4 -34.20 -20.80 5.14
C PRO J 4 -33.02 -19.84 5.34
N LEU J 5 -33.28 -18.54 5.18
CA LEU J 5 -32.30 -17.47 5.43
C LEU J 5 -32.90 -16.40 6.32
N HIS J 6 -32.36 -16.25 7.52
CA HIS J 6 -32.87 -15.29 8.51
C HIS J 6 -32.01 -14.02 8.55
N LEU J 7 -32.65 -12.86 8.56
CA LEU J 7 -31.98 -11.55 8.48
C LEU J 7 -32.11 -10.67 9.73
N GLY J 8 -32.75 -11.17 10.80
CA GLY J 8 -32.83 -10.42 12.08
C GLY J 8 -33.61 -9.13 11.93
N LYS J 9 -33.05 -8.03 12.44
CA LYS J 9 -33.68 -6.71 12.31
C LYS J 9 -33.54 -6.07 10.91
N CYS J 10 -32.66 -6.62 10.06
CA CYS J 10 -32.45 -6.09 8.70
C CYS J 10 -33.42 -6.64 7.65
N ASN J 11 -33.71 -5.82 6.63
CA ASN J 11 -34.44 -6.24 5.41
C ASN J 11 -33.44 -6.70 4.34
N ILE J 12 -33.89 -6.92 3.10
CA ILE J 12 -32.99 -7.38 2.06
C ILE J 12 -32.07 -6.24 1.66
N ALA J 13 -32.66 -5.06 1.50
CA ALA J 13 -31.91 -3.85 1.12
C ALA J 13 -30.67 -3.62 1.99
N GLY J 14 -30.85 -3.72 3.30
CA GLY J 14 -29.75 -3.62 4.26
C GLY J 14 -28.74 -4.71 4.05
N TRP J 15 -29.22 -5.95 4.04
CA TRP J 15 -28.36 -7.12 3.98
C TRP J 15 -27.48 -7.15 2.71
N ILE J 16 -28.08 -6.92 1.54
CA ILE J 16 -27.34 -7.00 0.27
C ILE J 16 -26.37 -5.82 0.01
N LEU J 17 -26.75 -4.62 0.46
CA LEU J 17 -25.87 -3.46 0.34
C LEU J 17 -24.77 -3.57 1.38
N GLY J 18 -25.11 -4.09 2.56
CA GLY J 18 -24.18 -4.19 3.66
C GLY J 18 -24.25 -2.98 4.58
N ASN J 19 -25.46 -2.66 5.05
CA ASN J 19 -25.66 -1.69 6.13
C ASN J 19 -24.81 -2.17 7.28
N PRO J 20 -24.11 -1.26 7.96
CA PRO J 20 -23.24 -1.63 9.08
C PRO J 20 -23.85 -2.43 10.25
N GLU J 21 -25.17 -2.40 10.43
CA GLU J 21 -25.83 -3.20 11.48
C GLU J 21 -26.10 -4.66 11.11
N CYS J 22 -26.13 -4.98 9.82
CA CYS J 22 -26.43 -6.33 9.33
C CYS J 22 -25.19 -7.21 9.20
N GLU J 23 -24.36 -7.25 10.25
CA GLU J 23 -23.26 -8.22 10.32
C GLU J 23 -23.77 -9.54 10.95
N SER J 24 -23.38 -10.67 10.34
CA SER J 24 -23.70 -12.01 10.87
C SER J 24 -22.38 -12.76 11.10
N LEU J 25 -22.40 -13.73 12.02
CA LEU J 25 -21.24 -14.63 12.24
C LEU J 25 -21.12 -15.70 11.12
N SER J 26 -22.22 -15.99 10.41
CA SER J 26 -22.19 -16.93 9.27
C SER J 26 -22.68 -16.31 7.93
N THR J 27 -21.94 -16.60 6.86
CA THR J 27 -22.42 -16.40 5.49
C THR J 27 -23.38 -17.54 5.18
N ALA J 28 -24.61 -17.21 4.78
CA ALA J 28 -25.56 -18.22 4.32
C ALA J 28 -25.22 -18.62 2.87
N SER J 29 -24.56 -19.76 2.73
CA SER J 29 -24.08 -20.27 1.44
C SER J 29 -25.21 -20.58 0.42
N SER J 30 -26.41 -20.88 0.94
CA SER J 30 -27.51 -21.38 0.13
C SER J 30 -28.82 -21.41 0.89
N TRP J 31 -29.90 -20.98 0.25
CA TRP J 31 -31.21 -20.92 0.90
C TRP J 31 -32.35 -21.08 -0.08
N SER J 32 -33.48 -21.54 0.47
CA SER J 32 -34.72 -21.78 -0.30
C SER J 32 -35.70 -20.59 -0.23
N TYR J 33 -35.66 -19.82 0.86
CA TYR J 33 -36.45 -18.58 1.00
C TYR J 33 -35.93 -17.66 2.12
N ILE J 34 -36.26 -16.37 2.04
CA ILE J 34 -35.71 -15.32 2.95
C ILE J 34 -36.73 -14.79 3.96
N VAL J 35 -36.41 -14.91 5.24
CA VAL J 35 -37.25 -14.30 6.28
C VAL J 35 -36.55 -13.04 6.80
N GLU J 36 -37.27 -11.91 6.73
CA GLU J 36 -36.72 -10.57 7.02
C GLU J 36 -37.54 -9.81 8.10
N THR J 37 -37.29 -8.50 8.26
CA THR J 37 -38.17 -7.60 9.03
C THR J 37 -38.82 -6.65 8.00
N PRO J 38 -40.15 -6.38 8.14
CA PRO J 38 -40.92 -5.83 6.99
C PRO J 38 -40.27 -4.62 6.28
N SER J 39 -40.33 -3.43 6.88
CA SER J 39 -39.77 -2.21 6.28
C SER J 39 -38.91 -1.48 7.31
N SER J 40 -37.93 -2.21 7.87
CA SER J 40 -37.14 -1.73 9.00
C SER J 40 -36.24 -0.54 8.67
N ASP J 41 -35.85 0.19 9.72
CA ASP J 41 -34.98 1.38 9.62
C ASP J 41 -33.57 1.00 9.11
N ASN J 42 -33.15 -0.22 9.45
CA ASN J 42 -31.86 -0.80 9.04
C ASN J 42 -31.94 -1.51 7.68
N GLY J 43 -32.28 -0.74 6.65
CA GLY J 43 -32.08 -1.10 5.27
C GLY J 43 -31.11 -0.10 4.70
N THR J 44 -31.62 0.88 3.97
CA THR J 44 -30.78 1.93 3.44
C THR J 44 -30.60 2.99 4.53
N CYS J 45 -29.36 3.15 4.99
CA CYS J 45 -29.04 4.10 6.03
C CYS J 45 -28.79 5.49 5.47
N TYR J 46 -28.28 5.60 4.24
CA TYR J 46 -28.28 6.87 3.53
C TYR J 46 -29.52 6.90 2.64
N PRO J 47 -30.37 7.95 2.76
CA PRO J 47 -31.65 7.96 2.08
C PRO J 47 -31.60 8.02 0.54
N GLY J 48 -32.52 7.28 -0.07
CA GLY J 48 -32.69 7.30 -1.51
C GLY J 48 -33.79 6.37 -1.96
N ASP J 49 -33.58 5.74 -3.11
CA ASP J 49 -34.51 4.79 -3.68
C ASP J 49 -33.72 3.62 -4.20
N PHE J 50 -34.09 2.42 -3.76
CA PHE J 50 -33.50 1.20 -4.26
C PHE J 50 -34.30 0.84 -5.52
N ILE J 51 -33.68 1.05 -6.68
CA ILE J 51 -34.34 0.83 -7.98
C ILE J 51 -34.41 -0.66 -8.29
N ASP J 52 -35.46 -1.08 -9.00
CA ASP J 52 -35.70 -2.48 -9.32
C ASP J 52 -35.59 -3.36 -8.06
N TYR J 53 -36.21 -2.94 -6.96
CA TYR J 53 -36.05 -3.65 -5.69
C TYR J 53 -36.80 -4.97 -5.70
N GLU J 54 -38.06 -4.93 -6.12
CA GLU J 54 -38.84 -6.15 -6.29
C GLU J 54 -38.13 -7.18 -7.16
N GLU J 55 -37.62 -6.77 -8.32
CA GLU J 55 -36.91 -7.66 -9.23
C GLU J 55 -35.80 -8.36 -8.47
N LEU J 56 -35.10 -7.62 -7.61
CA LEU J 56 -34.00 -8.18 -6.83
C LEU J 56 -34.48 -9.15 -5.75
N ARG J 57 -35.61 -8.86 -5.10
CA ARG J 57 -36.18 -9.77 -4.08
C ARG J 57 -36.46 -11.14 -4.66
N GLU J 58 -37.02 -11.18 -5.87
CA GLU J 58 -37.20 -12.43 -6.60
C GLU J 58 -35.88 -13.08 -6.96
N GLN J 59 -34.96 -12.35 -7.60
CA GLN J 59 -33.67 -12.96 -8.00
C GLN J 59 -32.83 -13.48 -6.82
N LEU J 60 -33.08 -12.99 -5.61
CA LEU J 60 -32.48 -13.53 -4.38
C LEU J 60 -33.40 -14.48 -3.61
N SER J 61 -34.56 -14.82 -4.18
CA SER J 61 -35.65 -15.46 -3.41
C SER J 61 -35.28 -16.86 -2.96
N SER J 62 -34.83 -17.67 -3.92
CA SER J 62 -34.21 -18.96 -3.62
C SER J 62 -33.00 -19.11 -4.53
N VAL J 63 -31.85 -19.42 -3.93
CA VAL J 63 -30.58 -19.52 -4.63
C VAL J 63 -29.85 -20.81 -4.29
N SER J 64 -29.29 -21.43 -5.33
CA SER J 64 -28.51 -22.65 -5.20
C SER J 64 -27.17 -22.33 -4.49
N SER J 65 -26.35 -21.48 -5.09
CA SER J 65 -25.07 -21.05 -4.51
C SER J 65 -24.98 -19.53 -4.45
N PHE J 66 -24.12 -19.04 -3.57
CA PHE J 66 -24.04 -17.62 -3.25
C PHE J 66 -22.72 -17.36 -2.55
N GLU J 67 -21.77 -16.83 -3.30
CA GLU J 67 -20.41 -16.60 -2.84
C GLU J 67 -20.08 -15.12 -3.04
N ARG J 68 -19.92 -14.38 -1.93
CA ARG J 68 -19.45 -12.99 -2.00
C ARG J 68 -17.97 -12.94 -2.35
N PHE J 69 -17.57 -11.89 -3.05
CA PHE J 69 -16.18 -11.69 -3.39
C PHE J 69 -15.93 -10.23 -3.73
N GLU J 70 -14.68 -9.79 -3.57
CA GLU J 70 -14.28 -8.41 -3.75
C GLU J 70 -14.02 -8.13 -5.24
N ILE J 71 -15.04 -7.65 -5.93
CA ILE J 71 -14.97 -7.33 -7.36
C ILE J 71 -13.92 -6.23 -7.66
N PHE J 72 -13.88 -5.20 -6.82
CA PHE J 72 -12.97 -4.05 -6.99
C PHE J 72 -12.27 -3.82 -5.64
N PRO J 73 -11.08 -4.42 -5.46
CA PRO J 73 -10.51 -4.37 -4.13
C PRO J 73 -10.22 -2.94 -3.70
N LYS J 74 -10.58 -2.60 -2.46
CA LYS J 74 -10.43 -1.25 -1.95
C LYS J 74 -9.03 -0.67 -2.14
N THR J 75 -8.01 -1.45 -1.86
CA THR J 75 -6.64 -0.90 -1.80
C THR J 75 -5.96 -0.73 -3.16
N SER J 76 -6.45 -1.39 -4.22
CA SER J 76 -5.80 -1.35 -5.55
C SER J 76 -6.49 -0.53 -6.59
N SER J 77 -7.81 -0.62 -6.60
CA SER J 77 -8.55 -0.31 -7.81
C SER J 77 -8.87 1.15 -7.98
N TRP J 78 -8.67 1.96 -6.93
CA TRP J 78 -9.02 3.38 -7.00
C TRP J 78 -7.85 4.33 -6.68
N PRO J 79 -6.74 4.19 -7.41
CA PRO J 79 -5.55 5.00 -7.15
C PRO J 79 -5.66 6.50 -7.37
N ASN J 80 -6.63 6.99 -8.15
CA ASN J 80 -6.75 8.45 -8.37
C ASN J 80 -7.95 9.10 -7.67
N HIS J 81 -8.54 8.41 -6.71
CA HIS J 81 -9.75 8.88 -6.03
C HIS J 81 -9.60 8.54 -4.58
N ASP J 82 -10.26 9.29 -3.71
CA ASP J 82 -10.19 9.06 -2.25
C ASP J 82 -11.24 8.03 -1.97
N SER J 83 -10.85 6.92 -1.34
CA SER J 83 -11.79 5.86 -0.95
C SER J 83 -11.77 5.67 0.54
N ASN J 84 -11.63 6.79 1.26
CA ASN J 84 -11.61 6.79 2.73
C ASN J 84 -12.50 7.82 3.38
N LYS J 85 -12.75 8.94 2.70
CA LYS J 85 -13.71 9.93 3.16
C LYS J 85 -15.16 9.47 3.02
N GLY J 86 -15.41 8.53 2.11
CA GLY J 86 -16.78 8.06 1.80
C GLY J 86 -17.62 7.45 2.93
N VAL J 87 -18.01 8.32 3.86
CA VAL J 87 -18.50 7.94 5.18
C VAL J 87 -19.51 8.98 5.72
N THR J 88 -20.48 8.55 6.54
CA THR J 88 -21.57 9.41 6.95
C THR J 88 -22.21 9.04 8.29
N ALA J 89 -22.63 10.07 9.03
CA ALA J 89 -23.41 9.88 10.25
C ALA J 89 -24.71 9.16 9.98
N ALA J 90 -25.20 9.24 8.75
CA ALA J 90 -26.33 8.43 8.32
C ALA J 90 -26.16 6.91 8.56
N CYS J 91 -24.94 6.40 8.42
CA CYS J 91 -24.65 4.98 8.52
C CYS J 91 -23.62 4.75 9.59
N PRO J 92 -23.96 5.02 10.87
CA PRO J 92 -22.97 4.90 11.91
C PRO J 92 -22.70 3.44 12.23
N HIS J 93 -21.50 3.20 12.77
CA HIS J 93 -21.08 1.87 13.22
C HIS J 93 -20.33 2.04 14.53
N ALA J 94 -20.99 1.71 15.64
CA ALA J 94 -20.39 1.80 16.96
C ALA J 94 -19.80 3.18 17.21
N GLY J 95 -20.65 4.20 17.23
CA GLY J 95 -20.23 5.57 17.52
C GLY J 95 -19.76 6.28 16.26
N ALA J 96 -18.69 5.77 15.66
CA ALA J 96 -18.08 6.35 14.46
C ALA J 96 -18.96 6.29 13.23
N LYS J 97 -18.77 7.28 12.34
CA LYS J 97 -19.41 7.30 11.01
C LYS J 97 -18.88 6.15 10.20
N SER J 98 -19.74 5.58 9.34
CA SER J 98 -19.38 4.45 8.51
C SER J 98 -20.04 4.58 7.14
N PHE J 99 -20.33 3.44 6.51
CA PHE J 99 -20.99 3.40 5.19
C PHE J 99 -21.23 1.92 4.87
N TYR J 100 -21.99 1.66 3.80
CA TYR J 100 -22.26 0.28 3.40
C TYR J 100 -20.95 -0.48 3.21
N LYS J 101 -20.92 -1.73 3.61
CA LYS J 101 -19.74 -2.55 3.45
C LYS J 101 -19.47 -2.91 1.98
N ASN J 102 -20.50 -3.27 1.22
CA ASN J 102 -20.29 -3.73 -0.16
C ASN J 102 -20.06 -2.62 -1.21
N LEU J 103 -20.12 -1.35 -0.80
CA LEU J 103 -19.88 -0.24 -1.75
C LEU J 103 -18.85 0.72 -1.19
N ILE J 104 -18.29 1.54 -2.08
CA ILE J 104 -17.37 2.59 -1.68
C ILE J 104 -17.82 3.92 -2.31
N TRP J 105 -17.92 4.94 -1.45
CA TRP J 105 -18.29 6.29 -1.88
C TRP J 105 -17.02 7.06 -2.24
N LEU J 106 -16.60 6.91 -3.48
CA LEU J 106 -15.44 7.62 -3.96
C LEU J 106 -15.70 9.12 -3.94
N VAL J 107 -14.64 9.84 -3.60
CA VAL J 107 -14.64 11.28 -3.43
C VAL J 107 -13.33 11.84 -4.01
N LYS J 108 -13.30 13.13 -4.31
CA LYS J 108 -12.14 13.73 -4.92
C LYS J 108 -10.90 13.65 -4.06
N LYS J 109 -9.77 13.64 -4.76
CA LYS J 109 -8.48 13.68 -4.16
C LYS J 109 -8.00 15.08 -4.50
N GLY J 110 -7.75 15.85 -3.43
CA GLY J 110 -7.41 17.25 -3.51
C GLY J 110 -8.47 18.01 -4.25
N ASN J 111 -8.18 18.22 -5.50
CA ASN J 111 -8.59 19.36 -6.27
C ASN J 111 -9.31 18.96 -7.55
N SER J 112 -9.32 17.65 -7.82
CA SER J 112 -9.43 17.12 -9.18
C SER J 112 -9.97 15.71 -9.12
N TYR J 113 -11.06 15.46 -9.85
CA TYR J 113 -11.71 14.15 -9.96
C TYR J 113 -11.54 13.79 -11.42
N PRO J 114 -10.56 12.94 -11.72
CA PRO J 114 -10.33 12.54 -13.06
C PRO J 114 -11.35 11.48 -13.40
N LYS J 115 -11.54 11.27 -14.70
CA LYS J 115 -12.50 10.30 -15.19
C LYS J 115 -12.13 8.93 -14.67
N LEU J 116 -13.09 8.27 -14.06
CA LEU J 116 -12.92 6.95 -13.52
C LEU J 116 -13.30 5.99 -14.62
N SER J 117 -12.57 4.88 -14.77
CA SER J 117 -12.92 3.86 -15.76
C SER J 117 -12.35 2.49 -15.41
N LYS J 118 -13.25 1.57 -15.06
CA LYS J 118 -12.91 0.30 -14.45
C LYS J 118 -13.88 -0.78 -14.93
N SER J 119 -13.35 -1.98 -15.17
CA SER J 119 -14.12 -3.14 -15.68
C SER J 119 -14.05 -4.39 -14.82
N TYR J 120 -14.90 -5.36 -15.10
CA TYR J 120 -14.75 -6.68 -14.50
C TYR J 120 -15.28 -7.65 -15.51
N ILE J 121 -14.46 -8.62 -15.89
CA ILE J 121 -14.95 -9.73 -16.70
C ILE J 121 -15.36 -10.84 -15.74
N ASN J 122 -16.45 -11.54 -16.06
CA ASN J 122 -17.04 -12.51 -15.15
C ASN J 122 -16.49 -13.91 -15.39
N ASP J 123 -15.31 -14.16 -14.84
CA ASP J 123 -14.72 -15.49 -14.86
C ASP J 123 -15.17 -16.34 -13.66
N LYS J 124 -16.31 -16.02 -13.04
CA LYS J 124 -16.84 -16.87 -11.96
C LYS J 124 -17.60 -18.10 -12.48
N GLY J 125 -18.03 -18.05 -13.75
CA GLY J 125 -18.76 -19.17 -14.35
C GLY J 125 -20.19 -19.34 -13.85
N LYS J 126 -20.66 -18.41 -13.04
CA LYS J 126 -22.04 -18.32 -12.62
C LYS J 126 -22.38 -16.85 -12.89
N GLU J 127 -23.66 -16.48 -12.82
CA GLU J 127 -24.03 -15.06 -12.89
C GLU J 127 -23.40 -14.36 -11.70
N VAL J 128 -22.88 -13.13 -11.91
CA VAL J 128 -22.57 -12.26 -10.75
C VAL J 128 -23.46 -11.03 -10.67
N LEU J 129 -23.90 -10.78 -9.43
CA LEU J 129 -24.80 -9.70 -9.04
C LEU J 129 -23.95 -8.58 -8.51
N VAL J 130 -23.97 -7.46 -9.25
CA VAL J 130 -23.21 -6.28 -8.93
C VAL J 130 -24.16 -5.17 -8.51
N LEU J 131 -23.91 -4.54 -7.36
CA LEU J 131 -24.69 -3.36 -6.95
C LEU J 131 -23.82 -2.14 -6.89
N TRP J 132 -24.42 -0.99 -7.17
CA TRP J 132 -23.75 0.29 -7.03
C TRP J 132 -24.74 1.38 -6.66
N GLY J 133 -24.26 2.60 -6.50
CA GLY J 133 -25.14 3.72 -6.20
C GLY J 133 -24.79 4.99 -6.96
N ILE J 134 -25.73 5.91 -6.94
CA ILE J 134 -25.52 7.20 -7.53
C ILE J 134 -25.90 8.21 -6.50
N HIS J 135 -25.04 9.20 -6.32
CA HIS J 135 -25.21 10.21 -5.29
C HIS J 135 -25.69 11.50 -5.91
N HIS J 136 -26.72 12.05 -5.27
CA HIS J 136 -27.34 13.29 -5.63
C HIS J 136 -27.12 14.26 -4.44
N PRO J 137 -26.14 15.16 -4.57
CA PRO J 137 -25.93 16.09 -3.47
C PRO J 137 -27.03 17.11 -3.36
N SER J 138 -27.03 17.84 -2.24
CA SER J 138 -28.08 18.81 -1.92
C SER J 138 -27.92 20.16 -2.60
N THR J 139 -26.68 20.59 -2.84
CA THR J 139 -26.37 21.94 -3.36
C THR J 139 -25.24 21.87 -4.38
N SER J 140 -25.04 22.89 -5.22
CA SER J 140 -23.87 22.90 -6.13
C SER J 140 -22.53 22.84 -5.39
N ALA J 141 -22.45 23.55 -4.27
CA ALA J 141 -21.28 23.57 -3.43
C ALA J 141 -20.94 22.17 -2.93
N ASP J 142 -21.96 21.41 -2.55
CA ASP J 142 -21.76 20.04 -2.11
C ASP J 142 -21.23 19.16 -3.25
N GLN J 143 -21.74 19.36 -4.47
CA GLN J 143 -21.24 18.67 -5.68
C GLN J 143 -19.76 18.96 -5.81
N GLN J 144 -19.40 20.24 -5.69
CA GLN J 144 -18.01 20.73 -5.84
C GLN J 144 -17.05 20.23 -4.78
N SER J 145 -17.49 20.20 -3.52
CA SER J 145 -16.72 19.57 -2.46
C SER J 145 -16.41 18.12 -2.73
N LEU J 146 -17.41 17.38 -3.17
CA LEU J 146 -17.25 15.93 -3.21
C LEU J 146 -16.54 15.46 -4.48
N TYR J 147 -16.92 16.03 -5.61
CA TYR J 147 -16.51 15.53 -6.91
C TYR J 147 -15.90 16.58 -7.83
N GLN J 148 -15.84 17.84 -7.39
CA GLN J 148 -15.26 18.97 -8.16
C GLN J 148 -16.05 19.39 -9.42
N ASN J 149 -16.28 18.43 -10.31
CA ASN J 149 -16.88 18.65 -11.61
C ASN J 149 -18.39 18.91 -11.54
N ALA J 150 -18.79 20.13 -11.89
CA ALA J 150 -20.21 20.50 -11.85
C ALA J 150 -21.00 19.70 -12.86
N ASP J 151 -20.39 19.45 -14.01
CA ASP J 151 -21.04 18.72 -15.08
C ASP J 151 -20.55 17.27 -15.10
N ALA J 152 -20.83 16.56 -14.01
CA ALA J 152 -20.41 15.17 -13.87
C ALA J 152 -21.45 14.30 -14.51
N TYR J 153 -21.03 13.09 -14.88
CA TYR J 153 -21.92 11.99 -15.29
C TYR J 153 -21.40 10.65 -14.80
N VAL J 154 -22.26 9.65 -14.75
CA VAL J 154 -21.81 8.27 -14.61
C VAL J 154 -22.50 7.39 -15.62
N PHE J 155 -21.73 6.46 -16.17
CA PHE J 155 -22.23 5.45 -17.10
C PHE J 155 -21.91 4.06 -16.54
N VAL J 156 -22.90 3.17 -16.54
CA VAL J 156 -22.64 1.74 -16.33
C VAL J 156 -23.12 0.96 -17.56
N GLY J 157 -22.38 -0.09 -17.90
CA GLY J 157 -22.75 -0.94 -19.03
C GLY J 157 -22.23 -2.36 -18.95
N SER J 158 -23.09 -3.30 -19.31
CA SER J 158 -22.69 -4.67 -19.64
C SER J 158 -23.08 -4.91 -21.11
N SER J 159 -23.15 -6.18 -21.56
CA SER J 159 -23.67 -6.51 -22.91
C SER J 159 -25.16 -6.31 -23.03
N ARG J 160 -25.88 -6.59 -21.94
CA ARG J 160 -27.32 -6.42 -21.85
C ARG J 160 -27.76 -5.04 -21.31
N TYR J 161 -26.97 -4.42 -20.43
CA TYR J 161 -27.39 -3.19 -19.71
C TYR J 161 -26.61 -1.99 -20.21
N SER J 162 -27.27 -0.83 -20.24
CA SER J 162 -26.62 0.41 -20.64
C SER J 162 -27.43 1.61 -20.16
N LYS J 163 -26.96 2.24 -19.08
CA LYS J 163 -27.65 3.39 -18.49
C LYS J 163 -26.64 4.49 -18.21
N LYS J 164 -27.13 5.73 -18.23
CA LYS J 164 -26.33 6.93 -17.98
C LYS J 164 -27.03 7.78 -16.94
N PHE J 165 -26.28 8.16 -15.91
CA PHE J 165 -26.81 8.85 -14.76
C PHE J 165 -26.24 10.26 -14.71
N LYS J 166 -27.09 11.21 -14.35
CA LYS J 166 -26.66 12.58 -14.01
C LYS J 166 -27.32 12.96 -12.69
N PRO J 167 -26.59 13.70 -11.85
CA PRO J 167 -27.12 14.10 -10.56
C PRO J 167 -28.14 15.24 -10.67
N GLU J 168 -29.28 15.06 -10.02
CA GLU J 168 -30.30 16.08 -9.78
C GLU J 168 -29.92 16.65 -8.43
N ILE J 169 -29.47 17.89 -8.45
CA ILE J 169 -29.03 18.59 -7.24
C ILE J 169 -30.19 19.32 -6.62
N ALA J 170 -30.55 18.95 -5.38
CA ALA J 170 -31.74 19.50 -4.72
C ALA J 170 -31.78 19.29 -3.20
N ILE J 171 -32.52 20.12 -2.48
CA ILE J 171 -32.63 19.98 -1.00
C ILE J 171 -33.87 19.12 -0.61
N ARG J 172 -33.66 17.81 -0.55
CA ARG J 172 -34.74 16.93 -0.12
C ARG J 172 -34.88 17.09 1.39
N PRO J 173 -36.03 16.72 1.96
CA PRO J 173 -36.20 16.58 3.40
C PRO J 173 -35.03 15.95 4.11
N LYS J 174 -34.69 16.54 5.26
CA LYS J 174 -33.59 16.05 6.04
C LYS J 174 -33.98 14.71 6.61
N VAL J 175 -33.18 13.68 6.29
CA VAL J 175 -33.38 12.30 6.75
C VAL J 175 -32.04 11.71 7.16
N ARG J 176 -31.93 11.30 8.44
CA ARG J 176 -30.65 10.94 9.06
C ARG J 176 -29.58 12.02 8.77
N ASP J 177 -30.03 13.26 8.88
CA ASP J 177 -29.22 14.44 8.69
C ASP J 177 -28.72 14.60 7.24
N GLN J 178 -29.35 13.95 6.27
CA GLN J 178 -28.95 14.07 4.88
C GLN J 178 -30.08 14.73 4.09
N GLU J 179 -29.75 15.79 3.37
CA GLU J 179 -30.68 16.44 2.47
C GLU J 179 -30.40 16.06 1.02
N GLY J 180 -29.24 15.48 0.76
CA GLY J 180 -28.97 14.82 -0.52
C GLY J 180 -29.48 13.40 -0.43
N ARG J 181 -29.38 12.69 -1.56
CA ARG J 181 -29.96 11.36 -1.72
C ARG J 181 -29.12 10.43 -2.55
N MET J 182 -29.35 9.13 -2.33
CA MET J 182 -28.51 8.11 -2.89
C MET J 182 -29.36 6.97 -3.43
N ASN J 183 -29.51 6.92 -4.74
CA ASN J 183 -30.17 5.82 -5.40
C ASN J 183 -29.22 4.66 -5.62
N TYR J 184 -29.75 3.45 -5.40
CA TYR J 184 -29.02 2.19 -5.55
C TYR J 184 -29.54 1.40 -6.75
N TYR J 185 -28.63 1.00 -7.65
CA TYR J 185 -28.95 0.32 -8.90
C TYR J 185 -28.23 -1.03 -8.90
N TRP J 186 -28.56 -1.89 -9.86
CA TRP J 186 -27.93 -3.22 -9.95
C TRP J 186 -28.22 -3.93 -11.26
N THR J 187 -27.34 -4.86 -11.60
CA THR J 187 -27.53 -5.73 -12.75
C THR J 187 -26.81 -7.06 -12.52
N LEU J 188 -27.25 -8.10 -13.23
CA LEU J 188 -26.54 -9.37 -13.28
C LEU J 188 -25.63 -9.33 -14.50
N VAL J 189 -24.44 -9.93 -14.38
CA VAL J 189 -23.53 -10.02 -15.51
C VAL J 189 -23.27 -11.49 -15.79
N GLU J 190 -23.46 -11.88 -17.07
CA GLU J 190 -23.39 -13.29 -17.51
C GLU J 190 -21.96 -13.72 -17.50
N PRO J 191 -21.72 -15.03 -17.30
CA PRO J 191 -20.34 -15.47 -17.39
C PRO J 191 -19.72 -15.01 -18.70
N GLY J 192 -18.51 -14.48 -18.61
CA GLY J 192 -17.73 -14.02 -19.78
C GLY J 192 -18.04 -12.60 -20.23
N ASP J 193 -19.07 -12.00 -19.62
CA ASP J 193 -19.52 -10.67 -19.97
C ASP J 193 -18.74 -9.67 -19.12
N LYS J 194 -18.65 -8.44 -19.61
CA LYS J 194 -17.84 -7.41 -18.97
C LYS J 194 -18.71 -6.26 -18.53
N ILE J 195 -18.83 -6.06 -17.23
CA ILE J 195 -19.39 -4.82 -16.67
C ILE J 195 -18.32 -3.72 -16.67
N THR J 196 -18.73 -2.51 -17.05
CA THR J 196 -17.80 -1.39 -17.14
C THR J 196 -18.43 -0.17 -16.52
N PHE J 197 -17.71 0.40 -15.56
CA PHE J 197 -18.06 1.66 -14.95
C PHE J 197 -17.22 2.79 -15.50
N GLU J 198 -17.86 3.94 -15.64
CA GLU J 198 -17.20 5.15 -16.08
C GLU J 198 -17.89 6.32 -15.36
N ALA J 199 -17.09 7.20 -14.76
CA ALA J 199 -17.63 8.29 -13.96
C ALA J 199 -16.71 9.53 -13.91
N THR J 200 -17.32 10.71 -13.77
CA THR J 200 -16.62 11.95 -13.42
C THR J 200 -17.15 12.58 -12.10
N GLY J 201 -17.90 11.78 -11.33
CA GLY J 201 -18.49 12.19 -10.09
C GLY J 201 -19.66 11.30 -9.74
N ASN J 202 -20.13 11.41 -8.50
CA ASN J 202 -21.45 10.91 -8.07
C ASN J 202 -21.62 9.40 -8.09
N LEU J 203 -20.53 8.66 -8.31
CA LEU J 203 -20.63 7.23 -8.41
C LEU J 203 -20.19 6.64 -7.12
N VAL J 204 -21.09 5.88 -6.51
CA VAL J 204 -20.74 5.07 -5.35
C VAL J 204 -20.37 3.68 -5.87
N VAL J 205 -19.08 3.43 -6.08
CA VAL J 205 -18.64 2.17 -6.74
C VAL J 205 -18.84 0.92 -5.91
N PRO J 206 -19.03 -0.23 -6.61
CA PRO J 206 -19.09 -1.50 -5.90
C PRO J 206 -17.75 -1.92 -5.37
N ARG J 207 -17.75 -2.52 -4.19
CA ARG J 207 -16.58 -3.19 -3.65
C ARG J 207 -16.74 -4.71 -3.66
N TYR J 208 -17.80 -5.19 -3.02
CA TYR J 208 -18.18 -6.59 -3.03
C TYR J 208 -19.34 -6.79 -3.99
N ALA J 209 -19.22 -7.86 -4.77
CA ALA J 209 -20.30 -8.35 -5.62
C ALA J 209 -20.62 -9.78 -5.17
N PHE J 210 -21.59 -10.41 -5.83
CA PHE J 210 -22.04 -11.73 -5.41
C PHE J 210 -22.14 -12.66 -6.57
N ALA J 211 -21.57 -13.86 -6.43
CA ALA J 211 -21.63 -14.92 -7.44
C ALA J 211 -22.70 -15.94 -7.05
N MET J 212 -23.73 -16.08 -7.89
CA MET J 212 -24.86 -16.90 -7.56
C MET J 212 -25.40 -17.75 -8.71
N GLU J 213 -25.85 -18.96 -8.33
CA GLU J 213 -26.71 -19.82 -9.13
C GLU J 213 -28.10 -19.77 -8.47
N ARG J 214 -29.10 -19.37 -9.24
CA ARG J 214 -30.46 -19.31 -8.75
C ARG J 214 -31.12 -20.69 -8.96
N ASN J 215 -32.28 -20.92 -8.36
CA ASN J 215 -33.09 -22.14 -8.64
C ASN J 215 -34.26 -21.89 -9.60
N ALA J 216 -34.85 -22.99 -10.08
CA ALA J 216 -36.07 -22.91 -10.90
C ALA J 216 -37.26 -22.46 -10.04
N GLY J 217 -38.22 -21.77 -10.67
CA GLY J 217 -39.39 -21.24 -9.97
C GLY J 217 -39.09 -19.99 -9.16
N SER J 218 -40.01 -19.64 -8.25
CA SER J 218 -39.89 -18.46 -7.37
C SER J 218 -39.78 -18.87 -5.90
N GLY J 219 -39.72 -17.87 -5.00
CA GLY J 219 -39.63 -18.11 -3.56
C GLY J 219 -40.43 -17.10 -2.72
N ILE J 220 -40.93 -17.56 -1.58
CA ILE J 220 -41.83 -16.78 -0.70
C ILE J 220 -41.01 -16.10 0.42
N ILE J 221 -40.94 -14.76 0.38
CA ILE J 221 -40.18 -13.95 1.35
C ILE J 221 -41.14 -13.39 2.42
N ILE J 222 -41.04 -13.89 3.65
CA ILE J 222 -41.93 -13.48 4.77
C ILE J 222 -41.19 -12.59 5.78
N SER J 223 -41.95 -12.00 6.73
CA SER J 223 -41.39 -11.18 7.82
C SER J 223 -41.03 -12.05 9.03
N GLN K 1 -4.77 27.03 -35.85
CA GLN K 1 -5.18 26.51 -34.52
C GLN K 1 -5.99 27.56 -33.77
N VAL K 2 -6.71 27.13 -32.73
CA VAL K 2 -7.54 27.99 -31.86
C VAL K 2 -6.98 29.41 -31.66
N GLN K 3 -7.82 30.41 -31.95
CA GLN K 3 -7.51 31.82 -31.64
C GLN K 3 -8.72 32.47 -31.02
N LEU K 4 -8.49 33.49 -30.21
CA LEU K 4 -9.57 34.21 -29.52
C LEU K 4 -9.33 35.71 -29.62
N GLN K 5 -10.37 36.47 -29.91
CA GLN K 5 -10.20 37.89 -30.20
C GLN K 5 -11.30 38.72 -29.56
N GLU K 6 -10.87 39.54 -28.60
CA GLU K 6 -11.75 40.47 -27.92
C GLU K 6 -12.03 41.67 -28.81
N SER K 7 -13.22 42.24 -28.60
CA SER K 7 -13.68 43.43 -29.30
C SER K 7 -14.69 44.11 -28.39
N GLY K 8 -14.60 45.44 -28.32
CA GLY K 8 -15.43 46.21 -27.40
C GLY K 8 -15.15 47.69 -27.41
N PRO K 9 -15.90 48.44 -26.58
CA PRO K 9 -15.68 49.86 -26.45
C PRO K 9 -14.40 50.11 -25.66
N GLY K 10 -13.58 51.06 -26.11
CA GLY K 10 -12.37 51.47 -25.40
C GLY K 10 -12.66 52.23 -24.11
N LEU K 11 -13.80 52.93 -24.08
CA LEU K 11 -14.15 53.83 -23.00
C LEU K 11 -15.62 53.60 -22.56
N VAL K 12 -15.89 53.71 -21.26
CA VAL K 12 -17.24 53.50 -20.69
C VAL K 12 -17.49 54.51 -19.55
N LYS K 13 -18.71 55.06 -19.48
CA LYS K 13 -19.04 56.08 -18.49
C LYS K 13 -19.55 55.38 -17.23
N PRO K 14 -19.23 55.90 -16.03
CA PRO K 14 -19.72 55.30 -14.79
C PRO K 14 -21.21 54.93 -14.75
N SER K 15 -21.56 53.96 -13.92
CA SER K 15 -22.89 53.36 -13.87
C SER K 15 -23.54 52.89 -15.18
N GLU K 16 -22.88 53.05 -16.33
CA GLU K 16 -23.36 52.44 -17.58
C GLU K 16 -23.09 50.91 -17.54
N THR K 17 -23.09 50.26 -18.71
CA THR K 17 -22.89 48.82 -18.81
C THR K 17 -21.82 48.49 -19.84
N LEU K 18 -20.71 47.94 -19.35
CA LEU K 18 -19.60 47.47 -20.19
C LEU K 18 -20.07 46.23 -20.91
N SER K 19 -19.81 46.18 -22.21
CA SER K 19 -20.17 45.03 -22.99
C SER K 19 -19.01 44.63 -23.88
N LEU K 20 -18.67 43.35 -23.87
CA LEU K 20 -17.48 42.80 -24.55
C LEU K 20 -17.79 41.48 -25.28
N THR K 21 -17.09 41.25 -26.40
CA THR K 21 -17.31 40.06 -27.24
C THR K 21 -16.05 39.34 -27.74
N CYS K 22 -15.99 38.02 -27.50
CA CYS K 22 -14.90 37.18 -27.99
C CYS K 22 -15.33 36.45 -29.25
N THR K 23 -14.44 36.40 -30.22
CA THR K 23 -14.67 35.70 -31.47
C THR K 23 -13.66 34.56 -31.62
N VAL K 24 -14.18 33.36 -31.55
CA VAL K 24 -13.39 32.15 -31.58
C VAL K 24 -13.28 31.73 -33.03
N SER K 25 -12.06 31.46 -33.47
CA SER K 25 -11.79 30.73 -34.70
C SER K 25 -10.98 29.47 -34.35
N GLY K 26 -10.68 28.66 -35.37
CA GLY K 26 -9.90 27.44 -35.20
C GLY K 26 -10.53 26.38 -34.30
N GLY K 27 -11.83 26.48 -34.06
CA GLY K 27 -12.49 25.66 -33.06
C GLY K 27 -13.88 26.19 -32.73
N SER K 28 -14.85 25.28 -32.67
CA SER K 28 -16.23 25.63 -32.43
C SER K 28 -16.48 25.81 -30.95
N VAL K 29 -17.18 26.87 -30.62
CA VAL K 29 -17.75 27.09 -29.29
C VAL K 29 -18.71 25.96 -28.87
N ASN K 30 -19.28 25.25 -29.83
CA ASN K 30 -20.32 24.25 -29.56
C ASN K 30 -19.78 22.86 -29.21
N THR K 31 -18.59 22.52 -29.72
CA THR K 31 -17.92 21.27 -29.34
C THR K 31 -17.04 21.42 -28.10
N GLY K 32 -16.51 20.27 -27.70
CA GLY K 32 -15.38 20.16 -26.81
C GLY K 32 -15.75 20.25 -25.35
N SER K 33 -14.87 19.73 -24.48
CA SER K 33 -15.00 19.94 -23.04
C SER K 33 -14.29 21.24 -22.62
N TYR K 34 -14.93 22.35 -22.99
CA TYR K 34 -14.44 23.67 -22.71
C TYR K 34 -15.51 24.52 -22.04
N TYR K 35 -15.07 25.56 -21.36
CA TYR K 35 -15.96 26.62 -20.91
C TYR K 35 -15.33 27.89 -21.42
N TRP K 36 -16.16 28.89 -21.70
CA TRP K 36 -15.67 30.13 -22.32
C TRP K 36 -15.74 31.21 -21.26
N SER K 37 -14.60 31.88 -21.07
CA SER K 37 -14.33 32.62 -19.86
C SER K 37 -13.77 34.01 -20.09
N TRP K 38 -13.97 34.84 -19.07
CA TRP K 38 -13.48 36.21 -19.04
C TRP K 38 -12.62 36.38 -17.81
N ILE K 39 -11.45 36.98 -18.06
CA ILE K 39 -10.46 37.32 -17.05
C ILE K 39 -10.05 38.77 -17.32
N ARG K 40 -9.92 39.56 -16.26
CA ARG K 40 -9.42 40.92 -16.38
C ARG K 40 -8.22 41.19 -15.51
N GLN K 41 -7.51 42.26 -15.86
CA GLN K 41 -6.27 42.65 -15.24
C GLN K 41 -6.18 44.16 -15.22
N PRO K 42 -6.51 44.77 -14.07
CA PRO K 42 -6.23 46.21 -13.94
C PRO K 42 -4.85 46.53 -14.45
N PRO K 43 -4.61 47.77 -14.92
CA PRO K 43 -3.25 48.04 -15.41
C PRO K 43 -2.24 48.00 -14.23
N GLY K 44 -1.17 47.23 -14.40
CA GLY K 44 -0.16 47.04 -13.35
C GLY K 44 -0.43 46.02 -12.24
N LYS K 45 -1.55 45.30 -12.31
CA LYS K 45 -1.90 44.31 -11.28
C LYS K 45 -2.10 42.93 -11.90
N GLY K 46 -2.58 41.97 -11.09
CA GLY K 46 -2.64 40.57 -11.46
C GLY K 46 -3.95 40.20 -12.10
N LEU K 47 -4.10 38.91 -12.41
CA LEU K 47 -5.26 38.42 -13.13
C LEU K 47 -6.44 38.18 -12.18
N GLU K 48 -7.59 38.70 -12.54
CA GLU K 48 -8.84 38.42 -11.85
C GLU K 48 -9.69 37.63 -12.82
N TRP K 49 -10.16 36.48 -12.38
CA TRP K 49 -11.14 35.72 -13.15
C TRP K 49 -12.50 36.30 -12.87
N ILE K 50 -13.30 36.45 -13.92
CA ILE K 50 -14.64 37.05 -13.82
C ILE K 50 -15.70 35.97 -13.78
N ALA K 51 -15.81 35.24 -14.89
CA ALA K 51 -16.78 34.15 -15.00
C ALA K 51 -16.56 33.35 -16.28
N TYR K 52 -17.21 32.18 -16.31
CA TYR K 52 -17.25 31.34 -17.51
C TYR K 52 -18.62 30.67 -17.64
N SER K 53 -19.03 30.39 -18.89
CA SER K 53 -20.25 29.64 -19.22
C SER K 53 -19.92 28.66 -20.34
N SER K 54 -20.66 27.55 -20.41
CA SER K 54 -20.64 26.67 -21.62
C SER K 54 -22.00 26.66 -22.27
N VAL K 55 -22.06 26.14 -23.49
CA VAL K 55 -23.32 26.12 -24.26
C VAL K 55 -24.31 25.22 -23.55
N SER K 56 -23.95 23.95 -23.44
CA SER K 56 -24.76 22.98 -22.70
C SER K 56 -24.70 23.29 -21.21
N GLY K 57 -23.60 22.89 -20.56
CA GLY K 57 -23.50 22.86 -19.10
C GLY K 57 -23.33 24.15 -18.28
N THR K 58 -22.92 23.94 -17.04
CA THR K 58 -23.11 24.90 -15.98
C THR K 58 -22.13 26.05 -16.08
N SER K 59 -22.61 27.26 -15.87
CA SER K 59 -21.75 28.44 -15.82
C SER K 59 -21.42 28.78 -14.36
N ASN K 60 -20.44 29.66 -14.16
CA ASN K 60 -19.75 29.85 -12.85
C ASN K 60 -19.12 31.27 -12.77
N TYR K 61 -19.23 31.91 -11.62
CA TYR K 61 -18.88 33.32 -11.51
C TYR K 61 -18.03 33.60 -10.28
N ASN K 62 -17.07 34.51 -10.43
CA ASN K 62 -16.40 35.11 -9.29
C ASN K 62 -17.44 35.82 -8.43
N PRO K 63 -17.70 35.35 -7.21
CA PRO K 63 -18.77 35.87 -6.36
C PRO K 63 -18.86 37.40 -6.17
N SER K 64 -17.74 38.09 -6.11
CA SER K 64 -17.73 39.54 -5.97
C SER K 64 -18.33 40.27 -7.19
N LEU K 65 -18.41 39.59 -8.33
CA LEU K 65 -18.90 40.19 -9.55
C LEU K 65 -20.18 39.57 -10.07
N LYS K 66 -20.72 38.58 -9.37
CA LYS K 66 -21.77 37.76 -9.98
C LYS K 66 -23.00 38.61 -10.18
N SER K 67 -23.51 39.18 -9.08
CA SER K 67 -24.65 40.08 -9.12
C SER K 67 -24.60 41.06 -10.31
N ARG K 68 -23.39 41.47 -10.74
CA ARG K 68 -23.26 42.44 -11.82
C ARG K 68 -22.85 41.91 -13.19
N VAL K 69 -22.75 40.60 -13.42
CA VAL K 69 -22.32 40.11 -14.77
C VAL K 69 -23.33 39.16 -15.43
N THR K 70 -23.33 39.11 -16.76
CA THR K 70 -24.06 38.06 -17.51
C THR K 70 -23.33 37.65 -18.77
N LEU K 71 -23.39 36.35 -19.02
CA LEU K 71 -22.64 35.71 -20.07
C LEU K 71 -23.61 35.05 -20.98
N THR K 72 -23.32 35.14 -22.27
CA THR K 72 -24.20 34.67 -23.32
C THR K 72 -23.31 34.06 -24.38
N VAL K 73 -23.80 33.02 -25.02
CA VAL K 73 -23.03 32.36 -26.07
C VAL K 73 -23.87 32.34 -27.36
N ASP K 74 -23.31 32.87 -28.46
CA ASP K 74 -23.99 32.86 -29.76
C ASP K 74 -23.39 31.74 -30.57
N THR K 75 -24.07 30.59 -30.61
CA THR K 75 -23.47 29.39 -31.19
C THR K 75 -23.21 29.59 -32.69
N SER K 76 -24.08 30.34 -33.37
CA SER K 76 -24.02 30.50 -34.83
C SER K 76 -22.86 31.38 -35.31
N LYS K 77 -22.70 32.55 -34.71
CA LYS K 77 -21.56 33.44 -35.00
C LYS K 77 -20.24 32.98 -34.34
N ASN K 78 -20.32 31.98 -33.45
CA ASN K 78 -19.15 31.35 -32.82
C ASN K 78 -18.43 32.34 -31.90
N GLN K 79 -19.23 32.90 -31.00
CA GLN K 79 -18.82 33.95 -30.09
C GLN K 79 -19.46 33.76 -28.76
N PHE K 80 -18.88 34.41 -27.76
CA PHE K 80 -19.49 34.53 -26.45
C PHE K 80 -19.20 35.92 -25.96
N SER K 81 -20.01 36.39 -25.01
CA SER K 81 -20.01 37.80 -24.62
C SER K 81 -20.29 38.05 -23.16
N LEU K 82 -19.65 39.11 -22.67
CA LEU K 82 -19.69 39.50 -21.27
C LEU K 82 -20.32 40.86 -21.19
N SER K 83 -21.19 41.04 -20.21
CA SER K 83 -21.71 42.34 -19.87
C SER K 83 -21.53 42.55 -18.40
N VAL K 84 -20.91 43.68 -18.04
CA VAL K 84 -20.86 44.13 -16.64
C VAL K 84 -21.78 45.38 -16.43
N ARG K 85 -22.83 45.22 -15.61
CA ARG K 85 -23.67 46.33 -15.16
C ARG K 85 -22.91 47.20 -14.17
N SER K 86 -23.28 48.47 -14.09
CA SER K 86 -22.95 49.36 -12.96
C SER K 86 -21.46 49.60 -12.76
N VAL K 87 -20.82 49.92 -13.87
CA VAL K 87 -19.37 50.05 -13.96
C VAL K 87 -18.88 51.26 -13.16
N THR K 88 -17.92 51.05 -12.26
CA THR K 88 -17.23 52.12 -11.54
C THR K 88 -15.81 52.23 -12.08
N ALA K 89 -14.97 53.05 -11.46
CA ALA K 89 -13.56 53.20 -11.88
C ALA K 89 -12.74 51.94 -11.66
N ALA K 90 -13.10 51.21 -10.59
CA ALA K 90 -12.47 49.95 -10.25
C ALA K 90 -12.54 48.89 -11.36
N ASP K 91 -13.47 49.03 -12.31
CA ASP K 91 -13.58 48.08 -13.42
C ASP K 91 -12.67 48.41 -14.62
N THR K 92 -11.74 49.35 -14.42
CA THR K 92 -10.78 49.72 -15.45
C THR K 92 -9.71 48.63 -15.51
N ALA K 93 -9.57 48.01 -16.69
CA ALA K 93 -8.64 46.91 -16.87
C ALA K 93 -8.46 46.53 -18.34
N VAL K 94 -7.49 45.64 -18.59
CA VAL K 94 -7.50 44.84 -19.80
C VAL K 94 -8.38 43.62 -19.51
N TYR K 95 -9.29 43.34 -20.44
CA TYR K 95 -10.20 42.18 -20.37
C TYR K 95 -9.70 41.15 -21.37
N PHE K 96 -9.46 39.93 -20.87
CA PHE K 96 -9.06 38.82 -21.70
C PHE K 96 -10.23 37.88 -21.75
N CYS K 97 -10.54 37.42 -22.95
CA CYS K 97 -11.37 36.24 -23.13
C CYS K 97 -10.39 35.07 -23.19
N ALA K 98 -10.86 33.91 -22.75
CA ALA K 98 -9.99 32.74 -22.65
C ALA K 98 -10.78 31.44 -22.69
N ARG K 99 -10.18 30.42 -23.29
CA ARG K 99 -10.76 29.09 -23.32
C ARG K 99 -10.29 28.25 -22.12
N LEU K 100 -11.24 27.78 -21.33
CA LEU K 100 -10.93 27.02 -20.14
C LEU K 100 -11.13 25.54 -20.45
N ASN K 101 -10.02 24.83 -20.64
CA ASN K 101 -10.04 23.39 -20.83
C ASN K 101 -10.39 22.63 -19.54
N TYR K 102 -11.56 21.99 -19.49
CA TYR K 102 -11.86 20.98 -18.45
C TYR K 102 -11.33 19.69 -19.03
N ASP K 103 -10.07 19.39 -18.75
CA ASP K 103 -9.44 18.15 -19.22
C ASP K 103 -10.02 16.98 -18.44
N ILE K 104 -10.91 16.23 -19.07
CA ILE K 104 -11.75 15.25 -18.39
C ILE K 104 -10.92 14.14 -17.75
N LEU K 105 -9.89 13.71 -18.49
CA LEU K 105 -8.91 12.73 -17.99
C LEU K 105 -8.18 13.06 -16.68
N THR K 106 -7.61 14.24 -16.56
CA THR K 106 -6.98 14.65 -15.31
C THR K 106 -7.97 15.17 -14.27
N GLY K 107 -9.04 15.80 -14.72
CA GLY K 107 -9.96 16.51 -13.83
C GLY K 107 -9.52 17.96 -13.65
N TYR K 108 -8.53 18.37 -14.44
CA TYR K 108 -7.96 19.70 -14.29
C TYR K 108 -8.79 20.74 -15.04
N TYR K 109 -8.86 21.95 -14.49
CA TYR K 109 -9.45 23.15 -15.14
C TYR K 109 -8.38 24.23 -15.45
N PHE K 110 -7.92 24.31 -16.68
CA PHE K 110 -6.87 25.27 -17.00
C PHE K 110 -7.11 26.00 -18.30
N PHE K 111 -6.92 27.31 -18.28
CA PHE K 111 -7.06 28.18 -19.44
C PHE K 111 -5.95 27.89 -20.47
N ASP K 112 -6.21 27.13 -21.53
CA ASP K 112 -5.11 26.79 -22.48
C ASP K 112 -4.94 27.72 -23.66
N PHE K 113 -5.96 28.51 -23.99
CA PHE K 113 -5.83 29.57 -25.00
C PHE K 113 -6.41 30.89 -24.51
N TRP K 114 -5.70 31.98 -24.81
CA TRP K 114 -6.03 33.31 -24.30
C TRP K 114 -6.26 34.30 -25.45
N GLY K 115 -7.07 35.32 -25.20
CA GLY K 115 -7.19 36.40 -26.13
C GLY K 115 -5.97 37.28 -25.98
N GLN K 116 -5.77 38.22 -26.92
CA GLN K 116 -4.67 39.19 -26.79
C GLN K 116 -5.04 40.35 -25.85
N GLY K 117 -6.33 40.46 -25.54
CA GLY K 117 -6.80 41.30 -24.45
C GLY K 117 -7.09 42.69 -24.94
N THR K 118 -8.18 43.29 -24.44
CA THR K 118 -8.58 44.63 -24.87
C THR K 118 -8.87 45.55 -23.69
N LEU K 119 -8.40 46.78 -23.81
CA LEU K 119 -8.42 47.75 -22.71
C LEU K 119 -9.77 48.46 -22.63
N VAL K 120 -10.25 48.62 -21.42
CA VAL K 120 -11.52 49.25 -21.16
C VAL K 120 -11.33 50.21 -20.00
N ILE K 121 -11.40 51.50 -20.32
CA ILE K 121 -11.28 52.56 -19.32
C ILE K 121 -12.69 52.97 -18.92
N VAL K 122 -12.87 53.26 -17.62
CA VAL K 122 -14.12 53.81 -17.14
C VAL K 122 -13.82 55.16 -16.50
N SER K 123 -14.27 56.23 -17.17
CA SER K 123 -14.24 57.59 -16.64
C SER K 123 -15.45 58.36 -17.15
N SER K 124 -15.88 59.32 -16.35
CA SER K 124 -16.91 60.28 -16.75
C SER K 124 -16.38 61.10 -17.92
N ALA K 125 -15.12 61.53 -17.83
CA ALA K 125 -14.39 62.22 -18.91
C ALA K 125 -14.65 61.68 -20.31
N SER K 126 -14.47 62.55 -21.28
CA SER K 126 -14.74 62.24 -22.68
C SER K 126 -13.46 62.06 -23.48
N THR K 127 -13.65 61.56 -24.69
CA THR K 127 -12.60 61.36 -25.68
C THR K 127 -11.98 62.67 -26.12
N LYS K 128 -10.77 62.62 -26.65
CA LYS K 128 -10.16 63.76 -27.32
C LYS K 128 -9.22 63.28 -28.44
N GLY K 129 -9.36 63.85 -29.64
CA GLY K 129 -8.52 63.47 -30.78
C GLY K 129 -7.07 63.92 -30.62
N PRO K 130 -6.09 63.12 -31.13
CA PRO K 130 -4.66 63.50 -31.07
C PRO K 130 -4.15 64.51 -32.12
N SER K 131 -3.60 65.65 -31.68
CA SER K 131 -2.84 66.58 -32.55
C SER K 131 -1.50 65.95 -32.97
N VAL K 132 -1.23 65.89 -34.28
CA VAL K 132 -0.06 65.20 -34.85
C VAL K 132 0.82 66.17 -35.65
N PHE K 133 2.10 66.22 -35.30
CA PHE K 133 3.03 67.17 -35.90
C PHE K 133 4.18 66.39 -36.54
N PRO K 134 5.04 67.07 -37.33
CA PRO K 134 6.26 66.47 -37.86
C PRO K 134 7.52 66.83 -37.05
N LEU K 135 8.37 65.84 -36.81
CA LEU K 135 9.69 66.03 -36.20
C LEU K 135 10.77 65.67 -37.24
N ALA K 136 11.72 66.58 -37.48
CA ALA K 136 12.71 66.39 -38.56
C ALA K 136 14.16 66.74 -38.13
N PRO K 137 15.17 66.30 -38.91
CA PRO K 137 16.59 66.49 -38.57
C PRO K 137 17.37 67.42 -39.52
N SER K 138 17.63 68.66 -39.11
CA SER K 138 18.31 69.66 -39.98
C SER K 138 19.80 69.37 -40.22
N SER K 139 20.66 69.72 -39.26
CA SER K 139 22.09 69.41 -39.29
C SER K 139 22.55 68.79 -37.95
N LYS K 140 21.66 67.99 -37.36
CA LYS K 140 21.99 67.07 -36.25
C LYS K 140 22.03 65.60 -36.76
N SER K 141 21.19 65.24 -37.73
CA SER K 141 21.15 63.87 -38.28
C SER K 141 21.38 63.69 -39.81
N ALA K 142 21.33 64.76 -40.63
CA ALA K 142 21.52 64.66 -42.10
C ALA K 142 22.93 65.08 -42.59
N SER K 143 23.96 64.74 -41.80
CA SER K 143 25.34 65.23 -41.98
C SER K 143 26.39 64.11 -42.13
N GLY K 144 26.56 63.29 -41.10
CA GLY K 144 27.73 62.39 -40.97
C GLY K 144 27.59 60.92 -41.37
N GLY K 145 26.46 60.29 -41.05
CA GLY K 145 26.28 58.83 -41.25
C GLY K 145 24.87 58.38 -41.60
N THR K 146 23.95 58.47 -40.63
CA THR K 146 22.53 58.11 -40.83
C THR K 146 21.61 59.06 -40.03
N ALA K 147 20.39 59.27 -40.54
CA ALA K 147 19.44 60.25 -39.96
C ALA K 147 18.39 59.65 -39.04
N ALA K 148 17.60 60.50 -38.39
CA ALA K 148 16.54 60.08 -37.46
C ALA K 148 15.43 61.14 -37.43
N LEU K 149 14.18 60.70 -37.61
CA LEU K 149 13.02 61.62 -37.72
C LEU K 149 11.70 60.91 -37.42
N GLY K 150 10.67 61.68 -37.04
CA GLY K 150 9.42 61.09 -36.55
C GLY K 150 8.14 61.94 -36.41
N CYS K 151 7.16 61.33 -35.73
CA CYS K 151 5.79 61.87 -35.54
C CYS K 151 5.52 62.19 -34.06
N LEU K 152 5.27 63.47 -33.73
CA LEU K 152 4.88 63.86 -32.36
C LEU K 152 3.37 63.80 -32.21
N VAL K 153 2.86 62.69 -31.70
CA VAL K 153 1.45 62.59 -31.32
C VAL K 153 1.25 63.35 -29.99
N LYS K 154 0.13 64.07 -29.86
CA LYS K 154 -0.09 65.01 -28.74
C LYS K 154 -1.53 65.01 -28.15
N ASP K 155 -1.61 65.22 -26.83
CA ASP K 155 -2.86 65.46 -26.04
C ASP K 155 -4.12 64.61 -26.35
N TYR K 156 -3.94 63.30 -26.54
CA TYR K 156 -5.04 62.37 -26.77
C TYR K 156 -5.54 61.66 -25.51
N PHE K 157 -6.73 61.07 -25.60
CA PHE K 157 -7.35 60.31 -24.51
C PHE K 157 -8.52 59.50 -25.05
N PRO K 158 -8.63 58.21 -24.74
CA PRO K 158 -7.72 57.47 -23.87
C PRO K 158 -6.71 56.65 -24.69
N GLU K 159 -5.90 55.86 -23.97
CA GLU K 159 -5.00 54.90 -24.61
C GLU K 159 -5.88 53.76 -25.22
N PRO K 160 -5.49 53.20 -26.38
CA PRO K 160 -4.24 53.50 -27.07
C PRO K 160 -4.44 54.20 -28.40
N VAL K 161 -3.33 54.72 -28.93
CA VAL K 161 -3.19 54.97 -30.37
C VAL K 161 -2.46 53.76 -30.96
N THR K 162 -2.20 53.81 -32.27
CA THR K 162 -1.18 52.99 -32.91
C THR K 162 -0.45 53.96 -33.84
N VAL K 163 0.75 53.61 -34.29
CA VAL K 163 1.39 54.35 -35.39
C VAL K 163 2.00 53.38 -36.39
N SER K 164 1.81 53.70 -37.67
CA SER K 164 2.35 52.94 -38.78
C SER K 164 3.25 53.90 -39.57
N TRP K 165 4.00 53.34 -40.53
CA TRP K 165 4.87 54.10 -41.45
C TRP K 165 4.81 53.49 -42.85
N ASN K 166 4.40 54.30 -43.83
CA ASN K 166 4.01 53.80 -45.17
C ASN K 166 2.89 52.73 -45.10
N SER K 167 1.94 52.93 -44.19
CA SER K 167 0.74 52.08 -44.05
C SER K 167 1.02 50.58 -43.90
N GLY K 168 1.95 50.25 -43.01
CA GLY K 168 2.37 48.86 -42.77
C GLY K 168 3.38 48.32 -43.77
N ALA K 169 4.25 49.19 -44.31
CA ALA K 169 5.29 48.80 -45.27
C ALA K 169 6.68 48.74 -44.64
N LEU K 170 7.12 49.83 -44.00
CA LEU K 170 8.42 49.90 -43.30
C LEU K 170 8.27 49.46 -41.81
N THR K 171 8.72 48.24 -41.50
CA THR K 171 8.70 47.67 -40.12
C THR K 171 10.09 47.70 -39.44
N SER K 172 11.16 47.31 -40.15
CA SER K 172 12.52 47.30 -39.56
C SER K 172 13.13 48.70 -39.63
N GLY K 173 13.65 49.16 -38.48
CA GLY K 173 14.10 50.54 -38.29
C GLY K 173 13.13 51.44 -37.53
N VAL K 174 11.95 50.92 -37.16
CA VAL K 174 10.84 51.71 -36.57
C VAL K 174 10.75 51.59 -35.04
N HIS K 175 10.97 52.70 -34.34
CA HIS K 175 10.97 52.74 -32.86
C HIS K 175 9.79 53.61 -32.33
N THR K 176 8.66 52.94 -32.08
CA THR K 176 7.44 53.57 -31.50
C THR K 176 7.54 53.65 -29.97
N PHE K 177 7.87 54.85 -29.45
CA PHE K 177 8.17 55.00 -28.02
C PHE K 177 6.87 54.92 -27.20
N PRO K 178 6.98 54.59 -25.89
CA PRO K 178 5.77 54.64 -25.05
C PRO K 178 5.24 56.07 -24.82
N ALA K 179 3.99 56.13 -24.38
CA ALA K 179 3.29 57.40 -24.14
C ALA K 179 3.63 58.01 -22.78
N VAL K 180 3.40 59.32 -22.65
CA VAL K 180 3.39 59.98 -21.34
C VAL K 180 1.97 60.34 -20.96
N LEU K 181 1.74 60.49 -19.65
CA LEU K 181 0.52 61.04 -19.09
C LEU K 181 0.92 62.38 -18.46
N GLN K 182 0.19 63.43 -18.81
CA GLN K 182 0.44 64.80 -18.31
C GLN K 182 -0.58 65.16 -17.21
N SER K 183 -0.37 66.31 -16.57
CA SER K 183 -1.26 66.83 -15.52
C SER K 183 -2.74 66.85 -15.95
N SER K 184 -2.98 67.23 -17.21
CA SER K 184 -4.33 67.28 -17.79
C SER K 184 -5.05 65.92 -17.88
N GLY K 185 -4.28 64.83 -17.93
CA GLY K 185 -4.83 63.48 -18.07
C GLY K 185 -4.98 63.07 -19.52
N LEU K 186 -4.08 63.57 -20.37
CA LEU K 186 -4.04 63.25 -21.80
C LEU K 186 -2.65 62.73 -22.13
N TYR K 187 -2.59 61.71 -22.98
CA TYR K 187 -1.31 61.08 -23.32
C TYR K 187 -0.67 61.78 -24.53
N SER K 188 0.60 61.49 -24.80
CA SER K 188 1.31 62.08 -25.94
C SER K 188 2.50 61.19 -26.35
N LEU K 189 2.47 60.71 -27.59
CA LEU K 189 3.43 59.69 -28.06
C LEU K 189 4.56 60.34 -28.88
N SER K 190 5.48 59.49 -29.31
CA SER K 190 6.47 59.84 -30.31
C SER K 190 6.96 58.53 -30.94
N SER K 191 7.12 58.52 -32.26
CA SER K 191 7.64 57.36 -32.99
C SER K 191 8.74 57.84 -33.93
N VAL K 192 9.85 57.10 -34.00
CA VAL K 192 11.01 57.49 -34.82
C VAL K 192 11.59 56.30 -35.61
N VAL K 193 11.95 56.56 -36.87
CA VAL K 193 12.63 55.61 -37.76
C VAL K 193 13.95 56.25 -38.20
N THR K 194 15.05 55.51 -38.04
CA THR K 194 16.35 55.95 -38.53
C THR K 194 16.58 55.41 -39.96
N VAL K 195 17.16 56.26 -40.81
CA VAL K 195 17.34 55.98 -42.25
C VAL K 195 18.42 56.90 -42.85
N PRO K 196 19.23 56.40 -43.82
CA PRO K 196 20.27 57.25 -44.45
C PRO K 196 19.68 58.35 -45.38
N SER K 197 19.83 59.62 -45.02
CA SER K 197 19.13 60.74 -45.71
C SER K 197 19.70 61.13 -47.08
N SER K 198 19.03 60.69 -48.15
CA SER K 198 19.37 61.03 -49.54
C SER K 198 18.49 62.16 -50.13
N SER K 199 18.08 63.10 -49.26
CA SER K 199 17.29 64.29 -49.64
C SER K 199 15.79 64.05 -50.00
N SER K 200 15.28 62.83 -49.80
CA SER K 200 13.89 62.46 -50.17
C SER K 200 13.54 62.73 -51.66
N GLY K 201 14.48 62.41 -52.55
CA GLY K 201 14.23 62.47 -54.00
C GLY K 201 13.34 61.34 -54.45
N THR K 202 13.68 60.11 -54.03
CA THR K 202 12.85 58.91 -54.21
C THR K 202 12.75 58.10 -52.87
N GLN K 203 12.28 58.76 -51.80
CA GLN K 203 12.00 58.13 -50.48
C GLN K 203 10.78 58.77 -49.78
N THR K 204 9.70 57.99 -49.59
CA THR K 204 8.42 58.45 -48.98
C THR K 204 8.20 57.93 -47.55
N TYR K 205 7.70 58.82 -46.67
CA TYR K 205 7.51 58.53 -45.25
C TYR K 205 6.18 59.08 -44.70
N ILE K 206 5.07 58.44 -45.06
CA ILE K 206 3.75 58.80 -44.52
C ILE K 206 3.52 58.07 -43.20
N CYS K 207 3.03 58.78 -42.18
CA CYS K 207 2.93 58.28 -40.80
C CYS K 207 1.47 58.14 -40.34
N ASN K 208 0.96 56.91 -40.41
CA ASN K 208 -0.46 56.63 -40.15
C ASN K 208 -0.65 56.53 -38.65
N VAL K 209 -1.55 57.33 -38.08
CA VAL K 209 -1.85 57.27 -36.65
C VAL K 209 -3.36 57.08 -36.44
N ASN K 210 -3.71 55.95 -35.82
CA ASN K 210 -5.10 55.59 -35.56
C ASN K 210 -5.42 55.95 -34.11
N HIS K 211 -6.69 56.24 -33.87
CA HIS K 211 -7.25 56.34 -32.52
C HIS K 211 -8.70 55.80 -32.68
N LYS K 212 -8.92 54.54 -32.28
CA LYS K 212 -10.24 53.88 -32.37
C LYS K 212 -11.29 54.48 -31.40
N PRO K 213 -10.86 55.00 -30.22
CA PRO K 213 -11.79 55.74 -29.35
C PRO K 213 -12.36 57.08 -29.90
N SER K 214 -11.51 57.94 -30.50
CA SER K 214 -11.96 59.23 -31.10
C SER K 214 -12.33 59.14 -32.57
N ASN K 215 -12.13 57.97 -33.19
CA ASN K 215 -12.38 57.74 -34.63
C ASN K 215 -11.62 58.70 -35.57
N THR K 216 -10.64 59.44 -35.05
CA THR K 216 -9.83 60.33 -35.86
C THR K 216 -8.60 59.53 -36.25
N LYS K 217 -8.33 59.48 -37.56
CA LYS K 217 -7.07 58.93 -38.07
C LYS K 217 -6.49 59.98 -39.01
N VAL K 218 -5.21 60.27 -38.83
CA VAL K 218 -4.51 61.30 -39.61
C VAL K 218 -3.20 60.71 -40.14
N ASP K 219 -3.19 60.39 -41.43
CA ASP K 219 -2.00 59.87 -42.11
C ASP K 219 -1.14 61.04 -42.59
N LYS K 220 -0.52 61.73 -41.64
CA LYS K 220 0.30 62.90 -41.91
C LYS K 220 1.67 62.46 -42.42
N ARG K 221 2.07 63.01 -43.56
CA ARG K 221 3.41 62.81 -44.09
C ARG K 221 4.39 63.46 -43.12
N VAL K 222 5.32 62.66 -42.60
CA VAL K 222 6.43 63.21 -41.81
C VAL K 222 7.34 63.97 -42.79
N GLU K 223 7.28 65.29 -42.66
CA GLU K 223 8.08 66.27 -43.40
C GLU K 223 9.59 65.94 -43.40
N PRO K 224 10.10 65.31 -44.50
CA PRO K 224 11.55 65.13 -44.58
C PRO K 224 12.28 66.41 -45.05
N LYS K 225 11.57 67.51 -45.28
CA LYS K 225 12.17 68.82 -45.52
C LYS K 225 12.60 69.37 -44.16
N SER K 226 13.83 69.07 -43.77
CA SER K 226 14.30 69.42 -42.43
C SER K 226 14.48 70.94 -42.25
N CYS K 227 13.38 71.62 -41.92
CA CYS K 227 13.33 73.09 -41.72
C CYS K 227 13.61 73.91 -43.01
N ASP K 228 14.84 73.82 -43.51
CA ASP K 228 15.24 74.33 -44.84
C ASP K 228 14.29 73.75 -45.90
N LYS K 229 13.36 74.58 -46.40
CA LYS K 229 12.20 74.08 -47.19
C LYS K 229 12.52 73.54 -48.61
N THR K 230 12.65 74.43 -49.60
CA THR K 230 12.96 74.03 -51.01
C THR K 230 14.44 74.26 -51.36
N GLN L 1 -12.67 27.85 -0.50
CA GLN L 1 -11.78 28.06 -1.66
C GLN L 1 -10.31 28.57 -1.34
N VAL L 2 -9.37 27.85 -1.96
CA VAL L 2 -7.94 28.05 -1.92
C VAL L 2 -7.48 29.46 -2.36
N GLU L 3 -6.30 29.86 -1.91
CA GLU L 3 -5.54 31.02 -2.40
C GLU L 3 -4.12 30.58 -2.78
N LEU L 4 -3.50 31.30 -3.72
CA LEU L 4 -2.13 31.03 -4.18
C LEU L 4 -1.20 32.21 -3.92
N THR L 5 -0.10 31.97 -3.21
CA THR L 5 0.86 33.00 -2.88
C THR L 5 2.12 32.85 -3.72
N GLN L 6 2.46 33.87 -4.49
CA GLN L 6 3.75 33.97 -5.18
C GLN L 6 4.52 35.21 -4.70
N SER L 7 5.84 35.16 -4.58
CA SER L 7 6.60 36.41 -4.37
C SER L 7 6.66 37.21 -5.67
N PRO L 8 6.59 38.54 -5.57
CA PRO L 8 6.41 39.40 -6.73
C PRO L 8 7.52 39.45 -7.75
N SER L 9 8.77 39.32 -7.34
CA SER L 9 9.87 39.43 -8.28
C SER L 9 10.85 38.31 -8.11
N ALA L 10 11.58 38.05 -9.20
CA ALA L 10 12.70 37.12 -9.23
C ALA L 10 13.73 37.56 -10.28
N SER L 11 14.99 37.24 -10.04
CA SER L 11 16.03 37.51 -11.04
C SER L 11 17.07 36.41 -11.09
N ALA L 12 17.70 36.29 -12.25
CA ALA L 12 18.61 35.19 -12.55
C ALA L 12 19.34 35.48 -13.83
N SER L 13 20.51 34.86 -13.99
CA SER L 13 21.37 35.13 -15.14
C SER L 13 20.95 34.31 -16.35
N LEU L 14 21.12 34.88 -17.53
CA LEU L 14 21.11 34.10 -18.75
C LEU L 14 21.86 32.77 -18.63
N GLY L 15 21.33 31.74 -19.26
CA GLY L 15 21.94 30.43 -19.21
C GLY L 15 21.71 29.63 -17.96
N THR L 16 21.27 30.23 -16.85
CA THR L 16 21.08 29.44 -15.61
C THR L 16 19.74 28.71 -15.66
N SER L 17 19.50 27.81 -14.70
CA SER L 17 18.13 27.36 -14.38
C SER L 17 17.56 28.31 -13.36
N VAL L 18 16.26 28.61 -13.50
CA VAL L 18 15.54 29.34 -12.44
C VAL L 18 14.31 28.54 -12.03
N LYS L 19 13.93 28.74 -10.76
CA LYS L 19 12.89 28.00 -10.11
C LYS L 19 11.98 29.00 -9.45
N LEU L 20 10.77 29.15 -10.01
CA LEU L 20 9.75 30.04 -9.44
C LEU L 20 8.84 29.21 -8.55
N THR L 21 8.25 29.84 -7.55
CA THR L 21 7.53 29.13 -6.48
C THR L 21 6.12 29.71 -6.32
N CYS L 22 5.15 28.81 -6.17
CA CYS L 22 3.74 29.13 -5.97
C CYS L 22 3.29 28.36 -4.76
N THR L 23 2.69 29.04 -3.80
CA THR L 23 2.38 28.39 -2.54
C THR L 23 0.89 28.30 -2.30
N LEU L 24 0.36 27.08 -2.32
CA LEU L 24 -1.03 26.82 -1.98
C LEU L 24 -1.29 27.14 -0.54
N SER L 25 -2.34 27.89 -0.30
CA SER L 25 -2.78 28.16 1.05
C SER L 25 -3.00 26.86 1.78
N SER L 26 -2.93 26.94 3.11
CA SER L 26 -2.82 25.73 3.92
C SER L 26 -4.08 24.88 3.82
N GLY L 27 -3.89 23.57 3.99
CA GLY L 27 -4.94 22.55 3.81
C GLY L 27 -5.40 22.41 2.37
N HIS L 28 -4.54 22.73 1.42
CA HIS L 28 -4.83 22.58 0.00
C HIS L 28 -3.61 22.06 -0.74
N SER L 29 -2.77 21.31 -0.03
CA SER L 29 -1.47 20.89 -0.54
C SER L 29 -1.57 19.65 -1.40
N THR L 30 -2.71 19.00 -1.37
CA THR L 30 -3.05 18.00 -2.36
C THR L 30 -3.39 18.56 -3.75
N TYR L 31 -3.50 19.89 -3.93
CA TYR L 31 -4.05 20.46 -5.18
C TYR L 31 -3.10 20.50 -6.36
N ALA L 32 -3.63 20.32 -7.56
CA ALA L 32 -2.88 20.66 -8.79
C ALA L 32 -3.06 22.11 -9.23
N ILE L 33 -2.17 22.55 -10.10
CA ILE L 33 -2.16 23.91 -10.58
C ILE L 33 -1.76 23.96 -12.06
N ALA L 34 -1.77 25.16 -12.63
CA ALA L 34 -1.27 25.42 -13.94
C ALA L 34 -0.37 26.65 -13.92
N TRP L 35 0.48 26.76 -14.92
CA TRP L 35 1.42 27.86 -15.00
C TRP L 35 1.16 28.64 -16.30
N HIS L 36 1.08 29.96 -16.17
CA HIS L 36 0.89 30.87 -17.27
C HIS L 36 2.02 31.89 -17.31
N GLN L 37 2.46 32.21 -18.53
CA GLN L 37 3.54 33.17 -18.81
C GLN L 37 2.86 34.35 -19.46
N GLN L 38 3.17 35.57 -19.01
CA GLN L 38 2.66 36.80 -19.63
C GLN L 38 3.82 37.73 -19.87
N ARG L 39 4.29 37.79 -21.11
CA ARG L 39 5.33 38.73 -21.53
C ARG L 39 4.78 40.13 -21.42
N PRO L 40 5.64 41.15 -21.28
CA PRO L 40 5.11 42.48 -21.00
C PRO L 40 4.37 43.01 -22.23
N GLY L 41 3.17 43.55 -22.02
CA GLY L 41 2.33 44.05 -23.09
C GLY L 41 1.39 43.01 -23.70
N LYS L 42 1.91 41.82 -23.94
CA LYS L 42 1.14 40.73 -24.48
C LYS L 42 0.17 40.09 -23.46
N GLY L 43 -0.74 39.25 -23.95
CA GLY L 43 -1.62 38.46 -23.09
C GLY L 43 -0.89 37.21 -22.56
N PRO L 44 -1.49 36.52 -21.58
CA PRO L 44 -0.85 35.32 -21.07
C PRO L 44 -0.73 34.19 -22.08
N ARG L 45 -0.01 33.15 -21.65
CA ARG L 45 0.21 31.95 -22.42
C ARG L 45 0.34 30.76 -21.45
N TYR L 46 -0.53 29.75 -21.62
CA TYR L 46 -0.44 28.47 -20.88
C TYR L 46 0.88 27.76 -21.12
N LEU L 47 1.56 27.43 -20.02
CA LEU L 47 2.80 26.70 -20.07
C LEU L 47 2.57 25.24 -19.76
N MET L 48 1.96 24.93 -18.61
CA MET L 48 1.79 23.53 -18.18
C MET L 48 0.77 23.40 -17.05
N ASN L 49 0.33 22.17 -16.82
CA ASN L 49 -0.31 21.84 -15.56
C ASN L 49 0.61 20.92 -14.79
N LEU L 50 0.37 20.85 -13.49
CA LEU L 50 1.28 20.26 -12.53
C LEU L 50 0.49 19.66 -11.38
N SER L 51 0.63 18.35 -11.19
CA SER L 51 -0.09 17.61 -10.16
C SER L 51 0.56 17.83 -8.80
N SER L 52 -0.18 17.51 -7.75
CA SER L 52 0.34 17.72 -6.40
C SER L 52 1.58 16.92 -6.11
N GLY L 53 1.70 15.74 -6.71
CA GLY L 53 2.87 14.93 -6.56
C GLY L 53 3.85 15.06 -7.69
N GLY L 54 3.88 16.21 -8.37
CA GLY L 54 4.95 16.57 -9.34
C GLY L 54 4.86 16.08 -10.78
N ARG L 55 3.76 15.44 -11.17
CA ARG L 55 3.52 15.10 -12.56
C ARG L 55 3.26 16.40 -13.31
N HIS L 56 3.67 16.50 -14.57
CA HIS L 56 3.29 17.67 -15.35
C HIS L 56 3.16 17.39 -16.83
N THR L 57 2.42 18.26 -17.48
CA THR L 57 2.11 18.16 -18.89
C THR L 57 2.19 19.56 -19.48
N ARG L 58 3.05 19.73 -20.49
CA ARG L 58 3.25 21.06 -21.05
C ARG L 58 2.11 21.44 -21.95
N GLY L 59 2.05 22.70 -22.35
CA GLY L 59 1.07 23.14 -23.33
C GLY L 59 1.63 22.89 -24.70
N ASP L 60 0.77 22.95 -25.71
CA ASP L 60 1.21 22.83 -27.10
C ASP L 60 2.20 23.93 -27.44
N GLY L 61 3.32 23.55 -28.04
CA GLY L 61 4.33 24.52 -28.44
C GLY L 61 5.34 24.92 -27.37
N ILE L 62 5.11 24.51 -26.12
CA ILE L 62 5.98 24.89 -25.02
C ILE L 62 7.19 23.96 -24.98
N PRO L 63 8.42 24.49 -24.89
CA PRO L 63 9.60 23.64 -25.02
C PRO L 63 10.09 22.84 -23.80
N ASP L 64 10.83 21.76 -24.11
CA ASP L 64 11.89 21.13 -23.29
C ASP L 64 12.27 21.78 -21.95
N ARG L 65 12.53 23.10 -21.98
CA ARG L 65 13.16 23.84 -20.87
C ARG L 65 12.23 24.10 -19.71
N PHE L 66 10.94 24.17 -20.01
CA PHE L 66 9.93 24.40 -18.98
C PHE L 66 9.54 23.09 -18.35
N SER L 67 9.42 23.12 -17.03
CA SER L 67 9.21 21.92 -16.25
C SER L 67 8.57 22.23 -14.92
N GLY L 68 7.96 21.20 -14.34
CA GLY L 68 7.28 21.34 -13.05
C GLY L 68 7.81 20.36 -12.02
N SER L 69 7.71 20.74 -10.75
CA SER L 69 7.90 19.79 -9.65
C SER L 69 7.12 20.29 -8.50
N SER L 70 7.09 19.51 -7.42
CA SER L 70 6.26 19.85 -6.25
C SER L 70 6.93 19.44 -4.95
N SER L 71 6.53 20.08 -3.86
CA SER L 71 7.00 19.72 -2.54
C SER L 71 6.08 20.34 -1.51
N GLY L 72 5.36 19.51 -0.76
CA GLY L 72 4.35 19.96 0.19
C GLY L 72 3.38 20.89 -0.48
N ALA L 73 3.17 22.06 0.09
CA ALA L 73 2.25 23.01 -0.50
C ALA L 73 2.87 23.86 -1.55
N ASP L 74 4.14 23.70 -1.84
CA ASP L 74 4.78 24.49 -2.90
C ASP L 74 4.74 23.81 -4.30
N ARG L 75 4.55 24.63 -5.33
CA ARG L 75 4.55 24.17 -6.70
C ARG L 75 5.61 24.95 -7.43
N TYR L 76 6.44 24.28 -8.23
CA TYR L 76 7.61 24.94 -8.81
C TYR L 76 7.48 24.96 -10.32
N LEU L 77 7.76 26.12 -10.92
CA LEU L 77 8.02 26.20 -12.35
C LEU L 77 9.52 26.28 -12.46
N ILE L 78 10.11 25.38 -13.23
CA ILE L 78 11.55 25.40 -13.48
C ILE L 78 11.82 25.74 -14.94
N ILE L 79 12.38 26.92 -15.15
CA ILE L 79 12.83 27.33 -16.47
C ILE L 79 14.32 26.96 -16.51
N SER L 80 14.67 26.13 -17.47
CA SER L 80 16.00 25.58 -17.62
C SER L 80 16.70 26.44 -18.67
N SER L 81 18.02 26.49 -18.66
CA SER L 81 18.78 27.25 -19.71
C SER L 81 18.19 28.64 -20.04
N LEU L 82 18.08 29.48 -19.00
CA LEU L 82 17.27 30.71 -19.03
C LEU L 82 17.68 31.58 -20.19
N GLN L 83 16.68 32.04 -20.95
CA GLN L 83 16.91 32.91 -22.10
C GLN L 83 16.12 34.20 -22.00
N SER L 84 16.60 35.23 -22.69
CA SER L 84 16.05 36.58 -22.59
C SER L 84 14.53 36.73 -22.79
N GLU L 85 13.96 35.97 -23.72
CA GLU L 85 12.49 35.92 -23.93
C GLU L 85 11.66 35.38 -22.75
N ASP L 86 12.32 34.77 -21.77
CA ASP L 86 11.63 34.30 -20.56
C ASP L 86 11.42 35.39 -19.58
N GLU L 87 11.95 36.59 -19.83
CA GLU L 87 11.67 37.76 -18.98
C GLU L 87 10.17 38.07 -19.10
N ALA L 88 9.42 37.87 -18.01
CA ALA L 88 7.97 37.82 -18.06
C ALA L 88 7.35 37.79 -16.68
N ASP L 89 6.03 37.93 -16.59
CA ASP L 89 5.31 37.63 -15.36
C ASP L 89 4.78 36.22 -15.47
N TYR L 90 4.98 35.42 -14.42
CA TYR L 90 4.60 34.03 -14.39
C TYR L 90 3.50 33.89 -13.35
N TYR L 91 2.28 33.61 -13.82
CA TYR L 91 1.14 33.41 -12.94
C TYR L 91 0.90 31.94 -12.76
N CYS L 92 0.72 31.52 -11.52
CA CYS L 92 0.21 30.20 -11.23
C CYS L 92 -1.30 30.35 -11.08
N GLN L 93 -2.08 29.42 -11.64
CA GLN L 93 -3.51 29.31 -11.28
C GLN L 93 -3.94 27.91 -10.93
N THR L 94 -5.00 27.87 -10.13
CA THR L 94 -5.64 26.64 -9.73
C THR L 94 -7.15 26.79 -9.87
N TRP L 95 -7.87 25.81 -9.31
CA TRP L 95 -9.33 25.78 -9.33
C TRP L 95 -9.82 25.21 -8.02
N ASP L 96 -11.02 25.58 -7.59
CA ASP L 96 -11.62 25.02 -6.38
C ASP L 96 -13.10 25.30 -6.62
N ALA L 97 -13.71 26.26 -5.92
CA ALA L 97 -15.10 26.61 -6.20
C ALA L 97 -15.15 27.38 -7.49
N GLY L 98 -14.11 28.19 -7.71
CA GLY L 98 -13.97 28.99 -8.92
C GLY L 98 -12.58 28.84 -9.47
N MET L 99 -12.22 29.71 -10.37
CA MET L 99 -10.87 29.77 -10.88
C MET L 99 -10.08 30.82 -10.09
N VAL L 100 -8.91 30.42 -9.59
CA VAL L 100 -8.05 31.25 -8.73
C VAL L 100 -6.67 31.45 -9.33
N PHE L 101 -6.16 32.68 -9.22
CA PHE L 101 -4.81 33.04 -9.69
C PHE L 101 -3.91 33.47 -8.55
N GLY L 102 -2.61 33.28 -8.76
CA GLY L 102 -1.59 33.90 -7.92
C GLY L 102 -1.41 35.36 -8.30
N GLY L 103 -0.57 36.06 -7.56
CA GLY L 103 -0.31 37.47 -7.82
C GLY L 103 0.63 37.69 -8.99
N GLY L 104 1.37 36.67 -9.35
CA GLY L 104 2.32 36.76 -10.45
C GLY L 104 3.67 37.17 -9.93
N THR L 105 4.70 36.74 -10.65
CA THR L 105 6.10 36.93 -10.28
C THR L 105 6.77 37.48 -11.52
N LYS L 106 7.20 38.74 -11.48
CA LYS L 106 7.97 39.28 -12.59
C LYS L 106 9.39 38.73 -12.52
N LEU L 107 9.73 37.85 -13.47
CA LEU L 107 11.08 37.35 -13.65
C LEU L 107 11.88 38.31 -14.52
N THR L 108 12.99 38.79 -13.98
CA THR L 108 13.97 39.60 -14.73
C THR L 108 15.16 38.72 -15.10
N VAL L 109 15.57 38.78 -16.36
CA VAL L 109 16.69 37.98 -16.82
C VAL L 109 17.85 38.93 -16.91
N LEU L 110 18.89 38.70 -16.11
CA LEU L 110 20.11 39.51 -16.11
C LEU L 110 21.20 38.86 -16.93
N GLY L 111 22.26 39.62 -17.15
CA GLY L 111 23.45 39.06 -17.76
C GLY L 111 23.98 39.91 -18.88
N GLN L 112 23.09 40.61 -19.58
CA GLN L 112 23.54 41.50 -20.62
C GLN L 112 24.38 42.62 -20.04
N SER L 113 25.33 43.08 -20.84
CA SER L 113 26.34 44.05 -20.43
C SER L 113 25.68 45.40 -20.27
N LYS L 114 26.41 46.35 -19.71
CA LYS L 114 25.92 47.71 -19.64
C LYS L 114 26.06 48.34 -21.03
N ALA L 115 25.16 49.26 -21.35
CA ALA L 115 25.23 50.03 -22.61
C ALA L 115 24.70 51.41 -22.31
N ALA L 116 25.49 52.43 -22.64
CA ALA L 116 25.13 53.82 -22.31
C ALA L 116 24.14 54.36 -23.34
N PRO L 117 23.29 55.34 -22.94
CA PRO L 117 22.21 55.78 -23.82
C PRO L 117 22.60 56.53 -25.10
N SER L 118 21.68 56.47 -26.06
CA SER L 118 21.80 57.07 -27.38
C SER L 118 20.62 58.07 -27.45
N VAL L 119 20.92 59.34 -27.17
CA VAL L 119 19.90 60.42 -27.14
C VAL L 119 19.76 61.11 -28.51
N THR L 120 18.54 61.55 -28.80
CA THR L 120 18.20 62.28 -30.03
C THR L 120 17.16 63.36 -29.68
N LEU L 121 17.61 64.60 -29.56
CA LEU L 121 16.73 65.73 -29.17
C LEU L 121 16.17 66.49 -30.39
N PHE L 122 14.83 66.56 -30.48
CA PHE L 122 14.11 67.27 -31.54
C PHE L 122 13.60 68.64 -31.04
N PRO L 123 13.63 69.68 -31.91
CA PRO L 123 13.00 70.98 -31.61
C PRO L 123 11.47 70.98 -31.86
N PRO L 124 10.78 72.12 -31.60
CA PRO L 124 9.35 72.20 -31.87
C PRO L 124 9.05 72.22 -33.37
N SER L 125 7.92 71.63 -33.75
CA SER L 125 7.52 71.53 -35.16
C SER L 125 7.27 72.89 -35.84
N SER L 126 7.16 72.89 -37.17
CA SER L 126 6.71 74.06 -37.93
C SER L 126 5.28 74.41 -37.51
N GLU L 127 4.38 73.44 -37.67
CA GLU L 127 2.94 73.60 -37.37
C GLU L 127 2.61 73.90 -35.89
N GLU L 128 3.51 73.53 -34.97
CA GLU L 128 3.30 73.78 -33.53
C GLU L 128 3.73 75.17 -33.10
N LEU L 129 4.85 75.64 -33.63
CA LEU L 129 5.26 77.04 -33.47
C LEU L 129 4.14 77.97 -34.02
N GLN L 130 3.59 77.60 -35.19
CA GLN L 130 2.46 78.32 -35.83
C GLN L 130 1.22 78.45 -34.94
N ALA L 131 0.80 77.35 -34.31
CA ALA L 131 -0.39 77.33 -33.43
C ALA L 131 -0.09 77.61 -31.93
N ASN L 132 0.99 78.33 -31.64
CA ASN L 132 1.26 78.94 -30.31
C ASN L 132 1.60 77.95 -29.18
N LYS L 133 2.32 76.88 -29.51
CA LYS L 133 2.91 75.99 -28.51
C LYS L 133 4.35 75.64 -28.86
N ALA L 134 5.03 75.01 -27.91
CA ALA L 134 6.40 74.53 -28.11
C ALA L 134 6.63 73.28 -27.27
N THR L 135 7.02 72.19 -27.93
CA THR L 135 7.31 70.91 -27.27
C THR L 135 8.63 70.33 -27.78
N LEU L 136 9.58 70.15 -26.86
CA LEU L 136 10.87 69.51 -27.14
C LEU L 136 10.81 68.04 -26.74
N VAL L 137 11.24 67.16 -27.66
CA VAL L 137 11.20 65.71 -27.49
C VAL L 137 12.64 65.21 -27.33
N CYS L 138 12.96 64.65 -26.17
CA CYS L 138 14.25 63.99 -25.91
C CYS L 138 14.01 62.49 -25.93
N LEU L 139 14.71 61.78 -26.82
CA LEU L 139 14.51 60.34 -27.04
C LEU L 139 15.74 59.49 -26.69
N ILE L 140 15.66 58.80 -25.56
CA ILE L 140 16.74 57.97 -25.06
C ILE L 140 16.46 56.54 -25.50
N SER L 141 17.49 55.78 -25.88
CA SER L 141 17.28 54.38 -26.30
C SER L 141 18.56 53.53 -26.25
N ASP L 142 18.38 52.21 -26.34
CA ASP L 142 19.47 51.23 -26.37
C ASP L 142 20.43 51.30 -25.16
N PHE L 143 19.84 51.36 -23.96
CA PHE L 143 20.61 51.41 -22.72
C PHE L 143 20.17 50.35 -21.70
N TYR L 144 21.14 49.82 -20.95
CA TYR L 144 20.92 48.84 -19.87
C TYR L 144 21.92 49.18 -18.75
N PRO L 145 21.50 49.29 -17.47
CA PRO L 145 20.14 48.99 -16.97
C PRO L 145 19.09 50.08 -17.23
N GLY L 146 17.85 49.78 -16.87
CA GLY L 146 16.72 50.68 -17.13
C GLY L 146 16.60 51.75 -16.08
N ALA L 147 17.73 52.37 -15.78
CA ALA L 147 17.87 53.37 -14.75
C ALA L 147 18.52 54.52 -15.46
N VAL L 148 17.71 55.54 -15.70
CA VAL L 148 18.15 56.75 -16.36
C VAL L 148 17.50 57.92 -15.63
N THR L 149 18.26 59.01 -15.50
CA THR L 149 17.76 60.24 -14.90
C THR L 149 17.94 61.38 -15.92
N VAL L 150 16.93 62.25 -16.04
CA VAL L 150 16.88 63.31 -17.06
C VAL L 150 16.88 64.71 -16.43
N ALA L 151 17.77 65.57 -16.93
CA ALA L 151 17.88 66.94 -16.46
C ALA L 151 17.83 67.86 -17.69
N TRP L 152 16.86 68.77 -17.70
CA TRP L 152 16.69 69.73 -18.81
C TRP L 152 17.50 71.02 -18.60
N LYS L 153 17.85 71.66 -19.71
CA LYS L 153 18.84 72.72 -19.74
C LYS L 153 18.34 73.96 -20.50
N ALA L 154 18.03 75.03 -19.76
CA ALA L 154 17.78 76.36 -20.34
C ALA L 154 19.07 77.17 -20.30
N ASP L 155 19.72 77.33 -21.46
CA ASP L 155 21.05 77.98 -21.58
C ASP L 155 22.17 77.30 -20.78
N SER L 156 22.20 77.57 -19.46
CA SER L 156 23.11 76.89 -18.53
C SER L 156 22.49 76.68 -17.13
N SER L 157 21.15 76.72 -17.02
CA SER L 157 20.44 76.68 -15.72
C SER L 157 19.30 75.64 -15.70
N PRO L 158 18.96 75.09 -14.51
CA PRO L 158 17.93 74.04 -14.43
C PRO L 158 16.52 74.53 -14.78
N VAL L 159 15.80 73.77 -15.59
CA VAL L 159 14.37 74.02 -15.84
C VAL L 159 13.61 72.79 -15.36
N LYS L 160 12.68 73.01 -14.43
CA LYS L 160 12.10 71.93 -13.64
C LYS L 160 10.65 71.59 -14.01
N ALA L 161 9.72 72.55 -13.83
CA ALA L 161 8.27 72.29 -14.02
C ALA L 161 7.85 72.19 -15.51
N GLY L 162 6.66 71.66 -15.76
CA GLY L 162 6.20 71.38 -17.13
C GLY L 162 7.10 70.43 -17.91
N VAL L 163 7.73 69.49 -17.20
CA VAL L 163 8.47 68.37 -17.81
C VAL L 163 7.71 67.10 -17.41
N GLU L 164 7.59 66.19 -18.36
CA GLU L 164 7.07 64.85 -18.15
C GLU L 164 8.05 63.84 -18.75
N THR L 165 8.27 62.73 -18.05
CA THR L 165 9.19 61.67 -18.50
C THR L 165 8.62 60.25 -18.26
N THR L 166 8.72 59.37 -19.27
CA THR L 166 8.18 58.01 -19.19
C THR L 166 9.06 57.12 -18.35
N THR L 167 8.44 56.11 -17.77
CA THR L 167 9.19 55.06 -17.11
C THR L 167 9.94 54.25 -18.19
N PRO L 168 11.20 53.83 -17.91
CA PRO L 168 11.94 53.01 -18.88
C PRO L 168 11.23 51.70 -19.23
N SER L 169 11.42 51.21 -20.46
CA SER L 169 10.72 50.00 -20.93
C SER L 169 11.41 49.37 -22.14
N LYS L 170 11.45 48.03 -22.15
CA LYS L 170 12.31 47.29 -23.08
C LYS L 170 11.87 47.36 -24.54
N GLN L 171 12.84 47.31 -25.45
CA GLN L 171 12.62 47.23 -26.89
C GLN L 171 13.14 45.88 -27.40
N SER L 172 12.83 45.50 -28.64
CA SER L 172 13.31 44.25 -29.25
C SER L 172 14.83 44.08 -29.30
N ASN L 173 15.57 45.19 -29.42
CA ASN L 173 17.04 45.22 -29.17
C ASN L 173 17.43 44.65 -27.80
N ASN L 174 16.41 44.40 -26.96
CA ASN L 174 16.50 43.65 -25.70
C ASN L 174 16.93 44.51 -24.52
N LYS L 175 17.08 45.81 -24.78
CA LYS L 175 17.52 46.82 -23.83
C LYS L 175 16.43 47.85 -23.65
N TYR L 176 16.63 48.78 -22.73
CA TYR L 176 15.60 49.78 -22.41
C TYR L 176 15.57 50.99 -23.35
N ALA L 177 14.46 51.72 -23.27
CA ALA L 177 14.22 52.96 -23.99
C ALA L 177 13.32 53.86 -23.14
N ALA L 178 13.44 55.17 -23.32
CA ALA L 178 12.58 56.14 -22.63
C ALA L 178 12.53 57.48 -23.35
N SER L 179 11.53 58.28 -22.98
CA SER L 179 11.26 59.56 -23.64
C SER L 179 11.00 60.64 -22.60
N SER L 180 11.53 61.84 -22.81
CA SER L 180 11.22 63.03 -21.98
C SER L 180 10.72 64.21 -22.81
N TYR L 181 9.57 64.77 -22.41
CA TYR L 181 8.92 65.88 -23.12
C TYR L 181 8.90 67.13 -22.22
N LEU L 182 9.27 68.29 -22.79
CA LEU L 182 9.28 69.57 -22.06
C LEU L 182 8.25 70.56 -22.62
N SER L 183 7.34 71.03 -21.76
CA SER L 183 6.22 71.95 -22.13
C SER L 183 6.52 73.42 -21.83
N LEU L 184 6.34 74.30 -22.83
CA LEU L 184 6.44 75.77 -22.66
C LEU L 184 5.71 76.56 -23.77
N THR L 185 5.60 77.89 -23.58
CA THR L 185 5.03 78.81 -24.60
C THR L 185 6.15 79.42 -25.46
N PRO L 186 5.88 79.63 -26.78
CA PRO L 186 6.98 79.86 -27.75
C PRO L 186 7.88 81.11 -27.55
N GLU L 187 7.47 82.04 -26.70
CA GLU L 187 8.31 83.20 -26.34
C GLU L 187 9.42 82.80 -25.35
N GLN L 188 9.16 81.76 -24.54
CA GLN L 188 10.16 81.20 -23.61
C GLN L 188 11.18 80.27 -24.30
N TRP L 189 10.80 79.74 -25.46
CA TRP L 189 11.70 79.07 -26.43
C TRP L 189 12.78 80.07 -26.96
N LYS L 190 12.37 81.32 -27.17
CA LYS L 190 13.26 82.42 -27.56
C LYS L 190 13.91 83.17 -26.38
N SER L 191 13.25 83.16 -25.20
CA SER L 191 13.81 83.73 -23.94
C SER L 191 15.20 83.20 -23.56
N HIS L 192 15.50 81.98 -23.96
CA HIS L 192 16.83 81.37 -23.79
C HIS L 192 17.44 80.99 -25.16
N ARG L 193 18.76 81.16 -25.26
CA ARG L 193 19.53 80.97 -26.51
C ARG L 193 19.44 79.57 -27.11
N SER L 194 19.51 78.55 -26.24
CA SER L 194 19.30 77.16 -26.65
C SER L 194 18.91 76.28 -25.46
N TYR L 195 18.21 75.18 -25.78
CA TYR L 195 17.82 74.19 -24.81
C TYR L 195 18.57 72.87 -25.08
N SER L 196 18.95 72.17 -24.00
CA SER L 196 19.60 70.84 -24.08
C SER L 196 18.96 69.81 -23.14
N CYS L 197 19.28 68.53 -23.37
CA CYS L 197 18.82 67.38 -22.58
C CYS L 197 20.06 66.71 -22.00
N GLN L 198 20.07 66.50 -20.67
CA GLN L 198 21.20 65.84 -19.99
C GLN L 198 20.73 64.57 -19.27
N VAL L 199 21.03 63.42 -19.87
CA VAL L 199 20.70 62.10 -19.31
C VAL L 199 21.93 61.50 -18.63
N THR L 200 21.79 61.16 -17.36
CA THR L 200 22.81 60.40 -16.64
C THR L 200 22.30 58.97 -16.43
N HIS L 201 23.16 58.01 -16.77
CA HIS L 201 22.84 56.59 -16.64
C HIS L 201 24.15 55.95 -16.20
N GLU L 202 24.16 55.37 -15.00
CA GLU L 202 25.42 54.93 -14.34
C GLU L 202 26.38 56.12 -14.14
N GLY L 203 25.82 57.26 -13.69
CA GLY L 203 26.60 58.48 -13.45
C GLY L 203 27.45 59.08 -14.58
N SER L 204 27.19 58.72 -15.84
CA SER L 204 27.91 59.28 -17.00
C SER L 204 26.92 59.97 -17.94
N THR L 205 26.96 61.31 -18.01
CA THR L 205 26.01 62.07 -18.82
C THR L 205 26.41 62.05 -20.29
N VAL L 206 25.42 61.83 -21.17
CA VAL L 206 25.53 62.16 -22.59
C VAL L 206 24.48 63.25 -22.85
N GLU L 207 24.84 64.23 -23.68
CA GLU L 207 24.04 65.45 -23.92
C GLU L 207 23.74 65.66 -25.42
N LYS L 208 22.56 66.20 -25.72
CA LYS L 208 22.21 66.67 -27.07
C LYS L 208 21.57 68.06 -27.01
N THR L 209 21.86 68.88 -28.02
CA THR L 209 21.45 70.30 -28.05
C THR L 209 20.69 70.68 -29.33
N VAL L 210 19.69 71.55 -29.18
CA VAL L 210 19.05 72.27 -30.29
C VAL L 210 18.75 73.73 -29.87
N ALA L 211 18.93 74.66 -30.83
CA ALA L 211 18.75 76.12 -30.60
C ALA L 211 17.68 76.69 -31.56
N PRO L 212 16.92 77.73 -31.12
CA PRO L 212 15.86 78.33 -31.95
C PRO L 212 16.34 78.90 -33.30
N THR L 213 17.44 79.66 -33.27
CA THR L 213 17.98 80.36 -34.44
C THR L 213 19.07 79.58 -35.23
N GLU L 214 19.11 78.25 -35.08
CA GLU L 214 19.81 77.37 -36.05
C GLU L 214 18.89 76.98 -37.25
N CYS L 215 17.61 77.39 -37.23
CA CYS L 215 16.68 77.23 -38.37
C CYS L 215 15.70 78.41 -38.53
N SER L 216 15.94 79.25 -39.55
CA SER L 216 15.03 80.35 -39.96
C SER L 216 14.81 80.32 -41.48
C1 NAG M . -23.25 -16.05 27.63
C2 NAG M . -22.39 -16.51 26.43
C3 NAG M . -23.23 -17.31 25.44
C4 NAG M . -23.87 -18.52 26.13
C5 NAG M . -24.79 -18.00 27.25
C6 NAG M . -25.39 -19.14 28.09
C7 NAG M . -20.53 -14.89 26.04
C8 NAG M . -20.02 -13.75 25.21
N2 NAG M . -21.75 -15.38 25.74
O3 NAG M . -22.42 -17.74 24.33
O4 NAG M . -24.60 -19.35 25.20
O5 NAG M . -24.08 -17.12 28.13
O6 NAG M . -25.29 -18.90 29.51
O7 NAG M . -19.82 -15.31 26.94
CA CA N . -1.60 -12.07 43.62
C1 NAG O . -17.89 -40.79 39.92
C2 NAG O . -16.86 -40.26 40.95
C3 NAG O . -17.57 -40.13 42.32
C4 NAG O . -18.90 -39.33 42.25
C5 NAG O . -19.81 -40.01 41.22
C6 NAG O . -21.23 -39.42 41.04
C7 NAG O . -14.50 -41.05 40.36
C8 NAG O . -13.43 -42.02 40.76
N2 NAG O . -15.65 -41.09 41.10
O3 NAG O . -16.71 -39.56 43.30
O4 NAG O . -19.49 -39.22 43.56
O5 NAG O . -19.10 -40.01 39.96
O6 NAG O . -21.47 -38.21 41.77
O7 NAG O . -14.31 -40.29 39.42
CA CA P . 1.23 -37.61 19.54
C ACT Q . -1.41 -25.22 31.81
O ACT Q . -1.85 -25.80 32.83
OXT ACT Q . -2.13 -24.98 30.80
CH3 ACT Q . 0.05 -24.80 31.80
C1 NAG R . -55.40 10.16 2.95
C2 NAG R . -55.28 9.36 1.65
C3 NAG R . -56.08 8.05 1.81
C4 NAG R . -55.51 7.26 2.99
C5 NAG R . -55.63 8.11 4.26
C6 NAG R . -55.05 7.44 5.52
C7 NAG R . -54.94 11.03 -0.17
C8 NAG R . -55.56 11.78 -1.31
N2 NAG R . -55.73 10.17 0.51
O3 NAG R . -56.07 7.27 0.61
O4 NAG R . -56.16 5.99 3.12
O5 NAG R . -54.96 9.38 4.07
O6 NAG R . -55.03 6.00 5.44
O7 NAG R . -53.76 11.22 0.11
CA CA S . -36.24 28.63 -4.14
C1 NAG T . -31.27 0.94 12.85
C2 NAG T . -30.47 2.24 12.61
C3 NAG T . -30.33 2.99 13.94
C4 NAG T . -31.72 3.26 14.52
C5 NAG T . -32.38 1.90 14.77
C6 NAG T . -33.72 1.96 15.52
C7 NAG T . -28.65 2.51 10.89
C8 NAG T . -27.25 2.05 10.54
N2 NAG T . -29.14 1.97 12.03
O3 NAG T . -29.60 4.20 13.77
O4 NAG T . -31.64 4.05 15.71
O5 NAG T . -32.52 1.24 13.50
O6 NAG T . -34.69 2.71 14.80
O7 NAG T . -29.25 3.29 10.16
CA CA U . -31.60 -5.05 -14.41
C ACT V . -34.48 11.94 -8.43
O ACT V . -33.88 12.39 -7.42
OXT ACT V . -35.64 11.44 -8.36
CH3 ACT V . -33.80 12.00 -9.76
CA CA W . 2.35 17.02 -25.38
#